data_5E6I
#
_entry.id   5E6I
#
_cell.length_a   71.853
_cell.length_b   123.614
_cell.length_c   139.036
_cell.angle_alpha   83.660
_cell.angle_beta   74.870
_cell.angle_gamma   73.170
#
_symmetry.space_group_name_H-M   'P 1'
#
loop_
_entity.id
_entity.type
_entity.pdbx_description
1 polymer 'TCR alpha chain,Human nkt tcr alpha chain'
2 polymer 'T-cell receptor beta-2 chain C region'
3 polymer 'HLA class I histocompatibility antigen, A-2 alpha chain'
4 polymer Beta-2-microglobulin
5 polymer 'Matrix protein 1'
#
loop_
_entity_poly.entity_id
_entity_poly.type
_entity_poly.pdbx_seq_one_letter_code
_entity_poly.pdbx_strand_id
1 'polypeptide(L)'
;MGQQLNQSPQSMFIQEGEDVSMNCTSSSIFNTWLWYKQEPGEGPVLLIALYKAGELTSNGRLTAQFGITRKDSFLNISAS
IPSDVGIYFCAGPGGSSNTGKLIFGQGTTLQVKPDIQNPDPAVYQLRDSKSSDKSVCLFTDFDSQTNVSQSKDSDVYITD
KCVLDMRSMDFKSNSAVAWSNKSDFACANAFNNSIIPEDTFFPSPESS
;
G,A,F,P
2 'polypeptide(L)'
;MEAQVTQNPRYLITVTGKELTVTCSQNMNHEYMSWYRQDPGLGLRQIYYSMNVEVTDKGDVPEGYKVSRKEKRNFPLILE
SPSPNQTSLYFCASSLIYPGELFFGEGSRLTVLEDLKNVFPPEVAVFEPSEAEISHTQKATLVCLATGFYPDHVELSWWV
NGKEVHSGVCTDPQPLKEQPALNDSRYALSSRLRVSATFWQNPRNHFRCQVQFYGLSENDEWTQDRAKPVTQIVSAEAWG
RAD
;
H,B,L,Q
3 'polypeptide(L)'
;MGSHSMRYFFTSVSRPGRGEPRFIAVGYVDDTQFVRFDSDAASQRMEPRAPWIEQEGPEYWDGETRKVKAHSQTHRVDLG
TLRGYYNQSEAGSHTVQRMYGCDVGSDWRFLRGYHQYAYDGKDYIALKEDLRSWTAADMAAQTTKHKWEAAHVAEQLRAY
LEGTCVEWLRRYLENGKETLQRTDAPKTHMTHHAVSDHEATLRCWALSFYPAEITLTWQRDGEDQTQDTELVETRPAGDG
TFQKWAAVVVPSGQEQRYTCHVQHEGLPKPLTLRWE
;
I,C,M,R
4 'polypeptide(L)'
;MIQRTPKIQVYSRHPAENGKSNFLNCYVSGFHPSDIEVDLLKNGERIEKVEHSDLSFSKDWSFYLLYYTEFTPTEKDEYA
CRVNHVTLSQPKIVKWDRDM
;
J,D,N,U
5 'polypeptide(L)' GILGFVFTL K,E,O,T
#
# COMPACT_ATOMS: atom_id res chain seq x y z
N GLN A 4 -3.01 28.13 13.49
CA GLN A 4 -3.46 27.40 12.31
C GLN A 4 -4.93 27.70 12.00
N LEU A 5 -5.27 27.67 10.73
CA LEU A 5 -6.65 27.79 10.26
C LEU A 5 -6.96 26.61 9.33
N ASN A 6 -7.84 25.72 9.77
CA ASN A 6 -8.13 24.52 8.99
C ASN A 6 -9.02 24.77 7.79
N GLN A 7 -9.30 23.69 7.06
CA GLN A 7 -10.04 23.76 5.81
C GLN A 7 -10.28 22.35 5.27
N SER A 8 -11.39 22.18 4.57
CA SER A 8 -11.79 20.87 4.05
C SER A 8 -12.74 21.04 2.88
N PRO A 9 -12.79 20.07 1.95
CA PRO A 9 -12.05 18.80 1.93
C PRO A 9 -10.62 18.94 1.39
N GLN A 10 -9.83 17.87 1.56
CA GLN A 10 -8.48 17.74 1.01
C GLN A 10 -8.40 18.33 -0.40
N SER A 11 -9.20 17.75 -1.30
CA SER A 11 -9.34 18.24 -2.66
C SER A 11 -10.56 17.56 -3.29
N MET A 12 -11.31 18.30 -4.09
CA MET A 12 -12.62 17.85 -4.53
C MET A 12 -12.83 17.89 -6.05
N PHE A 13 -13.58 16.92 -6.56
CA PHE A 13 -13.71 16.69 -7.99
C PHE A 13 -15.15 16.56 -8.45
N ILE A 14 -15.86 17.67 -8.59
CA ILE A 14 -17.26 17.61 -8.96
C ILE A 14 -17.42 17.67 -10.47
N GLN A 15 -18.64 17.55 -10.96
CA GLN A 15 -18.90 17.63 -12.38
C GLN A 15 -19.56 18.94 -12.74
N GLU A 16 -19.43 19.31 -14.01
CA GLU A 16 -20.27 20.32 -14.63
C GLU A 16 -21.72 20.12 -14.21
N GLY A 17 -22.27 21.12 -13.54
CA GLY A 17 -23.66 21.10 -13.14
C GLY A 17 -23.90 21.04 -11.64
N GLU A 18 -23.03 20.30 -10.95
CA GLU A 18 -23.26 20.01 -9.54
C GLU A 18 -23.01 21.20 -8.62
N ASP A 19 -23.37 21.03 -7.34
CA ASP A 19 -23.12 22.04 -6.31
C ASP A 19 -21.82 21.70 -5.61
N VAL A 20 -21.32 22.62 -4.79
CA VAL A 20 -20.09 22.38 -4.06
C VAL A 20 -20.06 23.15 -2.75
N SER A 21 -19.50 22.52 -1.72
CA SER A 21 -19.49 23.08 -0.37
C SER A 21 -18.16 22.90 0.36
N MET A 22 -17.57 24.01 0.79
CA MET A 22 -16.35 23.95 1.59
C MET A 22 -16.55 24.68 2.90
N ASN A 23 -15.52 24.65 3.73
CA ASN A 23 -15.64 25.25 5.05
C ASN A 23 -14.30 25.54 5.70
N CYS A 24 -14.28 26.57 6.53
CA CYS A 24 -13.16 26.85 7.41
C CYS A 24 -13.56 26.47 8.83
N THR A 25 -12.56 26.23 9.67
CA THR A 25 -12.76 26.10 11.10
C THR A 25 -11.50 26.59 11.81
N SER A 26 -11.62 27.62 12.64
CA SER A 26 -10.44 28.13 13.33
C SER A 26 -10.34 27.63 14.76
N SER A 27 -9.27 28.03 15.44
CA SER A 27 -9.11 27.73 16.86
C SER A 27 -9.42 28.96 17.67
N SER A 28 -9.05 30.11 17.10
CA SER A 28 -9.26 31.38 17.76
C SER A 28 -10.53 32.05 17.24
N ILE A 29 -10.99 33.06 17.94
CA ILE A 29 -12.22 33.74 17.57
C ILE A 29 -11.93 34.85 16.57
N PHE A 30 -12.53 34.73 15.40
CA PHE A 30 -12.41 35.75 14.36
C PHE A 30 -13.74 36.47 14.18
N ASN A 31 -13.67 37.76 13.81
CA ASN A 31 -14.88 38.50 13.47
C ASN A 31 -14.86 38.89 12.02
N THR A 32 -13.78 38.53 11.34
CA THR A 32 -13.68 38.75 9.91
C THR A 32 -13.24 37.49 9.18
N TRP A 33 -14.04 37.15 8.18
CA TRP A 33 -13.82 35.94 7.43
C TRP A 33 -13.77 36.27 5.95
N LEU A 34 -12.67 35.90 5.32
CA LEU A 34 -12.45 36.24 3.93
C LEU A 34 -12.15 34.99 3.11
N TRP A 35 -12.86 34.80 2.01
CA TRP A 35 -12.52 33.74 1.07
C TRP A 35 -11.71 34.32 -0.10
N TYR A 36 -10.56 33.73 -0.36
CA TYR A 36 -9.74 34.07 -1.51
C TYR A 36 -9.72 32.91 -2.50
N LYS A 37 -9.36 33.19 -3.74
CA LYS A 37 -9.15 32.12 -4.71
C LYS A 37 -7.97 32.48 -5.62
N GLN A 38 -7.10 31.50 -5.84
CA GLN A 38 -6.05 31.69 -6.83
C GLN A 38 -6.12 30.55 -7.84
N GLU A 39 -6.06 30.92 -9.11
CA GLU A 39 -5.87 29.96 -10.17
C GLU A 39 -4.37 29.83 -10.32
N PRO A 40 -3.89 28.63 -10.67
CA PRO A 40 -2.44 28.38 -10.60
C PRO A 40 -1.62 29.47 -11.31
N GLY A 41 -0.52 29.88 -10.69
CA GLY A 41 0.39 30.82 -11.31
C GLY A 41 0.16 32.27 -10.94
N GLU A 42 -1.00 32.56 -10.36
CA GLU A 42 -1.31 33.94 -10.03
C GLU A 42 -1.42 34.17 -8.54
N GLY A 43 -1.62 35.43 -8.15
CA GLY A 43 -1.82 35.78 -6.77
C GLY A 43 -3.19 35.36 -6.29
N PRO A 44 -3.35 35.22 -4.97
CA PRO A 44 -4.69 35.11 -4.37
C PRO A 44 -5.56 36.35 -4.66
N VAL A 45 -6.84 36.10 -4.93
CA VAL A 45 -7.79 37.17 -5.21
C VAL A 45 -9.02 37.03 -4.31
N LEU A 46 -9.44 38.16 -3.73
CA LEU A 46 -10.58 38.18 -2.81
C LEU A 46 -11.89 37.88 -3.54
N LEU A 47 -12.68 36.98 -2.97
CA LEU A 47 -13.96 36.60 -3.56
C LEU A 47 -15.11 37.17 -2.75
N ILE A 48 -15.13 36.85 -1.45
CA ILE A 48 -16.15 37.34 -0.53
C ILE A 48 -15.52 37.63 0.84
N ALA A 49 -16.05 38.63 1.53
CA ALA A 49 -15.62 38.98 2.90
C ALA A 49 -16.81 39.01 3.85
N LEU A 50 -16.65 38.57 5.09
CA LEU A 50 -17.77 38.56 6.04
C LEU A 50 -17.41 39.28 7.35
N TYR A 51 -18.36 40.05 7.88
CA TYR A 51 -18.04 40.96 8.97
C TYR A 51 -18.87 40.70 10.23
N LYS A 52 -20.16 40.46 10.03
CA LYS A 52 -21.05 40.12 11.13
C LYS A 52 -21.57 38.71 10.91
N ALA A 53 -22.17 38.12 11.94
CA ALA A 53 -22.90 36.87 11.77
C ALA A 53 -24.03 37.09 10.76
N GLY A 54 -24.50 36.03 10.10
CA GLY A 54 -25.46 36.19 9.04
C GLY A 54 -24.79 36.02 7.68
N GLU A 55 -25.58 36.02 6.61
CA GLU A 55 -25.08 35.63 5.29
C GLU A 55 -24.55 36.79 4.43
N LEU A 56 -23.81 36.43 3.39
CA LEU A 56 -23.43 37.39 2.36
C LEU A 56 -23.56 36.82 0.96
N THR A 57 -24.68 37.14 0.33
CA THR A 57 -24.86 36.86 -1.07
C THR A 57 -24.38 38.06 -1.86
N SER A 58 -23.43 37.82 -2.74
CA SER A 58 -22.98 38.81 -3.70
C SER A 58 -22.19 38.10 -4.76
N ASN A 59 -21.97 38.77 -5.88
CA ASN A 59 -20.97 38.30 -6.78
C ASN A 59 -21.54 37.00 -7.25
N GLY A 60 -21.76 36.13 -6.29
CA GLY A 60 -22.25 34.81 -6.56
C GLY A 60 -23.68 35.05 -6.96
N ARG A 61 -24.37 34.03 -7.46
CA ARG A 61 -23.82 32.71 -7.69
C ARG A 61 -23.45 32.24 -6.31
N LEU A 62 -22.57 32.98 -5.65
CA LEU A 62 -21.90 32.47 -4.47
C LEU A 62 -22.71 32.75 -3.21
N THR A 63 -22.33 32.10 -2.11
CA THR A 63 -22.98 32.33 -0.83
C THR A 63 -22.05 31.97 0.31
N ALA A 64 -21.72 32.96 1.14
CA ALA A 64 -20.75 32.76 2.21
C ALA A 64 -21.37 32.95 3.57
N GLN A 65 -21.11 32.03 4.47
CA GLN A 65 -21.75 32.07 5.78
C GLN A 65 -20.77 32.35 6.91
N PHE A 66 -21.26 33.07 7.91
CA PHE A 66 -20.53 33.38 9.12
C PHE A 66 -21.10 32.52 10.25
N GLY A 67 -20.34 31.54 10.72
CA GLY A 67 -20.83 30.72 11.81
C GLY A 67 -20.91 31.55 13.08
N ILE A 68 -22.05 31.49 13.76
CA ILE A 68 -22.28 32.32 14.95
C ILE A 68 -21.37 31.94 16.11
N THR A 69 -20.67 30.81 15.98
CA THR A 69 -19.58 30.47 16.88
C THR A 69 -18.49 31.53 16.79
N ARG A 70 -18.53 32.27 15.68
CA ARG A 70 -17.48 33.20 15.28
C ARG A 70 -16.19 32.42 15.11
N LYS A 71 -16.33 31.13 14.87
CA LYS A 71 -15.20 30.21 14.87
C LYS A 71 -15.20 29.26 13.68
N ASP A 72 -16.18 29.38 12.79
CA ASP A 72 -16.10 28.72 11.48
C ASP A 72 -17.09 29.27 10.47
N SER A 73 -16.72 29.22 9.21
CA SER A 73 -17.52 29.80 8.15
C SER A 73 -17.68 28.82 7.00
N PHE A 74 -18.56 29.12 6.06
CA PHE A 74 -18.86 28.19 4.97
C PHE A 74 -18.96 28.91 3.62
N LEU A 75 -18.70 28.17 2.55
CA LEU A 75 -18.77 28.69 1.19
C LEU A 75 -19.37 27.65 0.26
N ASN A 76 -20.54 27.94 -0.29
CA ASN A 76 -21.14 27.11 -1.31
C ASN A 76 -20.98 27.74 -2.68
N ILE A 77 -21.10 26.92 -3.72
CA ILE A 77 -21.17 27.43 -5.08
C ILE A 77 -22.24 26.64 -5.85
N SER A 78 -23.24 27.35 -6.36
CA SER A 78 -24.35 26.68 -7.05
C SER A 78 -24.19 26.73 -8.56
N ALA A 79 -24.51 25.60 -9.20
CA ALA A 79 -24.38 25.41 -10.65
C ALA A 79 -22.93 25.57 -11.09
N SER A 80 -22.16 24.49 -10.93
CA SER A 80 -20.72 24.53 -11.16
C SER A 80 -20.34 24.86 -12.60
N ILE A 81 -19.27 25.62 -12.75
CA ILE A 81 -18.77 25.99 -14.06
C ILE A 81 -17.25 25.83 -14.10
N PRO A 82 -16.72 25.17 -15.15
CA PRO A 82 -15.29 24.92 -15.32
C PRO A 82 -14.44 26.20 -15.26
N SER A 83 -15.08 27.35 -15.45
CA SER A 83 -14.38 28.62 -15.37
C SER A 83 -13.94 28.95 -13.94
N ASP A 84 -14.42 28.18 -12.98
CA ASP A 84 -14.16 28.47 -11.56
C ASP A 84 -13.15 27.52 -10.92
N VAL A 85 -12.37 26.81 -11.74
CA VAL A 85 -11.34 25.94 -11.19
C VAL A 85 -10.32 26.78 -10.45
N GLY A 86 -9.81 26.27 -9.33
CA GLY A 86 -8.78 26.98 -8.60
C GLY A 86 -8.53 26.52 -7.18
N ILE A 87 -7.51 27.11 -6.58
CA ILE A 87 -7.24 26.90 -5.17
C ILE A 87 -8.04 27.91 -4.37
N TYR A 88 -8.89 27.42 -3.49
CA TYR A 88 -9.72 28.29 -2.66
C TYR A 88 -9.18 28.35 -1.23
N PHE A 89 -9.28 29.52 -0.61
CA PHE A 89 -8.76 29.77 0.74
C PHE A 89 -9.78 30.47 1.65
N CYS A 90 -9.49 30.47 2.96
CA CYS A 90 -10.19 31.32 3.92
C CYS A 90 -9.17 32.21 4.62
N ALA A 91 -9.26 33.52 4.47
CA ALA A 91 -8.37 34.39 5.24
C ALA A 91 -9.10 35.00 6.42
N GLY A 92 -8.51 34.83 7.60
CA GLY A 92 -9.00 35.48 8.80
C GLY A 92 -7.90 36.26 9.49
N PRO A 93 -7.89 37.59 9.33
CA PRO A 93 -6.87 38.40 10.00
C PRO A 93 -7.02 38.37 11.51
N GLY A 94 -6.35 37.43 12.18
CA GLY A 94 -6.33 37.40 13.62
C GLY A 94 -5.66 38.65 14.15
N GLY A 95 -6.19 39.24 15.20
CA GLY A 95 -7.35 38.69 15.85
C GLY A 95 -7.01 38.56 17.32
N SER A 96 -7.58 37.54 17.92
CA SER A 96 -7.40 37.33 19.34
C SER A 96 -5.92 37.14 19.62
N SER A 97 -5.15 36.95 18.57
CA SER A 97 -3.71 36.83 18.57
C SER A 97 -2.98 38.06 19.07
N ASN A 98 -3.63 39.20 19.01
CA ASN A 98 -2.97 40.47 19.32
C ASN A 98 -1.70 40.65 18.50
N THR A 99 -1.79 40.32 17.22
CA THR A 99 -0.70 40.52 16.29
C THR A 99 -1.28 41.06 14.99
N GLY A 100 -0.41 41.42 14.06
CA GLY A 100 -0.88 41.89 12.77
C GLY A 100 -0.90 40.75 11.76
N LYS A 101 -1.00 39.52 12.24
CA LYS A 101 -0.94 38.36 11.36
C LYS A 101 -2.13 38.34 10.41
N LEU A 102 -1.95 37.73 9.24
CA LEU A 102 -3.07 37.45 8.32
C LEU A 102 -3.13 35.98 7.98
N ILE A 103 -3.87 35.22 8.79
CA ILE A 103 -3.77 33.77 8.74
C ILE A 103 -4.61 33.15 7.61
N PHE A 104 -3.93 32.37 6.77
CA PHE A 104 -4.55 31.61 5.69
C PHE A 104 -4.56 30.12 6.01
N GLY A 105 -5.48 29.38 5.39
CA GLY A 105 -5.68 27.99 5.72
C GLY A 105 -4.80 27.00 4.97
N GLN A 106 -5.27 25.76 4.88
CA GLN A 106 -4.61 24.74 4.09
C GLN A 106 -4.87 24.98 2.61
N GLY A 107 -6.11 25.33 2.28
CA GLY A 107 -6.53 25.55 0.91
C GLY A 107 -6.98 24.29 0.20
N THR A 108 -8.26 24.24 -0.16
CA THR A 108 -8.81 23.11 -0.90
C THR A 108 -8.73 23.34 -2.40
N THR A 109 -8.22 22.34 -3.13
CA THR A 109 -8.09 22.46 -4.57
C THR A 109 -9.35 21.94 -5.27
N LEU A 110 -10.08 22.84 -5.91
CA LEU A 110 -11.24 22.44 -6.71
C LEU A 110 -10.82 22.11 -8.14
N GLN A 111 -11.47 21.11 -8.73
CA GLN A 111 -11.28 20.81 -10.14
C GLN A 111 -12.60 20.34 -10.74
N VAL A 112 -12.93 20.81 -11.93
CA VAL A 112 -14.27 20.58 -12.47
C VAL A 112 -14.31 19.83 -13.80
N LYS A 113 -14.79 18.59 -13.77
CA LYS A 113 -14.91 17.80 -14.99
C LYS A 113 -16.16 18.20 -15.74
N PRO A 114 -16.00 18.69 -16.97
CA PRO A 114 -17.28 18.90 -17.65
C PRO A 114 -17.65 17.66 -18.42
N ASP A 115 -18.92 17.56 -18.82
CA ASP A 115 -19.37 16.44 -19.61
C ASP A 115 -18.72 16.45 -20.99
N ILE A 116 -18.94 15.41 -21.76
CA ILE A 116 -18.58 15.43 -23.16
C ILE A 116 -19.82 15.05 -23.96
N GLN A 117 -20.14 15.87 -24.95
CA GLN A 117 -21.41 15.72 -25.68
C GLN A 117 -21.51 14.39 -26.42
N ASN A 118 -20.43 13.98 -27.07
CA ASN A 118 -20.43 12.72 -27.81
C ASN A 118 -19.06 12.06 -27.81
N PRO A 119 -18.73 11.37 -26.72
CA PRO A 119 -17.41 10.77 -26.53
C PRO A 119 -17.25 9.48 -27.32
N ASP A 120 -16.64 9.55 -28.49
CA ASP A 120 -16.32 8.36 -29.24
C ASP A 120 -14.82 8.10 -29.12
N PRO A 121 -14.45 7.39 -28.05
CA PRO A 121 -13.07 7.22 -27.58
C PRO A 121 -12.23 6.32 -28.49
N ALA A 122 -10.92 6.52 -28.47
CA ALA A 122 -9.96 5.73 -29.25
C ALA A 122 -8.50 6.10 -28.90
N VAL A 123 -7.56 5.41 -29.54
CA VAL A 123 -6.14 5.72 -29.38
C VAL A 123 -5.42 5.80 -30.74
N TYR A 124 -4.85 6.96 -31.03
CA TYR A 124 -4.21 7.23 -32.32
C TYR A 124 -2.68 7.34 -32.19
N GLN A 125 -1.95 7.08 -33.27
CA GLN A 125 -0.49 7.08 -33.18
C GLN A 125 0.19 8.14 -34.06
N LEU A 126 1.23 8.77 -33.53
CA LEU A 126 1.85 9.98 -34.07
C LEU A 126 3.37 9.88 -33.99
N ARG A 127 4.09 10.37 -35.00
CA ARG A 127 5.56 10.26 -34.98
C ARG A 127 6.29 11.60 -35.15
N ASP A 128 7.56 11.64 -34.73
CA ASP A 128 8.27 12.89 -34.44
C ASP A 128 8.80 13.70 -35.64
N SER A 129 9.06 14.99 -35.38
CA SER A 129 9.65 15.90 -36.36
C SER A 129 11.14 15.67 -36.48
N LYS A 130 11.71 15.04 -35.46
CA LYS A 130 13.10 14.59 -35.50
C LYS A 130 13.19 13.34 -36.37
N SER A 131 12.01 12.82 -36.74
CA SER A 131 11.90 11.61 -37.55
C SER A 131 12.81 10.50 -37.02
N SER A 132 12.47 10.00 -35.85
CA SER A 132 13.25 8.96 -35.22
C SER A 132 12.26 8.01 -34.62
N ASP A 133 12.66 6.79 -34.32
CA ASP A 133 11.71 5.81 -33.82
C ASP A 133 11.45 5.97 -32.32
N LYS A 134 10.85 7.10 -32.00
CA LYS A 134 10.29 7.36 -30.68
C LYS A 134 8.85 7.77 -30.93
N SER A 135 7.93 7.18 -30.19
CA SER A 135 6.50 7.23 -30.50
C SER A 135 5.65 7.86 -29.42
N VAL A 136 4.43 8.23 -29.81
CA VAL A 136 3.33 8.53 -28.90
C VAL A 136 1.97 8.04 -29.43
N CYS A 137 1.10 7.68 -28.48
CA CYS A 137 -0.26 7.29 -28.76
C CYS A 137 -1.31 8.02 -27.91
N LEU A 138 -1.90 9.07 -28.47
CA LEU A 138 -2.88 9.91 -27.77
C LEU A 138 -4.16 9.16 -27.45
N PHE A 139 -4.68 9.38 -26.25
CA PHE A 139 -6.01 8.88 -25.85
C PHE A 139 -6.93 10.06 -25.54
N THR A 140 -7.98 10.21 -26.33
CA THR A 140 -8.79 11.42 -26.27
C THR A 140 -10.24 11.14 -26.68
N ASP A 141 -11.13 12.07 -26.37
CA ASP A 141 -12.56 11.99 -26.70
C ASP A 141 -13.27 10.84 -25.99
N PHE A 142 -13.04 10.76 -24.68
CA PHE A 142 -13.65 9.74 -23.86
C PHE A 142 -14.48 10.39 -22.76
N ASP A 143 -15.46 9.66 -22.26
CA ASP A 143 -16.35 10.16 -21.19
C ASP A 143 -15.57 10.79 -20.04
N SER A 144 -16.19 11.76 -19.39
CA SER A 144 -15.56 12.53 -18.32
C SER A 144 -15.24 11.68 -17.09
N GLN A 145 -16.00 10.61 -16.88
CA GLN A 145 -15.83 9.77 -15.70
C GLN A 145 -14.49 9.02 -15.76
N THR A 146 -14.13 8.58 -16.95
CA THR A 146 -12.91 7.80 -17.20
C THR A 146 -11.65 8.34 -16.54
N ASN A 147 -10.99 7.51 -15.73
CA ASN A 147 -9.71 7.88 -15.13
C ASN A 147 -8.55 7.13 -15.78
N VAL A 148 -7.34 7.65 -15.64
CA VAL A 148 -6.16 7.02 -16.25
C VAL A 148 -5.09 6.64 -15.23
N SER A 149 -4.75 5.34 -15.21
CA SER A 149 -3.70 4.86 -14.32
C SER A 149 -2.32 5.21 -14.89
N GLN A 150 -1.27 4.78 -14.19
CA GLN A 150 0.08 4.96 -14.68
C GLN A 150 0.85 3.66 -14.59
N SER A 151 1.61 3.33 -15.64
CA SER A 151 2.50 2.18 -15.64
C SER A 151 3.54 2.37 -14.53
N LYS A 152 4.03 1.33 -13.84
CA LYS A 152 3.82 -0.13 -13.98
C LYS A 152 4.54 -0.70 -15.19
N ASP A 153 5.35 0.13 -15.83
CA ASP A 153 6.35 -0.31 -16.79
C ASP A 153 7.48 0.67 -16.66
N SER A 154 8.69 0.20 -16.52
CA SER A 154 9.75 1.09 -16.13
C SER A 154 9.93 2.19 -17.14
N ASP A 155 9.97 1.82 -18.41
CA ASP A 155 10.32 2.79 -19.42
C ASP A 155 9.31 3.90 -19.47
N VAL A 156 8.06 3.54 -19.35
CA VAL A 156 6.94 4.43 -19.62
C VAL A 156 6.69 5.55 -18.61
N TYR A 157 6.06 6.63 -19.08
CA TYR A 157 5.57 7.66 -18.18
C TYR A 157 4.21 8.12 -18.68
N ILE A 158 3.17 7.82 -17.92
CA ILE A 158 1.81 8.10 -18.35
C ILE A 158 1.32 9.44 -17.80
N THR A 159 1.03 10.34 -18.72
CA THR A 159 0.40 11.61 -18.38
C THR A 159 -0.94 11.34 -17.72
N ASP A 160 -1.39 12.24 -16.87
CA ASP A 160 -2.76 12.15 -16.39
C ASP A 160 -3.62 12.99 -17.33
N LYS A 161 -4.89 13.15 -16.98
CA LYS A 161 -5.85 13.72 -17.91
C LYS A 161 -5.59 15.18 -18.30
N CYS A 162 -6.54 15.73 -19.04
CA CYS A 162 -6.45 17.09 -19.58
C CYS A 162 -7.79 17.48 -20.16
N VAL A 163 -8.00 18.78 -20.30
CA VAL A 163 -9.21 19.29 -20.93
C VAL A 163 -8.83 20.42 -21.87
N LEU A 164 -9.37 20.40 -23.08
CA LEU A 164 -9.07 21.47 -24.03
C LEU A 164 -10.35 21.99 -24.68
N ASP A 165 -10.29 23.21 -25.18
CA ASP A 165 -11.45 23.82 -25.79
C ASP A 165 -11.14 24.74 -26.96
N MET A 166 -11.56 24.34 -28.15
CA MET A 166 -11.62 25.25 -29.29
C MET A 166 -12.99 25.89 -29.28
N ARG A 167 -13.04 27.15 -28.84
CA ARG A 167 -14.30 27.82 -28.56
C ARG A 167 -15.15 28.12 -29.80
N SER A 168 -14.56 27.94 -30.97
CA SER A 168 -15.24 28.31 -32.22
C SER A 168 -16.41 27.39 -32.56
N MET A 169 -16.32 26.12 -32.16
CA MET A 169 -17.38 25.15 -32.46
C MET A 169 -18.08 24.64 -31.20
N ASP A 170 -17.75 25.25 -30.06
CA ASP A 170 -18.16 24.76 -28.74
C ASP A 170 -17.88 23.27 -28.66
N PHE A 171 -16.63 22.90 -28.95
CA PHE A 171 -16.24 21.50 -28.95
C PHE A 171 -15.24 21.20 -27.83
N LYS A 172 -15.55 20.15 -27.08
CA LYS A 172 -14.76 19.75 -25.91
C LYS A 172 -13.92 18.52 -26.26
N SER A 173 -12.86 18.28 -25.47
CA SER A 173 -12.07 17.07 -25.63
C SER A 173 -11.20 16.80 -24.40
N ASN A 174 -11.46 15.67 -23.73
CA ASN A 174 -10.54 15.13 -22.74
C ASN A 174 -9.31 14.61 -23.46
N SER A 175 -8.18 14.56 -22.77
CA SER A 175 -6.97 14.16 -23.46
C SER A 175 -5.93 13.57 -22.50
N ALA A 176 -5.31 12.49 -22.92
CA ALA A 176 -4.29 11.84 -22.10
C ALA A 176 -3.27 11.12 -22.97
N VAL A 177 -1.99 11.26 -22.62
CA VAL A 177 -0.93 10.72 -23.45
C VAL A 177 0.11 9.94 -22.67
N ALA A 178 0.86 9.11 -23.39
CA ALA A 178 1.94 8.32 -22.80
C ALA A 178 2.86 7.84 -23.91
N TRP A 179 4.15 8.13 -23.76
CA TRP A 179 5.15 7.80 -24.78
C TRP A 179 6.10 6.68 -24.35
N SER A 180 6.89 6.20 -25.32
CA SER A 180 7.81 5.07 -25.14
C SER A 180 8.65 4.77 -26.39
N ASN A 181 9.89 4.35 -26.16
CA ASN A 181 10.80 4.02 -27.23
C ASN A 181 11.45 2.72 -26.88
N LYS A 182 12.23 2.75 -25.81
CA LYS A 182 13.02 1.60 -25.43
C LYS A 182 12.40 0.87 -24.25
N SER A 183 12.16 -0.43 -24.39
CA SER A 183 12.31 -1.15 -25.65
C SER A 183 11.11 -0.81 -26.49
N ASP A 184 11.14 -1.18 -27.76
CA ASP A 184 10.00 -0.89 -28.60
C ASP A 184 8.82 -1.62 -27.99
N PHE A 185 7.70 -0.91 -27.96
CA PHE A 185 6.47 -1.27 -27.25
C PHE A 185 5.25 -0.51 -27.78
N ALA A 186 4.26 -1.27 -28.25
CA ALA A 186 3.12 -0.69 -28.99
C ALA A 186 2.16 0.10 -28.13
N CYS A 187 1.37 0.95 -28.77
CA CYS A 187 0.38 1.76 -28.06
C CYS A 187 -0.92 1.02 -27.89
N ALA A 188 -1.06 -0.10 -28.59
CA ALA A 188 -2.25 -0.93 -28.46
C ALA A 188 -2.14 -1.85 -27.24
N ASN A 189 -1.25 -1.49 -26.31
CA ASN A 189 -1.11 -2.20 -25.05
C ASN A 189 -0.37 -1.40 -23.99
N ALA A 190 -0.34 -0.08 -24.14
CA ALA A 190 0.26 0.77 -23.13
C ALA A 190 -0.79 1.28 -22.14
N PHE A 191 -2.06 1.15 -22.51
CA PHE A 191 -3.16 1.68 -21.70
C PHE A 191 -4.07 0.58 -21.14
N ASN A 192 -3.75 -0.68 -21.42
CA ASN A 192 -4.61 -1.80 -21.02
C ASN A 192 -4.74 -1.95 -19.52
N ASN A 193 -3.79 -1.40 -18.76
CA ASN A 193 -3.88 -1.42 -17.31
C ASN A 193 -5.09 -0.64 -16.82
N SER A 194 -5.14 0.64 -17.17
CA SER A 194 -6.26 1.48 -16.76
C SER A 194 -7.56 0.97 -17.37
N ILE A 195 -8.68 1.40 -16.80
CA ILE A 195 -9.98 0.93 -17.26
C ILE A 195 -10.54 1.86 -18.34
N ILE A 196 -10.77 1.30 -19.54
CA ILE A 196 -11.24 2.07 -20.67
C ILE A 196 -12.26 1.31 -21.52
N PRO A 197 -13.44 1.90 -21.72
CA PRO A 197 -14.48 1.36 -22.61
C PRO A 197 -13.96 1.13 -24.03
N GLU A 198 -14.71 0.44 -24.88
CA GLU A 198 -14.13 -0.06 -26.11
C GLU A 198 -13.86 1.01 -27.17
N ASP A 199 -12.68 0.91 -27.78
CA ASP A 199 -12.15 1.95 -28.64
C ASP A 199 -11.74 1.45 -30.02
N THR A 200 -11.32 2.40 -30.86
CA THR A 200 -10.96 2.08 -32.23
C THR A 200 -9.46 2.28 -32.46
N PHE A 201 -8.67 1.30 -32.04
CA PHE A 201 -7.24 1.33 -32.26
C PHE A 201 -6.92 0.77 -33.64
N PHE A 202 -6.93 1.63 -34.64
CA PHE A 202 -6.86 1.20 -36.03
C PHE A 202 -5.53 0.61 -36.48
N PRO A 203 -5.59 -0.67 -37.05
CA PRO A 203 -4.28 -1.20 -37.45
C PRO A 203 -3.69 -0.34 -38.54
N SER A 204 -2.39 -0.10 -38.49
CA SER A 204 -1.74 0.58 -39.58
C SER A 204 -2.00 -0.22 -40.84
N GLN B 4 -0.32 47.76 -8.84
CA GLN B 4 0.45 46.55 -9.03
C GLN B 4 1.72 46.52 -8.19
N VAL B 5 2.04 45.34 -7.65
CA VAL B 5 3.32 45.12 -6.99
C VAL B 5 4.23 44.27 -7.89
N THR B 6 5.46 44.74 -8.14
CA THR B 6 6.37 44.01 -9.01
C THR B 6 7.26 43.13 -8.14
N GLN B 7 7.51 41.90 -8.57
CA GLN B 7 8.33 41.00 -7.78
C GLN B 7 9.68 40.71 -8.45
N ASN B 8 10.78 41.15 -7.83
CA ASN B 8 12.09 40.90 -8.42
C ASN B 8 12.83 39.77 -7.72
N PRO B 9 13.31 38.77 -8.46
CA PRO B 9 13.04 38.39 -9.85
C PRO B 9 11.93 37.36 -9.89
N ARG B 10 11.42 37.03 -11.07
CA ARG B 10 10.23 36.19 -11.15
C ARG B 10 10.52 34.71 -10.91
N TYR B 11 11.72 34.27 -11.28
CA TYR B 11 12.11 32.87 -11.07
C TYR B 11 13.61 32.69 -11.23
N LEU B 12 14.26 32.16 -10.19
CA LEU B 12 15.70 31.90 -10.26
C LEU B 12 16.13 30.75 -9.35
N ILE B 13 17.41 30.37 -9.46
CA ILE B 13 18.00 29.26 -8.73
C ILE B 13 19.27 29.70 -8.02
N THR B 14 19.68 28.97 -6.99
CA THR B 14 20.90 29.28 -6.26
C THR B 14 21.47 28.03 -5.59
N VAL B 15 22.46 28.23 -4.74
CA VAL B 15 23.07 27.11 -4.03
C VAL B 15 23.09 27.35 -2.53
N THR B 16 23.18 26.27 -1.77
CA THR B 16 23.30 26.35 -0.32
C THR B 16 24.46 27.25 0.08
N GLY B 17 24.17 28.31 0.81
CA GLY B 17 25.22 29.18 1.31
C GLY B 17 25.27 30.58 0.71
N LYS B 18 24.79 30.73 -0.52
CA LYS B 18 24.80 32.06 -1.15
C LYS B 18 23.47 32.78 -0.94
N GLU B 19 23.54 33.97 -0.35
CA GLU B 19 22.37 34.74 0.05
C GLU B 19 21.60 35.32 -1.13
N LEU B 20 20.31 35.58 -0.93
CA LEU B 20 19.46 36.15 -1.98
C LEU B 20 18.69 37.37 -1.50
N THR B 21 18.24 38.19 -2.43
CA THR B 21 17.46 39.39 -2.11
C THR B 21 16.33 39.57 -3.11
N VAL B 22 15.10 39.32 -2.67
CA VAL B 22 13.92 39.40 -3.52
C VAL B 22 13.11 40.67 -3.25
N THR B 23 13.32 41.72 -4.04
CA THR B 23 12.61 42.98 -3.81
C THR B 23 11.27 43.03 -4.54
N CYS B 24 10.28 43.64 -3.88
CA CYS B 24 9.00 43.86 -4.52
C CYS B 24 8.63 45.34 -4.47
N SER B 25 8.20 45.87 -5.62
CA SER B 25 7.82 47.28 -5.74
C SER B 25 6.44 47.51 -5.16
N GLN B 26 6.01 48.76 -5.20
CA GLN B 26 4.80 49.13 -4.52
C GLN B 26 4.22 50.39 -5.14
N ASN B 27 2.90 50.38 -5.32
CA ASN B 27 2.12 51.59 -5.57
C ASN B 27 0.63 51.29 -5.36
N MET B 28 -0.07 52.22 -4.74
CA MET B 28 0.55 53.47 -4.31
C MET B 28 0.39 53.80 -2.84
N ASN B 29 1.52 53.99 -2.17
CA ASN B 29 1.52 54.50 -0.82
C ASN B 29 0.60 53.71 0.05
N HIS B 30 0.60 52.41 -0.17
CA HIS B 30 0.06 51.42 0.76
C HIS B 30 1.02 51.33 1.95
N GLU B 31 0.63 50.70 3.05
CA GLU B 31 1.54 50.62 4.22
C GLU B 31 1.85 49.20 4.75
N TYR B 32 0.87 48.29 4.80
CA TYR B 32 1.09 46.98 5.41
C TYR B 32 1.38 45.88 4.36
N MET B 33 2.65 45.48 4.21
CA MET B 33 2.98 44.35 3.31
C MET B 33 3.79 43.23 3.94
N SER B 34 3.48 42.02 3.49
CA SER B 34 4.12 40.83 3.99
C SER B 34 4.61 39.94 2.88
N TRP B 35 5.42 38.96 3.25
CA TRP B 35 5.85 37.91 2.34
C TRP B 35 5.29 36.58 2.80
N TYR B 36 4.77 35.81 1.85
CA TYR B 36 4.21 34.50 2.14
C TYR B 36 5.07 33.39 1.53
N ARG B 37 4.76 32.16 1.92
CA ARG B 37 5.34 30.96 1.31
C ARG B 37 4.24 29.95 0.93
N GLN B 38 4.39 29.31 -0.22
CA GLN B 38 3.47 28.26 -0.61
C GLN B 38 4.19 27.13 -1.32
N ASP B 39 3.66 25.93 -1.14
CA ASP B 39 4.09 24.76 -1.87
C ASP B 39 2.93 23.79 -1.89
N PRO B 40 2.87 22.92 -2.91
CA PRO B 40 1.88 21.84 -2.86
C PRO B 40 1.97 21.07 -1.54
N GLY B 41 0.83 20.98 -0.86
CA GLY B 41 0.76 20.36 0.44
C GLY B 41 0.08 21.28 1.44
N LEU B 42 0.88 21.90 2.30
CA LEU B 42 0.35 22.69 3.39
C LEU B 42 -0.35 23.96 2.89
N GLY B 43 -0.01 24.38 1.68
CA GLY B 43 -0.57 25.60 1.14
C GLY B 43 0.04 26.84 1.79
N LEU B 44 -0.64 27.98 1.62
CA LEU B 44 -0.09 29.27 2.04
C LEU B 44 0.17 29.35 3.52
N ARG B 45 1.24 30.07 3.86
CA ARG B 45 1.55 30.42 5.23
C ARG B 45 2.22 31.78 5.22
N GLN B 46 2.34 32.39 6.39
CA GLN B 46 2.90 33.72 6.47
C GLN B 46 4.25 33.60 7.15
N ILE B 47 5.24 34.36 6.66
CA ILE B 47 6.58 34.32 7.25
C ILE B 47 6.83 35.55 8.12
N TYR B 48 7.23 36.66 7.50
CA TYR B 48 7.41 37.92 8.22
C TYR B 48 6.51 38.99 7.62
N TYR B 49 6.10 39.92 8.47
CA TYR B 49 5.27 41.03 8.01
C TYR B 49 5.62 42.28 8.80
N SER B 50 5.21 43.43 8.28
CA SER B 50 5.48 44.72 8.92
C SER B 50 4.42 45.75 8.57
N MET B 51 3.59 46.12 9.54
CA MET B 51 2.61 47.17 9.31
C MET B 51 3.33 48.50 9.19
N ASN B 52 2.92 49.28 8.19
CA ASN B 52 3.57 50.54 7.86
C ASN B 52 5.10 50.43 7.76
N VAL B 53 5.81 51.44 8.26
CA VAL B 53 7.26 51.46 8.10
C VAL B 53 7.98 51.14 9.39
N GLU B 54 9.21 50.64 9.25
CA GLU B 54 10.06 50.20 10.36
C GLU B 54 9.32 49.55 11.54
N VAL B 55 8.45 48.58 11.28
CA VAL B 55 7.90 47.79 12.37
C VAL B 55 8.19 46.31 12.16
N THR B 56 9.25 45.81 12.80
CA THR B 56 9.69 44.44 12.60
C THR B 56 8.88 43.42 13.40
N ASP B 57 8.13 42.58 12.69
CA ASP B 57 7.27 41.57 13.33
C ASP B 57 7.46 40.17 12.73
N LYS B 58 7.86 39.22 13.58
CA LYS B 58 7.99 37.81 13.15
C LYS B 58 6.60 37.20 12.96
N GLY B 59 6.52 35.99 12.40
CA GLY B 59 5.23 35.35 12.23
C GLY B 59 5.24 33.91 11.75
N ASP B 60 5.21 32.96 12.69
CA ASP B 60 4.95 31.53 12.44
C ASP B 60 6.09 30.71 11.79
N VAL B 61 6.50 31.03 10.56
CA VAL B 61 7.65 30.35 9.95
C VAL B 61 8.83 31.32 9.72
N PRO B 62 9.73 31.49 10.67
CA PRO B 62 10.74 32.50 10.46
C PRO B 62 12.08 31.98 10.02
N GLU B 63 12.51 30.89 10.63
CA GLU B 63 13.92 30.58 10.70
C GLU B 63 14.49 30.45 9.31
N GLY B 64 15.70 30.97 9.14
CA GLY B 64 16.36 31.01 7.84
C GLY B 64 16.06 32.29 7.09
N TYR B 65 15.33 33.20 7.75
CA TYR B 65 14.92 34.48 7.14
C TYR B 65 15.31 35.68 8.00
N LYS B 66 15.25 36.86 7.38
CA LYS B 66 15.22 38.16 8.08
C LYS B 66 14.85 39.25 7.06
N VAL B 67 14.55 40.44 7.56
CA VAL B 67 13.88 41.46 6.77
C VAL B 67 14.18 42.87 7.29
N SER B 68 13.84 43.88 6.50
CA SER B 68 13.98 45.28 6.92
C SER B 68 13.29 46.23 5.95
N ARG B 69 12.99 47.45 6.41
CA ARG B 69 12.35 48.46 5.58
C ARG B 69 12.31 49.82 6.28
N LYS B 70 13.01 50.80 5.71
CA LYS B 70 13.08 52.12 6.35
C LYS B 70 12.27 53.16 5.59
N GLU B 71 11.80 52.81 4.41
CA GLU B 71 10.82 53.65 3.70
C GLU B 71 9.81 52.79 2.98
N LYS B 72 8.71 53.41 2.57
CA LYS B 72 7.54 52.68 2.10
C LYS B 72 7.75 51.89 0.81
N ARG B 73 8.08 52.60 -0.26
CA ARG B 73 8.08 52.06 -1.64
C ARG B 73 8.61 50.63 -1.83
N ASN B 74 9.66 50.24 -1.12
CA ASN B 74 10.21 48.90 -1.34
C ASN B 74 10.21 48.05 -0.08
N PHE B 75 10.21 46.73 -0.28
CA PHE B 75 10.11 45.78 0.82
C PHE B 75 10.80 44.47 0.46
N PRO B 76 11.99 44.25 1.04
CA PRO B 76 12.88 43.12 0.75
C PRO B 76 12.94 42.02 1.81
N LEU B 77 12.88 40.76 1.37
CA LEU B 77 13.10 39.62 2.26
C LEU B 77 14.42 38.92 1.93
N ILE B 78 15.36 39.01 2.85
CA ILE B 78 16.71 38.50 2.62
C ILE B 78 16.91 37.19 3.39
N LEU B 79 17.88 36.38 2.95
CA LEU B 79 18.08 35.03 3.45
C LEU B 79 19.57 34.73 3.67
N GLU B 80 20.03 34.72 4.93
CA GLU B 80 21.47 34.54 5.15
C GLU B 80 21.98 33.13 4.78
N SER B 81 21.14 32.10 4.81
CA SER B 81 21.58 30.77 4.37
C SER B 81 20.48 29.95 3.71
N PRO B 82 20.26 30.19 2.40
CA PRO B 82 19.39 29.34 1.59
C PRO B 82 19.72 27.86 1.80
N SER B 83 18.74 27.12 2.28
CA SER B 83 18.84 25.68 2.43
C SER B 83 17.59 25.09 1.79
N PRO B 84 17.66 23.81 1.38
CA PRO B 84 16.57 23.16 0.64
C PRO B 84 15.16 23.32 1.22
N ASN B 85 15.05 23.73 2.49
CA ASN B 85 13.74 23.91 3.12
C ASN B 85 12.97 25.09 2.52
N GLN B 86 13.71 26.06 1.99
CA GLN B 86 13.11 27.32 1.58
C GLN B 86 12.84 27.36 0.08
N THR B 87 13.08 26.25 -0.58
CA THR B 87 12.68 26.08 -1.97
C THR B 87 11.17 26.07 -2.06
N SER B 88 10.58 27.19 -2.46
CA SER B 88 9.14 27.28 -2.54
C SER B 88 8.68 28.23 -3.63
N LEU B 89 7.69 29.03 -3.27
CA LEU B 89 7.00 29.90 -4.19
C LEU B 89 6.51 31.08 -3.39
N TYR B 90 7.24 32.19 -3.43
CA TYR B 90 6.99 33.31 -2.51
C TYR B 90 6.09 34.37 -3.09
N PHE B 91 5.21 34.92 -2.26
CA PHE B 91 4.28 35.95 -2.70
C PHE B 91 4.43 37.22 -1.83
N CYS B 92 4.24 38.38 -2.45
CA CYS B 92 4.39 39.69 -1.83
C CYS B 92 3.11 40.49 -2.04
N ALA B 93 2.22 40.44 -1.07
CA ALA B 93 0.93 41.09 -1.18
C ALA B 93 0.92 42.43 -0.44
N SER B 94 -0.09 43.23 -0.71
CA SER B 94 -0.07 44.65 -0.36
C SER B 94 -1.41 45.31 -0.12
N SER B 95 -1.50 46.08 0.96
CA SER B 95 -2.67 46.92 1.24
C SER B 95 -2.29 48.06 2.18
N LEU B 96 -3.15 49.09 2.24
CA LEU B 96 -2.78 50.35 2.88
C LEU B 96 -2.76 50.32 4.41
N ILE B 97 -3.64 49.52 5.02
CA ILE B 97 -3.77 49.50 6.47
C ILE B 97 -4.14 48.08 6.93
N TYR B 98 -3.93 47.77 8.21
CA TYR B 98 -4.36 46.50 8.81
C TYR B 98 -5.75 46.53 9.47
N PRO B 99 -6.62 45.62 9.07
CA PRO B 99 -6.41 44.74 7.92
C PRO B 99 -7.06 45.32 6.68
N GLY B 100 -6.97 44.61 5.57
CA GLY B 100 -7.62 45.04 4.35
C GLY B 100 -7.55 43.89 3.38
N GLU B 101 -8.16 44.06 2.22
CA GLU B 101 -7.97 43.07 1.17
C GLU B 101 -6.56 43.25 0.62
N LEU B 102 -5.91 42.14 0.33
CA LEU B 102 -4.52 42.19 -0.09
C LEU B 102 -4.41 42.25 -1.59
N PHE B 103 -3.31 42.81 -2.07
CA PHE B 103 -3.02 42.85 -3.50
C PHE B 103 -1.77 42.03 -3.77
N PHE B 104 -1.96 40.74 -4.01
CA PHE B 104 -0.83 39.84 -4.23
C PHE B 104 -0.08 40.14 -5.53
N GLY B 105 1.11 39.55 -5.68
CA GLY B 105 1.95 39.81 -6.82
C GLY B 105 1.88 38.76 -7.91
N GLU B 106 2.87 38.79 -8.80
CA GLU B 106 2.93 37.87 -9.93
C GLU B 106 3.12 36.44 -9.49
N GLY B 107 4.18 36.21 -8.71
CA GLY B 107 4.52 34.88 -8.24
C GLY B 107 5.99 34.56 -8.39
N SER B 108 6.79 35.01 -7.43
CA SER B 108 8.23 34.77 -7.43
C SER B 108 8.58 33.44 -6.75
N ARG B 109 9.29 32.58 -7.47
CA ARG B 109 9.66 31.27 -6.93
C ARG B 109 11.17 31.05 -6.91
N LEU B 110 11.69 30.75 -5.72
CA LEU B 110 13.12 30.47 -5.59
C LEU B 110 13.32 28.99 -5.32
N THR B 111 14.31 28.43 -6.01
CA THR B 111 14.61 27.01 -5.87
C THR B 111 16.05 26.84 -5.44
N VAL B 112 16.24 26.26 -4.26
CA VAL B 112 17.55 26.11 -3.66
C VAL B 112 18.07 24.70 -3.77
N LEU B 113 19.29 24.56 -4.29
CA LEU B 113 19.84 23.26 -4.63
C LEU B 113 21.11 22.97 -3.84
N GLU B 114 21.34 21.69 -3.53
CA GLU B 114 22.57 21.29 -2.87
C GLU B 114 23.75 21.43 -3.83
N ASP B 115 23.55 21.00 -5.07
CA ASP B 115 24.57 21.16 -6.11
C ASP B 115 23.96 21.23 -7.51
N LEU B 116 24.53 22.10 -8.33
CA LEU B 116 24.01 22.42 -9.66
C LEU B 116 24.43 21.43 -10.75
N LYS B 117 25.13 20.36 -10.34
CA LYS B 117 25.46 19.27 -11.26
C LYS B 117 24.21 18.78 -11.98
N ASN B 118 23.07 18.89 -11.31
CA ASN B 118 21.83 18.35 -11.84
C ASN B 118 20.94 19.38 -12.51
N VAL B 119 21.49 20.55 -12.81
CA VAL B 119 20.77 21.53 -13.62
C VAL B 119 20.88 21.15 -15.10
N PHE B 120 19.87 20.48 -15.62
CA PHE B 120 19.82 20.16 -17.06
C PHE B 120 18.60 20.76 -17.76
N PRO B 121 18.81 21.28 -18.99
CA PRO B 121 17.79 21.89 -19.86
C PRO B 121 16.86 20.87 -20.52
N PRO B 122 15.66 21.33 -20.93
CA PRO B 122 14.66 20.51 -21.62
C PRO B 122 15.05 20.15 -23.05
N GLU B 123 14.74 18.95 -23.50
CA GLU B 123 14.93 18.59 -24.90
C GLU B 123 13.57 18.35 -25.56
N VAL B 124 13.34 19.02 -26.70
CA VAL B 124 12.01 19.08 -27.28
C VAL B 124 11.93 18.54 -28.72
N ALA B 125 10.87 17.78 -28.98
CA ALA B 125 10.53 17.32 -30.32
C ALA B 125 9.01 17.30 -30.48
N VAL B 126 8.52 17.75 -31.64
CA VAL B 126 7.08 17.74 -31.91
C VAL B 126 6.69 16.43 -32.60
N PHE B 127 5.42 16.05 -32.48
CA PHE B 127 4.93 14.78 -33.02
C PHE B 127 3.70 14.95 -33.92
N GLU B 128 3.89 14.71 -35.22
CA GLU B 128 2.86 14.97 -36.23
C GLU B 128 1.60 14.10 -36.10
N PRO B 129 0.43 14.72 -36.15
CA PRO B 129 -0.91 14.10 -36.11
C PRO B 129 -1.13 12.96 -37.11
N SER B 130 -1.74 11.89 -36.59
CA SER B 130 -2.07 10.72 -37.39
C SER B 130 -3.15 11.03 -38.41
N GLU B 131 -3.15 10.30 -39.51
CA GLU B 131 -4.26 10.38 -40.46
C GLU B 131 -5.46 9.63 -39.87
N ALA B 132 -5.19 8.67 -39.00
CA ALA B 132 -6.23 7.91 -38.32
C ALA B 132 -7.21 8.84 -37.61
N GLU B 133 -6.67 9.80 -36.88
CA GLU B 133 -7.50 10.78 -36.18
C GLU B 133 -8.42 11.52 -37.14
N ILE B 134 -7.87 11.96 -38.26
CA ILE B 134 -8.62 12.70 -39.27
C ILE B 134 -9.67 11.82 -39.96
N SER B 135 -9.43 10.51 -39.92
CA SER B 135 -10.30 9.58 -40.66
C SER B 135 -11.53 9.16 -39.86
N HIS B 136 -11.46 9.27 -38.54
CA HIS B 136 -12.50 8.72 -37.69
C HIS B 136 -13.24 9.81 -36.93
N THR B 137 -12.73 11.04 -36.98
CA THR B 137 -13.33 12.17 -36.26
C THR B 137 -13.24 13.50 -37.00
N GLN B 138 -12.29 13.59 -37.93
CA GLN B 138 -12.03 14.83 -38.67
C GLN B 138 -11.65 15.96 -37.72
N LYS B 139 -10.51 15.80 -37.05
CA LYS B 139 -9.94 16.82 -36.18
C LYS B 139 -8.43 16.59 -36.06
N ALA B 140 -7.71 17.60 -35.56
CA ALA B 140 -6.25 17.53 -35.50
C ALA B 140 -5.71 17.77 -34.10
N THR B 141 -4.75 16.96 -33.68
CA THR B 141 -4.13 17.13 -32.37
C THR B 141 -2.61 16.99 -32.45
N LEU B 142 -1.90 18.10 -32.32
CA LEU B 142 -0.44 18.05 -32.25
C LEU B 142 -0.02 17.92 -30.80
N VAL B 143 1.07 17.20 -30.56
CA VAL B 143 1.55 16.98 -29.21
C VAL B 143 3.04 17.29 -29.03
N CYS B 144 3.34 18.36 -28.31
CA CYS B 144 4.74 18.75 -28.05
C CYS B 144 5.14 18.41 -26.62
N LEU B 145 6.43 18.18 -26.41
CA LEU B 145 6.88 17.65 -25.11
C LEU B 145 8.17 18.26 -24.56
N ALA B 146 8.57 17.77 -23.40
CA ALA B 146 9.87 18.08 -22.80
C ALA B 146 10.33 16.87 -21.98
N THR B 147 11.46 16.28 -22.37
CA THR B 147 11.83 14.95 -21.87
C THR B 147 12.60 14.95 -20.54
N GLY B 148 13.66 15.74 -20.44
CA GLY B 148 14.50 15.67 -19.26
C GLY B 148 15.02 17.00 -18.75
N PHE B 149 14.30 17.59 -17.80
CA PHE B 149 14.69 18.88 -17.25
C PHE B 149 14.59 18.90 -15.73
N TYR B 150 15.24 19.88 -15.11
CA TYR B 150 15.22 20.05 -13.66
C TYR B 150 15.69 21.44 -13.25
N PRO B 151 14.99 22.08 -12.31
CA PRO B 151 13.73 21.61 -11.73
C PRO B 151 12.56 22.11 -12.55
N ASP B 152 11.38 22.22 -11.94
CA ASP B 152 10.24 22.78 -12.65
C ASP B 152 10.44 24.29 -12.72
N HIS B 153 11.06 24.74 -13.82
CA HIS B 153 11.17 26.17 -14.13
C HIS B 153 10.90 26.35 -15.62
N VAL B 154 9.69 26.00 -16.04
CA VAL B 154 9.36 25.99 -17.46
C VAL B 154 7.99 26.63 -17.71
N GLU B 155 7.78 27.13 -18.92
CA GLU B 155 6.44 27.46 -19.38
C GLU B 155 6.32 27.22 -20.89
N LEU B 156 5.39 26.36 -21.28
CA LEU B 156 5.21 25.99 -22.68
C LEU B 156 4.10 26.79 -23.36
N SER B 157 4.24 27.02 -24.67
CA SER B 157 3.20 27.65 -25.46
C SER B 157 3.06 27.00 -26.85
N TRP B 158 2.26 27.62 -27.71
CA TRP B 158 2.08 27.18 -29.09
C TRP B 158 1.99 28.39 -30.01
N TRP B 159 2.30 28.23 -31.28
CA TRP B 159 2.41 29.39 -32.15
C TRP B 159 1.91 29.18 -33.58
N VAL B 160 0.64 29.54 -33.80
CA VAL B 160 0.01 29.37 -35.10
C VAL B 160 0.29 30.54 -36.03
N ASN B 161 0.84 30.22 -37.20
CA ASN B 161 1.25 31.20 -38.21
C ASN B 161 2.01 32.37 -37.63
N GLY B 162 2.89 32.05 -36.67
CA GLY B 162 3.87 33.00 -36.17
C GLY B 162 3.40 33.75 -34.95
N LYS B 163 2.20 33.42 -34.48
CA LYS B 163 1.61 34.12 -33.34
C LYS B 163 0.92 33.16 -32.40
N GLU B 164 0.91 33.53 -31.13
CA GLU B 164 0.22 32.78 -30.08
C GLU B 164 -1.20 32.40 -30.47
N VAL B 165 -1.66 31.26 -29.98
CA VAL B 165 -3.08 30.96 -29.99
C VAL B 165 -3.40 30.22 -28.70
N HIS B 166 -4.69 30.10 -28.37
CA HIS B 166 -5.13 29.47 -27.13
C HIS B 166 -6.35 28.61 -27.36
N SER B 167 -6.97 28.79 -28.52
CA SER B 167 -8.19 28.05 -28.85
C SER B 167 -7.86 26.60 -29.19
N GLY B 168 -8.28 25.70 -28.33
CA GLY B 168 -7.97 24.30 -28.50
C GLY B 168 -6.52 24.03 -28.19
N VAL B 169 -6.13 24.31 -26.96
CA VAL B 169 -4.81 23.93 -26.48
C VAL B 169 -4.84 23.59 -25.00
N CYS B 170 -4.20 22.49 -24.63
CA CYS B 170 -4.15 22.12 -23.23
C CYS B 170 -2.74 21.75 -22.83
N THR B 171 -2.46 21.86 -21.54
CA THR B 171 -1.14 21.58 -21.00
C THR B 171 -1.33 20.80 -19.72
N ASP B 172 -0.35 19.97 -19.36
CA ASP B 172 -0.39 19.24 -18.10
C ASP B 172 -0.07 20.17 -16.95
N PRO B 173 -0.99 20.29 -15.98
CA PRO B 173 -0.82 21.24 -14.88
C PRO B 173 0.23 20.82 -13.85
N GLN B 174 0.87 19.68 -14.03
CA GLN B 174 1.96 19.31 -13.12
C GLN B 174 3.09 18.57 -13.83
N PRO B 175 4.33 18.98 -13.55
CA PRO B 175 5.53 18.30 -14.05
C PRO B 175 5.63 16.87 -13.51
N LEU B 176 5.19 15.90 -14.31
CA LEU B 176 5.24 14.52 -13.86
C LEU B 176 6.67 14.00 -13.88
N LYS B 177 7.11 13.54 -12.72
CA LYS B 177 8.42 12.94 -12.55
C LYS B 177 8.61 11.73 -13.47
N GLU B 178 9.83 11.21 -13.49
CA GLU B 178 10.11 9.97 -14.22
C GLU B 178 10.57 8.88 -13.24
N GLN B 179 11.79 9.05 -12.78
CA GLN B 179 12.51 8.09 -11.97
C GLN B 179 11.94 8.07 -10.54
N PRO B 180 12.28 7.04 -9.74
CA PRO B 180 11.44 6.88 -8.55
C PRO B 180 11.83 7.73 -7.34
N ALA B 181 13.11 7.89 -7.06
CA ALA B 181 13.47 8.47 -5.78
C ALA B 181 12.79 9.81 -5.76
N LEU B 182 12.07 10.06 -4.68
CA LEU B 182 11.23 11.24 -4.61
C LEU B 182 12.06 12.48 -4.51
N ASN B 183 11.57 13.56 -5.10
CA ASN B 183 12.14 14.84 -4.81
C ASN B 183 13.63 14.87 -5.11
N ASP B 184 14.08 14.18 -6.13
CA ASP B 184 15.48 14.41 -6.48
C ASP B 184 15.88 13.88 -7.85
N SER B 185 15.47 14.58 -8.91
CA SER B 185 15.57 14.08 -10.28
C SER B 185 14.86 14.90 -11.35
N ARG B 186 15.13 14.58 -12.62
CA ARG B 186 14.61 15.35 -13.76
C ARG B 186 13.13 15.11 -14.05
N TYR B 187 12.35 16.20 -14.08
CA TYR B 187 10.90 16.12 -14.32
C TYR B 187 10.57 15.89 -15.79
N ALA B 188 9.31 16.16 -16.16
CA ALA B 188 8.83 15.99 -17.53
C ALA B 188 7.52 16.74 -17.70
N LEU B 189 7.19 17.12 -18.94
CA LEU B 189 5.96 17.90 -19.17
C LEU B 189 5.45 17.84 -20.62
N SER B 190 4.13 17.81 -20.79
CA SER B 190 3.50 17.71 -22.11
C SER B 190 2.33 18.66 -22.32
N SER B 191 1.99 18.87 -23.60
CA SER B 191 0.84 19.67 -23.98
C SER B 191 0.19 19.07 -25.22
N ARG B 192 -0.92 19.67 -25.64
CA ARG B 192 -1.60 19.26 -26.85
C ARG B 192 -2.24 20.49 -27.47
N LEU B 193 -2.03 20.67 -28.77
CA LEU B 193 -2.73 21.72 -29.48
C LEU B 193 -3.72 21.08 -30.45
N ARG B 194 -5.00 21.42 -30.29
CA ARG B 194 -6.05 20.80 -31.09
C ARG B 194 -6.74 21.81 -31.99
N VAL B 195 -6.71 21.56 -33.29
CA VAL B 195 -7.35 22.47 -34.23
C VAL B 195 -8.02 21.75 -35.36
N SER B 196 -8.44 22.54 -36.33
CA SER B 196 -9.27 22.06 -37.43
C SER B 196 -8.54 20.99 -38.24
N ALA B 197 -9.30 20.06 -38.79
CA ALA B 197 -8.76 18.97 -39.59
C ALA B 197 -8.16 19.48 -40.89
N THR B 198 -8.86 20.39 -41.56
CA THR B 198 -8.38 21.00 -42.78
C THR B 198 -7.13 21.82 -42.48
N PHE B 199 -7.14 22.50 -41.33
CA PHE B 199 -6.03 23.32 -40.88
C PHE B 199 -4.72 22.57 -40.93
N TRP B 200 -4.75 21.30 -40.53
CA TRP B 200 -3.54 20.49 -40.50
C TRP B 200 -2.98 20.22 -41.89
N GLN B 201 -3.86 19.79 -42.78
CA GLN B 201 -3.46 19.31 -44.10
C GLN B 201 -2.66 20.35 -44.90
N ASN B 202 -2.87 21.62 -44.59
CA ASN B 202 -2.12 22.71 -45.22
C ASN B 202 -0.63 22.63 -44.88
N PRO B 203 0.22 22.48 -45.91
CA PRO B 203 1.69 22.44 -45.74
C PRO B 203 2.28 23.84 -45.56
N ARG B 204 1.44 24.86 -45.55
CA ARG B 204 1.97 26.20 -45.34
C ARG B 204 1.70 26.83 -43.98
N ASN B 205 1.51 26.09 -42.87
CA ASN B 205 1.52 26.90 -41.65
C ASN B 205 2.46 26.44 -40.55
N HIS B 206 2.87 27.48 -39.83
CA HIS B 206 3.62 27.42 -38.60
C HIS B 206 3.02 26.47 -37.60
N PHE B 207 3.83 25.57 -37.07
CA PHE B 207 3.47 24.87 -35.84
C PHE B 207 4.71 24.75 -34.98
N ARG B 208 4.95 25.75 -34.15
CA ARG B 208 6.16 25.78 -33.35
C ARG B 208 5.85 25.63 -31.87
N CYS B 209 6.44 24.62 -31.24
CA CYS B 209 6.29 24.45 -29.80
C CYS B 209 7.43 25.13 -29.08
N GLN B 210 7.19 26.35 -28.62
CA GLN B 210 8.21 27.15 -27.97
C GLN B 210 8.15 27.01 -26.45
N VAL B 211 9.28 26.63 -25.86
CA VAL B 211 9.35 26.38 -24.43
C VAL B 211 10.45 27.22 -23.77
N GLN B 212 10.12 27.89 -22.68
CA GLN B 212 11.06 28.75 -21.99
C GLN B 212 11.58 28.10 -20.71
N PHE B 213 12.89 27.82 -20.68
CA PHE B 213 13.50 27.29 -19.48
C PHE B 213 14.26 28.39 -18.77
N TYR B 214 13.91 28.63 -17.52
CA TYR B 214 14.68 29.53 -16.69
C TYR B 214 15.79 28.73 -16.03
N GLY B 215 16.91 29.39 -15.75
CA GLY B 215 18.01 28.71 -15.10
C GLY B 215 19.08 29.67 -14.63
N LEU B 216 20.33 29.22 -14.71
CA LEU B 216 21.48 30.04 -14.35
C LEU B 216 21.62 31.27 -15.22
N SER B 217 22.51 32.15 -14.83
CA SER B 217 22.91 33.26 -15.67
C SER B 217 24.39 33.42 -15.53
N GLU B 218 25.01 34.01 -16.54
CA GLU B 218 26.45 33.93 -16.63
C GLU B 218 27.04 34.93 -15.68
N ASN B 219 26.70 34.76 -14.41
CA ASN B 219 27.48 35.32 -13.35
C ASN B 219 27.80 34.21 -12.37
N ASP B 220 27.64 32.98 -12.85
CA ASP B 220 28.00 31.78 -12.09
C ASP B 220 28.95 30.84 -12.85
N GLU B 221 29.98 30.34 -12.17
CA GLU B 221 31.01 29.51 -12.79
C GLU B 221 30.50 28.14 -13.20
N TRP B 222 31.13 27.55 -14.22
CA TRP B 222 30.73 26.21 -14.70
C TRP B 222 31.79 25.12 -14.54
N THR B 223 31.40 24.03 -13.91
CA THR B 223 32.24 22.86 -13.71
C THR B 223 32.34 21.93 -14.93
N GLN B 224 31.29 21.15 -15.17
CA GLN B 224 31.33 20.09 -16.19
C GLN B 224 31.36 20.66 -17.60
N ASP B 225 32.24 20.16 -18.44
CA ASP B 225 32.44 20.76 -19.75
C ASP B 225 31.25 20.53 -20.69
N ARG B 226 30.16 19.98 -20.14
CA ARG B 226 28.87 20.04 -20.79
C ARG B 226 28.44 21.51 -20.87
N ALA B 227 27.67 21.86 -21.90
CA ALA B 227 27.18 23.23 -22.09
C ALA B 227 26.44 23.73 -20.84
N LYS B 228 26.26 25.04 -20.74
CA LYS B 228 25.81 25.64 -19.48
C LYS B 228 24.32 25.96 -19.54
N PRO B 229 23.51 25.47 -18.61
CA PRO B 229 22.05 25.61 -18.71
C PRO B 229 21.35 27.00 -18.78
N VAL B 230 21.65 27.91 -17.85
CA VAL B 230 21.31 29.30 -17.98
C VAL B 230 19.80 29.60 -18.08
N THR B 231 19.42 30.46 -19.01
CA THR B 231 18.07 30.77 -19.38
C THR B 231 18.13 30.55 -20.85
N GLN B 232 17.09 30.06 -21.47
CA GLN B 232 17.23 29.59 -22.84
C GLN B 232 15.83 29.22 -23.29
N ILE B 233 15.58 29.36 -24.59
CA ILE B 233 14.36 28.89 -25.22
C ILE B 233 14.66 27.62 -26.01
N VAL B 234 13.82 26.61 -25.86
CA VAL B 234 13.99 25.40 -26.64
C VAL B 234 12.74 25.11 -27.46
N SER B 235 12.77 25.50 -28.72
CA SER B 235 11.60 25.38 -29.59
C SER B 235 11.69 24.15 -30.49
N ALA B 236 10.52 23.65 -30.89
CA ALA B 236 10.44 22.61 -31.92
C ALA B 236 9.25 22.89 -32.82
N GLU B 237 9.43 22.69 -34.13
CA GLU B 237 8.45 23.11 -35.13
C GLU B 237 8.14 22.03 -36.16
N ALA B 238 6.93 22.04 -36.68
CA ALA B 238 6.48 21.06 -37.67
C ALA B 238 5.50 21.68 -38.67
N TRP B 239 5.31 21.01 -39.80
CA TRP B 239 4.51 21.55 -40.89
C TRP B 239 3.47 20.55 -41.36
N GLY B 240 2.39 21.05 -41.95
CA GLY B 240 1.33 20.19 -42.46
C GLY B 240 1.71 19.36 -43.69
N ARG B 241 0.99 18.26 -43.89
CA ARG B 241 1.16 17.37 -45.04
C ARG B 241 -0.19 16.77 -45.40
N ALA B 242 -0.67 17.00 -46.62
CA ALA B 242 -1.98 16.47 -47.01
C ALA B 242 -1.99 14.95 -47.10
N GLY C 2 -14.44 45.41 43.94
CA GLY C 2 -14.97 46.66 43.41
C GLY C 2 -14.99 46.66 41.90
N SER C 3 -15.10 47.84 41.30
CA SER C 3 -15.05 47.96 39.84
C SER C 3 -13.65 48.36 39.37
N HIS C 4 -13.00 47.46 38.63
CA HIS C 4 -11.61 47.61 38.23
C HIS C 4 -11.45 47.92 36.74
N SER C 5 -10.25 48.34 36.33
CA SER C 5 -9.97 48.63 34.92
C SER C 5 -8.50 48.91 34.56
N MET C 6 -8.25 48.96 33.27
CA MET C 6 -6.91 49.11 32.69
C MET C 6 -6.92 50.16 31.57
N ARG C 7 -5.87 50.98 31.54
CA ARG C 7 -5.74 52.01 30.51
C ARG C 7 -4.27 52.31 30.15
N TYR C 8 -4.07 52.93 28.99
CA TYR C 8 -2.75 53.28 28.49
C TYR C 8 -2.77 54.66 27.82
N PHE C 9 -2.19 55.66 28.47
CA PHE C 9 -2.23 57.03 27.95
C PHE C 9 -1.04 57.34 27.05
N PHE C 10 -1.30 58.09 25.99
CA PHE C 10 -0.26 58.51 25.06
C PHE C 10 -0.32 60.00 24.75
N THR C 11 0.81 60.53 24.28
CA THR C 11 0.89 61.90 23.83
C THR C 11 2.05 62.07 22.86
N SER C 12 1.74 62.41 21.61
CA SER C 12 2.80 62.65 20.65
C SER C 12 2.69 64.07 20.14
N VAL C 13 3.84 64.72 20.00
CA VAL C 13 3.88 66.14 19.74
C VAL C 13 4.92 66.54 18.72
N SER C 14 4.43 67.26 17.70
CA SER C 14 5.25 67.83 16.63
C SER C 14 6.28 68.78 17.24
N ARG C 15 7.47 68.84 16.66
CA ARG C 15 8.49 69.81 17.02
C ARG C 15 9.29 70.06 15.75
N PRO C 16 8.94 71.16 15.04
CA PRO C 16 9.48 71.55 13.74
C PRO C 16 10.90 72.11 13.80
N GLY C 17 11.14 73.03 14.74
CA GLY C 17 12.42 73.69 14.88
C GLY C 17 13.59 72.75 14.69
N ARG C 18 13.77 71.85 15.65
CA ARG C 18 14.78 70.81 15.50
C ARG C 18 14.10 69.55 14.91
N GLY C 19 13.18 68.88 15.60
CA GLY C 19 12.72 69.18 16.94
C GLY C 19 12.78 67.94 17.82
N GLU C 20 11.83 67.83 18.73
CA GLU C 20 11.62 66.65 19.57
C GLU C 20 10.19 66.14 19.39
N PRO C 21 9.98 65.21 18.43
CA PRO C 21 8.65 64.61 18.38
C PRO C 21 8.50 63.61 19.52
N ARG C 22 8.15 64.12 20.71
CA ARG C 22 8.23 63.34 21.94
C ARG C 22 7.08 62.33 22.04
N PHE C 23 7.30 61.29 22.83
CA PHE C 23 6.31 60.25 23.03
C PHE C 23 6.45 59.61 24.41
N ILE C 24 5.60 60.03 25.33
CA ILE C 24 5.51 59.35 26.62
C ILE C 24 4.47 58.25 26.53
N ALA C 25 4.66 57.21 27.33
CA ALA C 25 3.68 56.13 27.41
C ALA C 25 3.62 55.57 28.81
N VAL C 26 2.51 55.86 29.49
CA VAL C 26 2.27 55.32 30.83
C VAL C 26 0.86 54.78 30.89
N GLY C 27 0.69 53.65 31.57
CA GLY C 27 -0.62 53.05 31.71
C GLY C 27 -1.08 53.04 33.16
N TYR C 28 -2.40 52.91 33.35
CA TYR C 28 -2.97 52.94 34.69
C TYR C 28 -3.93 51.77 34.96
N VAL C 29 -3.73 51.09 36.09
CA VAL C 29 -4.69 50.11 36.60
C VAL C 29 -5.48 50.76 37.73
N ASP C 30 -6.69 51.23 37.43
CA ASP C 30 -7.50 51.97 38.40
C ASP C 30 -6.71 53.11 39.03
N ASP C 31 -6.06 53.90 38.18
CA ASP C 31 -5.22 55.01 38.62
C ASP C 31 -4.06 54.53 39.49
N THR C 32 -3.33 53.53 38.99
CA THR C 32 -2.03 53.15 39.54
C THR C 32 -1.01 53.02 38.41
N GLN C 33 0.11 53.72 38.56
CA GLN C 33 1.19 53.68 37.58
C GLN C 33 1.90 52.34 37.62
N PHE C 34 2.31 51.83 36.46
CA PHE C 34 3.07 50.58 36.39
C PHE C 34 3.93 50.45 35.14
N VAL C 35 3.75 51.36 34.18
CA VAL C 35 4.50 51.30 32.92
C VAL C 35 5.17 52.64 32.58
N ARG C 36 6.02 52.64 31.55
CA ARG C 36 6.81 53.83 31.19
C ARG C 36 7.55 53.70 29.85
N PHE C 37 7.31 54.65 28.93
CA PHE C 37 8.05 54.70 27.67
C PHE C 37 8.27 56.13 27.17
N ASP C 38 9.47 56.67 27.39
CA ASP C 38 9.79 58.05 27.03
C ASP C 38 11.00 58.13 26.09
N SER C 39 10.84 58.88 25.00
CA SER C 39 11.85 58.95 23.94
C SER C 39 13.10 59.72 24.34
N ASP C 40 12.91 60.87 24.96
CA ASP C 40 14.02 61.73 25.36
C ASP C 40 14.85 61.07 26.47
N ALA C 41 14.35 59.97 26.99
CA ALA C 41 15.02 59.24 28.06
C ALA C 41 16.28 58.56 27.56
N ALA C 42 16.83 57.68 28.38
CA ALA C 42 18.08 57.02 28.05
C ALA C 42 17.98 55.50 28.10
N SER C 43 16.75 54.98 28.08
CA SER C 43 16.55 53.54 28.16
C SER C 43 15.93 53.00 26.87
N GLN C 44 15.03 53.78 26.27
CA GLN C 44 14.29 53.38 25.09
C GLN C 44 13.67 52.01 25.26
N ARG C 45 13.04 51.82 26.41
CA ARG C 45 12.39 50.57 26.76
C ARG C 45 11.16 50.78 27.59
N MET C 46 10.73 49.70 28.22
CA MET C 46 9.64 49.73 29.15
C MET C 46 10.21 49.54 30.55
N GLU C 47 10.01 50.55 31.39
CA GLU C 47 10.54 50.55 32.73
C GLU C 47 9.43 50.23 33.71
N PRO C 48 9.75 49.51 34.79
CA PRO C 48 8.71 49.27 35.80
C PRO C 48 8.51 50.48 36.70
N ARG C 49 7.30 50.64 37.23
CA ARG C 49 6.99 51.74 38.12
C ARG C 49 6.17 51.27 39.32
N ALA C 50 5.47 50.15 39.16
CA ALA C 50 4.75 49.55 40.27
C ALA C 50 5.43 48.28 40.73
N PRO C 51 5.55 48.10 42.05
CA PRO C 51 6.16 46.89 42.60
C PRO C 51 5.29 45.62 42.42
N TRP C 52 4.79 45.38 41.21
CA TRP C 52 4.07 44.14 40.90
C TRP C 52 4.03 43.84 39.40
N ILE C 53 4.46 44.81 38.61
CA ILE C 53 4.75 44.62 37.20
C ILE C 53 5.96 43.73 37.08
N GLU C 54 6.75 43.69 38.13
CA GLU C 54 8.09 43.16 38.03
C GLU C 54 8.09 41.74 37.56
N GLN C 55 7.14 40.95 38.01
CA GLN C 55 7.25 39.53 37.81
C GLN C 55 7.30 39.03 36.37
N GLU C 56 6.48 39.56 35.48
CA GLU C 56 6.43 38.94 34.16
C GLU C 56 7.86 38.74 33.63
N GLY C 57 8.00 37.82 32.68
CA GLY C 57 9.30 37.50 32.12
C GLY C 57 9.95 38.63 31.32
N PRO C 58 11.18 38.40 30.85
CA PRO C 58 11.94 39.37 30.06
C PRO C 58 11.29 39.68 28.72
N GLU C 59 10.75 38.65 28.07
CA GLU C 59 10.20 38.88 26.75
C GLU C 59 8.81 39.48 26.86
N TYR C 60 8.26 39.55 28.05
CA TYR C 60 7.08 40.37 28.25
C TYR C 60 7.46 41.80 27.98
N TRP C 61 8.48 42.25 28.70
CA TRP C 61 8.92 43.64 28.68
C TRP C 61 9.27 44.13 27.27
N ASP C 62 9.97 43.30 26.51
CA ASP C 62 10.26 43.65 25.13
C ASP C 62 9.17 43.17 24.23
N GLY C 63 8.42 42.18 24.71
CA GLY C 63 7.16 41.88 24.09
C GLY C 63 6.33 43.14 24.13
N GLU C 64 6.73 44.13 24.93
CA GLU C 64 6.01 45.40 25.03
C GLU C 64 6.78 46.64 24.53
N THR C 65 8.10 46.58 24.45
CA THR C 65 8.85 47.73 23.94
C THR C 65 8.71 47.84 22.42
N ARG C 66 8.71 46.69 21.75
CA ARG C 66 8.58 46.63 20.29
C ARG C 66 7.28 47.23 19.78
N LYS C 67 6.35 47.47 20.69
CA LYS C 67 5.01 47.89 20.29
C LYS C 67 4.86 49.37 20.51
N VAL C 68 5.13 49.82 21.72
CA VAL C 68 5.09 51.24 22.00
C VAL C 68 6.09 51.92 21.07
N LYS C 69 7.10 51.17 20.67
CA LYS C 69 7.94 51.57 19.56
C LYS C 69 7.08 51.88 18.32
N ALA C 70 6.16 50.99 17.97
CA ALA C 70 5.42 51.10 16.70
C ALA C 70 4.20 52.00 16.84
N HIS C 71 3.73 52.13 18.08
CA HIS C 71 2.80 53.18 18.46
C HIS C 71 3.42 54.54 18.13
N SER C 72 4.64 54.74 18.61
CA SER C 72 5.36 55.99 18.45
C SER C 72 5.54 56.38 16.98
N GLN C 73 6.07 55.46 16.18
CA GLN C 73 6.42 55.73 14.79
C GLN C 73 5.18 56.02 13.92
N THR C 74 4.01 55.73 14.47
CA THR C 74 2.76 55.89 13.75
C THR C 74 2.29 57.30 13.85
N HIS C 75 2.43 57.84 15.04
CA HIS C 75 2.06 59.20 15.31
C HIS C 75 3.10 60.15 14.67
N ARG C 76 4.23 59.62 14.21
CA ARG C 76 5.12 60.40 13.33
C ARG C 76 4.31 60.71 12.07
N VAL C 77 3.65 59.70 11.51
CA VAL C 77 2.81 59.91 10.34
C VAL C 77 1.62 60.78 10.68
N ASP C 78 0.87 60.40 11.70
CA ASP C 78 -0.32 61.14 12.13
C ASP C 78 -0.03 62.63 12.26
N LEU C 79 0.96 62.96 13.07
CA LEU C 79 1.35 64.34 13.30
C LEU C 79 1.69 65.03 11.97
N GLY C 80 2.31 64.27 11.08
CA GLY C 80 2.67 64.78 9.76
C GLY C 80 1.68 64.38 8.70
N THR C 81 0.48 64.01 9.13
CA THR C 81 -0.61 63.70 8.21
C THR C 81 -1.68 64.75 8.37
N LEU C 82 -1.97 65.06 9.63
CA LEU C 82 -3.00 66.03 9.95
C LEU C 82 -2.78 67.35 9.23
N ARG C 83 -1.55 67.80 9.27
CA ARG C 83 -1.26 69.11 8.77
C ARG C 83 -1.80 69.13 7.35
N GLY C 84 -1.91 67.97 6.71
CA GLY C 84 -2.41 67.96 5.35
C GLY C 84 -3.79 68.59 5.35
N TYR C 85 -4.64 68.25 6.31
CA TYR C 85 -5.86 69.03 6.50
C TYR C 85 -5.47 70.47 6.74
N TYR C 86 -4.60 70.66 7.72
CA TYR C 86 -4.37 71.97 8.29
C TYR C 86 -3.73 72.96 7.33
N ASN C 87 -2.97 72.46 6.34
CA ASN C 87 -2.15 73.29 5.47
C ASN C 87 -1.39 74.28 6.33
N GLN C 88 -1.07 73.82 7.54
CA GLN C 88 -0.57 74.68 8.59
C GLN C 88 0.83 75.15 8.27
N SER C 89 1.35 75.94 9.19
CA SER C 89 2.78 76.07 9.28
C SER C 89 3.33 74.71 9.62
N GLU C 90 4.61 74.51 9.30
CA GLU C 90 5.34 73.41 9.86
C GLU C 90 6.53 74.00 10.60
N ALA C 91 6.26 75.11 11.28
CA ALA C 91 7.12 75.69 12.30
C ALA C 91 6.28 75.87 13.57
N GLY C 92 5.37 74.92 13.78
CA GLY C 92 4.48 74.93 14.94
C GLY C 92 4.41 73.59 15.66
N SER C 93 4.38 73.63 16.99
CA SER C 93 4.42 72.42 17.80
C SER C 93 3.00 71.91 18.11
N HIS C 94 2.51 70.96 17.31
CA HIS C 94 1.13 70.46 17.41
C HIS C 94 1.10 69.21 18.30
N THR C 95 -0.05 68.86 18.87
CA THR C 95 -0.12 67.75 19.82
C THR C 95 -1.22 66.72 19.52
N VAL C 96 -0.88 65.43 19.59
CA VAL C 96 -1.88 64.37 19.44
C VAL C 96 -1.84 63.37 20.61
N GLN C 97 -3.01 63.12 21.18
CA GLN C 97 -3.16 62.13 22.25
C GLN C 97 -4.10 60.99 21.84
N ARG C 98 -3.71 59.78 22.20
CA ARG C 98 -4.50 58.60 21.91
C ARG C 98 -5.07 58.06 23.21
N MET C 99 -6.18 57.36 23.11
CA MET C 99 -6.87 56.84 24.29
C MET C 99 -7.77 55.66 23.96
N TYR C 100 -7.32 54.46 24.31
CA TYR C 100 -8.12 53.25 24.17
C TYR C 100 -8.08 52.41 25.43
N GLY C 101 -9.20 51.80 25.78
CA GLY C 101 -9.21 51.00 26.98
C GLY C 101 -10.50 50.23 27.15
N CYS C 102 -10.62 49.56 28.29
CA CYS C 102 -11.81 48.79 28.58
C CYS C 102 -11.96 48.59 30.08
N ASP C 103 -13.22 48.50 30.52
CA ASP C 103 -13.51 48.30 31.93
C ASP C 103 -14.25 46.98 32.16
N VAL C 104 -14.45 46.64 33.43
CA VAL C 104 -15.04 45.37 33.82
C VAL C 104 -15.70 45.59 35.18
N GLY C 105 -16.94 45.14 35.40
CA GLY C 105 -17.61 45.34 36.67
C GLY C 105 -16.98 44.56 37.81
N SER C 106 -17.64 44.50 38.97
CA SER C 106 -17.16 43.64 40.06
C SER C 106 -17.45 42.18 39.71
N ASP C 107 -17.87 42.01 38.47
CA ASP C 107 -18.16 40.76 37.79
C ASP C 107 -16.87 40.08 37.37
N TRP C 108 -15.96 40.86 36.81
CA TRP C 108 -14.65 40.40 36.33
C TRP C 108 -14.84 39.96 34.94
N ARG C 109 -15.95 40.35 34.35
CA ARG C 109 -16.25 39.98 32.99
C ARG C 109 -16.46 41.32 32.33
N PHE C 110 -16.13 41.38 31.05
CA PHE C 110 -16.18 42.59 30.24
C PHE C 110 -17.48 43.41 30.39
N LEU C 111 -17.35 44.72 30.28
CA LEU C 111 -18.48 45.65 30.42
C LEU C 111 -18.54 46.71 29.33
N ARG C 112 -17.63 47.68 29.40
CA ARG C 112 -17.55 48.77 28.44
C ARG C 112 -16.18 48.78 27.78
N GLY C 113 -16.05 49.50 26.67
CA GLY C 113 -14.78 49.61 25.96
C GLY C 113 -14.58 50.97 25.31
N TYR C 114 -13.37 51.52 25.44
CA TYR C 114 -13.09 52.89 24.97
C TYR C 114 -12.02 52.94 23.87
N HIS C 115 -12.13 53.93 22.98
CA HIS C 115 -11.07 54.21 22.00
C HIS C 115 -11.25 55.57 21.32
N GLN C 116 -10.51 56.58 21.78
CA GLN C 116 -10.60 57.92 21.23
C GLN C 116 -9.24 58.59 20.99
N TYR C 117 -9.13 59.29 19.86
CA TYR C 117 -8.01 60.18 19.60
C TYR C 117 -8.39 61.62 19.83
N ALA C 118 -7.38 62.44 20.05
CA ALA C 118 -7.61 63.87 20.06
C ALA C 118 -6.41 64.59 19.52
N TYR C 119 -6.68 65.81 19.07
CA TYR C 119 -5.64 66.75 18.64
C TYR C 119 -6.05 68.16 19.15
N ASP C 120 -5.05 69.02 19.37
CA ASP C 120 -5.20 70.31 20.06
C ASP C 120 -5.81 70.25 21.47
N GLY C 121 -5.96 69.05 22.04
CA GLY C 121 -6.64 68.96 23.32
C GLY C 121 -8.16 68.95 23.21
N LYS C 122 -8.67 69.01 21.98
CA LYS C 122 -10.10 68.83 21.78
C LYS C 122 -10.37 67.56 20.98
N ASP C 123 -11.59 67.05 21.05
CA ASP C 123 -11.93 65.75 20.50
C ASP C 123 -11.68 65.64 19.00
N TYR C 124 -11.03 64.55 18.62
CA TYR C 124 -10.76 64.24 17.23
C TYR C 124 -11.71 63.13 16.77
N ILE C 125 -11.30 61.89 17.00
CA ILE C 125 -12.13 60.74 16.64
C ILE C 125 -12.28 59.83 17.86
N ALA C 126 -13.38 59.09 17.91
CA ALA C 126 -13.65 58.22 19.04
C ALA C 126 -14.47 57.00 18.62
N LEU C 127 -14.50 55.99 19.49
CA LEU C 127 -15.29 54.78 19.27
C LEU C 127 -16.38 54.66 20.33
N LYS C 128 -17.64 54.62 19.88
CA LYS C 128 -18.82 54.65 20.77
C LYS C 128 -18.89 53.39 21.65
N GLU C 129 -19.91 53.31 22.51
CA GLU C 129 -20.19 52.14 23.35
C GLU C 129 -20.03 50.87 22.56
N ASP C 130 -20.68 50.89 21.41
CA ASP C 130 -20.72 49.87 20.37
C ASP C 130 -19.51 49.91 19.52
N LEU C 131 -19.13 48.77 18.94
CA LEU C 131 -17.90 48.73 18.17
C LEU C 131 -18.16 48.54 16.67
N ARG C 132 -19.19 49.22 16.17
CA ARG C 132 -19.49 49.29 14.75
C ARG C 132 -18.86 50.54 14.19
N SER C 133 -18.85 51.53 15.06
CA SER C 133 -18.98 52.90 14.63
C SER C 133 -18.23 53.91 15.50
N TRP C 134 -17.82 54.98 14.83
CA TRP C 134 -16.93 55.94 15.43
C TRP C 134 -17.59 57.27 15.75
N THR C 135 -16.77 58.20 16.24
CA THR C 135 -17.25 59.54 16.52
C THR C 135 -16.50 60.56 15.67
N ALA C 136 -17.23 61.30 14.85
CA ALA C 136 -16.62 62.37 14.06
C ALA C 136 -16.78 63.70 14.77
N ALA C 137 -15.69 64.45 14.89
CA ALA C 137 -15.75 65.78 15.49
C ALA C 137 -15.92 66.83 14.41
N ASP C 138 -15.00 66.83 13.46
CA ASP C 138 -15.03 67.76 12.34
C ASP C 138 -14.87 67.00 11.02
N MET C 139 -14.41 67.68 9.97
CA MET C 139 -14.27 67.07 8.65
C MET C 139 -12.88 66.44 8.49
N ALA C 140 -11.95 66.93 9.27
CA ALA C 140 -10.61 66.35 9.27
C ALA C 140 -10.61 65.00 9.97
N ALA C 141 -10.97 65.03 11.26
CA ALA C 141 -11.19 63.80 12.02
C ALA C 141 -12.12 62.89 11.24
N GLN C 142 -13.00 63.51 10.46
CA GLN C 142 -13.99 62.80 9.65
C GLN C 142 -13.44 61.94 8.52
N THR C 143 -12.43 62.43 7.83
CA THR C 143 -11.92 61.69 6.69
C THR C 143 -11.40 60.36 7.20
N THR C 144 -10.76 60.41 8.33
CA THR C 144 -10.02 59.29 8.74
C THR C 144 -10.98 58.14 8.66
N LYS C 145 -12.26 58.37 8.91
CA LYS C 145 -13.14 57.30 9.27
C LYS C 145 -13.16 56.23 8.22
N HIS C 146 -13.19 56.64 6.96
CA HIS C 146 -13.46 55.65 5.95
C HIS C 146 -12.41 54.56 5.97
N LYS C 147 -11.15 54.92 6.04
CA LYS C 147 -10.16 53.87 5.89
C LYS C 147 -10.16 53.04 7.17
N TRP C 148 -10.82 53.56 8.20
CA TRP C 148 -11.20 52.73 9.32
C TRP C 148 -12.59 52.15 8.98
N GLU C 149 -13.19 52.64 7.89
CA GLU C 149 -14.46 52.06 7.45
C GLU C 149 -14.51 51.35 6.08
N ALA C 150 -13.44 51.38 5.31
CA ALA C 150 -13.29 50.53 4.15
C ALA C 150 -12.25 49.43 4.33
N ALA C 151 -11.31 49.65 5.23
CA ALA C 151 -10.35 48.59 5.54
C ALA C 151 -10.91 47.79 6.69
N HIS C 152 -11.76 48.30 7.58
CA HIS C 152 -12.27 47.47 8.73
C HIS C 152 -11.39 47.30 10.04
N VAL C 153 -10.30 48.05 10.01
CA VAL C 153 -9.30 47.97 11.05
C VAL C 153 -10.01 48.31 12.33
N ALA C 154 -10.96 49.21 12.24
CA ALA C 154 -11.75 49.57 13.38
C ALA C 154 -12.43 48.31 13.83
N GLU C 155 -12.80 47.46 12.89
CA GLU C 155 -13.64 46.36 13.24
C GLU C 155 -12.92 45.53 14.25
N GLN C 156 -11.63 45.26 14.05
CA GLN C 156 -10.99 44.29 15.02
C GLN C 156 -10.83 44.55 16.59
N LEU C 157 -10.27 45.67 16.98
CA LEU C 157 -10.24 46.23 18.32
C LEU C 157 -11.27 45.50 19.14
N ARG C 158 -12.34 45.06 18.47
CA ARG C 158 -13.41 44.33 19.13
C ARG C 158 -12.89 42.98 19.62
N ALA C 159 -12.01 42.37 18.85
CA ALA C 159 -11.42 41.10 19.25
C ALA C 159 -10.54 41.28 20.47
N TYR C 160 -9.89 42.44 20.55
CA TYR C 160 -8.85 42.68 21.53
C TYR C 160 -9.37 43.31 22.83
N LEU C 161 -10.27 44.27 22.71
CA LEU C 161 -10.77 45.00 23.88
C LEU C 161 -11.56 44.11 24.84
N GLU C 162 -12.67 43.55 24.38
CA GLU C 162 -13.50 42.69 25.21
C GLU C 162 -12.92 41.27 25.30
N GLY C 163 -11.79 41.06 24.62
CA GLY C 163 -11.16 39.75 24.55
C GLY C 163 -9.76 39.67 25.12
N THR C 164 -8.81 40.38 24.51
CA THR C 164 -7.42 40.33 24.96
C THR C 164 -7.20 41.20 26.19
N CYS C 165 -7.81 42.38 26.17
CA CYS C 165 -7.58 43.36 27.23
C CYS C 165 -7.89 42.88 28.64
N VAL C 166 -9.09 42.35 28.82
CA VAL C 166 -9.58 42.01 30.16
C VAL C 166 -8.75 40.89 30.82
N GLU C 167 -8.31 39.90 30.04
CA GLU C 167 -7.55 38.79 30.62
C GLU C 167 -6.21 39.33 31.07
N TRP C 168 -5.73 40.36 30.37
CA TRP C 168 -4.55 41.06 30.83
C TRP C 168 -4.83 41.73 32.17
N LEU C 169 -6.05 42.23 32.32
CA LEU C 169 -6.39 42.93 33.55
C LEU C 169 -6.37 42.01 34.77
N ARG C 170 -6.88 40.80 34.64
CA ARG C 170 -6.82 39.88 35.77
C ARG C 170 -5.50 39.12 35.78
N ARG C 171 -4.75 39.18 34.69
CA ARG C 171 -3.39 38.71 34.80
C ARG C 171 -2.73 39.65 35.78
N TYR C 172 -3.12 40.92 35.70
CA TYR C 172 -2.60 41.98 36.58
C TYR C 172 -3.19 41.95 37.98
N LEU C 173 -4.51 41.90 38.05
CA LEU C 173 -5.21 41.99 39.33
C LEU C 173 -4.87 40.84 40.26
N GLU C 174 -4.62 39.65 39.69
CA GLU C 174 -4.53 38.43 40.50
C GLU C 174 -3.34 38.47 41.40
N ASN C 175 -2.26 39.00 40.86
CA ASN C 175 -1.07 39.13 41.65
C ASN C 175 -0.87 40.58 42.01
N GLY C 176 -1.92 41.36 41.85
CA GLY C 176 -1.93 42.76 42.25
C GLY C 176 -2.70 42.99 43.53
N LYS C 177 -2.94 41.91 44.27
CA LYS C 177 -4.02 41.86 45.23
C LYS C 177 -3.91 42.88 46.33
N GLU C 178 -2.74 43.07 46.93
CA GLU C 178 -2.71 44.03 48.02
C GLU C 178 -2.69 45.48 47.54
N THR C 179 -1.95 45.75 46.46
CA THR C 179 -1.77 47.13 46.01
C THR C 179 -2.61 47.47 44.79
N LEU C 180 -3.63 46.67 44.53
CA LEU C 180 -4.55 46.95 43.44
C LEU C 180 -6.00 46.90 43.89
N GLN C 181 -6.34 46.14 44.93
CA GLN C 181 -7.79 45.95 45.12
C GLN C 181 -8.27 45.96 46.59
N ARG C 182 -7.79 46.92 47.35
CA ARG C 182 -8.29 47.04 48.69
C ARG C 182 -8.93 48.44 48.85
N THR C 183 -9.70 48.60 49.91
CA THR C 183 -10.45 49.84 50.15
C THR C 183 -9.87 50.72 51.26
N ASP C 184 -9.24 51.83 50.88
CA ASP C 184 -8.58 52.71 51.85
C ASP C 184 -9.60 53.71 52.39
N ALA C 185 -9.88 53.60 53.69
CA ALA C 185 -10.83 54.47 54.36
C ALA C 185 -10.20 55.82 54.68
N PRO C 186 -10.79 56.89 54.15
CA PRO C 186 -10.31 58.27 54.30
C PRO C 186 -10.50 58.73 55.72
N LYS C 187 -9.50 59.36 56.33
CA LYS C 187 -9.69 59.91 57.66
C LYS C 187 -10.06 61.37 57.51
N THR C 188 -10.76 61.92 58.50
CA THR C 188 -11.35 63.25 58.36
C THR C 188 -11.04 64.19 59.52
N HIS C 189 -10.86 65.46 59.19
CA HIS C 189 -10.76 66.53 60.17
C HIS C 189 -11.42 67.78 59.61
N MET C 190 -11.42 68.84 60.40
CA MET C 190 -12.12 70.07 60.05
C MET C 190 -11.50 71.22 60.83
N THR C 191 -11.47 72.42 60.25
CA THR C 191 -10.68 73.49 60.85
C THR C 191 -11.32 74.86 60.77
N HIS C 192 -10.78 75.81 61.54
CA HIS C 192 -11.37 77.17 61.58
C HIS C 192 -10.46 78.33 62.03
N HIS C 193 -10.59 79.43 61.26
CA HIS C 193 -9.60 80.51 61.12
C HIS C 193 -10.15 81.88 60.68
N ALA C 194 -9.25 82.88 60.64
CA ALA C 194 -9.57 84.24 60.19
C ALA C 194 -10.73 84.86 60.96
N ALA C 200 -16.01 83.36 59.32
CA ALA C 200 -15.02 82.29 59.42
C ALA C 200 -15.18 81.28 58.30
N THR C 201 -14.14 80.50 58.07
CA THR C 201 -14.16 79.54 56.97
C THR C 201 -14.03 78.10 57.51
N LEU C 202 -14.84 77.22 56.96
CA LEU C 202 -14.86 75.82 57.35
C LEU C 202 -14.77 74.95 56.10
N ARG C 203 -13.97 73.90 56.22
CA ARG C 203 -13.69 72.89 55.21
C ARG C 203 -13.43 71.63 56.05
N CYS C 204 -13.88 70.45 55.61
CA CYS C 204 -13.48 69.24 56.33
C CYS C 204 -12.62 68.40 55.39
N TRP C 205 -11.38 68.12 55.79
CA TRP C 205 -10.43 67.44 54.90
C TRP C 205 -10.61 65.91 54.83
N ALA C 206 -10.25 65.32 53.69
CA ALA C 206 -10.17 63.86 53.59
C ALA C 206 -8.75 63.47 53.25
N LEU C 207 -8.34 62.42 53.96
CA LEU C 207 -7.00 61.89 54.11
C LEU C 207 -6.71 60.58 53.37
N SER C 208 -5.68 60.54 52.51
CA SER C 208 -5.03 59.28 52.12
C SER C 208 -5.92 58.10 51.65
N PHE C 209 -6.70 58.30 50.61
CA PHE C 209 -7.81 57.42 50.24
C PHE C 209 -7.63 56.88 48.83
N TYR C 210 -8.03 55.62 48.61
CA TYR C 210 -7.97 55.04 47.28
C TYR C 210 -9.24 54.26 47.02
N PRO C 211 -9.78 54.32 45.79
CA PRO C 211 -9.21 55.12 44.70
C PRO C 211 -9.73 56.55 44.56
N ALA C 212 -9.26 57.17 43.47
CA ALA C 212 -9.47 58.57 43.09
C ALA C 212 -10.80 59.23 43.38
N GLU C 213 -11.88 58.67 42.86
CA GLU C 213 -13.17 59.34 42.93
C GLU C 213 -13.79 59.33 44.32
N ILE C 214 -13.92 60.55 44.88
CA ILE C 214 -14.75 60.80 46.05
C ILE C 214 -15.48 62.10 45.81
N THR C 215 -16.61 62.28 46.48
CA THR C 215 -17.21 63.60 46.56
C THR C 215 -17.66 63.88 47.98
N LEU C 216 -17.22 65.02 48.49
CA LEU C 216 -17.61 65.53 49.78
C LEU C 216 -18.44 66.78 49.57
N THR C 217 -19.42 67.03 50.45
CA THR C 217 -20.21 68.25 50.35
C THR C 217 -20.88 68.62 51.67
N TRP C 218 -21.39 69.88 51.75
CA TRP C 218 -22.07 70.43 52.94
C TRP C 218 -23.51 70.89 52.63
N GLN C 219 -24.21 71.55 53.56
CA GLN C 219 -25.64 71.78 53.33
C GLN C 219 -26.40 72.77 54.22
N ARG C 220 -27.71 72.84 53.96
CA ARG C 220 -28.62 73.79 54.59
C ARG C 220 -28.74 73.54 56.08
N ASP C 221 -28.76 74.60 56.88
CA ASP C 221 -28.86 74.45 58.32
C ASP C 221 -30.21 73.89 58.70
N ASP C 228 -21.12 79.67 45.83
CA ASP C 228 -20.40 80.31 46.94
C ASP C 228 -19.63 79.30 47.78
N THR C 229 -19.03 78.31 47.12
CA THR C 229 -18.25 77.29 47.81
C THR C 229 -16.98 76.97 47.03
N GLU C 230 -15.85 76.96 47.74
CA GLU C 230 -14.58 76.66 47.11
C GLU C 230 -14.15 75.21 47.39
N LEU C 231 -13.78 74.49 46.34
CA LEU C 231 -13.10 73.21 46.51
C LEU C 231 -12.13 72.96 45.37
N VAL C 232 -11.52 71.78 45.38
CA VAL C 232 -10.31 71.56 44.60
C VAL C 232 -10.27 70.21 43.90
N GLU C 233 -9.68 70.19 42.70
CA GLU C 233 -9.38 68.94 41.98
C GLU C 233 -8.66 67.96 42.90
N THR C 234 -8.92 66.67 42.71
CA THR C 234 -8.26 65.65 43.53
C THR C 234 -6.76 65.83 43.42
N ARG C 235 -6.06 65.69 44.53
CA ARG C 235 -4.61 65.79 44.54
C ARG C 235 -4.01 64.43 44.84
N PRO C 236 -2.99 64.02 44.07
CA PRO C 236 -2.28 62.78 44.34
C PRO C 236 -1.20 63.00 45.41
N ALA C 237 -1.01 62.02 46.28
CA ALA C 237 0.00 62.15 47.33
C ALA C 237 1.33 61.61 46.85
N GLY C 238 1.32 60.39 46.35
CA GLY C 238 2.54 59.72 45.92
C GLY C 238 2.63 58.36 46.60
N ASP C 239 1.77 58.16 47.60
CA ASP C 239 1.69 56.89 48.28
C ASP C 239 0.69 55.98 47.58
N GLY C 240 0.14 56.46 46.47
CA GLY C 240 -0.97 55.78 45.81
C GLY C 240 -2.27 56.14 46.51
N THR C 241 -2.23 57.22 47.28
CA THR C 241 -3.42 57.72 47.97
C THR C 241 -3.81 59.07 47.36
N PHE C 242 -4.71 59.81 48.00
CA PHE C 242 -5.17 61.07 47.41
C PHE C 242 -5.65 62.15 48.39
N GLN C 243 -6.14 63.25 47.83
CA GLN C 243 -6.49 64.46 48.58
C GLN C 243 -7.83 65.07 48.16
N LYS C 244 -8.42 65.88 49.06
CA LYS C 244 -9.43 66.90 48.72
C LYS C 244 -9.91 67.67 49.96
N TRP C 245 -10.32 68.92 49.75
CA TRP C 245 -10.90 69.77 50.80
C TRP C 245 -12.02 70.68 50.26
N ALA C 246 -12.87 71.20 51.15
CA ALA C 246 -14.10 71.87 50.72
C ALA C 246 -14.39 73.21 51.39
N ALA C 247 -13.76 74.28 50.90
CA ALA C 247 -13.92 75.61 51.50
C ALA C 247 -15.35 76.11 51.44
N VAL C 248 -15.97 76.23 52.61
CA VAL C 248 -17.33 76.70 52.72
C VAL C 248 -17.40 77.86 53.75
N VAL C 249 -18.20 78.87 53.42
CA VAL C 249 -18.26 80.12 54.20
C VAL C 249 -19.38 80.14 55.23
N VAL C 250 -19.03 80.39 56.49
CA VAL C 250 -20.03 80.51 57.56
C VAL C 250 -19.62 81.57 58.60
N GLY C 253 -19.86 82.89 61.90
CA GLY C 253 -19.72 83.22 63.31
C GLY C 253 -20.27 82.13 64.23
N GLN C 254 -21.60 82.13 64.38
CA GLN C 254 -22.32 81.17 65.22
C GLN C 254 -21.78 79.74 65.10
N GLU C 255 -21.57 79.32 63.85
CA GLU C 255 -20.74 78.15 63.56
C GLU C 255 -21.13 76.80 64.16
N GLN C 256 -22.34 76.34 63.88
CA GLN C 256 -22.62 74.91 63.93
C GLN C 256 -22.83 74.51 62.49
N ARG C 257 -23.57 75.36 61.79
CA ARG C 257 -23.59 75.39 60.32
C ARG C 257 -23.94 74.10 59.60
N TYR C 258 -23.14 73.78 58.60
CA TYR C 258 -23.44 72.68 57.70
C TYR C 258 -22.70 71.39 58.10
N THR C 259 -22.98 70.31 57.37
CA THR C 259 -22.47 68.98 57.68
C THR C 259 -21.69 68.42 56.50
N CYS C 260 -20.54 67.79 56.72
CA CYS C 260 -19.84 67.25 55.56
C CYS C 260 -20.29 65.84 55.22
N HIS C 261 -20.70 65.69 53.96
CA HIS C 261 -21.15 64.42 53.42
C HIS C 261 -20.01 63.71 52.71
N VAL C 262 -19.40 62.76 53.43
CA VAL C 262 -18.25 62.03 52.96
C VAL C 262 -18.57 60.56 52.67
N GLN C 263 -18.54 60.12 51.43
CA GLN C 263 -18.74 58.70 51.20
C GLN C 263 -17.97 58.20 49.99
N HIS C 264 -17.43 57.00 50.14
CA HIS C 264 -16.82 56.30 49.04
C HIS C 264 -16.71 54.84 49.42
N GLU C 265 -16.36 54.00 48.49
CA GLU C 265 -16.54 52.57 48.64
C GLU C 265 -15.85 52.09 49.90
N GLY C 266 -14.77 52.72 50.28
CA GLY C 266 -13.99 52.25 51.42
C GLY C 266 -14.80 52.24 52.70
N LEU C 267 -15.65 53.24 52.83
CA LEU C 267 -16.39 53.51 54.04
C LEU C 267 -17.68 52.69 54.09
N PRO C 268 -18.06 52.23 55.28
CA PRO C 268 -19.30 51.47 55.44
C PRO C 268 -20.50 52.22 54.86
N LYS C 269 -20.72 53.44 55.32
CA LYS C 269 -21.72 54.32 54.73
C LYS C 269 -21.42 55.78 55.11
N PRO C 270 -21.81 56.73 54.25
CA PRO C 270 -21.48 58.16 54.34
C PRO C 270 -21.40 58.74 55.74
N LEU C 271 -20.20 59.20 56.11
CA LEU C 271 -20.02 59.86 57.39
C LEU C 271 -20.61 61.27 57.38
N THR C 272 -21.24 61.59 58.51
CA THR C 272 -21.73 62.92 58.83
C THR C 272 -21.01 63.43 60.06
N LEU C 273 -20.18 64.46 59.94
CA LEU C 273 -19.75 65.12 61.16
C LEU C 273 -19.58 66.63 61.00
N ARG C 274 -20.52 67.36 61.62
CA ARG C 274 -20.53 68.81 61.79
C ARG C 274 -19.61 69.20 62.95
N TRP C 275 -19.47 68.27 63.88
CA TRP C 275 -18.49 68.34 64.95
C TRP C 275 -18.42 66.96 65.61
N GLN D 3 -5.86 75.81 24.50
CA GLN D 3 -5.41 77.12 24.90
C GLN D 3 -5.83 77.38 26.33
N ARG D 4 -5.82 76.34 27.13
CA ARG D 4 -6.24 76.47 28.52
C ARG D 4 -5.07 76.25 29.45
N THR D 5 -4.95 77.18 30.38
CA THR D 5 -3.76 77.31 31.20
C THR D 5 -4.01 76.88 32.61
N PRO D 6 -2.98 76.28 33.18
CA PRO D 6 -3.20 75.38 34.32
C PRO D 6 -3.44 76.13 35.61
N LYS D 7 -4.19 75.52 36.51
CA LYS D 7 -4.23 76.00 37.87
C LYS D 7 -3.19 75.21 38.65
N ILE D 8 -2.60 75.86 39.63
CA ILE D 8 -1.60 75.23 40.45
C ILE D 8 -2.07 75.21 41.88
N GLN D 9 -1.58 74.24 42.63
CA GLN D 9 -1.88 74.15 44.03
C GLN D 9 -0.75 73.43 44.76
N VAL D 10 -0.34 73.97 45.89
CA VAL D 10 0.82 73.45 46.61
C VAL D 10 0.43 72.88 47.96
N TYR D 11 1.08 71.79 48.36
CA TYR D 11 0.71 71.09 49.57
C TYR D 11 1.82 70.16 50.05
N SER D 12 1.47 69.28 50.98
CA SER D 12 2.42 68.34 51.53
C SER D 12 1.95 66.89 51.47
N ARG D 13 2.89 65.97 51.68
CA ARG D 13 2.62 64.54 51.64
C ARG D 13 1.96 64.06 52.93
N HIS D 14 2.65 64.31 54.04
CA HIS D 14 2.11 64.00 55.36
C HIS D 14 1.94 65.34 56.10
N PRO D 15 1.35 65.35 57.30
CA PRO D 15 0.95 66.68 57.78
C PRO D 15 2.05 67.47 58.52
N ASN D 18 9.14 71.33 64.77
CA ASN D 18 8.36 70.53 63.82
C ASN D 18 9.10 70.29 62.51
N GLY D 19 9.98 69.31 62.52
CA GLY D 19 10.65 68.84 61.32
C GLY D 19 10.55 67.32 61.26
N LYS D 20 10.43 66.78 60.05
CA LYS D 20 10.32 65.35 59.86
C LYS D 20 10.28 64.99 58.38
N SER D 21 10.10 63.71 58.08
CA SER D 21 10.07 63.25 56.69
C SER D 21 8.79 63.67 55.99
N ASN D 22 8.83 64.82 55.32
CA ASN D 22 7.67 65.28 54.56
C ASN D 22 8.03 65.95 53.24
N PHE D 23 7.46 65.45 52.16
CA PHE D 23 7.86 65.86 50.84
C PHE D 23 6.92 66.97 50.38
N LEU D 24 7.47 68.04 49.81
CA LEU D 24 6.64 69.09 49.23
C LEU D 24 6.23 68.68 47.83
N ASN D 25 5.11 69.22 47.35
CA ASN D 25 4.59 68.80 46.07
C ASN D 25 4.03 69.96 45.25
N CYS D 26 4.21 69.87 43.94
CA CYS D 26 3.53 70.77 43.01
C CYS D 26 2.77 69.96 41.98
N TYR D 27 1.56 70.41 41.67
CA TYR D 27 0.65 69.68 40.81
C TYR D 27 -0.07 70.64 39.86
N VAL D 28 0.12 70.42 38.55
CA VAL D 28 -0.46 71.30 37.54
C VAL D 28 -1.50 70.59 36.69
N SER D 29 -2.63 71.26 36.43
CA SER D 29 -3.70 70.65 35.65
C SER D 29 -4.58 71.68 34.94
N GLY D 30 -5.24 71.23 33.87
CA GLY D 30 -6.16 72.07 33.13
C GLY D 30 -5.49 72.92 32.07
N PHE D 31 -4.28 72.52 31.67
CA PHE D 31 -3.50 73.26 30.68
C PHE D 31 -3.41 72.58 29.34
N HIS D 32 -3.11 73.36 28.31
CA HIS D 32 -2.52 72.89 27.04
C HIS D 32 -2.15 74.03 26.09
N PRO D 33 -1.20 73.79 25.16
CA PRO D 33 -0.30 72.64 24.94
C PRO D 33 0.54 72.20 26.15
N SER D 34 1.12 71.01 26.03
CA SER D 34 1.57 70.21 27.17
C SER D 34 2.77 70.75 27.95
N ASP D 35 3.95 70.74 27.32
CA ASP D 35 5.20 70.99 28.04
C ASP D 35 5.15 72.30 28.80
N ILE D 36 5.80 72.30 29.97
CA ILE D 36 5.68 73.42 30.89
C ILE D 36 6.81 73.37 31.91
N GLU D 37 7.37 74.55 32.21
CA GLU D 37 8.51 74.61 33.10
C GLU D 37 8.07 74.94 34.51
N VAL D 38 7.85 73.89 35.29
CA VAL D 38 7.50 74.04 36.69
C VAL D 38 8.76 73.89 37.54
N ASP D 39 9.11 74.95 38.26
CA ASP D 39 10.28 74.92 39.13
C ASP D 39 9.84 74.73 40.59
N LEU D 40 10.76 74.30 41.46
CA LEU D 40 10.58 74.42 42.92
C LEU D 40 11.60 75.45 43.41
N LEU D 41 11.15 76.52 44.10
CA LEU D 41 11.98 77.63 44.63
C LEU D 41 11.83 77.50 46.15
N LYS D 42 12.88 77.77 46.93
CA LYS D 42 12.85 77.77 48.41
C LYS D 42 13.74 78.93 48.82
N ASN D 43 13.68 79.36 50.07
CA ASN D 43 14.35 80.59 50.34
C ASN D 43 13.73 81.39 49.23
N GLY D 44 14.55 81.99 48.38
CA GLY D 44 14.04 82.64 47.20
C GLY D 44 14.51 82.10 45.85
N GLU D 45 15.23 80.99 45.86
CA GLU D 45 15.80 80.48 44.61
C GLU D 45 15.71 78.97 44.49
N ARG D 46 15.71 78.42 43.28
CA ARG D 46 15.41 77.02 43.18
C ARG D 46 16.36 76.11 43.93
N ILE D 47 15.77 75.13 44.60
CA ILE D 47 16.51 74.00 45.14
C ILE D 47 16.83 73.12 43.97
N GLU D 48 17.85 72.30 44.12
CA GLU D 48 18.26 71.39 43.04
C GLU D 48 17.52 70.10 42.62
N LYS D 49 17.09 69.28 43.58
CA LYS D 49 17.00 67.82 43.39
C LYS D 49 15.71 67.00 43.09
N VAL D 50 14.61 67.63 42.71
CA VAL D 50 13.33 66.90 42.55
C VAL D 50 13.20 65.83 41.45
N GLU D 51 12.42 64.78 41.71
CA GLU D 51 12.02 63.81 40.70
C GLU D 51 10.67 64.20 40.08
N HIS D 52 10.20 63.39 39.14
CA HIS D 52 9.00 63.79 38.45
C HIS D 52 8.03 62.70 38.03
N SER D 53 6.80 63.15 37.95
CA SER D 53 5.65 62.39 37.51
C SER D 53 5.71 62.29 36.01
N ASP D 54 4.83 61.50 35.39
CA ASP D 54 4.86 61.32 33.93
C ASP D 54 3.56 61.76 33.25
N LEU D 55 3.65 62.27 32.02
CA LEU D 55 2.55 62.99 31.42
C LEU D 55 1.33 62.10 31.17
N SER D 56 0.13 62.67 31.30
CA SER D 56 -1.10 61.87 31.18
C SER D 56 -2.34 62.62 30.68
N PHE D 57 -2.98 62.08 29.64
CA PHE D 57 -4.21 62.66 29.10
C PHE D 57 -5.31 62.67 30.15
N SER D 58 -6.40 63.37 29.87
CA SER D 58 -7.49 63.46 30.84
C SER D 58 -8.85 63.13 30.24
N LYS D 59 -9.88 63.28 31.08
CA LYS D 59 -11.26 63.34 30.64
C LYS D 59 -11.40 64.46 29.62
N ASP D 60 -11.02 65.66 30.07
CA ASP D 60 -11.15 66.89 29.31
C ASP D 60 -10.05 67.04 28.24
N TRP D 61 -9.16 66.05 28.18
CA TRP D 61 -7.92 66.13 27.41
C TRP D 61 -7.02 67.25 27.95
N SER D 62 -6.86 67.27 29.27
CA SER D 62 -6.08 68.30 29.96
C SER D 62 -5.09 67.67 30.92
N PHE D 63 -3.81 67.70 30.58
CA PHE D 63 -2.82 66.86 31.25
C PHE D 63 -2.53 67.30 32.67
N TYR D 64 -1.69 66.54 33.36
CA TYR D 64 -1.45 66.74 34.78
C TYR D 64 -0.16 66.08 35.27
N LEU D 65 0.71 66.87 35.89
CA LEU D 65 2.00 66.39 36.37
C LEU D 65 2.21 66.70 37.84
N LEU D 66 2.91 65.81 38.55
CA LEU D 66 3.24 66.07 39.95
C LEU D 66 4.74 65.97 40.25
N TYR D 67 5.31 67.06 40.76
CA TYR D 67 6.69 67.08 41.23
C TYR D 67 6.73 66.97 42.75
N TYR D 68 7.83 66.46 43.28
CA TYR D 68 7.98 66.32 44.72
C TYR D 68 9.44 66.20 45.18
N THR D 69 9.67 66.58 46.44
CA THR D 69 11.00 66.56 47.07
C THR D 69 11.14 65.39 48.05
N GLU D 70 12.08 65.50 48.97
CA GLU D 70 11.91 64.90 50.29
C GLU D 70 12.43 65.98 51.22
N PHE D 71 11.51 66.58 51.96
CA PHE D 71 11.84 67.76 52.77
C PHE D 71 11.57 67.55 54.26
N THR D 72 11.94 68.55 55.04
CA THR D 72 11.59 68.60 56.44
C THR D 72 11.20 70.03 56.79
N PRO D 73 9.98 70.20 57.30
CA PRO D 73 9.40 71.52 57.53
C PRO D 73 10.25 72.42 58.44
N THR D 74 10.21 73.70 58.13
CA THR D 74 10.77 74.74 58.98
C THR D 74 9.72 75.83 59.05
N GLU D 75 9.85 76.75 60.00
CA GLU D 75 8.84 77.78 60.15
C GLU D 75 9.38 79.17 59.86
N LYS D 76 10.71 79.27 59.76
CA LYS D 76 11.30 80.51 59.29
C LYS D 76 11.32 80.49 57.77
N ASP D 77 11.10 79.32 57.19
CA ASP D 77 11.15 79.13 55.75
C ASP D 77 9.80 78.67 55.14
N GLU D 78 9.26 79.46 54.21
CA GLU D 78 8.17 79.10 53.27
C GLU D 78 8.74 79.06 51.82
N TYR D 79 8.50 77.95 51.11
CA TYR D 79 9.07 77.66 49.76
C TYR D 79 7.88 77.57 48.78
N ALA D 80 7.95 78.23 47.61
CA ALA D 80 6.85 78.39 46.63
C ALA D 80 7.34 77.97 45.23
N CYS D 81 6.48 77.71 44.23
CA CYS D 81 7.08 76.98 43.10
C CYS D 81 6.86 77.62 41.72
N ARG D 82 7.95 78.14 41.15
CA ARG D 82 7.92 78.87 39.88
C ARG D 82 7.34 78.02 38.76
N VAL D 83 6.29 78.54 38.13
CA VAL D 83 5.62 77.87 37.03
C VAL D 83 5.36 78.87 35.92
N ASN D 84 5.64 78.44 34.70
CA ASN D 84 5.50 79.29 33.52
C ASN D 84 5.02 78.39 32.38
N HIS D 85 4.20 78.94 31.49
CA HIS D 85 3.63 78.16 30.39
C HIS D 85 3.39 79.04 29.19
N VAL D 86 3.24 78.42 28.03
CA VAL D 86 3.01 79.12 26.78
C VAL D 86 1.76 79.99 26.87
N THR D 87 0.78 79.52 27.65
CA THR D 87 -0.47 80.22 27.88
C THR D 87 -0.20 81.48 28.70
N LEU D 88 0.78 81.36 29.60
CA LEU D 88 0.87 82.24 30.76
C LEU D 88 1.38 83.65 30.50
N SER D 89 0.92 84.59 31.32
CA SER D 89 1.37 85.96 31.24
C SER D 89 2.50 86.18 32.25
N GLN D 90 2.41 85.51 33.40
CA GLN D 90 3.42 85.68 34.44
C GLN D 90 4.17 84.37 34.66
N PRO D 91 5.40 84.48 35.17
CA PRO D 91 5.94 83.31 35.86
C PRO D 91 5.26 83.19 37.23
N LYS D 92 3.93 83.07 37.24
CA LYS D 92 3.13 83.18 38.45
C LYS D 92 3.58 82.16 39.50
N ILE D 93 3.81 82.62 40.73
CA ILE D 93 4.13 81.68 41.77
C ILE D 93 3.19 81.82 42.96
N VAL D 94 2.88 80.67 43.56
CA VAL D 94 1.88 80.57 44.59
C VAL D 94 2.52 80.18 45.92
N LYS D 95 2.57 81.12 46.86
CA LYS D 95 3.29 80.89 48.11
C LYS D 95 2.55 79.91 49.01
N TRP D 96 3.29 78.93 49.52
CA TRP D 96 2.71 77.79 50.23
C TRP D 96 2.31 78.13 51.66
N ASP D 97 1.00 78.15 51.90
CA ASP D 97 0.46 78.22 53.26
C ASP D 97 0.21 76.80 53.72
N ARG D 98 0.72 76.44 54.89
CA ARG D 98 0.69 75.06 55.36
C ARG D 98 -0.75 74.52 55.47
N ASP D 99 -1.73 75.43 55.49
CA ASP D 99 -3.15 75.07 55.61
C ASP D 99 -3.82 74.75 54.27
N MET D 100 -3.05 74.76 53.19
CA MET D 100 -3.62 74.43 51.89
C MET D 100 -2.81 73.36 51.17
N GLY E 1 -0.41 45.10 28.92
CA GLY E 1 -1.24 44.43 27.94
C GLY E 1 -1.88 45.45 27.00
N ILE E 2 -1.27 45.65 25.81
CA ILE E 2 -1.54 46.76 24.87
C ILE E 2 -1.93 46.25 23.47
N LEU E 3 -2.28 47.17 22.57
CA LEU E 3 -2.55 46.86 21.17
C LEU E 3 -1.32 46.28 20.47
N GLY E 4 -1.47 45.06 19.94
CA GLY E 4 -0.39 44.41 19.22
C GLY E 4 -0.22 44.92 17.80
N PHE E 5 -1.07 45.87 17.43
CA PHE E 5 -1.07 46.43 16.08
C PHE E 5 -1.34 47.92 16.15
N VAL E 6 -1.20 48.60 15.01
CA VAL E 6 -1.44 50.05 14.97
C VAL E 6 -1.86 50.55 13.58
N PHE E 7 -2.80 51.50 13.56
CA PHE E 7 -3.35 52.08 12.34
C PHE E 7 -3.00 53.57 12.20
N THR E 8 -2.91 54.05 10.97
CA THR E 8 -2.48 55.42 10.70
C THR E 8 -3.62 56.37 10.33
N LEU E 9 -3.73 57.44 11.10
CA LEU E 9 -4.67 58.51 10.81
C LEU E 9 -4.47 59.06 9.40
N GLN F 4 -27.56 8.71 11.57
CA GLN F 4 -26.67 8.80 12.72
C GLN F 4 -25.97 10.16 12.72
N LEU F 5 -25.90 10.79 13.90
CA LEU F 5 -25.38 12.15 14.01
C LEU F 5 -24.35 12.30 15.12
N ASN F 6 -23.58 13.38 15.06
CA ASN F 6 -22.64 13.69 16.13
C ASN F 6 -22.41 15.21 16.26
N GLN F 7 -21.83 15.62 17.39
CA GLN F 7 -21.93 16.97 17.90
C GLN F 7 -20.73 17.33 18.77
N SER F 8 -20.28 18.58 18.72
CA SER F 8 -19.08 18.97 19.45
C SER F 8 -19.32 20.19 20.33
N PRO F 9 -18.68 20.21 21.51
CA PRO F 9 -17.95 19.07 22.09
C PRO F 9 -18.92 18.07 22.70
N GLN F 10 -18.45 17.20 23.61
CA GLN F 10 -19.36 16.30 24.30
C GLN F 10 -19.67 16.76 25.72
N SER F 11 -18.65 16.95 26.54
CA SER F 11 -18.86 17.55 27.86
C SER F 11 -18.23 18.94 27.89
N MET F 12 -19.04 19.96 28.18
CA MET F 12 -18.60 21.35 28.12
C MET F 12 -18.69 22.03 29.48
N PHE F 13 -17.59 22.63 29.92
CA PHE F 13 -17.52 23.25 31.25
C PHE F 13 -17.36 24.76 31.15
N ILE F 14 -18.39 25.50 31.56
CA ILE F 14 -18.34 26.95 31.45
C ILE F 14 -18.55 27.68 32.76
N GLN F 15 -18.06 28.91 32.80
CA GLN F 15 -18.09 29.73 33.98
C GLN F 15 -19.14 30.82 33.82
N GLU F 16 -19.91 31.06 34.88
CA GLU F 16 -20.97 32.07 34.84
C GLU F 16 -20.45 33.44 34.40
N GLY F 17 -20.83 33.86 33.20
CA GLY F 17 -20.41 35.15 32.71
C GLY F 17 -20.49 35.20 31.20
N GLU F 18 -19.69 34.36 30.54
CA GLU F 18 -19.60 34.47 29.09
C GLU F 18 -20.27 33.35 28.33
N ASP F 19 -20.44 33.60 27.05
CA ASP F 19 -21.31 32.84 26.17
C ASP F 19 -20.86 31.39 25.99
N VAL F 20 -21.69 30.62 25.28
CA VAL F 20 -21.40 29.23 24.99
C VAL F 20 -21.70 28.97 23.51
N SER F 21 -21.05 27.98 22.92
CA SER F 21 -21.37 27.58 21.56
C SER F 21 -21.28 26.06 21.38
N MET F 22 -22.19 25.51 20.57
CA MET F 22 -22.18 24.09 20.23
C MET F 22 -22.33 23.91 18.73
N ASN F 23 -21.60 22.95 18.18
CA ASN F 23 -21.70 22.65 16.76
C ASN F 23 -22.34 21.29 16.52
N CYS F 24 -23.21 21.21 15.51
CA CYS F 24 -23.73 19.94 15.06
C CYS F 24 -23.35 19.74 13.59
N THR F 25 -22.92 18.53 13.25
CA THR F 25 -22.47 18.23 11.89
C THR F 25 -23.06 16.91 11.42
N SER F 26 -23.04 16.65 10.12
CA SER F 26 -23.75 15.48 9.59
C SER F 26 -23.10 14.80 8.38
N SER F 27 -23.71 13.70 7.97
CA SER F 27 -23.31 13.00 6.75
C SER F 27 -24.39 13.06 5.67
N SER F 28 -25.55 13.64 5.97
CA SER F 28 -26.55 13.78 4.92
C SER F 28 -27.41 15.03 5.07
N ILE F 29 -28.13 15.30 3.99
CA ILE F 29 -29.03 16.42 3.89
C ILE F 29 -30.14 16.32 4.93
N PHE F 30 -30.51 17.46 5.53
CA PHE F 30 -31.61 17.54 6.52
C PHE F 30 -32.27 18.92 6.57
N ASN F 31 -33.39 19.09 5.90
CA ASN F 31 -33.99 20.42 5.75
C ASN F 31 -34.85 20.84 6.93
N THR F 32 -34.70 20.13 8.05
CA THR F 32 -35.39 20.53 9.27
C THR F 32 -34.52 20.18 10.47
N TRP F 33 -33.94 21.20 11.08
CA TRP F 33 -33.03 21.02 12.19
C TRP F 33 -33.69 21.45 13.49
N LEU F 34 -33.33 20.82 14.60
CA LEU F 34 -33.92 21.17 15.90
C LEU F 34 -33.09 20.76 17.12
N TRP F 35 -33.25 21.52 18.20
CA TRP F 35 -32.46 21.34 19.43
C TRP F 35 -33.32 21.18 20.67
N TYR F 36 -33.07 20.11 21.44
CA TYR F 36 -33.81 19.85 22.68
C TYR F 36 -32.92 20.04 23.89
N LYS F 37 -33.50 19.92 25.07
CA LYS F 37 -32.66 19.80 26.25
C LYS F 37 -33.25 19.11 27.45
N GLN F 38 -32.42 18.28 28.07
CA GLN F 38 -32.84 17.35 29.09
C GLN F 38 -32.03 17.47 30.38
N GLU F 39 -32.73 17.68 31.49
CA GLU F 39 -32.12 17.70 32.81
C GLU F 39 -32.48 16.43 33.55
N PRO F 40 -31.46 15.75 34.12
CA PRO F 40 -31.51 14.41 34.69
C PRO F 40 -32.85 14.04 35.33
N GLY F 41 -33.35 12.87 34.97
CA GLY F 41 -34.60 12.37 35.51
C GLY F 41 -35.76 12.44 34.54
N GLU F 42 -35.90 13.57 33.86
CA GLU F 42 -37.06 13.76 33.00
C GLU F 42 -36.72 13.89 31.52
N GLY F 43 -37.75 14.08 30.71
CA GLY F 43 -37.64 13.98 29.26
C GLY F 43 -37.42 15.26 28.49
N PRO F 44 -36.64 15.17 27.40
CA PRO F 44 -36.24 16.26 26.50
C PRO F 44 -37.37 17.18 26.06
N VAL F 45 -37.08 18.49 26.10
CA VAL F 45 -38.02 19.54 25.73
C VAL F 45 -37.50 20.36 24.53
N LEU F 46 -38.38 20.66 23.58
CA LEU F 46 -37.99 21.41 22.39
C LEU F 46 -37.96 22.90 22.64
N LEU F 47 -36.95 23.58 22.10
CA LEU F 47 -36.84 25.02 22.23
C LEU F 47 -36.96 25.71 20.88
N ILE F 48 -35.92 25.55 20.06
CA ILE F 48 -35.87 26.22 18.77
C ILE F 48 -35.77 25.24 17.62
N ALA F 49 -36.70 25.36 16.67
CA ALA F 49 -36.65 24.59 15.45
C ALA F 49 -36.31 25.50 14.27
N LEU F 50 -35.52 24.99 13.34
CA LEU F 50 -35.07 25.78 12.21
C LEU F 50 -35.59 25.08 10.96
N TYR F 51 -35.81 25.81 9.86
CA TYR F 51 -36.43 25.11 8.76
C TYR F 51 -35.85 25.26 7.34
N LYS F 52 -34.97 26.22 7.08
CA LYS F 52 -34.31 26.15 5.77
C LYS F 52 -32.95 26.85 5.69
N ALA F 53 -32.87 28.10 6.14
CA ALA F 53 -31.59 28.78 6.19
C ALA F 53 -31.69 30.06 6.99
N GLY F 54 -30.53 30.65 7.26
CA GLY F 54 -30.47 31.86 8.03
C GLY F 54 -30.38 31.60 9.52
N GLU F 55 -30.88 32.56 10.29
CA GLU F 55 -30.68 32.57 11.73
C GLU F 55 -31.95 33.04 12.41
N LEU F 56 -32.40 32.33 13.44
CA LEU F 56 -33.59 32.80 14.15
C LEU F 56 -33.34 32.92 15.65
N THR F 57 -33.72 34.07 16.17
CA THR F 57 -33.54 34.38 17.57
C THR F 57 -34.88 34.24 18.28
N SER F 58 -34.95 33.32 19.22
CA SER F 58 -36.18 33.12 19.98
C SER F 58 -35.91 33.24 21.47
N ASN F 59 -36.91 32.88 22.27
CA ASN F 59 -36.79 33.02 23.70
C ASN F 59 -35.67 32.17 24.29
N GLY F 60 -34.86 32.80 25.13
CA GLY F 60 -34.96 34.23 25.35
C GLY F 60 -33.65 34.86 24.95
N ARG F 61 -32.59 34.12 25.23
CA ARG F 61 -31.25 34.60 25.02
C ARG F 61 -30.52 33.53 24.23
N LEU F 62 -31.30 32.59 23.73
CA LEU F 62 -30.79 31.48 22.96
C LEU F 62 -30.79 31.85 21.48
N THR F 63 -29.79 31.38 20.75
CA THR F 63 -29.71 31.62 19.31
C THR F 63 -29.17 30.40 18.58
N ALA F 64 -29.94 29.89 17.63
CA ALA F 64 -29.50 28.73 16.86
C ALA F 64 -29.51 29.07 15.38
N GLN F 65 -28.81 28.27 14.58
CA GLN F 65 -28.46 28.70 13.23
C GLN F 65 -28.40 27.59 12.19
N PHE F 66 -29.05 27.82 11.06
CA PHE F 66 -28.98 26.90 9.92
C PHE F 66 -27.73 27.18 9.09
N GLY F 67 -27.01 26.12 8.74
CA GLY F 67 -25.84 26.24 7.87
C GLY F 67 -26.17 25.93 6.42
N ILE F 68 -25.78 26.81 5.50
CA ILE F 68 -26.16 26.72 4.08
C ILE F 68 -25.83 25.38 3.46
N THR F 69 -24.91 24.66 4.09
CA THR F 69 -24.51 23.32 3.66
C THR F 69 -25.67 22.34 3.74
N ARG F 70 -26.66 22.66 4.57
CA ARG F 70 -27.81 21.79 4.85
C ARG F 70 -27.31 20.53 5.54
N LYS F 71 -26.34 20.71 6.42
CA LYS F 71 -25.54 19.61 6.94
C LYS F 71 -24.93 19.96 8.28
N ASP F 72 -24.91 21.26 8.59
CA ASP F 72 -24.33 21.74 9.83
C ASP F 72 -25.26 22.76 10.51
N SER F 73 -25.08 22.93 11.82
CA SER F 73 -25.84 23.94 12.55
C SER F 73 -25.12 24.31 13.84
N PHE F 74 -25.67 25.28 14.57
CA PHE F 74 -25.03 25.80 15.77
C PHE F 74 -26.01 26.19 16.87
N LEU F 75 -25.49 26.42 18.07
CA LEU F 75 -26.33 26.83 19.20
C LEU F 75 -25.61 27.81 20.13
N ASN F 76 -26.22 28.96 20.34
CA ASN F 76 -25.65 30.00 21.21
C ASN F 76 -26.54 30.37 22.39
N ILE F 77 -26.04 30.13 23.59
CA ILE F 77 -26.64 30.69 24.79
C ILE F 77 -25.86 31.93 25.21
N SER F 78 -26.54 33.00 25.60
CA SER F 78 -25.81 34.23 25.90
C SER F 78 -25.47 34.32 27.39
N ALA F 79 -26.37 34.84 28.21
CA ALA F 79 -26.09 34.95 29.65
C ALA F 79 -26.16 33.58 30.31
N SER F 80 -25.00 33.04 30.66
CA SER F 80 -24.94 31.68 31.19
C SER F 80 -25.61 31.55 32.56
N ILE F 81 -26.92 31.73 32.58
CA ILE F 81 -27.72 31.52 33.78
C ILE F 81 -27.63 30.06 34.20
N PRO F 82 -27.36 29.81 35.49
CA PRO F 82 -27.15 28.44 35.99
C PRO F 82 -28.43 27.62 36.08
N SER F 83 -29.55 28.13 35.57
CA SER F 83 -30.76 27.33 35.58
C SER F 83 -30.84 26.51 34.30
N ASP F 84 -29.88 26.74 33.40
CA ASP F 84 -29.78 25.96 32.16
C ASP F 84 -28.56 25.02 32.21
N VAL F 85 -28.61 24.05 33.12
CA VAL F 85 -27.59 23.01 33.26
C VAL F 85 -28.15 21.68 32.79
N GLY F 86 -27.33 20.82 32.21
CA GLY F 86 -27.80 19.51 31.76
C GLY F 86 -27.27 19.01 30.42
N ILE F 87 -28.16 18.36 29.65
CA ILE F 87 -27.75 17.65 28.43
C ILE F 87 -28.49 18.13 27.18
N TYR F 88 -27.84 18.97 26.37
CA TYR F 88 -28.44 19.57 25.16
C TYR F 88 -28.34 18.69 23.91
N PHE F 89 -29.48 18.26 23.36
CA PHE F 89 -29.43 17.36 22.20
C PHE F 89 -29.65 18.05 20.84
N CYS F 90 -28.85 17.64 19.87
CA CYS F 90 -29.03 18.05 18.49
C CYS F 90 -29.71 16.91 17.77
N ALA F 91 -30.97 17.08 17.40
CA ALA F 91 -31.68 16.02 16.71
C ALA F 91 -32.37 16.53 15.46
N GLY F 92 -33.07 15.65 14.77
CA GLY F 92 -33.77 16.05 13.56
C GLY F 92 -34.27 14.88 12.73
N PRO F 93 -35.29 15.13 11.91
CA PRO F 93 -35.84 14.09 11.07
C PRO F 93 -35.23 14.08 9.69
N GLY F 94 -35.34 12.93 9.03
CA GLY F 94 -34.99 12.76 7.63
C GLY F 94 -35.54 11.40 7.24
N GLY F 95 -36.31 11.34 6.15
CA GLY F 95 -36.46 12.43 5.22
C GLY F 95 -35.38 12.25 4.19
N SER F 96 -34.18 12.68 4.57
CA SER F 96 -32.96 12.13 4.04
C SER F 96 -33.06 10.66 3.68
N SER F 97 -33.52 9.91 4.66
CA SER F 97 -33.36 8.48 4.72
C SER F 97 -34.50 7.78 3.99
N ASN F 98 -35.42 8.57 3.46
CA ASN F 98 -36.65 8.08 2.84
C ASN F 98 -37.31 7.05 3.75
N THR F 99 -37.18 7.28 5.05
CA THR F 99 -37.82 6.48 6.09
C THR F 99 -38.16 7.43 7.23
N GLY F 100 -39.35 7.30 7.80
CA GLY F 100 -39.76 8.20 8.85
C GLY F 100 -39.03 7.98 10.17
N LYS F 101 -37.88 8.62 10.34
CA LYS F 101 -37.15 8.48 11.60
C LYS F 101 -36.80 9.84 12.22
N LEU F 102 -36.84 9.92 13.54
CA LEU F 102 -36.34 11.11 14.22
C LEU F 102 -35.04 10.80 14.96
N ILE F 103 -33.93 10.97 14.24
CA ILE F 103 -32.61 10.66 14.79
C ILE F 103 -32.21 11.67 15.86
N PHE F 104 -31.69 11.15 16.96
CA PHE F 104 -31.10 11.99 17.99
C PHE F 104 -29.58 11.84 18.05
N GLY F 105 -28.90 12.96 18.13
CA GLY F 105 -27.45 12.94 18.19
C GLY F 105 -26.99 12.47 19.55
N GLN F 106 -25.76 12.84 19.88
CA GLN F 106 -25.18 12.52 21.16
C GLN F 106 -25.76 13.40 22.24
N GLY F 107 -25.83 14.69 21.95
CA GLY F 107 -26.20 15.68 22.93
C GLY F 107 -24.95 16.41 23.39
N THR F 108 -25.01 17.05 24.56
CA THR F 108 -23.82 17.57 25.22
C THR F 108 -24.09 17.92 26.68
N THR F 109 -23.30 17.35 27.57
CA THR F 109 -23.53 17.52 29.00
C THR F 109 -22.87 18.78 29.52
N LEU F 110 -23.58 19.91 29.44
CA LEU F 110 -23.05 21.18 29.93
C LEU F 110 -23.14 21.29 31.43
N GLN F 111 -22.03 21.71 32.02
CA GLN F 111 -21.92 21.88 33.44
C GLN F 111 -21.58 23.31 33.67
N VAL F 112 -22.12 23.91 34.72
CA VAL F 112 -21.85 25.30 35.00
C VAL F 112 -21.37 25.48 36.41
N LYS F 113 -20.39 26.36 36.55
CA LYS F 113 -19.72 26.59 37.84
C LYS F 113 -20.09 27.90 38.55
N PRO F 114 -20.31 27.81 39.87
CA PRO F 114 -20.86 28.88 40.72
C PRO F 114 -19.86 29.93 41.15
N ASP F 115 -20.13 31.20 40.81
CA ASP F 115 -19.16 32.26 41.06
C ASP F 115 -19.16 32.76 42.51
N ILE F 116 -18.72 31.94 43.44
CA ILE F 116 -18.66 32.34 44.85
C ILE F 116 -17.84 33.62 45.04
N GLN F 117 -18.51 34.68 45.50
CA GLN F 117 -17.87 35.98 45.64
C GLN F 117 -17.28 36.17 47.03
N ASN F 118 -17.43 35.16 47.88
CA ASN F 118 -16.88 35.22 49.24
C ASN F 118 -16.76 33.84 49.86
N PRO F 119 -15.65 33.15 49.56
CA PRO F 119 -15.40 31.86 50.19
C PRO F 119 -14.39 31.93 51.33
N ASP F 120 -14.54 31.03 52.30
CA ASP F 120 -13.48 30.76 53.26
C ASP F 120 -13.55 29.27 53.57
N PRO F 121 -12.85 28.47 52.77
CA PRO F 121 -12.83 27.01 52.87
C PRO F 121 -12.58 26.53 54.29
N ALA F 122 -13.18 25.39 54.63
CA ALA F 122 -13.11 24.87 55.98
C ALA F 122 -13.36 23.36 56.01
N VAL F 123 -12.87 22.71 57.06
CA VAL F 123 -13.03 21.28 57.26
C VAL F 123 -13.67 20.98 58.60
N TYR F 124 -14.78 20.25 58.58
CA TYR F 124 -15.61 20.12 59.78
C TYR F 124 -15.89 18.68 60.24
N GLN F 125 -15.94 18.53 61.56
CA GLN F 125 -16.24 17.28 62.26
C GLN F 125 -17.74 17.02 62.37
N LEU F 126 -18.18 15.80 62.05
CA LEU F 126 -19.60 15.47 62.14
C LEU F 126 -19.86 14.21 62.98
N ARG F 127 -21.10 14.06 63.45
CA ARG F 127 -21.51 12.92 64.27
C ARG F 127 -22.92 12.47 63.87
N ASP F 128 -23.25 11.19 64.06
CA ASP F 128 -24.58 10.68 63.75
C ASP F 128 -25.09 9.58 64.67
N SER F 129 -26.32 9.14 64.41
CA SER F 129 -26.93 8.01 65.11
C SER F 129 -26.80 8.09 66.63
N ASP F 133 -22.86 7.55 67.56
CA ASP F 133 -21.43 7.70 67.35
C ASP F 133 -20.98 6.97 66.09
N LYS F 134 -21.24 7.58 64.93
CA LYS F 134 -20.46 7.35 63.72
C LYS F 134 -19.85 8.71 63.41
N SER F 135 -18.97 8.78 62.42
CA SER F 135 -18.33 10.07 62.13
C SER F 135 -18.00 10.27 60.65
N VAL F 136 -18.18 11.50 60.17
CA VAL F 136 -17.93 11.86 58.77
C VAL F 136 -17.11 13.15 58.64
N CYS F 137 -16.24 13.23 57.63
CA CYS F 137 -15.55 14.48 57.31
C CYS F 137 -16.21 15.25 56.16
N LEU F 138 -16.00 16.57 56.19
CA LEU F 138 -16.65 17.49 55.25
C LEU F 138 -15.77 18.67 54.85
N PHE F 139 -15.84 19.05 53.58
CA PHE F 139 -15.06 20.17 53.04
C PHE F 139 -15.93 21.00 52.08
N THR F 140 -16.25 22.23 52.46
CA THR F 140 -17.12 23.09 51.67
C THR F 140 -16.75 24.58 51.78
N ASP F 141 -17.36 25.37 50.91
CA ASP F 141 -17.19 26.84 50.85
C ASP F 141 -15.84 27.26 50.30
N PHE F 142 -15.43 26.58 49.23
CA PHE F 142 -14.21 26.91 48.49
C PHE F 142 -14.60 27.34 47.08
N ASP F 143 -13.76 28.14 46.45
CA ASP F 143 -14.12 28.68 45.13
C ASP F 143 -13.93 27.67 44.00
N SER F 144 -14.68 27.92 42.92
CA SER F 144 -14.79 27.05 41.76
C SER F 144 -13.46 26.47 41.24
N GLN F 145 -12.39 27.28 41.25
CA GLN F 145 -11.12 26.90 40.59
C GLN F 145 -10.60 25.54 41.02
N THR F 146 -10.50 25.31 42.32
CA THR F 146 -10.13 24.00 42.85
C THR F 146 -11.20 22.93 42.60
N ASN F 147 -10.90 21.82 41.93
CA ASN F 147 -11.85 20.72 42.10
C ASN F 147 -11.29 19.73 43.09
N VAL F 148 -12.16 18.78 43.43
CA VAL F 148 -11.89 17.76 44.43
C VAL F 148 -11.47 16.44 43.83
N SER F 149 -10.28 16.00 44.20
CA SER F 149 -9.73 14.77 43.68
C SER F 149 -10.33 13.61 44.41
N GLN F 150 -10.16 12.43 43.85
CA GLN F 150 -10.63 11.23 44.52
C GLN F 150 -9.42 10.55 45.13
N SER F 151 -9.48 10.29 46.41
CA SER F 151 -8.31 9.77 47.09
C SER F 151 -8.00 8.39 46.61
N LYS F 152 -6.74 8.03 46.79
CA LYS F 152 -6.23 6.77 46.30
C LYS F 152 -6.43 5.70 47.36
N ASP F 153 -7.64 5.17 47.38
CA ASP F 153 -7.99 4.05 48.24
C ASP F 153 -9.35 3.45 47.88
N SER F 154 -9.40 2.12 47.95
CA SER F 154 -10.66 1.39 47.85
C SER F 154 -11.31 1.37 49.23
N ASP F 155 -10.92 2.34 50.06
CA ASP F 155 -11.36 2.46 51.44
C ASP F 155 -12.10 3.78 51.59
N VAL F 156 -11.38 4.84 51.23
CA VAL F 156 -11.86 6.18 51.42
C VAL F 156 -13.07 6.45 50.53
N TYR F 157 -14.08 7.03 51.16
CA TYR F 157 -15.30 7.42 50.51
C TYR F 157 -15.37 8.96 50.45
N ILE F 158 -14.75 9.54 49.43
CA ILE F 158 -14.91 10.96 49.08
C ILE F 158 -15.11 10.95 47.55
N THR F 159 -16.01 11.82 47.08
CA THR F 159 -16.28 12.04 45.66
C THR F 159 -16.98 13.37 45.33
N ASP F 160 -16.98 13.68 44.04
CA ASP F 160 -16.93 15.04 43.53
C ASP F 160 -18.05 15.97 43.98
N LYS F 161 -17.77 17.27 43.86
CA LYS F 161 -18.64 18.39 44.26
C LYS F 161 -19.86 18.73 43.36
N CYS F 162 -20.79 19.54 43.92
CA CYS F 162 -22.07 19.86 43.33
C CYS F 162 -22.53 21.17 43.95
N VAL F 163 -23.50 21.82 43.31
CA VAL F 163 -23.86 23.19 43.69
C VAL F 163 -24.93 23.29 44.79
N LEU F 164 -24.64 24.07 45.82
CA LEU F 164 -25.63 24.42 46.82
C LEU F 164 -26.20 25.81 46.52
N ASP F 165 -27.46 26.01 46.87
CA ASP F 165 -28.21 27.20 46.49
C ASP F 165 -29.34 27.43 47.48
N MET F 166 -29.39 28.61 48.09
CA MET F 166 -30.63 29.17 48.63
C MET F 166 -30.58 30.62 49.09
N ARG F 167 -31.69 31.30 48.83
CA ARG F 167 -31.88 32.73 49.04
C ARG F 167 -32.06 33.09 50.51
N SER F 168 -30.96 33.30 51.22
CA SER F 168 -31.01 33.78 52.60
C SER F 168 -29.76 34.55 53.03
N MET F 169 -29.59 35.77 52.53
CA MET F 169 -30.50 36.38 51.55
C MET F 169 -30.03 36.02 50.15
N ASP F 170 -28.73 35.86 50.00
CA ASP F 170 -28.13 35.33 48.79
C ASP F 170 -26.97 34.45 49.23
N PHE F 171 -27.05 33.17 48.95
CA PHE F 171 -25.96 32.29 49.32
C PHE F 171 -25.91 31.03 48.49
N LYS F 172 -24.71 30.76 47.97
CA LYS F 172 -24.44 29.54 47.25
C LYS F 172 -23.12 28.98 47.75
N SER F 173 -23.05 27.66 47.80
CA SER F 173 -21.86 26.96 48.25
C SER F 173 -21.76 25.66 47.48
N ASN F 174 -20.64 24.95 47.62
CA ASN F 174 -20.51 23.62 47.02
C ASN F 174 -20.26 22.56 48.09
N SER F 175 -19.87 21.37 47.66
CA SER F 175 -19.94 20.19 48.52
C SER F 175 -18.96 19.06 48.20
N ALA F 176 -18.52 18.37 49.24
CA ALA F 176 -17.69 17.17 49.13
C ALA F 176 -17.64 16.47 50.49
N VAL F 177 -17.93 15.17 50.49
CA VAL F 177 -18.07 14.42 51.75
C VAL F 177 -17.06 13.28 51.88
N ALA F 178 -16.47 13.15 53.07
CA ALA F 178 -15.50 12.09 53.32
C ALA F 178 -15.89 11.22 54.51
N TRP F 179 -16.01 9.92 54.24
CA TRP F 179 -16.17 8.92 55.28
C TRP F 179 -15.46 7.68 54.76
N SER F 180 -15.22 6.72 55.65
CA SER F 180 -14.65 5.41 55.32
C SER F 180 -14.71 4.66 56.65
N ASN F 181 -14.21 3.43 56.71
CA ASN F 181 -14.19 2.76 58.00
C ASN F 181 -12.84 2.11 58.27
N LYS F 182 -12.08 1.77 57.23
CA LYS F 182 -10.77 1.15 57.49
C LYS F 182 -9.87 2.09 58.28
N SER F 183 -9.99 3.39 58.06
CA SER F 183 -9.09 4.33 58.74
C SER F 183 -9.67 5.06 59.95
N ASP F 184 -8.77 5.55 60.79
CA ASP F 184 -9.09 6.37 61.95
C ASP F 184 -9.59 7.75 61.49
N PHE F 185 -10.12 8.53 62.41
CA PHE F 185 -10.98 9.65 62.07
C PHE F 185 -10.29 10.70 61.19
N ALA F 186 -8.97 10.76 61.20
CA ALA F 186 -8.24 11.97 60.84
C ALA F 186 -8.66 12.49 59.48
N CYS F 187 -8.68 13.82 59.34
CA CYS F 187 -9.39 14.46 58.26
C CYS F 187 -8.44 15.28 57.37
N ALA F 188 -7.30 15.68 57.94
CA ALA F 188 -6.33 16.50 57.22
C ALA F 188 -5.95 15.93 55.85
N ASN F 189 -5.60 14.64 55.79
CA ASN F 189 -5.06 14.04 54.56
C ASN F 189 -6.13 13.67 53.54
N ALA F 190 -7.33 13.38 54.03
CA ALA F 190 -8.45 13.13 53.14
C ALA F 190 -8.69 14.38 52.32
N PHE F 191 -8.64 15.52 53.00
CA PHE F 191 -8.76 16.82 52.36
C PHE F 191 -7.45 17.21 51.67
N ASN F 192 -6.41 16.42 51.90
CA ASN F 192 -5.14 16.63 51.24
C ASN F 192 -5.09 15.88 49.92
N ASN F 193 -6.18 15.17 49.62
CA ASN F 193 -6.28 14.42 48.38
C ASN F 193 -6.09 15.30 47.17
N SER F 194 -6.50 16.56 47.28
CA SER F 194 -6.47 17.47 46.14
C SER F 194 -5.96 18.86 46.48
N ILE F 195 -5.64 19.62 45.43
CA ILE F 195 -5.13 20.98 45.56
C ILE F 195 -6.17 21.94 46.11
N ILE F 196 -5.75 22.70 47.12
CA ILE F 196 -6.60 23.64 47.84
C ILE F 196 -5.74 24.84 48.23
N PRO F 197 -6.26 26.07 48.05
CA PRO F 197 -5.42 27.25 48.32
C PRO F 197 -5.00 27.38 49.78
N GLU F 198 -5.97 27.36 50.69
CA GLU F 198 -5.73 27.53 52.11
C GLU F 198 -6.82 26.83 52.94
N ASP F 199 -6.50 26.46 54.17
CA ASP F 199 -7.40 25.69 55.04
C ASP F 199 -7.51 26.40 56.39
N THR F 200 -8.66 26.24 57.05
CA THR F 200 -8.88 26.76 58.41
C THR F 200 -9.60 25.73 59.28
N PHE F 201 -8.84 24.87 59.97
CA PHE F 201 -9.42 23.82 60.82
C PHE F 201 -9.53 24.26 62.28
N PHE F 202 -10.40 23.61 63.05
CA PHE F 202 -10.52 23.88 64.49
C PHE F 202 -10.75 22.61 65.30
N ALA G 3 -52.53 15.60 28.23
CA ALA G 3 -51.73 16.30 29.22
C ALA G 3 -50.40 15.60 29.42
N GLN G 4 -50.46 14.29 29.66
CA GLN G 4 -49.24 13.54 29.85
C GLN G 4 -49.28 12.26 29.07
N VAL G 5 -48.09 11.81 28.70
CA VAL G 5 -47.88 10.52 28.09
C VAL G 5 -47.32 9.67 29.20
N THR G 6 -48.03 8.61 29.52
CA THR G 6 -47.72 7.81 30.70
C THR G 6 -46.85 6.63 30.31
N GLN G 7 -45.83 6.33 31.10
CA GLN G 7 -44.97 5.20 30.82
C GLN G 7 -45.33 4.01 31.70
N ASN G 8 -45.37 2.77 31.21
CA ASN G 8 -45.50 1.68 32.21
C ASN G 8 -44.37 0.64 32.02
N PRO G 9 -43.57 0.40 33.07
CA PRO G 9 -43.67 1.09 34.34
C PRO G 9 -42.71 2.25 34.47
N ARG G 10 -42.62 2.80 35.67
CA ARG G 10 -41.68 3.86 35.96
C ARG G 10 -40.28 3.33 36.03
N TYR G 11 -40.11 2.33 36.89
CA TYR G 11 -38.82 1.90 37.36
C TYR G 11 -38.81 0.37 37.64
N LEU G 12 -38.35 -0.43 36.66
CA LEU G 12 -38.50 -1.89 36.65
C LEU G 12 -37.20 -2.72 36.74
N ILE G 13 -37.13 -3.62 37.72
CA ILE G 13 -36.01 -4.55 37.88
C ILE G 13 -36.43 -5.99 37.62
N THR G 14 -35.69 -6.70 36.78
CA THR G 14 -36.04 -8.09 36.46
C THR G 14 -34.84 -9.00 36.25
N VAL G 15 -35.12 -10.27 35.95
CA VAL G 15 -34.10 -11.28 35.72
C VAL G 15 -34.05 -11.60 34.22
N THR G 16 -32.91 -12.09 33.74
CA THR G 16 -32.74 -12.45 32.34
C THR G 16 -33.74 -13.52 31.85
N GLY G 17 -34.17 -13.38 30.60
CA GLY G 17 -34.99 -14.40 29.95
C GLY G 17 -36.50 -14.30 30.16
N LYS G 18 -36.94 -13.28 30.88
CA LYS G 18 -38.35 -13.18 31.27
C LYS G 18 -39.16 -12.18 30.45
N GLU G 19 -40.38 -12.58 30.10
CA GLU G 19 -41.40 -11.73 29.51
C GLU G 19 -41.48 -10.36 30.19
N LEU G 20 -41.82 -9.33 29.43
CA LEU G 20 -42.21 -8.04 30.00
C LEU G 20 -42.95 -7.18 28.99
N THR G 21 -44.08 -6.63 29.41
CA THR G 21 -44.84 -5.72 28.57
C THR G 21 -44.64 -4.29 29.09
N VAL G 22 -44.00 -3.46 28.27
CA VAL G 22 -43.79 -2.05 28.63
C VAL G 22 -44.62 -1.12 27.75
N THR G 23 -45.74 -0.65 28.29
CA THR G 23 -46.70 0.12 27.52
C THR G 23 -46.53 1.61 27.71
N CYS G 24 -46.77 2.36 26.64
CA CYS G 24 -46.86 3.80 26.72
C CYS G 24 -48.24 4.28 26.28
N SER G 25 -48.80 5.19 27.07
CA SER G 25 -50.16 5.66 26.85
C SER G 25 -50.23 7.16 26.56
N GLN G 26 -51.16 7.49 25.68
CA GLN G 26 -51.23 8.80 25.07
C GLN G 26 -52.67 9.23 25.09
N ASN G 27 -52.94 10.46 25.53
CA ASN G 27 -54.32 10.93 25.58
C ASN G 27 -54.52 12.21 24.78
N MET G 28 -53.53 12.55 23.95
CA MET G 28 -53.53 13.81 23.24
C MET G 28 -53.93 13.64 21.78
N ASN G 29 -54.79 12.66 21.52
CA ASN G 29 -55.18 12.25 20.16
C ASN G 29 -54.01 12.22 19.18
N HIS G 30 -53.06 11.34 19.40
CA HIS G 30 -51.85 11.30 18.59
C HIS G 30 -51.66 10.01 17.82
N GLU G 31 -50.95 10.11 16.70
CA GLU G 31 -50.87 9.02 15.74
C GLU G 31 -49.45 8.44 15.63
N TYR G 32 -48.46 9.18 16.09
CA TYR G 32 -47.07 8.77 15.95
C TYR G 32 -46.37 8.57 17.29
N MET G 33 -46.17 7.31 17.65
CA MET G 33 -45.50 6.99 18.90
C MET G 33 -44.25 6.19 18.61
N SER G 34 -43.23 6.38 19.44
CA SER G 34 -41.98 5.69 19.23
C SER G 34 -41.23 5.48 20.53
N TRP G 35 -40.10 4.79 20.42
CA TRP G 35 -39.27 4.52 21.57
C TRP G 35 -37.82 4.91 21.35
N TYR G 36 -37.19 5.35 22.42
CA TYR G 36 -35.78 5.66 22.41
C TYR G 36 -35.10 4.94 23.55
N ARG G 37 -33.83 5.24 23.78
CA ARG G 37 -33.04 4.53 24.78
C ARG G 37 -31.85 5.37 25.19
N GLN G 38 -31.97 6.08 26.30
CA GLN G 38 -30.83 6.87 26.74
C GLN G 38 -29.88 5.99 27.53
N ASP G 39 -28.62 6.02 27.13
CA ASP G 39 -27.56 5.34 27.84
C ASP G 39 -26.37 6.26 27.82
N PRO G 40 -25.46 6.13 28.80
CA PRO G 40 -24.31 7.02 28.81
C PRO G 40 -23.39 6.77 27.62
N GLY G 41 -22.77 7.83 27.12
CA GLY G 41 -21.87 7.69 25.99
C GLY G 41 -22.54 7.93 24.66
N LEU G 42 -23.50 7.08 24.30
CA LEU G 42 -24.15 7.18 23.00
C LEU G 42 -25.45 7.98 23.02
N GLY G 43 -25.76 8.60 24.16
CA GLY G 43 -26.87 9.53 24.28
C GLY G 43 -28.25 8.95 24.01
N LEU G 44 -29.02 9.66 23.20
CA LEU G 44 -30.34 9.20 22.80
C LEU G 44 -30.27 8.50 21.46
N ARG G 45 -31.13 7.50 21.26
CA ARG G 45 -31.19 6.79 19.98
C ARG G 45 -32.47 5.99 19.82
N GLN G 46 -33.01 6.01 18.60
CA GLN G 46 -34.34 5.47 18.32
C GLN G 46 -34.36 3.96 18.33
N ILE G 47 -35.41 3.40 18.93
CA ILE G 47 -35.61 1.96 18.94
C ILE G 47 -36.64 1.55 17.89
N TYR G 48 -37.92 1.54 18.28
CA TYR G 48 -39.00 1.27 17.32
C TYR G 48 -39.97 2.45 17.25
N TYR G 49 -40.30 2.87 16.04
CA TYR G 49 -41.29 3.92 15.85
C TYR G 49 -42.52 3.38 15.12
N SER G 50 -43.59 4.16 15.06
CA SER G 50 -44.81 3.72 14.40
C SER G 50 -45.77 4.85 14.04
N MET G 51 -46.09 4.97 12.77
CA MET G 51 -47.08 5.94 12.31
C MET G 51 -48.46 5.34 12.49
N ASN G 52 -49.51 6.13 12.71
CA ASN G 52 -50.88 5.65 12.55
C ASN G 52 -51.23 4.38 13.29
N VAL G 53 -52.04 3.50 12.68
CA VAL G 53 -52.27 2.22 13.33
C VAL G 53 -51.79 1.16 12.36
N GLU G 54 -51.27 0.06 12.86
CA GLU G 54 -50.75 -1.00 12.00
C GLU G 54 -49.66 -0.52 11.05
N VAL G 55 -48.83 0.42 11.50
CA VAL G 55 -47.67 0.84 10.74
C VAL G 55 -46.43 0.76 11.59
N THR G 56 -45.82 -0.41 11.64
CA THR G 56 -44.70 -0.63 12.54
C THR G 56 -43.38 -0.74 11.78
N ASP G 57 -42.44 0.16 12.08
CA ASP G 57 -41.12 0.10 11.47
C ASP G 57 -40.00 0.10 12.52
N LYS G 58 -38.77 -0.12 12.08
CA LYS G 58 -37.65 -0.33 12.98
C LYS G 58 -36.65 0.83 12.94
N GLY G 59 -35.86 0.99 14.00
CA GLY G 59 -34.97 2.14 14.10
C GLY G 59 -33.51 1.80 13.88
N ASP G 60 -32.63 2.69 14.34
CA ASP G 60 -31.19 2.48 14.22
C ASP G 60 -30.77 1.21 14.94
N VAL G 61 -31.33 1.00 16.13
CA VAL G 61 -31.06 -0.22 16.89
C VAL G 61 -32.32 -1.07 17.01
N PRO G 62 -32.58 -1.91 16.01
CA PRO G 62 -33.82 -2.71 16.03
C PRO G 62 -33.67 -3.98 16.84
N GLU G 63 -32.44 -4.34 17.19
CA GLU G 63 -32.16 -5.63 17.79
C GLU G 63 -32.76 -5.78 19.19
N GLY G 64 -33.31 -6.97 19.45
CA GLY G 64 -33.75 -7.35 20.79
C GLY G 64 -35.24 -7.32 21.07
N TYR G 65 -35.91 -6.28 20.58
CA TYR G 65 -37.26 -5.95 21.05
C TYR G 65 -38.37 -6.22 20.03
N LYS G 66 -39.62 -6.08 20.47
CA LYS G 66 -40.81 -6.14 19.60
C LYS G 66 -41.92 -5.22 20.10
N VAL G 67 -42.69 -4.64 19.19
CA VAL G 67 -43.76 -3.73 19.57
C VAL G 67 -45.04 -3.98 18.80
N SER G 68 -46.08 -3.23 19.15
CA SER G 68 -47.39 -3.34 18.51
C SER G 68 -48.15 -2.02 18.59
N ARG G 69 -49.21 -1.90 17.79
CA ARG G 69 -50.00 -0.68 17.75
C ARG G 69 -51.26 -0.83 16.89
N LYS G 70 -52.35 -1.30 17.50
CA LYS G 70 -53.63 -1.38 16.79
C LYS G 70 -54.55 -0.31 17.34
N GLU G 71 -54.20 0.24 18.50
CA GLU G 71 -54.98 1.33 19.07
C GLU G 71 -54.13 2.58 19.28
N LYS G 72 -54.69 3.71 18.91
CA LYS G 72 -54.01 4.99 18.94
C LYS G 72 -53.43 5.31 20.31
N ARG G 73 -54.19 5.01 21.35
CA ARG G 73 -53.80 5.37 22.71
C ARG G 73 -52.56 4.62 23.16
N ASN G 74 -52.48 3.35 22.82
CA ASN G 74 -51.45 2.50 23.38
C ASN G 74 -50.28 2.22 22.45
N PHE G 75 -49.11 2.07 23.06
CA PHE G 75 -47.94 1.57 22.35
C PHE G 75 -47.03 0.75 23.26
N PRO G 76 -47.45 -0.48 23.59
CA PRO G 76 -46.59 -1.39 24.34
C PRO G 76 -45.25 -1.61 23.66
N LEU G 77 -44.23 -1.93 24.47
CA LEU G 77 -42.93 -2.33 23.97
C LEU G 77 -42.53 -3.60 24.71
N ILE G 78 -42.77 -4.74 24.08
CA ILE G 78 -42.62 -6.02 24.76
C ILE G 78 -41.26 -6.65 24.50
N LEU G 79 -40.62 -7.09 25.57
CA LEU G 79 -39.34 -7.79 25.51
C LEU G 79 -39.53 -9.18 26.11
N GLU G 80 -39.24 -10.22 25.33
CA GLU G 80 -39.29 -11.58 25.87
C GLU G 80 -37.91 -12.20 25.87
N SER G 81 -36.95 -11.48 25.31
CA SER G 81 -35.56 -11.88 25.39
C SER G 81 -34.73 -10.74 25.97
N PRO G 82 -34.75 -10.61 27.30
CA PRO G 82 -33.98 -9.59 28.02
C PRO G 82 -32.48 -9.83 27.92
N SER G 83 -31.69 -8.79 28.20
CA SER G 83 -30.24 -8.88 28.21
C SER G 83 -29.64 -7.68 28.92
N PRO G 84 -28.63 -7.93 29.76
CA PRO G 84 -27.90 -6.83 30.42
C PRO G 84 -27.24 -5.88 29.40
N ASN G 85 -27.29 -6.23 28.12
CA ASN G 85 -26.97 -5.31 27.04
C ASN G 85 -28.08 -4.26 26.94
N GLN G 86 -29.28 -4.67 27.30
CA GLN G 86 -30.46 -3.84 27.13
C GLN G 86 -30.79 -3.10 28.42
N THR G 87 -29.86 -3.16 29.38
CA THR G 87 -30.02 -2.44 30.63
C THR G 87 -29.73 -0.96 30.35
N SER G 88 -30.80 -0.21 30.10
CA SER G 88 -30.77 1.24 30.02
C SER G 88 -32.19 1.75 30.34
N LEU G 89 -32.46 3.02 30.04
CA LEU G 89 -33.75 3.60 30.40
C LEU G 89 -34.42 4.25 29.20
N TYR G 90 -35.71 3.94 29.01
CA TYR G 90 -36.39 4.14 27.73
C TYR G 90 -37.39 5.30 27.78
N PHE G 91 -37.57 6.00 26.66
CA PHE G 91 -38.43 7.17 26.64
C PHE G 91 -39.51 7.08 25.55
N CYS G 92 -40.77 7.13 25.96
CA CYS G 92 -41.85 7.05 24.98
C CYS G 92 -42.17 8.40 24.39
N ALA G 93 -41.98 8.54 23.09
CA ALA G 93 -42.25 9.80 22.40
C ALA G 93 -43.52 9.73 21.54
N SER G 94 -44.46 10.63 21.81
CA SER G 94 -45.68 10.72 21.01
C SER G 94 -45.60 11.95 20.12
N SER G 95 -46.45 12.00 19.10
CA SER G 95 -46.51 13.14 18.19
C SER G 95 -47.77 13.09 17.34
N LEU G 96 -48.11 14.21 16.69
CA LEU G 96 -49.31 14.28 15.86
C LEU G 96 -49.11 13.54 14.54
N ILE G 97 -48.22 14.07 13.69
CA ILE G 97 -47.86 13.48 12.40
C ILE G 97 -46.41 13.81 12.05
N TYR G 98 -45.63 12.79 11.70
CA TYR G 98 -44.23 12.99 11.30
C TYR G 98 -44.10 13.97 10.13
N PRO G 99 -43.27 15.01 10.29
CA PRO G 99 -42.46 15.30 11.47
C PRO G 99 -43.17 16.25 12.43
N GLY G 100 -42.98 16.05 13.73
CA GLY G 100 -43.65 16.90 14.68
C GLY G 100 -42.94 16.98 16.02
N GLU G 101 -43.48 17.82 16.89
CA GLU G 101 -42.99 17.95 18.26
C GLU G 101 -43.15 16.62 19.01
N LEU G 102 -42.04 16.11 19.54
CA LEU G 102 -42.04 14.83 20.26
C LEU G 102 -42.10 15.00 21.77
N PHE G 103 -43.09 14.39 22.41
CA PHE G 103 -43.25 14.57 23.84
C PHE G 103 -42.96 13.26 24.58
N PHE G 104 -41.90 13.27 25.37
CA PHE G 104 -41.42 12.08 26.05
C PHE G 104 -42.07 11.89 27.41
N GLY G 105 -41.74 10.79 28.08
CA GLY G 105 -42.35 10.45 29.35
C GLY G 105 -41.40 10.64 30.53
N GLU G 106 -41.81 10.14 31.68
CA GLU G 106 -41.12 10.42 32.95
C GLU G 106 -39.90 9.53 33.21
N GLY G 107 -39.49 8.76 32.20
CA GLY G 107 -38.33 7.89 32.36
C GLY G 107 -38.69 6.49 32.80
N SER G 108 -38.35 5.51 31.96
CA SER G 108 -38.63 4.11 32.23
C SER G 108 -37.36 3.27 32.40
N ARG G 109 -37.04 2.91 33.64
CA ARG G 109 -35.79 2.25 33.99
C ARG G 109 -35.82 0.73 33.78
N LEU G 110 -34.87 0.17 33.05
CA LEU G 110 -34.74 -1.27 32.91
C LEU G 110 -33.36 -1.70 33.37
N THR G 111 -33.34 -2.56 34.37
CA THR G 111 -32.12 -3.22 34.79
C THR G 111 -32.36 -4.72 34.75
N VAL G 112 -31.72 -5.41 33.81
CA VAL G 112 -31.81 -6.86 33.76
C VAL G 112 -30.50 -7.46 34.27
N LEU G 113 -30.59 -8.25 35.33
CA LEU G 113 -29.43 -8.92 35.88
C LEU G 113 -29.63 -10.43 35.77
N GLU G 114 -28.54 -11.16 35.50
CA GLU G 114 -28.59 -12.60 35.33
C GLU G 114 -29.06 -13.28 36.61
N ASP G 115 -28.54 -12.81 37.74
CA ASP G 115 -28.80 -13.43 39.04
C ASP G 115 -29.18 -12.39 40.09
N LEU G 116 -30.41 -12.50 40.61
CA LEU G 116 -30.98 -11.45 41.45
C LEU G 116 -30.50 -11.44 42.90
N LYS G 117 -29.55 -12.31 43.23
CA LYS G 117 -29.05 -12.40 44.59
C LYS G 117 -28.08 -11.26 44.90
N ASN G 118 -28.07 -10.24 44.04
CA ASN G 118 -27.15 -9.12 44.19
C ASN G 118 -27.85 -7.83 44.59
N VAL G 119 -29.15 -7.73 44.31
CA VAL G 119 -29.91 -6.53 44.62
C VAL G 119 -29.96 -6.28 46.12
N PHE G 120 -29.59 -5.06 46.52
CA PHE G 120 -29.54 -4.69 47.93
C PHE G 120 -30.31 -3.40 48.20
N PRO G 121 -31.10 -3.38 49.29
CA PRO G 121 -31.89 -2.22 49.70
C PRO G 121 -31.02 -1.04 50.14
N PRO G 122 -31.65 0.04 50.58
CA PRO G 122 -30.84 1.14 51.10
C PRO G 122 -30.56 1.00 52.59
N GLU G 123 -29.30 1.19 52.99
CA GLU G 123 -29.01 1.38 54.40
C GLU G 123 -28.51 2.81 54.58
N VAL G 124 -29.14 3.52 55.52
CA VAL G 124 -29.04 4.97 55.59
C VAL G 124 -28.63 5.47 56.97
N ALA G 125 -27.83 6.54 56.99
CA ALA G 125 -27.40 7.17 58.23
C ALA G 125 -27.36 8.69 58.12
N VAL G 126 -27.75 9.38 59.19
CA VAL G 126 -27.81 10.85 59.22
C VAL G 126 -26.74 11.45 60.13
N PHE G 127 -26.12 12.56 59.70
CA PHE G 127 -25.01 13.12 60.45
C PHE G 127 -25.15 14.59 60.83
N GLU G 128 -24.96 14.84 62.14
CA GLU G 128 -25.08 16.16 62.75
C GLU G 128 -24.01 17.11 62.20
N PRO G 129 -24.29 18.44 62.22
CA PRO G 129 -23.33 19.40 61.68
C PRO G 129 -22.21 19.75 62.66
N SER G 130 -21.34 20.67 62.28
CA SER G 130 -20.21 21.06 63.11
C SER G 130 -20.52 22.22 64.04
N GLU G 131 -19.87 22.20 65.20
CA GLU G 131 -20.00 23.25 66.20
C GLU G 131 -19.09 24.42 65.86
N ALA G 132 -17.85 24.10 65.51
CA ALA G 132 -16.87 25.10 65.10
C ALA G 132 -17.38 25.88 63.90
N GLU G 133 -18.05 25.17 63.00
CA GLU G 133 -18.68 25.75 61.82
C GLU G 133 -19.68 26.84 62.16
N ILE G 134 -20.55 26.52 63.12
CA ILE G 134 -21.59 27.45 63.56
C ILE G 134 -21.01 28.81 63.90
N SER G 135 -20.10 28.84 64.86
CA SER G 135 -19.46 30.08 65.25
C SER G 135 -18.71 30.74 64.09
N HIS G 136 -17.84 29.99 63.43
CA HIS G 136 -16.91 30.55 62.46
C HIS G 136 -17.60 31.38 61.39
N THR G 137 -18.68 30.84 60.82
CA THR G 137 -19.42 31.52 59.77
C THR G 137 -20.92 31.22 59.75
N GLN G 138 -21.61 31.53 60.83
CA GLN G 138 -23.06 31.76 60.79
C GLN G 138 -23.91 30.54 60.36
N LYS G 139 -23.28 29.44 59.96
CA LYS G 139 -24.02 28.40 59.25
C LYS G 139 -24.02 27.02 59.89
N ALA G 140 -24.65 26.08 59.16
CA ALA G 140 -24.78 24.68 59.58
C ALA G 140 -25.13 23.82 58.37
N THR G 141 -24.49 22.66 58.25
CA THR G 141 -24.77 21.73 57.16
C THR G 141 -24.84 20.28 57.64
N LEU G 142 -25.94 19.61 57.33
CA LEU G 142 -26.11 18.21 57.69
C LEU G 142 -26.11 17.35 56.43
N VAL G 143 -25.78 16.08 56.56
CA VAL G 143 -25.61 15.23 55.40
C VAL G 143 -26.18 13.83 55.59
N CYS G 144 -27.22 13.49 54.86
CA CYS G 144 -27.68 12.12 54.89
C CYS G 144 -26.84 11.38 53.87
N LEU G 145 -26.85 10.06 53.97
CA LEU G 145 -26.18 9.25 52.99
C LEU G 145 -26.88 7.92 52.92
N ALA G 146 -26.19 6.92 52.39
CA ALA G 146 -26.85 5.69 52.03
C ALA G 146 -25.83 4.71 51.44
N THR G 147 -25.55 3.70 52.25
CA THR G 147 -24.67 2.63 51.92
C THR G 147 -25.54 1.77 51.05
N GLY G 148 -24.93 0.76 50.45
CA GLY G 148 -25.54 -0.44 49.90
C GLY G 148 -26.55 -0.67 48.80
N PHE G 149 -26.47 0.08 47.71
CA PHE G 149 -27.48 -0.05 46.66
C PHE G 149 -27.06 -0.68 45.35
N TYR G 150 -27.86 -1.63 44.89
CA TYR G 150 -27.95 -2.02 43.48
C TYR G 150 -29.38 -2.44 43.19
N PRO G 151 -30.02 -2.11 41.98
CA PRO G 151 -29.30 -1.18 41.12
C PRO G 151 -29.91 0.19 41.28
N ASP G 152 -29.15 1.20 40.93
CA ASP G 152 -29.37 2.53 41.50
C ASP G 152 -30.70 3.18 41.10
N HIS G 153 -31.64 2.97 42.00
CA HIS G 153 -32.90 3.69 42.02
C HIS G 153 -33.07 4.26 43.41
N VAL G 154 -32.69 5.52 43.58
CA VAL G 154 -32.96 6.21 44.81
C VAL G 154 -33.45 7.60 44.47
N GLU G 155 -34.66 7.86 44.93
CA GLU G 155 -35.16 9.20 44.99
C GLU G 155 -34.95 9.65 46.42
N LEU G 156 -33.99 10.54 46.60
CA LEU G 156 -33.61 11.03 47.92
C LEU G 156 -34.29 12.36 48.20
N SER G 157 -35.11 12.39 49.23
CA SER G 157 -35.85 13.60 49.54
C SER G 157 -35.68 14.00 50.99
N TRP G 158 -35.95 15.26 51.27
CA TRP G 158 -35.82 15.79 52.62
C TRP G 158 -37.19 16.06 53.21
N TRP G 159 -37.25 16.08 54.54
CA TRP G 159 -38.49 16.43 55.22
C TRP G 159 -38.21 17.26 56.46
N VAL G 160 -38.36 18.56 56.30
CA VAL G 160 -38.18 19.49 57.41
C VAL G 160 -39.52 19.79 58.07
N ASN G 161 -39.67 19.32 59.31
CA ASN G 161 -40.89 19.53 60.08
C ASN G 161 -42.12 19.01 59.35
N GLY G 162 -41.98 17.87 58.68
CA GLY G 162 -43.08 17.25 57.97
C GLY G 162 -43.47 17.96 56.69
N LYS G 163 -42.53 18.65 56.09
CA LYS G 163 -42.76 19.30 54.80
C LYS G 163 -41.57 19.07 53.86
N GLU G 164 -41.85 18.59 52.66
CA GLU G 164 -40.81 18.35 51.67
C GLU G 164 -40.12 19.67 51.32
N VAL G 165 -38.81 19.61 51.10
CA VAL G 165 -38.05 20.81 50.87
C VAL G 165 -36.88 20.55 49.91
N HIS G 166 -36.58 21.55 49.08
CA HIS G 166 -35.42 21.51 48.21
C HIS G 166 -34.65 22.81 48.40
N SER G 167 -35.00 23.51 49.48
CA SER G 167 -34.44 24.81 49.76
C SER G 167 -33.26 24.69 50.72
N GLY G 168 -32.08 24.46 50.16
CA GLY G 168 -30.87 24.27 50.93
C GLY G 168 -30.29 22.91 50.59
N VAL G 169 -30.82 22.31 49.54
CA VAL G 169 -30.47 20.94 49.17
C VAL G 169 -29.50 20.87 47.99
N CYS G 170 -28.51 20.01 48.12
CA CYS G 170 -27.58 19.73 47.04
C CYS G 170 -27.18 18.26 47.06
N THR G 171 -27.63 17.51 46.07
CA THR G 171 -27.24 16.11 45.92
C THR G 171 -26.90 15.82 44.46
N ASP G 172 -25.75 15.20 44.23
CA ASP G 172 -25.21 15.00 42.89
C ASP G 172 -26.02 14.02 42.04
N PRO G 173 -26.51 14.48 40.88
CA PRO G 173 -27.41 13.73 39.99
C PRO G 173 -26.88 12.36 39.58
N GLN G 174 -25.56 12.22 39.61
CA GLN G 174 -24.92 10.95 39.32
C GLN G 174 -24.54 10.25 40.62
N PRO G 175 -24.79 8.92 40.70
CA PRO G 175 -24.48 8.12 41.89
C PRO G 175 -23.13 7.41 41.84
N LEU G 176 -22.61 7.02 43.00
CA LEU G 176 -21.24 6.50 43.15
C LEU G 176 -21.18 4.98 43.35
N LYS G 177 -20.09 4.37 42.84
CA LYS G 177 -19.74 2.99 43.15
C LYS G 177 -18.38 2.94 43.86
N GLU G 178 -18.31 2.23 44.99
CA GLU G 178 -17.07 2.15 45.78
C GLU G 178 -15.96 1.35 45.06
N GLN G 179 -16.27 0.13 44.63
CA GLN G 179 -15.37 -0.64 43.75
C GLN G 179 -15.91 -0.74 42.31
N PRO G 180 -15.30 0.01 41.38
CA PRO G 180 -15.70 0.09 39.97
C PRO G 180 -15.27 -1.13 39.17
N ALA G 181 -14.29 -1.86 39.71
CA ALA G 181 -13.78 -3.07 39.07
C ALA G 181 -14.92 -4.03 38.80
N LEU G 182 -15.65 -4.38 39.84
CA LEU G 182 -16.83 -5.24 39.73
C LEU G 182 -18.03 -4.41 39.31
N ASN G 183 -18.65 -4.78 38.20
CA ASN G 183 -19.84 -4.06 37.73
C ASN G 183 -21.12 -4.70 38.23
N ASP G 184 -21.13 -5.05 39.51
CA ASP G 184 -22.28 -5.65 40.16
C ASP G 184 -22.11 -5.47 41.67
N SER G 185 -21.31 -4.48 42.05
CA SER G 185 -21.02 -4.22 43.45
C SER G 185 -21.94 -3.15 44.01
N ARG G 186 -21.78 -2.88 45.31
CA ARG G 186 -22.65 -1.94 46.02
C ARG G 186 -22.35 -0.47 45.68
N TYR G 187 -23.40 0.31 45.46
CA TYR G 187 -23.28 1.73 45.13
C TYR G 187 -23.32 2.61 46.39
N ALA G 188 -23.67 3.89 46.21
CA ALA G 188 -23.86 4.87 47.29
C ALA G 188 -24.30 6.24 46.75
N LEU G 189 -25.04 7.02 47.55
CA LEU G 189 -25.50 8.34 47.11
C LEU G 189 -25.23 9.49 48.10
N SER G 190 -24.82 10.62 47.55
CA SER G 190 -24.45 11.84 48.27
C SER G 190 -25.63 12.82 48.43
N SER G 191 -25.59 13.65 49.48
CA SER G 191 -26.58 14.73 49.63
C SER G 191 -26.24 15.69 50.77
N ARG G 192 -26.88 16.85 50.79
CA ARG G 192 -26.60 17.90 51.78
C ARG G 192 -27.77 18.87 51.98
N LEU G 193 -27.90 19.39 53.21
CA LEU G 193 -28.95 20.37 53.53
C LEU G 193 -28.45 21.42 54.50
N ARG G 194 -28.40 22.68 54.07
CA ARG G 194 -27.84 23.76 54.88
C ARG G 194 -28.85 24.84 55.26
N VAL G 195 -29.01 25.05 56.56
CA VAL G 195 -29.92 26.08 57.07
C VAL G 195 -29.26 26.87 58.19
N SER G 196 -29.90 27.98 58.56
CA SER G 196 -29.38 28.91 59.56
C SER G 196 -28.92 28.22 60.85
N ALA G 197 -28.03 28.89 61.58
CA ALA G 197 -27.59 28.39 62.87
C ALA G 197 -28.75 28.42 63.85
N THR G 198 -29.41 29.57 63.93
CA THR G 198 -30.53 29.77 64.86
C THR G 198 -31.68 28.78 64.60
N PHE G 199 -31.78 28.30 63.36
CA PHE G 199 -32.78 27.29 63.02
C PHE G 199 -32.39 25.92 63.59
N TRP G 200 -31.12 25.56 63.41
CA TRP G 200 -30.61 24.28 63.88
C TRP G 200 -30.45 24.25 65.40
N GLN G 201 -30.08 25.40 65.96
CA GLN G 201 -29.90 25.53 67.40
C GLN G 201 -31.20 25.25 68.12
N ASN G 202 -32.32 25.51 67.43
CA ASN G 202 -33.64 25.21 67.97
C ASN G 202 -33.96 23.73 67.87
N PRO G 203 -34.12 23.08 69.03
CA PRO G 203 -34.23 21.64 69.16
C PRO G 203 -35.62 21.08 68.80
N ARG G 204 -36.62 21.95 68.80
CA ARG G 204 -38.00 21.49 68.63
C ARG G 204 -38.37 21.27 67.15
N ASN G 205 -37.37 21.21 66.27
CA ASN G 205 -37.60 20.97 64.85
C ASN G 205 -37.18 19.57 64.41
N HIS G 206 -37.86 19.04 63.40
CA HIS G 206 -37.60 17.67 62.95
C HIS G 206 -37.08 17.60 61.52
N PHE G 207 -35.92 16.93 61.35
CA PHE G 207 -35.30 16.76 60.03
C PHE G 207 -35.28 15.29 59.62
N ARG G 208 -35.77 15.01 58.42
CA ARG G 208 -35.79 13.64 57.93
C ARG G 208 -35.21 13.51 56.54
N CYS G 209 -34.30 12.56 56.42
CA CYS G 209 -33.75 12.20 55.14
C CYS G 209 -34.40 10.93 54.67
N GLN G 210 -35.23 11.05 53.64
CA GLN G 210 -35.95 9.89 53.14
C GLN G 210 -35.22 9.33 51.93
N VAL G 211 -34.97 8.03 51.94
CA VAL G 211 -34.25 7.38 50.85
C VAL G 211 -35.15 6.33 50.19
N GLN G 212 -35.97 6.81 49.27
CA GLN G 212 -36.91 5.95 48.57
C GLN G 212 -36.13 4.98 47.72
N PHE G 213 -36.57 3.73 47.67
CA PHE G 213 -35.84 2.67 46.98
C PHE G 213 -36.75 1.78 46.12
N TYR G 214 -36.26 1.41 44.94
CA TYR G 214 -37.00 0.52 44.04
C TYR G 214 -36.42 -0.88 44.02
N GLY G 215 -37.30 -1.88 43.99
CA GLY G 215 -36.89 -3.27 44.00
C GLY G 215 -37.84 -4.15 43.23
N LEU G 216 -38.18 -5.29 43.83
CA LEU G 216 -39.11 -6.23 43.21
C LEU G 216 -40.38 -6.35 44.07
N SER G 217 -41.48 -6.78 43.45
CA SER G 217 -42.71 -6.99 44.21
C SER G 217 -42.77 -8.42 44.74
N GLU G 218 -43.89 -8.79 45.34
CA GLU G 218 -44.00 -10.11 45.95
C GLU G 218 -44.51 -11.15 44.95
N ASN G 219 -44.56 -10.78 43.68
CA ASN G 219 -44.79 -11.76 42.64
C ASN G 219 -43.62 -12.74 42.61
N ASP G 220 -42.43 -12.25 42.95
CA ASP G 220 -41.22 -13.06 42.93
C ASP G 220 -40.60 -13.15 44.32
N GLU G 221 -40.44 -14.38 44.80
CA GLU G 221 -39.83 -14.67 46.09
C GLU G 221 -38.30 -14.81 45.96
N TRP G 222 -37.55 -14.19 46.88
CA TRP G 222 -36.09 -14.21 46.84
C TRP G 222 -35.48 -14.76 48.13
N THR G 223 -34.73 -15.84 48.00
CA THR G 223 -34.23 -16.59 49.12
C THR G 223 -32.75 -16.86 48.89
N GLN G 224 -32.06 -17.24 49.94
CA GLN G 224 -32.73 -17.46 51.21
C GLN G 224 -31.93 -16.92 52.38
N ASP G 225 -32.63 -16.61 53.47
CA ASP G 225 -31.98 -16.30 54.74
C ASP G 225 -31.51 -14.87 54.94
N ARG G 226 -31.82 -13.99 54.00
CA ARG G 226 -31.77 -12.56 54.23
C ARG G 226 -33.05 -12.02 53.65
N ALA G 227 -33.79 -11.20 54.40
CA ALA G 227 -35.11 -10.82 53.86
C ALA G 227 -35.06 -10.34 52.42
N LYS G 228 -35.87 -10.98 51.57
CA LYS G 228 -35.93 -10.66 50.15
C LYS G 228 -36.06 -9.16 49.92
N PRO G 229 -35.05 -8.58 49.25
CA PRO G 229 -34.97 -7.13 48.98
C PRO G 229 -36.08 -6.67 48.04
N VAL G 230 -37.00 -5.87 48.57
CA VAL G 230 -38.14 -5.40 47.80
C VAL G 230 -38.24 -3.87 47.83
N THR G 231 -39.16 -3.33 47.04
CA THR G 231 -39.36 -1.89 47.00
C THR G 231 -39.89 -1.38 48.33
N GLN G 232 -39.06 -0.58 49.00
CA GLN G 232 -39.42 -0.02 50.29
C GLN G 232 -38.74 1.33 50.47
N ILE G 233 -38.88 1.90 51.67
CA ILE G 233 -38.24 3.18 51.97
C ILE G 233 -37.47 3.10 53.29
N VAL G 234 -36.34 3.80 53.37
CA VAL G 234 -35.55 3.81 54.59
C VAL G 234 -35.33 5.24 55.09
N SER G 235 -35.70 5.52 56.32
CA SER G 235 -35.63 6.89 56.80
C SER G 235 -34.95 7.02 58.16
N ALA G 236 -33.82 7.71 58.18
CA ALA G 236 -33.13 7.99 59.43
C ALA G 236 -33.46 9.40 59.91
N GLU G 237 -33.60 9.53 61.22
CA GLU G 237 -34.16 10.73 61.86
C GLU G 237 -33.09 11.57 62.57
N ALA G 238 -33.48 12.80 62.95
CA ALA G 238 -32.63 13.69 63.76
C ALA G 238 -33.35 14.98 64.18
N TRP G 239 -33.38 15.25 65.48
CA TRP G 239 -33.88 16.51 66.03
C TRP G 239 -32.69 17.42 66.35
N GLY G 240 -32.92 18.73 66.35
CA GLY G 240 -31.85 19.69 66.60
C GLY G 240 -31.30 19.65 68.02
N ARG G 241 -30.41 20.58 68.35
CA ARG G 241 -29.91 20.70 69.72
C ARG G 241 -29.39 22.11 70.01
N ALA G 242 -29.65 22.61 71.23
CA ALA G 242 -29.16 23.92 71.65
C ALA G 242 -27.71 23.86 72.14
N ASP G 243 -27.23 24.96 72.71
CA ASP G 243 -25.87 25.04 73.21
C ASP G 243 -25.61 24.02 74.32
N SER H 3 -36.36 14.18 -21.78
CA SER H 3 -37.51 14.30 -20.88
C SER H 3 -37.96 12.94 -20.34
N HIS H 4 -38.08 12.84 -19.02
CA HIS H 4 -38.67 11.67 -18.38
C HIS H 4 -39.35 12.04 -17.08
N SER H 5 -40.08 11.09 -16.51
CA SER H 5 -40.91 11.37 -15.34
C SER H 5 -41.42 10.10 -14.66
N MET H 6 -41.01 9.90 -13.41
CA MET H 6 -41.56 8.82 -12.58
C MET H 6 -42.68 9.35 -11.70
N ARG H 7 -43.83 8.69 -11.73
CA ARG H 7 -44.95 9.12 -10.91
C ARG H 7 -45.72 7.94 -10.31
N TYR H 8 -46.10 8.08 -9.04
CA TYR H 8 -46.93 7.09 -8.38
C TYR H 8 -48.33 7.64 -8.20
N PHE H 9 -49.33 6.77 -8.40
CA PHE H 9 -50.72 7.17 -8.40
C PHE H 9 -51.52 6.45 -7.30
N PHE H 10 -52.59 7.07 -6.83
CA PHE H 10 -53.37 6.48 -5.75
C PHE H 10 -54.89 6.67 -5.89
N THR H 11 -55.63 5.62 -5.56
CA THR H 11 -57.09 5.66 -5.51
C THR H 11 -57.59 4.87 -4.31
N SER H 12 -58.14 5.58 -3.33
CA SER H 12 -58.85 4.93 -2.24
C SER H 12 -60.30 5.41 -2.28
N VAL H 13 -61.20 4.46 -2.51
CA VAL H 13 -62.62 4.78 -2.63
C VAL H 13 -63.39 4.09 -1.51
N SER H 14 -64.37 4.78 -0.94
CA SER H 14 -65.15 4.21 0.16
C SER H 14 -66.37 3.46 -0.37
N ARG H 15 -66.69 2.34 0.26
CA ARG H 15 -67.82 1.55 -0.16
C ARG H 15 -68.57 0.89 1.00
N PRO H 16 -69.30 1.69 1.79
CA PRO H 16 -70.27 1.05 2.69
C PRO H 16 -71.48 0.54 1.91
N GLY H 17 -71.92 -0.66 2.24
CA GLY H 17 -71.26 -1.43 3.27
C GLY H 17 -71.95 -2.72 3.66
N ARG H 18 -71.38 -3.39 4.66
CA ARG H 18 -70.09 -2.99 5.20
C ARG H 18 -69.02 -3.51 4.26
N GLY H 19 -67.97 -2.73 4.06
CA GLY H 19 -66.95 -3.11 3.13
C GLY H 19 -65.64 -2.41 3.39
N GLU H 20 -64.57 -3.02 2.92
CA GLU H 20 -63.28 -2.36 2.92
C GLU H 20 -63.23 -1.42 1.73
N PRO H 21 -62.95 -0.17 1.96
CA PRO H 21 -62.89 0.72 0.83
C PRO H 21 -61.84 0.13 -0.07
N ARG H 22 -62.14 0.07 -1.36
CA ARG H 22 -61.22 -0.53 -2.30
C ARG H 22 -60.00 0.35 -2.29
N PHE H 23 -58.83 -0.24 -2.48
CA PHE H 23 -57.59 0.54 -2.52
C PHE H 23 -56.54 -0.15 -3.36
N ILE H 24 -56.12 0.51 -4.43
CA ILE H 24 -55.10 -0.03 -5.32
C ILE H 24 -54.04 1.01 -5.64
N ALA H 25 -52.78 0.62 -5.51
CA ALA H 25 -51.66 1.52 -5.82
C ALA H 25 -51.01 1.12 -7.15
N VAL H 26 -50.77 2.12 -8.00
CA VAL H 26 -50.27 1.91 -9.36
C VAL H 26 -49.34 3.04 -9.80
N GLY H 27 -48.13 2.70 -10.24
CA GLY H 27 -47.17 3.70 -10.65
C GLY H 27 -46.62 3.47 -12.04
N TYR H 28 -46.29 4.55 -12.72
CA TYR H 28 -45.68 4.46 -14.04
C TYR H 28 -44.32 5.16 -14.06
N VAL H 29 -43.56 4.92 -15.13
CA VAL H 29 -42.47 5.81 -15.52
C VAL H 29 -42.63 6.12 -16.99
N ASP H 30 -42.84 7.40 -17.27
CA ASP H 30 -43.33 7.86 -18.55
C ASP H 30 -44.66 7.17 -18.81
N ASP H 31 -44.79 6.48 -19.93
CA ASP H 31 -46.05 5.84 -20.27
C ASP H 31 -45.96 4.32 -20.15
N THR H 32 -45.37 3.85 -19.06
CA THR H 32 -45.08 2.43 -18.87
C THR H 32 -45.16 2.04 -17.39
N GLN H 33 -45.84 0.94 -17.09
CA GLN H 33 -46.10 0.59 -15.70
C GLN H 33 -45.05 -0.34 -15.06
N PHE H 34 -44.64 -0.01 -13.83
CA PHE H 34 -43.72 -0.78 -12.99
C PHE H 34 -44.41 -1.87 -12.18
N VAL H 35 -45.33 -1.44 -11.32
CA VAL H 35 -45.91 -2.32 -10.32
C VAL H 35 -47.43 -2.11 -10.27
N ARG H 36 -48.07 -2.78 -9.32
CA ARG H 36 -49.36 -2.40 -8.75
C ARG H 36 -49.55 -3.17 -7.45
N PHE H 37 -50.55 -2.79 -6.67
CA PHE H 37 -50.92 -3.57 -5.50
C PHE H 37 -52.43 -3.54 -5.28
N ASP H 38 -53.00 -4.74 -5.32
CA ASP H 38 -54.43 -5.00 -5.37
C ASP H 38 -55.16 -4.80 -4.05
N SER H 39 -56.44 -4.47 -4.19
CA SER H 39 -57.48 -4.43 -3.16
C SER H 39 -57.92 -5.75 -2.55
N ASP H 40 -57.97 -6.80 -3.37
CA ASP H 40 -58.45 -8.11 -2.94
C ASP H 40 -57.79 -9.20 -3.78
N ALA H 41 -56.47 -9.15 -3.84
CA ALA H 41 -55.68 -10.18 -4.49
C ALA H 41 -55.07 -10.99 -3.38
N ALA H 42 -54.79 -12.24 -3.68
CA ALA H 42 -54.12 -13.10 -2.73
C ALA H 42 -52.74 -12.58 -2.47
N SER H 43 -52.18 -11.84 -3.42
CA SER H 43 -50.77 -11.61 -3.38
C SER H 43 -50.39 -10.91 -2.08
N GLN H 44 -51.14 -9.89 -1.70
CA GLN H 44 -50.91 -9.26 -0.42
C GLN H 44 -49.53 -8.67 -0.47
N ARG H 45 -49.00 -8.55 -1.67
CA ARG H 45 -47.72 -7.90 -1.96
C ARG H 45 -47.76 -7.24 -3.34
N MET H 46 -47.22 -6.02 -3.47
CA MET H 46 -47.14 -5.41 -4.79
C MET H 46 -46.13 -6.13 -5.66
N GLU H 47 -46.64 -7.05 -6.47
CA GLU H 47 -45.82 -7.79 -7.43
C GLU H 47 -45.91 -7.12 -8.78
N PRO H 48 -44.76 -6.96 -9.46
CA PRO H 48 -44.60 -6.18 -10.70
C PRO H 48 -45.28 -6.76 -11.94
N ARG H 49 -45.56 -5.88 -12.89
CA ARG H 49 -46.16 -6.27 -14.17
C ARG H 49 -45.16 -6.09 -15.31
N ALA H 50 -43.98 -5.57 -15.00
CA ALA H 50 -42.93 -5.33 -15.99
C ALA H 50 -41.64 -6.12 -15.67
N PRO H 51 -40.99 -6.59 -16.72
CA PRO H 51 -39.91 -7.57 -16.63
C PRO H 51 -38.65 -7.15 -15.92
N TRP H 52 -38.20 -5.94 -16.10
CA TRP H 52 -36.83 -5.62 -15.79
C TRP H 52 -36.54 -5.91 -14.34
N ILE H 53 -37.49 -5.52 -13.52
CA ILE H 53 -37.34 -5.25 -12.10
C ILE H 53 -36.97 -6.46 -11.23
N GLU H 54 -37.29 -7.64 -11.73
CA GLU H 54 -37.17 -8.89 -10.97
C GLU H 54 -35.72 -9.11 -10.49
N GLN H 55 -34.78 -8.40 -11.11
CA GLN H 55 -33.45 -8.16 -10.56
C GLN H 55 -33.42 -7.94 -9.04
N GLU H 56 -34.44 -7.25 -8.53
CA GLU H 56 -34.55 -6.93 -7.12
C GLU H 56 -34.89 -8.16 -6.29
N GLY H 57 -34.14 -8.37 -5.21
CA GLY H 57 -34.45 -9.45 -4.29
C GLY H 57 -35.62 -9.07 -3.40
N PRO H 58 -36.00 -9.97 -2.49
CA PRO H 58 -37.04 -9.75 -1.47
C PRO H 58 -36.82 -8.52 -0.60
N GLU H 59 -35.57 -8.11 -0.43
CA GLU H 59 -35.24 -6.91 0.36
C GLU H 59 -35.83 -5.64 -0.25
N TYR H 60 -36.38 -5.78 -1.44
CA TYR H 60 -37.07 -4.70 -2.12
C TYR H 60 -38.56 -4.91 -2.01
N TRP H 61 -39.00 -6.15 -2.24
CA TRP H 61 -40.42 -6.46 -2.30
C TRP H 61 -41.08 -6.55 -0.94
N ASP H 62 -40.43 -7.25 0.00
CA ASP H 62 -40.90 -7.24 1.38
C ASP H 62 -40.64 -5.85 1.93
N GLY H 63 -39.77 -5.13 1.22
CA GLY H 63 -39.62 -3.71 1.43
C GLY H 63 -40.81 -2.95 0.89
N GLU H 64 -41.07 -3.09 -0.40
CA GLU H 64 -42.03 -2.19 -1.06
C GLU H 64 -43.50 -2.47 -0.66
N THR H 65 -43.77 -3.60 -0.02
CA THR H 65 -45.10 -3.78 0.56
C THR H 65 -45.18 -3.32 2.02
N ARG H 66 -44.05 -3.32 2.72
CA ARG H 66 -43.97 -2.69 4.04
C ARG H 66 -44.11 -1.16 3.90
N LYS H 67 -44.09 -0.62 2.67
CA LYS H 67 -44.48 0.78 2.51
C LYS H 67 -45.75 0.96 1.64
N VAL H 68 -46.38 -0.13 1.24
CA VAL H 68 -47.73 0.05 0.79
C VAL H 68 -48.67 -0.15 1.94
N LYS H 69 -48.17 -0.63 3.06
CA LYS H 69 -49.05 -1.02 4.12
C LYS H 69 -49.81 0.19 4.57
N ALA H 70 -49.13 1.28 4.81
CA ALA H 70 -49.78 2.45 5.36
C ALA H 70 -50.80 3.05 4.42
N HIS H 71 -50.39 3.11 3.17
CA HIS H 71 -51.12 3.90 2.21
C HIS H 71 -52.50 3.26 2.16
N SER H 72 -52.53 1.94 2.32
CA SER H 72 -53.77 1.18 2.50
C SER H 72 -54.46 1.45 3.84
N GLN H 73 -53.71 1.93 4.82
CA GLN H 73 -54.27 2.24 6.13
C GLN H 73 -54.49 3.75 6.33
N THR H 74 -53.68 4.57 5.67
CA THR H 74 -53.76 6.03 5.83
C THR H 74 -55.02 6.58 5.20
N HIS H 75 -55.18 6.34 3.91
CA HIS H 75 -56.32 6.89 3.18
C HIS H 75 -57.63 6.33 3.75
N ARG H 76 -57.56 5.12 4.29
CA ARG H 76 -58.64 4.55 5.08
C ARG H 76 -59.13 5.59 6.07
N VAL H 77 -58.25 5.93 7.02
CA VAL H 77 -58.54 6.94 8.03
C VAL H 77 -58.96 8.27 7.39
N ASP H 78 -58.27 8.62 6.30
CA ASP H 78 -58.57 9.85 5.59
C ASP H 78 -60.01 9.84 5.04
N LEU H 79 -60.50 8.67 4.69
CA LEU H 79 -61.87 8.54 4.17
C LEU H 79 -62.93 8.83 5.22
N GLY H 80 -62.61 8.55 6.48
CA GLY H 80 -63.55 8.76 7.56
C GLY H 80 -63.43 10.14 8.18
N THR H 81 -62.24 10.72 8.08
CA THR H 81 -62.01 12.04 8.62
C THR H 81 -62.61 13.08 7.69
N LEU H 82 -62.62 12.77 6.39
CA LEU H 82 -63.18 13.69 5.40
C LEU H 82 -64.70 13.72 5.43
N ARG H 83 -65.29 12.72 6.10
CA ARG H 83 -66.74 12.67 6.27
C ARG H 83 -67.22 13.88 7.05
N GLY H 84 -66.40 14.33 7.99
CA GLY H 84 -66.75 15.44 8.86
C GLY H 84 -66.32 16.80 8.34
N TYR H 85 -65.34 16.82 7.44
CA TYR H 85 -64.95 18.06 6.76
C TYR H 85 -66.14 18.59 5.97
N TYR H 86 -67.08 17.71 5.68
CA TYR H 86 -68.22 18.00 4.83
C TYR H 86 -69.52 17.66 5.55
N ASN H 87 -69.40 17.06 6.74
CA ASN H 87 -70.55 16.55 7.47
C ASN H 87 -71.38 15.63 6.59
N GLN H 88 -70.76 14.54 6.12
CA GLN H 88 -71.38 13.65 5.16
C GLN H 88 -71.79 12.31 5.75
N SER H 89 -72.82 11.71 5.15
CA SER H 89 -73.40 10.46 5.63
C SER H 89 -72.43 9.28 5.64
N GLU H 90 -72.85 8.23 6.32
CA GLU H 90 -72.07 7.01 6.47
C GLU H 90 -71.87 6.27 5.15
N ALA H 91 -72.96 6.07 4.42
CA ALA H 91 -72.91 5.28 3.20
C ALA H 91 -72.52 6.12 1.99
N GLY H 92 -72.00 7.31 2.26
CA GLY H 92 -71.48 8.16 1.19
C GLY H 92 -70.22 7.56 0.61
N SER H 93 -70.38 6.77 -0.45
CA SER H 93 -69.24 6.22 -1.17
C SER H 93 -68.51 7.33 -1.90
N HIS H 94 -67.39 7.76 -1.37
CA HIS H 94 -66.65 8.87 -1.95
C HIS H 94 -65.37 8.39 -2.64
N THR H 95 -64.50 9.32 -3.01
CA THR H 95 -63.30 9.01 -3.77
C THR H 95 -62.09 9.84 -3.36
N VAL H 96 -61.14 9.22 -2.67
CA VAL H 96 -59.92 9.91 -2.27
C VAL H 96 -58.76 9.48 -3.16
N GLN H 97 -58.07 10.47 -3.73
CA GLN H 97 -56.98 10.23 -4.68
C GLN H 97 -55.72 11.03 -4.33
N ARG H 98 -54.57 10.36 -4.39
CA ARG H 98 -53.29 10.98 -4.07
C ARG H 98 -52.28 10.77 -5.19
N MET H 99 -51.53 11.83 -5.49
CA MET H 99 -50.60 11.81 -6.60
C MET H 99 -49.28 12.50 -6.26
N TYR H 100 -48.16 11.82 -6.52
CA TYR H 100 -46.85 12.44 -6.36
C TYR H 100 -45.77 11.76 -7.19
N GLY H 101 -44.92 12.59 -7.79
CA GLY H 101 -43.84 12.13 -8.65
C GLY H 101 -42.92 13.26 -9.04
N CYS H 102 -42.04 13.01 -9.99
CA CYS H 102 -41.04 14.00 -10.43
C CYS H 102 -40.64 13.85 -11.89
N ASP H 103 -40.42 14.98 -12.56
CA ASP H 103 -39.94 14.98 -13.95
C ASP H 103 -38.48 15.41 -13.98
N VAL H 104 -37.70 14.81 -14.87
CA VAL H 104 -36.25 15.07 -14.93
C VAL H 104 -35.82 15.69 -16.27
N GLY H 105 -34.91 16.65 -16.21
CA GLY H 105 -34.35 17.25 -17.41
C GLY H 105 -33.50 16.29 -18.22
N SER H 106 -33.04 16.75 -19.39
CA SER H 106 -32.30 15.90 -20.33
C SER H 106 -30.89 15.59 -19.83
N ASP H 107 -30.38 16.41 -18.93
CA ASP H 107 -29.07 16.17 -18.35
C ASP H 107 -29.16 15.12 -17.24
N TRP H 108 -30.34 14.50 -17.17
CA TRP H 108 -30.63 13.45 -16.19
C TRP H 108 -30.51 13.91 -14.73
N ARG H 109 -30.63 15.22 -14.48
CA ARG H 109 -30.57 15.72 -13.10
C ARG H 109 -31.88 16.42 -12.72
N PHE H 110 -32.06 16.57 -11.40
CA PHE H 110 -33.17 17.24 -10.73
C PHE H 110 -33.81 18.35 -11.53
N LEU H 111 -35.12 18.27 -11.72
CA LEU H 111 -35.86 19.34 -12.36
C LEU H 111 -36.96 19.85 -11.45
N ARG H 112 -38.04 19.07 -11.35
CA ARG H 112 -39.21 19.49 -10.59
C ARG H 112 -40.11 18.31 -10.26
N GLY H 113 -40.69 18.33 -9.07
CA GLY H 113 -41.61 17.27 -8.65
C GLY H 113 -42.98 17.79 -8.28
N TYR H 114 -43.95 16.88 -8.20
CA TYR H 114 -45.33 17.24 -7.88
C TYR H 114 -45.91 16.43 -6.73
N HIS H 115 -46.99 16.96 -6.14
CA HIS H 115 -47.67 16.31 -5.02
C HIS H 115 -49.02 16.96 -4.70
N GLN H 116 -50.11 16.22 -4.90
CA GLN H 116 -51.45 16.76 -4.66
C GLN H 116 -52.51 15.68 -4.46
N TYR H 117 -53.74 16.12 -4.19
CA TYR H 117 -54.83 15.26 -3.77
C TYR H 117 -56.11 15.51 -4.54
N ALA H 118 -57.11 14.65 -4.35
CA ALA H 118 -58.44 14.87 -4.94
C ALA H 118 -59.58 14.18 -4.18
N TYR H 119 -60.78 14.74 -4.35
CA TYR H 119 -61.94 14.30 -3.59
C TYR H 119 -63.21 14.50 -4.41
N ASP H 120 -63.91 13.40 -4.67
CA ASP H 120 -65.23 13.42 -5.30
C ASP H 120 -65.25 14.14 -6.63
N GLY H 121 -64.16 14.07 -7.39
CA GLY H 121 -64.17 14.64 -8.72
C GLY H 121 -62.96 15.48 -9.07
N LYS H 122 -62.67 16.51 -8.27
CA LYS H 122 -61.55 17.41 -8.58
C LYS H 122 -60.75 17.91 -7.37
N ASP H 123 -59.92 18.91 -7.63
CA ASP H 123 -58.84 19.38 -6.75
C ASP H 123 -59.22 19.76 -5.31
N TYR H 124 -58.49 19.19 -4.35
CA TYR H 124 -58.66 19.50 -2.94
C TYR H 124 -57.48 20.32 -2.44
N ILE H 125 -56.33 19.67 -2.28
CA ILE H 125 -55.11 20.35 -1.87
C ILE H 125 -54.05 20.16 -2.95
N ALA H 126 -53.03 21.01 -2.88
CA ALA H 126 -51.96 20.98 -3.86
C ALA H 126 -50.66 21.40 -3.21
N LEU H 127 -49.56 20.86 -3.74
CA LEU H 127 -48.24 21.37 -3.45
C LEU H 127 -47.73 22.09 -4.69
N LYS H 128 -47.66 23.42 -4.60
CA LYS H 128 -47.21 24.24 -5.72
C LYS H 128 -45.85 23.78 -6.21
N GLU H 129 -45.43 24.33 -7.34
CA GLU H 129 -44.11 24.06 -7.87
C GLU H 129 -43.04 24.46 -6.85
N ASP H 130 -41.79 24.12 -7.14
CA ASP H 130 -40.62 24.56 -6.37
C ASP H 130 -40.59 24.15 -4.89
N LEU H 131 -41.60 23.44 -4.42
CA LEU H 131 -41.68 23.01 -3.01
C LEU H 131 -41.55 24.17 -2.02
N ARG H 132 -42.43 25.15 -2.16
CA ARG H 132 -42.54 26.18 -1.14
C ARG H 132 -43.78 25.93 -0.30
N SER H 133 -44.93 26.15 -0.92
CA SER H 133 -46.18 26.21 -0.19
C SER H 133 -47.27 25.32 -0.76
N TRP H 134 -48.36 25.24 0.00
CA TRP H 134 -49.52 24.46 -0.38
C TRP H 134 -50.58 25.37 -1.00
N THR H 135 -51.41 24.80 -1.87
CA THR H 135 -52.58 25.51 -2.38
C THR H 135 -53.81 24.91 -1.72
N ALA H 136 -54.86 25.71 -1.56
CA ALA H 136 -56.11 25.23 -0.95
C ALA H 136 -57.33 25.78 -1.67
N ALA H 137 -58.32 24.93 -1.90
CA ALA H 137 -59.51 25.31 -2.64
C ALA H 137 -60.68 25.63 -1.71
N ASP H 138 -61.30 24.60 -1.16
CA ASP H 138 -62.42 24.77 -0.22
C ASP H 138 -61.92 24.91 1.22
N MET H 139 -62.79 25.36 2.12
CA MET H 139 -62.37 25.68 3.49
C MET H 139 -61.87 24.44 4.24
N ALA H 140 -62.41 23.28 3.90
CA ALA H 140 -62.01 22.04 4.56
C ALA H 140 -60.53 21.77 4.34
N ALA H 141 -60.00 22.34 3.27
CA ALA H 141 -58.60 22.18 2.92
C ALA H 141 -57.70 23.08 3.76
N GLN H 142 -58.17 24.27 4.10
CA GLN H 142 -57.40 25.19 4.92
C GLN H 142 -57.13 24.56 6.28
N THR H 143 -58.04 23.69 6.70
CA THR H 143 -57.81 22.86 7.87
C THR H 143 -56.65 21.94 7.58
N THR H 144 -56.73 21.27 6.44
CA THR H 144 -55.69 20.35 6.00
C THR H 144 -54.38 21.10 5.76
N LYS H 145 -54.46 22.33 5.25
CA LYS H 145 -53.25 23.10 4.98
C LYS H 145 -52.52 23.48 6.26
N HIS H 146 -53.25 24.01 7.23
CA HIS H 146 -52.68 24.40 8.52
C HIS H 146 -51.98 23.25 9.22
N LYS H 147 -52.49 22.04 9.00
CA LYS H 147 -51.91 20.83 9.57
C LYS H 147 -50.49 20.61 9.05
N TRP H 148 -50.37 20.36 7.74
CA TRP H 148 -49.06 20.13 7.10
C TRP H 148 -48.14 21.31 7.30
N GLU H 149 -48.73 22.49 7.44
CA GLU H 149 -47.95 23.66 7.82
C GLU H 149 -47.44 23.50 9.24
N ALA H 150 -48.28 23.00 10.14
CA ALA H 150 -47.89 22.88 11.54
C ALA H 150 -46.85 21.77 11.74
N ALA H 151 -46.89 20.78 10.85
CA ALA H 151 -45.99 19.63 10.95
C ALA H 151 -44.72 19.85 10.15
N HIS H 152 -44.84 20.67 9.11
CA HIS H 152 -43.72 20.98 8.24
C HIS H 152 -43.26 19.71 7.55
N VAL H 153 -44.27 19.06 6.99
CA VAL H 153 -44.14 17.93 6.10
C VAL H 153 -43.54 18.38 4.77
N ALA H 154 -43.90 19.59 4.34
CA ALA H 154 -43.44 20.15 3.08
C ALA H 154 -41.91 20.15 2.96
N GLU H 155 -41.21 20.42 4.08
CA GLU H 155 -39.74 20.36 4.10
C GLU H 155 -39.17 18.96 4.21
N GLN H 156 -39.95 17.99 4.65
CA GLN H 156 -39.47 16.62 4.46
C GLN H 156 -39.72 16.21 3.02
N LEU H 157 -40.90 16.53 2.50
CA LEU H 157 -41.16 16.30 1.09
C LEU H 157 -40.12 17.04 0.25
N ARG H 158 -39.69 18.20 0.74
CA ARG H 158 -38.65 18.96 0.08
C ARG H 158 -37.32 18.20 0.02
N ALA H 159 -37.21 17.10 0.74
CA ALA H 159 -35.98 16.31 0.78
C ALA H 159 -36.13 14.98 0.05
N TYR H 160 -37.36 14.56 -0.17
CA TYR H 160 -37.63 13.35 -0.92
C TYR H 160 -37.63 13.66 -2.41
N LEU H 161 -38.49 14.60 -2.79
CA LEU H 161 -38.74 14.86 -4.20
C LEU H 161 -37.52 15.40 -4.93
N GLU H 162 -36.60 16.06 -4.22
CA GLU H 162 -35.39 16.55 -4.86
C GLU H 162 -34.22 15.65 -4.51
N GLY H 163 -34.50 14.63 -3.71
CA GLY H 163 -33.45 13.76 -3.23
C GLY H 163 -33.51 12.35 -3.78
N THR H 164 -34.05 11.44 -2.99
CA THR H 164 -34.03 10.02 -3.33
C THR H 164 -35.01 9.65 -4.45
N CYS H 165 -35.93 10.55 -4.77
CA CYS H 165 -36.89 10.31 -5.85
C CYS H 165 -36.19 10.14 -7.19
N VAL H 166 -35.22 11.01 -7.47
CA VAL H 166 -34.47 10.93 -8.72
C VAL H 166 -33.54 9.73 -8.68
N GLU H 167 -32.92 9.51 -7.52
CA GLU H 167 -31.99 8.41 -7.31
C GLU H 167 -32.62 7.05 -7.63
N TRP H 168 -33.94 6.98 -7.54
CA TRP H 168 -34.67 5.77 -7.90
C TRP H 168 -35.06 5.77 -9.36
N LEU H 169 -35.40 6.96 -9.88
CA LEU H 169 -35.75 7.10 -11.28
C LEU H 169 -34.52 6.86 -12.15
N ARG H 170 -33.37 7.17 -11.60
CA ARG H 170 -32.12 6.82 -12.25
C ARG H 170 -31.99 5.30 -12.24
N ARG H 171 -32.11 4.72 -11.05
CA ARG H 171 -32.03 3.26 -10.89
C ARG H 171 -33.16 2.49 -11.55
N TYR H 172 -34.10 3.21 -12.12
CA TYR H 172 -35.14 2.58 -12.91
C TYR H 172 -34.76 2.76 -14.36
N LEU H 173 -34.07 3.85 -14.65
CA LEU H 173 -33.53 4.02 -15.97
C LEU H 173 -32.26 3.15 -16.17
N GLU H 174 -31.77 2.50 -15.11
CA GLU H 174 -30.38 1.93 -15.04
C GLU H 174 -30.23 0.50 -15.63
N ASN H 175 -31.04 -0.45 -15.17
CA ASN H 175 -31.19 -1.76 -15.79
C ASN H 175 -32.63 -1.81 -16.26
N GLY H 176 -33.04 -0.72 -16.88
CA GLY H 176 -34.23 -0.67 -17.69
C GLY H 176 -33.97 -0.15 -19.08
N LYS H 177 -32.73 0.15 -19.40
CA LYS H 177 -32.54 1.00 -20.55
C LYS H 177 -33.09 0.41 -21.84
N GLU H 178 -32.86 -0.87 -22.09
CA GLU H 178 -33.16 -1.39 -23.42
C GLU H 178 -34.60 -1.07 -23.83
N THR H 179 -35.47 -1.14 -22.84
CA THR H 179 -36.93 -1.11 -22.91
C THR H 179 -37.69 0.17 -23.29
N LEU H 180 -37.25 1.27 -22.71
CA LEU H 180 -38.12 2.37 -22.33
C LEU H 180 -37.70 3.58 -23.10
N GLN H 181 -36.40 3.59 -23.38
CA GLN H 181 -35.71 4.67 -24.02
C GLN H 181 -36.00 4.66 -25.51
N ARG H 182 -35.72 3.55 -26.16
CA ARG H 182 -35.80 3.55 -27.61
C ARG H 182 -37.22 3.72 -28.09
N THR H 183 -37.36 4.64 -29.04
CA THR H 183 -38.61 4.95 -29.68
C THR H 183 -38.68 4.29 -31.04
N ASP H 184 -39.60 3.36 -31.22
CA ASP H 184 -39.74 2.71 -32.52
C ASP H 184 -40.58 3.60 -33.42
N ALA H 185 -40.21 3.59 -34.70
CA ALA H 185 -40.89 4.35 -35.73
C ALA H 185 -42.39 4.10 -35.77
N PRO H 186 -43.18 5.17 -35.66
CA PRO H 186 -44.63 5.19 -35.85
C PRO H 186 -45.04 5.51 -37.29
N LYS H 187 -44.97 4.52 -38.18
CA LYS H 187 -45.32 4.73 -39.58
C LYS H 187 -46.80 5.08 -39.73
N THR H 188 -47.13 5.73 -40.84
CA THR H 188 -48.47 6.28 -41.02
C THR H 188 -49.19 5.67 -42.21
N HIS H 189 -50.44 6.10 -42.41
CA HIS H 189 -51.24 5.73 -43.58
C HIS H 189 -52.56 6.52 -43.60
N MET H 190 -53.08 6.79 -44.79
CA MET H 190 -54.27 7.62 -44.96
C MET H 190 -55.42 6.85 -45.60
N THR H 191 -56.66 7.20 -45.24
CA THR H 191 -57.80 6.39 -45.63
C THR H 191 -58.80 7.19 -46.48
N HIS H 192 -59.65 6.50 -47.22
CA HIS H 192 -60.47 7.11 -48.24
C HIS H 192 -61.91 6.54 -48.32
N HIS H 193 -62.88 7.18 -47.65
CA HIS H 193 -64.30 6.87 -47.86
C HIS H 193 -65.23 8.09 -47.94
N ALA H 194 -65.93 8.19 -49.06
CA ALA H 194 -66.79 9.33 -49.36
C ALA H 194 -68.22 8.91 -49.62
N VAL H 195 -69.17 9.51 -48.90
CA VAL H 195 -70.56 9.30 -49.27
C VAL H 195 -70.93 10.34 -50.32
N SER H 196 -71.31 9.84 -51.48
CA SER H 196 -71.31 10.63 -52.69
C SER H 196 -72.54 11.53 -52.84
N ASP H 197 -72.34 12.71 -53.44
CA ASP H 197 -71.08 13.01 -54.13
C ASP H 197 -70.21 14.14 -53.51
N HIS H 198 -70.84 15.18 -52.97
CA HIS H 198 -70.13 16.44 -52.65
C HIS H 198 -69.04 16.29 -51.59
N GLU H 199 -69.39 15.83 -50.40
CA GLU H 199 -68.41 15.69 -49.32
C GLU H 199 -67.76 14.30 -49.30
N ALA H 200 -66.44 14.28 -49.32
CA ALA H 200 -65.62 13.09 -49.15
C ALA H 200 -64.92 13.17 -47.79
N THR H 201 -64.58 12.04 -47.15
CA THR H 201 -63.86 12.10 -45.86
C THR H 201 -62.61 11.23 -45.67
N LEU H 202 -61.49 11.86 -45.30
CA LEU H 202 -60.21 11.19 -45.11
C LEU H 202 -59.62 11.33 -43.70
N ARG H 203 -59.08 10.26 -43.18
CA ARG H 203 -58.64 10.31 -41.80
C ARG H 203 -57.18 9.97 -41.85
N CYS H 204 -56.44 10.39 -40.84
CA CYS H 204 -55.00 10.19 -40.79
C CYS H 204 -54.67 9.19 -39.72
N TRP H 205 -53.87 8.19 -40.04
CA TRP H 205 -53.62 7.13 -39.09
C TRP H 205 -52.20 7.03 -38.63
N ALA H 206 -51.94 7.07 -37.33
CA ALA H 206 -50.53 6.85 -36.98
C ALA H 206 -50.39 6.04 -35.69
N LEU H 207 -49.57 4.99 -35.74
CA LEU H 207 -49.42 4.10 -34.59
C LEU H 207 -48.32 3.04 -34.66
N SER H 208 -48.40 2.13 -33.66
CA SER H 208 -47.26 1.37 -33.15
C SER H 208 -46.32 2.41 -32.55
N PHE H 209 -46.92 3.55 -32.22
CA PHE H 209 -46.21 4.75 -31.81
C PHE H 209 -45.85 4.66 -30.34
N TYR H 210 -44.59 4.91 -30.05
CA TYR H 210 -44.13 5.01 -28.67
C TYR H 210 -42.93 5.93 -28.62
N PRO H 211 -42.89 6.84 -27.64
CA PRO H 211 -43.89 7.05 -26.57
C PRO H 211 -45.17 7.73 -27.06
N ALA H 212 -46.19 7.72 -26.18
CA ALA H 212 -47.57 7.90 -26.56
C ALA H 212 -47.96 9.29 -27.07
N GLU H 213 -47.62 10.33 -26.31
CA GLU H 213 -48.22 11.62 -26.63
C GLU H 213 -47.55 12.22 -27.88
N ILE H 214 -48.35 12.24 -28.93
CA ILE H 214 -48.12 12.91 -30.19
C ILE H 214 -49.28 13.88 -30.32
N THR H 215 -49.07 15.07 -30.84
CA THR H 215 -50.23 15.82 -31.30
C THR H 215 -50.16 15.96 -32.81
N LEU H 216 -51.22 16.50 -33.40
CA LEU H 216 -51.45 16.38 -34.82
C LEU H 216 -52.64 17.25 -35.21
N THR H 217 -52.47 18.05 -36.25
CA THR H 217 -53.56 18.84 -36.80
C THR H 217 -53.48 18.87 -38.32
N TRP H 218 -54.38 19.64 -38.94
CA TRP H 218 -54.42 19.76 -40.38
C TRP H 218 -54.01 21.17 -40.82
N ASP H 228 -65.78 19.87 -38.82
CA ASP H 228 -64.87 19.67 -37.70
C ASP H 228 -63.47 19.29 -38.17
N THR H 229 -62.57 19.15 -37.20
CA THR H 229 -61.26 18.58 -37.42
C THR H 229 -61.07 17.47 -36.39
N GLU H 230 -61.44 16.24 -36.74
CA GLU H 230 -61.60 15.16 -35.74
C GLU H 230 -60.38 14.96 -34.85
N LEU H 231 -60.63 14.97 -33.56
CA LEU H 231 -59.61 14.83 -32.54
C LEU H 231 -59.85 13.59 -31.67
N VAL H 232 -58.88 12.69 -31.63
CA VAL H 232 -59.01 11.49 -30.82
C VAL H 232 -57.98 11.50 -29.70
N GLU H 233 -58.41 11.14 -28.49
CA GLU H 233 -57.48 11.04 -27.38
C GLU H 233 -56.65 9.77 -27.50
N THR H 234 -55.34 9.91 -27.28
CA THR H 234 -54.43 8.79 -27.46
C THR H 234 -54.76 7.68 -26.45
N ARG H 235 -54.09 6.54 -26.64
CA ARG H 235 -54.89 5.37 -26.92
C ARG H 235 -54.06 4.08 -26.95
N PRO H 236 -54.04 3.29 -25.85
CA PRO H 236 -53.05 2.19 -25.72
C PRO H 236 -53.34 0.87 -26.44
N ALA H 237 -52.33 0.03 -26.54
CA ALA H 237 -52.49 -1.31 -27.11
C ALA H 237 -51.99 -2.37 -26.13
N GLY H 238 -51.38 -1.89 -25.05
CA GLY H 238 -50.82 -2.76 -24.02
C GLY H 238 -49.48 -3.32 -24.44
N ASP H 239 -49.19 -3.18 -25.73
CA ASP H 239 -47.97 -3.67 -26.35
C ASP H 239 -46.83 -2.71 -26.01
N GLY H 240 -47.15 -1.68 -25.23
CA GLY H 240 -46.23 -0.58 -25.01
C GLY H 240 -46.39 0.43 -26.11
N THR H 241 -46.77 -0.01 -27.32
CA THR H 241 -47.00 0.89 -28.43
C THR H 241 -48.39 1.53 -28.33
N PHE H 242 -48.43 2.84 -28.53
CA PHE H 242 -49.69 3.61 -28.45
C PHE H 242 -50.12 4.20 -29.80
N GLN H 243 -51.37 4.66 -29.86
CA GLN H 243 -52.04 4.90 -31.13
C GLN H 243 -52.99 6.12 -31.11
N LYS H 244 -53.29 6.64 -32.29
CA LYS H 244 -54.32 7.67 -32.47
C LYS H 244 -54.59 7.86 -33.97
N TRP H 245 -55.76 8.41 -34.31
CA TRP H 245 -56.09 8.72 -35.70
C TRP H 245 -56.70 10.12 -35.78
N ALA H 246 -56.81 10.66 -36.98
CA ALA H 246 -57.38 12.00 -37.16
C ALA H 246 -58.00 12.16 -38.54
N ALA H 247 -59.24 12.65 -38.56
CA ALA H 247 -59.96 12.84 -39.82
C ALA H 247 -60.51 14.27 -39.92
N VAL H 248 -60.02 15.04 -40.88
CA VAL H 248 -60.52 16.39 -41.12
C VAL H 248 -61.21 16.30 -42.45
N VAL H 249 -62.03 17.27 -42.82
CA VAL H 249 -62.78 16.98 -44.04
C VAL H 249 -63.14 18.18 -44.92
N VAL H 250 -62.98 18.01 -46.23
CA VAL H 250 -63.21 19.10 -47.15
C VAL H 250 -64.14 18.72 -48.29
N PRO H 251 -64.79 19.80 -48.90
CA PRO H 251 -65.57 19.39 -50.07
C PRO H 251 -64.69 19.58 -51.29
N SER H 252 -64.29 18.45 -51.84
CA SER H 252 -63.39 18.38 -52.97
C SER H 252 -64.12 18.72 -54.27
N THR H 259 -52.97 20.27 -44.18
CA THR H 259 -52.61 18.94 -44.69
C THR H 259 -52.24 17.98 -43.56
N CYS H 260 -51.38 16.99 -43.78
CA CYS H 260 -51.04 16.11 -42.66
C CYS H 260 -49.59 16.22 -42.14
N HIS H 261 -49.43 16.57 -40.87
CA HIS H 261 -48.10 16.59 -40.24
C HIS H 261 -48.17 15.72 -39.00
N VAL H 262 -47.21 14.81 -38.83
CA VAL H 262 -47.21 13.89 -37.69
C VAL H 262 -46.04 14.21 -36.76
N GLN H 263 -46.29 14.41 -35.47
CA GLN H 263 -45.35 15.17 -34.66
C GLN H 263 -44.52 14.29 -33.74
N HIS H 264 -44.43 13.01 -34.05
CA HIS H 264 -43.84 12.07 -33.10
C HIS H 264 -42.32 12.17 -33.03
N GLU H 265 -41.80 12.07 -31.81
CA GLU H 265 -40.36 12.19 -31.59
C GLU H 265 -39.59 11.06 -32.25
N GLY H 266 -40.24 9.91 -32.38
CA GLY H 266 -39.61 8.74 -32.97
C GLY H 266 -39.13 8.93 -34.40
N LEU H 267 -39.56 10.01 -35.04
CA LEU H 267 -39.11 10.33 -36.39
C LEU H 267 -38.08 11.45 -36.37
N PRO H 268 -36.88 11.19 -36.93
CA PRO H 268 -35.75 12.12 -37.02
C PRO H 268 -36.20 13.52 -37.46
N LYS H 269 -37.08 13.56 -38.46
CA LYS H 269 -37.89 14.74 -38.77
C LYS H 269 -38.93 14.30 -39.80
N PRO H 270 -40.19 14.73 -39.60
CA PRO H 270 -41.35 14.02 -40.14
C PRO H 270 -41.71 14.30 -41.58
N LEU H 271 -42.32 13.31 -42.22
CA LEU H 271 -42.81 13.45 -43.57
C LEU H 271 -44.21 14.06 -43.59
N THR H 272 -44.49 14.84 -44.63
CA THR H 272 -45.78 15.47 -44.83
C THR H 272 -46.46 14.82 -46.03
N LEU H 273 -47.66 14.29 -45.82
CA LEU H 273 -48.29 13.40 -46.79
C LEU H 273 -49.79 13.63 -46.99
N ARG H 274 -50.15 14.58 -47.84
CA ARG H 274 -51.56 14.89 -48.05
C ARG H 274 -52.23 13.98 -49.08
N TRP H 275 -51.49 13.56 -50.09
CA TRP H 275 -52.05 12.69 -51.13
C TRP H 275 -51.77 11.22 -50.84
N ARG I 4 -67.70 12.47 -14.01
CA ARG I 4 -68.93 12.49 -14.77
C ARG I 4 -68.87 11.46 -15.90
N THR I 5 -69.47 11.77 -17.06
CA THR I 5 -69.70 10.75 -18.11
C THR I 5 -68.52 10.41 -19.02
N PRO I 6 -68.37 9.11 -19.35
CA PRO I 6 -67.40 8.53 -20.28
C PRO I 6 -67.77 8.60 -21.75
N LYS I 7 -66.74 8.49 -22.60
CA LYS I 7 -66.97 8.18 -24.01
C LYS I 7 -66.16 6.94 -24.34
N ILE I 8 -66.86 5.96 -24.90
CA ILE I 8 -66.27 4.68 -25.23
C ILE I 8 -65.80 4.70 -26.66
N GLN I 9 -64.69 3.99 -26.86
CA GLN I 9 -64.10 3.72 -28.14
C GLN I 9 -63.68 2.28 -28.19
N VAL I 10 -63.78 1.72 -29.38
CA VAL I 10 -63.44 0.34 -29.55
C VAL I 10 -62.29 0.20 -30.54
N TYR I 11 -61.58 -0.91 -30.41
CA TYR I 11 -60.18 -1.03 -30.80
C TYR I 11 -59.80 -2.20 -31.67
N SER I 12 -58.66 -2.08 -32.35
CA SER I 12 -57.95 -3.25 -32.88
C SER I 12 -56.44 -3.00 -32.93
N ARG I 13 -55.71 -3.60 -31.99
CA ARG I 13 -54.26 -3.50 -31.85
C ARG I 13 -53.50 -3.43 -33.16
N HIS I 14 -53.96 -4.22 -34.11
CA HIS I 14 -53.39 -4.28 -35.45
C HIS I 14 -54.56 -4.26 -36.41
N PRO I 15 -54.34 -3.80 -37.64
CA PRO I 15 -55.45 -3.81 -38.60
C PRO I 15 -55.72 -5.21 -39.14
N ALA I 16 -56.90 -5.75 -38.83
CA ALA I 16 -57.24 -7.14 -39.13
C ALA I 16 -57.86 -7.32 -40.51
N GLU I 17 -57.77 -8.54 -41.04
CA GLU I 17 -58.54 -8.93 -42.21
C GLU I 17 -58.58 -10.45 -42.38
N ASN I 18 -59.46 -11.10 -41.63
CA ASN I 18 -59.89 -12.45 -41.95
C ASN I 18 -58.75 -13.49 -41.90
N GLY I 19 -58.33 -13.88 -40.69
CA GLY I 19 -57.30 -14.90 -40.58
C GLY I 19 -56.51 -14.93 -39.29
N LYS I 20 -55.23 -14.58 -39.38
CA LYS I 20 -54.30 -14.67 -38.27
C LYS I 20 -54.77 -13.85 -37.06
N SER I 21 -54.83 -14.50 -35.91
CA SER I 21 -55.41 -13.92 -34.70
C SER I 21 -54.73 -12.64 -34.23
N ASN I 22 -55.54 -11.61 -34.02
CA ASN I 22 -55.07 -10.34 -33.45
C ASN I 22 -55.73 -10.17 -32.09
N PHE I 23 -55.49 -9.06 -31.41
CA PHE I 23 -56.12 -8.89 -30.10
C PHE I 23 -57.11 -7.72 -30.07
N LEU I 24 -58.11 -7.85 -29.20
CA LEU I 24 -59.26 -6.94 -29.19
C LEU I 24 -59.42 -6.20 -27.87
N ASN I 25 -59.45 -4.86 -27.94
CA ASN I 25 -59.50 -4.05 -26.73
C ASN I 25 -60.60 -2.95 -26.68
N CYS I 26 -61.08 -2.68 -25.48
CA CYS I 26 -61.86 -1.49 -25.20
C CYS I 26 -61.05 -0.50 -24.39
N TYR I 27 -61.53 0.74 -24.34
CA TYR I 27 -60.85 1.78 -23.59
C TYR I 27 -61.86 2.87 -23.22
N VAL I 28 -62.34 2.81 -21.98
CA VAL I 28 -63.27 3.80 -21.46
C VAL I 28 -62.50 4.89 -20.73
N SER I 29 -62.78 6.15 -21.02
CA SER I 29 -61.99 7.25 -20.46
C SER I 29 -62.71 8.59 -20.55
N GLY I 30 -62.56 9.38 -19.50
CA GLY I 30 -63.26 10.65 -19.38
C GLY I 30 -64.36 10.49 -18.36
N PHE I 31 -64.25 9.42 -17.56
CA PHE I 31 -65.34 9.02 -16.68
C PHE I 31 -65.04 9.09 -15.19
N HIS I 32 -66.08 9.49 -14.44
CA HIS I 32 -66.11 9.40 -12.99
C HIS I 32 -67.48 8.85 -12.60
N PRO I 33 -67.53 7.95 -11.60
CA PRO I 33 -66.48 7.43 -10.73
C PRO I 33 -66.03 6.01 -11.03
N SER I 34 -65.34 5.40 -10.07
CA SER I 34 -64.71 4.10 -10.24
C SER I 34 -65.70 2.95 -10.48
N ASP I 35 -66.98 3.21 -10.31
CA ASP I 35 -68.00 2.23 -10.67
C ASP I 35 -67.96 2.02 -12.18
N ILE I 36 -67.72 0.79 -12.59
CA ILE I 36 -67.67 0.46 -14.01
C ILE I 36 -67.84 -1.03 -14.25
N GLU I 37 -68.74 -1.36 -15.17
CA GLU I 37 -68.90 -2.73 -15.61
C GLU I 37 -68.88 -2.78 -17.13
N VAL I 38 -67.80 -3.35 -17.66
CA VAL I 38 -67.61 -3.43 -19.10
C VAL I 38 -67.63 -4.88 -19.57
N ASP I 39 -68.51 -5.17 -20.50
CA ASP I 39 -68.56 -6.47 -21.15
C ASP I 39 -68.38 -6.29 -22.66
N LEU I 40 -67.53 -7.11 -23.25
CA LEU I 40 -67.36 -7.16 -24.70
C LEU I 40 -68.36 -8.18 -25.23
N LEU I 41 -68.69 -8.16 -26.52
CA LEU I 41 -69.65 -9.15 -27.01
C LEU I 41 -69.59 -9.47 -28.51
N LYS I 42 -69.87 -10.71 -28.88
CA LYS I 42 -69.95 -11.07 -30.30
C LYS I 42 -71.34 -11.56 -30.76
N ASN I 43 -71.98 -10.81 -31.64
CA ASN I 43 -73.24 -11.21 -32.26
C ASN I 43 -74.42 -10.92 -31.37
N GLY I 44 -74.15 -10.52 -30.14
CA GLY I 44 -75.21 -10.19 -29.21
C GLY I 44 -75.07 -10.87 -27.86
N GLU I 45 -74.07 -11.74 -27.73
CA GLU I 45 -73.91 -12.53 -26.51
C GLU I 45 -72.61 -12.17 -25.80
N ARG I 46 -72.61 -12.27 -24.48
CA ARG I 46 -71.45 -11.90 -23.67
C ARG I 46 -70.18 -12.64 -24.10
N ILE I 47 -69.05 -11.97 -23.91
CA ILE I 47 -67.79 -12.47 -24.43
C ILE I 47 -67.08 -13.38 -23.45
N GLU I 48 -66.01 -13.95 -24.00
CA GLU I 48 -65.17 -14.92 -23.35
C GLU I 48 -64.46 -14.11 -22.33
N LYS I 49 -63.68 -14.76 -21.48
CA LYS I 49 -63.21 -14.16 -20.27
C LYS I 49 -62.52 -12.84 -20.59
N VAL I 50 -62.95 -11.82 -19.86
CA VAL I 50 -62.53 -10.42 -20.03
C VAL I 50 -61.26 -10.19 -19.23
N GLU I 51 -60.34 -9.45 -19.82
CA GLU I 51 -59.13 -9.01 -19.13
C GLU I 51 -58.97 -7.52 -19.36
N HIS I 52 -58.76 -6.77 -18.29
CA HIS I 52 -58.69 -5.32 -18.41
C HIS I 52 -57.49 -4.74 -17.68
N SER I 53 -57.09 -3.54 -18.12
CA SER I 53 -55.90 -2.89 -17.57
C SER I 53 -56.07 -2.58 -16.10
N ASP I 54 -54.94 -2.54 -15.41
CA ASP I 54 -54.91 -2.03 -14.06
C ASP I 54 -55.46 -0.60 -14.12
N LEU I 55 -56.32 -0.26 -13.16
CA LEU I 55 -56.99 1.03 -13.16
C LEU I 55 -55.98 2.17 -13.12
N SER I 56 -56.14 3.14 -14.02
CA SER I 56 -55.18 4.24 -14.08
C SER I 56 -55.83 5.60 -14.25
N PHE I 57 -54.97 6.60 -14.34
CA PHE I 57 -55.35 7.96 -14.04
C PHE I 57 -54.64 8.98 -14.93
N SER I 58 -55.22 10.16 -15.04
CA SER I 58 -54.58 11.29 -15.70
C SER I 58 -54.69 12.51 -14.79
N LYS I 59 -53.73 13.41 -14.86
CA LYS I 59 -53.68 14.57 -13.97
C LYS I 59 -54.89 15.50 -14.12
N ASP I 60 -55.78 15.16 -15.04
CA ASP I 60 -57.03 15.88 -15.23
C ASP I 60 -58.09 15.41 -14.22
N TRP I 61 -57.74 14.35 -13.49
CA TRP I 61 -58.67 13.61 -12.62
C TRP I 61 -59.79 13.00 -13.45
N SER I 62 -59.39 12.07 -14.34
CA SER I 62 -60.29 11.35 -15.24
C SER I 62 -59.76 9.93 -15.51
N PHE I 63 -60.49 8.91 -15.05
CA PHE I 63 -60.01 7.53 -15.09
C PHE I 63 -59.94 6.96 -16.51
N TYR I 64 -59.02 6.02 -16.75
CA TYR I 64 -59.02 5.32 -18.03
C TYR I 64 -58.71 3.83 -17.88
N LEU I 65 -59.51 3.02 -18.58
CA LEU I 65 -59.41 1.57 -18.50
C LEU I 65 -59.21 0.92 -19.87
N LEU I 66 -58.67 -0.29 -19.88
CA LEU I 66 -58.28 -0.95 -21.11
C LEU I 66 -58.66 -2.43 -21.04
N TYR I 67 -59.85 -2.77 -21.53
CA TYR I 67 -60.35 -4.15 -21.53
C TYR I 67 -59.85 -4.91 -22.75
N TYR I 68 -59.01 -5.93 -22.54
CA TYR I 68 -58.31 -6.60 -23.65
C TYR I 68 -58.44 -8.13 -23.65
N THR I 69 -58.46 -8.73 -24.84
CA THR I 69 -58.47 -10.19 -24.97
C THR I 69 -58.15 -10.64 -26.41
N GLU I 70 -57.96 -11.95 -26.58
CA GLU I 70 -57.64 -12.55 -27.89
C GLU I 70 -58.79 -12.39 -28.91
N PHE I 71 -58.48 -12.51 -30.20
CA PHE I 71 -59.47 -12.25 -31.25
C PHE I 71 -59.08 -12.83 -32.62
N THR I 72 -60.02 -13.50 -33.28
CA THR I 72 -59.82 -13.95 -34.66
C THR I 72 -60.85 -13.27 -35.57
N PRO I 73 -60.37 -12.54 -36.58
CA PRO I 73 -61.25 -11.79 -37.48
C PRO I 73 -62.06 -12.73 -38.35
N THR I 74 -63.36 -12.48 -38.44
CA THR I 74 -64.24 -13.38 -39.16
C THR I 74 -64.98 -12.62 -40.26
N GLU I 75 -65.26 -13.29 -41.36
CA GLU I 75 -65.58 -12.66 -42.61
C GLU I 75 -66.79 -11.76 -42.52
N LYS I 76 -67.84 -12.24 -41.90
CA LYS I 76 -68.94 -11.35 -41.55
C LYS I 76 -69.30 -11.60 -40.12
N ASP I 77 -69.38 -10.52 -39.36
CA ASP I 77 -69.62 -10.64 -37.95
C ASP I 77 -70.17 -9.34 -37.42
N GLU I 78 -70.65 -9.41 -36.20
CA GLU I 78 -71.08 -8.25 -35.43
C GLU I 78 -70.25 -8.21 -34.15
N TYR I 79 -69.47 -7.14 -33.98
CA TYR I 79 -68.58 -6.97 -32.82
C TYR I 79 -68.63 -5.55 -32.26
N ALA I 80 -68.62 -5.46 -30.93
CA ALA I 80 -68.69 -4.17 -30.26
C ALA I 80 -68.35 -4.29 -28.78
N CYS I 81 -68.84 -3.35 -27.98
CA CYS I 81 -68.45 -3.26 -26.58
C CYS I 81 -69.49 -2.48 -25.76
N ARG I 82 -70.05 -3.13 -24.73
CA ARG I 82 -71.12 -2.57 -23.91
C ARG I 82 -70.72 -2.19 -22.49
N VAL I 83 -71.03 -0.96 -22.09
CA VAL I 83 -70.67 -0.51 -20.75
C VAL I 83 -71.83 0.16 -20.05
N ASN I 84 -71.99 -0.16 -18.77
CA ASN I 84 -72.94 0.54 -17.93
C ASN I 84 -72.27 1.01 -16.65
N HIS I 85 -72.22 2.33 -16.46
CA HIS I 85 -71.77 2.91 -15.22
C HIS I 85 -72.91 3.74 -14.64
N VAL I 86 -72.66 4.36 -13.49
CA VAL I 86 -73.69 5.09 -12.76
C VAL I 86 -74.35 6.19 -13.59
N THR I 87 -73.55 6.94 -14.36
CA THR I 87 -74.10 8.06 -15.14
C THR I 87 -75.00 7.53 -16.25
N LEU I 88 -75.60 8.46 -16.97
CA LEU I 88 -76.94 8.43 -17.53
C LEU I 88 -77.21 7.35 -18.55
N SER I 89 -78.42 6.81 -18.54
CA SER I 89 -78.73 5.52 -19.17
C SER I 89 -79.02 5.60 -20.67
N GLN I 90 -79.17 4.46 -21.33
CA GLN I 90 -79.03 3.15 -20.73
C GLN I 90 -77.58 2.84 -20.83
N PRO I 91 -77.22 1.52 -20.53
CA PRO I 91 -75.80 1.24 -20.83
C PRO I 91 -75.67 1.35 -22.33
N LYS I 92 -74.63 2.01 -22.82
CA LYS I 92 -74.42 2.19 -24.25
C LYS I 92 -73.63 1.14 -24.98
N ILE I 93 -73.69 1.29 -26.30
CA ILE I 93 -72.80 0.59 -27.20
C ILE I 93 -72.76 1.43 -28.47
N VAL I 94 -71.65 1.48 -29.17
CA VAL I 94 -71.75 1.84 -30.58
C VAL I 94 -70.90 0.84 -31.39
N LYS I 95 -71.54 0.25 -32.41
CA LYS I 95 -70.97 -0.82 -33.23
C LYS I 95 -69.63 -0.48 -33.84
N TRP I 96 -68.78 -1.50 -33.95
CA TRP I 96 -67.43 -1.37 -34.47
C TRP I 96 -67.34 -1.41 -35.99
N ASP I 97 -66.76 -0.34 -36.54
CA ASP I 97 -66.32 -0.29 -37.92
C ASP I 97 -64.79 -0.22 -37.85
N ARG I 98 -64.10 -0.96 -38.71
CA ARG I 98 -62.65 -1.15 -38.51
C ARG I 98 -61.85 -0.18 -39.42
N ASP I 99 -62.42 1.00 -39.65
CA ASP I 99 -61.59 2.09 -40.14
C ASP I 99 -61.77 3.28 -39.21
N MET I 100 -61.81 2.97 -37.92
CA MET I 100 -61.84 3.98 -36.86
C MET I 100 -60.80 3.66 -35.79
N GLY J 1 -38.99 3.74 -6.08
CA GLY J 1 -39.13 4.18 -4.70
C GLY J 1 -40.44 4.87 -4.45
N ILE J 2 -41.10 4.48 -3.36
CA ILE J 2 -42.36 5.08 -2.92
C ILE J 2 -42.06 5.82 -1.62
N LEU J 3 -42.91 6.76 -1.22
CA LEU J 3 -42.69 7.51 0.01
C LEU J 3 -42.57 6.57 1.20
N GLY J 4 -41.58 6.83 2.04
CA GLY J 4 -41.25 5.94 3.14
C GLY J 4 -41.85 6.37 4.46
N PHE J 5 -42.42 7.57 4.50
CA PHE J 5 -43.17 8.04 5.67
C PHE J 5 -44.59 8.48 5.29
N VAL J 6 -45.38 8.90 6.28
CA VAL J 6 -46.80 9.13 6.04
C VAL J 6 -47.44 10.30 6.79
N PHE J 7 -48.29 11.02 6.07
CA PHE J 7 -49.13 12.06 6.66
C PHE J 7 -50.62 11.77 6.39
N THR J 8 -51.40 11.77 7.45
CA THR J 8 -52.85 11.68 7.36
C THR J 8 -53.40 13.07 7.03
N LEU J 9 -54.59 13.16 6.42
CA LEU J 9 -55.23 14.46 6.24
C LEU J 9 -55.42 15.17 7.57
N GLN K 4 5.79 -34.03 -8.29
CA GLN K 4 5.86 -32.80 -7.48
C GLN K 4 7.02 -31.95 -7.92
N LEU K 5 6.78 -30.65 -8.03
CA LEU K 5 7.86 -29.70 -8.21
C LEU K 5 8.26 -29.12 -6.86
N ASN K 6 9.30 -29.70 -6.27
CA ASN K 6 9.92 -29.16 -5.08
C ASN K 6 10.43 -27.75 -5.37
N GLN K 7 10.48 -26.91 -4.34
CA GLN K 7 10.91 -25.53 -4.50
C GLN K 7 11.46 -24.92 -3.22
N SER K 8 12.71 -24.45 -3.28
CA SER K 8 13.37 -23.81 -2.15
C SER K 8 13.64 -22.33 -2.44
N PRO K 9 13.65 -21.48 -1.39
CA PRO K 9 13.38 -21.85 0.00
C PRO K 9 11.88 -21.83 0.28
N GLN K 10 11.49 -22.35 1.44
CA GLN K 10 10.09 -22.41 1.81
C GLN K 10 9.52 -21.00 1.86
N SER K 11 10.11 -20.16 2.70
CA SER K 11 9.75 -18.75 2.79
C SER K 11 10.92 -17.90 3.26
N MET K 12 11.21 -16.83 2.54
CA MET K 12 12.40 -16.02 2.75
C MET K 12 12.10 -14.52 2.76
N PHE K 13 12.77 -13.79 3.64
CA PHE K 13 12.56 -12.34 3.75
C PHE K 13 13.89 -11.58 3.82
N ILE K 14 14.05 -10.60 2.94
CA ILE K 14 15.28 -9.81 2.88
C ILE K 14 15.00 -8.32 3.09
N GLN K 15 16.04 -7.52 3.29
CA GLN K 15 15.84 -6.09 3.44
C GLN K 15 15.87 -5.40 2.08
N GLU K 16 15.29 -4.20 2.03
CA GLU K 16 15.31 -3.36 0.86
C GLU K 16 16.73 -3.17 0.34
N GLY K 17 16.99 -3.66 -0.87
CA GLY K 17 18.27 -3.46 -1.51
C GLY K 17 19.03 -4.71 -1.89
N GLU K 18 19.00 -5.72 -1.02
CA GLU K 18 19.73 -6.95 -1.26
C GLU K 18 19.07 -7.77 -2.35
N ASP K 19 19.77 -8.78 -2.86
CA ASP K 19 19.28 -9.56 -3.99
C ASP K 19 18.79 -10.94 -3.56
N VAL K 20 17.61 -11.31 -4.07
CA VAL K 20 16.99 -12.59 -3.76
C VAL K 20 17.56 -13.68 -4.66
N SER K 21 17.25 -14.94 -4.38
CA SER K 21 17.54 -16.02 -5.31
C SER K 21 16.74 -17.26 -4.93
N MET K 22 16.14 -17.90 -5.93
CA MET K 22 15.37 -19.11 -5.70
C MET K 22 15.83 -20.26 -6.59
N ASN K 23 15.21 -21.41 -6.41
CA ASN K 23 15.59 -22.61 -7.14
C ASN K 23 14.51 -23.66 -7.06
N CYS K 24 14.31 -24.37 -8.17
CA CYS K 24 13.31 -25.42 -8.24
C CYS K 24 13.97 -26.66 -8.83
N THR K 25 13.59 -27.83 -8.32
CA THR K 25 14.10 -29.09 -8.87
C THR K 25 12.93 -30.05 -9.12
N SER K 26 13.11 -30.96 -10.07
CA SER K 26 12.01 -31.83 -10.51
C SER K 26 12.31 -33.30 -10.28
N SER K 27 11.32 -34.15 -10.55
CA SER K 27 11.52 -35.59 -10.51
C SER K 27 11.70 -36.13 -11.90
N SER K 28 10.99 -35.52 -12.85
CA SER K 28 11.03 -35.97 -14.24
C SER K 28 11.90 -35.04 -15.08
N ILE K 29 11.76 -35.18 -16.39
CA ILE K 29 12.50 -34.36 -17.34
C ILE K 29 11.57 -33.32 -17.93
N PHE K 30 11.81 -32.05 -17.64
CA PHE K 30 11.02 -30.99 -18.25
C PHE K 30 11.83 -30.28 -19.33
N ASN K 31 11.13 -29.84 -20.37
CA ASN K 31 11.77 -29.14 -21.47
C ASN K 31 11.17 -27.76 -21.61
N THR K 32 10.43 -27.36 -20.58
CA THR K 32 9.85 -26.03 -20.43
C THR K 32 9.78 -25.71 -18.93
N TRP K 33 10.09 -24.47 -18.56
CA TRP K 33 10.13 -24.07 -17.15
C TRP K 33 9.58 -22.64 -16.98
N LEU K 34 8.67 -22.45 -16.02
CA LEU K 34 7.98 -21.17 -15.86
C LEU K 34 7.96 -20.69 -14.41
N TRP K 35 7.92 -19.38 -14.21
CA TRP K 35 7.77 -18.83 -12.87
C TRP K 35 6.63 -17.80 -12.80
N TYR K 36 5.63 -18.12 -12.00
CA TYR K 36 4.44 -17.31 -11.84
C TYR K 36 4.47 -16.50 -10.55
N LYS K 37 4.05 -15.24 -10.62
CA LYS K 37 4.02 -14.40 -9.42
C LYS K 37 2.58 -14.16 -8.99
N GLN K 38 2.15 -14.89 -7.97
CA GLN K 38 0.84 -14.66 -7.38
C GLN K 38 1.00 -13.77 -6.17
N GLU K 39 0.17 -12.73 -6.09
CA GLU K 39 0.07 -11.95 -4.87
C GLU K 39 -1.26 -12.30 -4.20
N PRO K 40 -1.38 -12.11 -2.87
CA PRO K 40 -2.57 -12.50 -2.11
C PRO K 40 -3.91 -12.20 -2.79
N GLY K 41 -4.84 -13.15 -2.66
CA GLY K 41 -6.18 -12.99 -3.18
C GLY K 41 -6.31 -13.32 -4.65
N GLU K 42 -5.41 -12.75 -5.44
CA GLU K 42 -5.50 -12.84 -6.90
C GLU K 42 -5.03 -14.19 -7.44
N GLY K 43 -5.23 -14.41 -8.74
CA GLY K 43 -4.67 -15.54 -9.42
C GLY K 43 -3.17 -15.36 -9.63
N PRO K 44 -2.45 -16.46 -9.87
CA PRO K 44 -1.04 -16.32 -10.24
C PRO K 44 -0.85 -15.58 -11.56
N VAL K 45 0.32 -14.98 -11.74
CA VAL K 45 0.63 -14.18 -12.92
C VAL K 45 2.00 -14.54 -13.48
N LEU K 46 2.09 -14.68 -14.80
CA LEU K 46 3.34 -15.08 -15.45
C LEU K 46 4.44 -14.02 -15.40
N LEU K 47 5.66 -14.45 -15.07
CA LEU K 47 6.82 -13.57 -15.07
C LEU K 47 7.75 -13.88 -16.24
N ILE K 48 8.25 -15.10 -16.31
CA ILE K 48 9.22 -15.50 -17.34
C ILE K 48 8.95 -16.89 -17.91
N ALA K 49 9.22 -17.07 -19.21
CA ALA K 49 9.07 -18.37 -19.86
C ALA K 49 10.37 -18.82 -20.52
N LEU K 50 10.98 -19.87 -19.99
CA LEU K 50 12.22 -20.40 -20.56
C LEU K 50 11.93 -21.49 -21.60
N TYR K 51 12.88 -21.72 -22.50
CA TYR K 51 12.70 -22.71 -23.57
C TYR K 51 13.96 -23.54 -23.75
N LYS K 52 15.10 -22.86 -23.79
CA LYS K 52 16.40 -23.47 -24.04
C LYS K 52 17.21 -23.68 -22.75
N ALA K 53 18.23 -24.52 -22.81
CA ALA K 53 19.24 -24.56 -21.76
C ALA K 53 20.14 -23.33 -21.88
N GLY K 54 20.03 -22.42 -20.93
CA GLY K 54 20.67 -21.12 -21.02
C GLY K 54 19.89 -20.14 -20.17
N GLU K 55 19.76 -18.90 -20.62
CA GLU K 55 19.09 -17.89 -19.79
C GLU K 55 18.25 -16.89 -20.58
N LEU K 56 17.23 -16.35 -19.91
CA LEU K 56 16.40 -15.29 -20.46
C LEU K 56 16.19 -14.18 -19.43
N THR K 57 16.64 -12.97 -19.77
CA THR K 57 16.51 -11.84 -18.88
C THR K 57 15.08 -11.40 -18.98
N SER K 58 14.61 -10.74 -17.93
CA SER K 58 13.35 -10.03 -17.97
C SER K 58 13.66 -8.80 -17.16
N ASN K 59 12.95 -7.73 -17.38
CA ASN K 59 13.15 -6.67 -18.32
C ASN K 59 14.33 -5.90 -17.78
N GLY K 60 14.74 -6.29 -16.58
CA GLY K 60 15.89 -5.66 -15.93
C GLY K 60 16.40 -6.31 -14.66
N ARG K 61 15.76 -5.98 -13.55
CA ARG K 61 16.13 -6.52 -12.26
C ARG K 61 15.53 -7.92 -12.08
N LEU K 62 15.05 -8.44 -13.21
CA LEU K 62 14.23 -9.64 -13.30
C LEU K 62 14.99 -10.68 -14.11
N THR K 63 15.29 -11.85 -13.57
CA THR K 63 16.16 -12.80 -14.30
C THR K 63 16.08 -14.28 -13.87
N ALA K 64 15.96 -15.17 -14.86
CA ALA K 64 15.79 -16.61 -14.63
C ALA K 64 16.95 -17.43 -15.18
N GLN K 65 17.07 -18.67 -14.69
CA GLN K 65 18.04 -19.63 -15.24
C GLN K 65 17.35 -20.94 -15.60
N PHE K 66 17.82 -21.56 -16.66
CA PHE K 66 17.37 -22.89 -17.11
C PHE K 66 18.55 -23.83 -16.89
N GLY K 67 18.36 -24.91 -16.15
CA GLY K 67 19.45 -25.83 -15.89
C GLY K 67 19.62 -26.85 -17.00
N ILE K 68 20.85 -27.09 -17.42
CA ILE K 68 21.13 -28.03 -18.51
C ILE K 68 20.84 -29.48 -18.10
N THR K 69 20.55 -29.68 -16.82
CA THR K 69 20.13 -30.97 -16.33
C THR K 69 18.72 -31.26 -16.82
N ARG K 70 18.02 -30.19 -17.20
CA ARG K 70 16.61 -30.22 -17.53
C ARG K 70 15.81 -30.65 -16.31
N LYS K 71 16.39 -30.42 -15.12
CA LYS K 71 15.81 -30.85 -13.86
C LYS K 71 16.04 -29.84 -12.73
N ASP K 72 16.71 -28.73 -13.01
CA ASP K 72 16.90 -27.68 -12.01
C ASP K 72 16.81 -26.31 -12.68
N SER K 73 16.17 -25.34 -12.02
CA SER K 73 16.14 -23.99 -12.59
C SER K 73 16.00 -22.91 -11.51
N PHE K 74 16.71 -21.81 -11.68
CA PHE K 74 16.80 -20.77 -10.66
C PHE K 74 16.21 -19.45 -11.12
N LEU K 75 15.82 -18.60 -10.19
CA LEU K 75 15.74 -17.18 -10.51
C LEU K 75 16.12 -16.36 -9.26
N ASN K 76 17.04 -15.43 -9.47
CA ASN K 76 17.40 -14.45 -8.46
C ASN K 76 16.74 -13.12 -8.80
N ILE K 77 16.66 -12.21 -7.84
CA ILE K 77 16.08 -10.89 -8.13
C ILE K 77 17.01 -9.78 -7.67
N SER K 78 17.40 -8.93 -8.61
CA SER K 78 18.31 -7.82 -8.30
C SER K 78 17.56 -6.57 -7.90
N ALA K 79 18.12 -5.83 -6.94
CA ALA K 79 17.51 -4.61 -6.44
C ALA K 79 16.07 -4.83 -6.00
N SER K 80 15.90 -5.38 -4.80
CA SER K 80 14.59 -5.70 -4.26
C SER K 80 13.82 -4.46 -3.83
N ILE K 81 12.54 -4.41 -4.16
CA ILE K 81 11.66 -3.32 -3.70
C ILE K 81 10.36 -3.90 -3.12
N PRO K 82 9.69 -3.14 -2.24
CA PRO K 82 8.44 -3.61 -1.62
C PRO K 82 7.34 -3.98 -2.63
N SER K 83 7.50 -3.53 -3.86
CA SER K 83 6.57 -3.91 -4.92
C SER K 83 6.74 -5.38 -5.28
N ASP K 84 7.78 -6.01 -4.75
CA ASP K 84 8.11 -7.40 -5.08
C ASP K 84 7.42 -8.42 -4.18
N VAL K 85 6.59 -7.95 -3.25
CA VAL K 85 5.99 -8.86 -2.27
C VAL K 85 4.85 -9.65 -2.86
N GLY K 86 4.90 -10.96 -2.64
CA GLY K 86 3.90 -11.88 -3.16
C GLY K 86 4.38 -13.32 -3.06
N ILE K 87 3.77 -14.20 -3.84
CA ILE K 87 4.11 -15.61 -3.83
C ILE K 87 4.69 -16.00 -5.18
N TYR K 88 5.82 -16.69 -5.17
CA TYR K 88 6.46 -17.11 -6.42
C TYR K 88 6.41 -18.62 -6.57
N PHE K 89 5.94 -19.07 -7.74
CA PHE K 89 5.82 -20.49 -8.04
C PHE K 89 6.76 -20.94 -9.15
N CYS K 90 7.17 -22.20 -9.09
CA CYS K 90 7.98 -22.83 -10.13
C CYS K 90 7.04 -23.68 -10.98
N ALA K 91 7.16 -23.64 -12.30
CA ALA K 91 6.11 -24.25 -13.14
C ALA K 91 6.57 -24.79 -14.50
N GLY K 92 5.99 -25.93 -14.89
CA GLY K 92 6.23 -26.51 -16.20
C GLY K 92 5.24 -27.62 -16.49
N PRO K 93 4.81 -27.73 -17.75
CA PRO K 93 3.84 -28.75 -18.20
C PRO K 93 4.38 -30.19 -18.19
N GLY K 94 3.50 -31.14 -17.91
CA GLY K 94 3.88 -32.53 -17.82
C GLY K 94 4.47 -33.11 -19.08
N GLY K 95 5.70 -33.61 -18.96
CA GLY K 95 6.38 -34.22 -20.07
C GLY K 95 6.81 -35.63 -19.70
N SER K 96 6.87 -36.50 -20.70
CA SER K 96 7.17 -37.92 -20.50
C SER K 96 6.32 -38.49 -19.36
N SER K 97 5.17 -37.85 -19.14
CA SER K 97 4.26 -38.25 -18.09
C SER K 97 3.05 -38.83 -18.79
N ASN K 98 3.04 -38.64 -20.10
CA ASN K 98 1.97 -39.10 -20.97
C ASN K 98 0.62 -38.63 -20.47
N THR K 99 0.62 -37.46 -19.84
CA THR K 99 -0.58 -36.88 -19.31
C THR K 99 -0.77 -35.50 -19.90
N GLY K 100 -1.35 -34.59 -19.13
CA GLY K 100 -1.54 -33.23 -19.59
C GLY K 100 -1.52 -32.24 -18.46
N LYS K 101 -1.03 -32.67 -17.30
CA LYS K 101 -1.05 -31.84 -16.11
C LYS K 101 -0.12 -30.63 -16.24
N LEU K 102 -0.15 -29.76 -15.24
CA LEU K 102 0.75 -28.61 -15.17
C LEU K 102 1.22 -28.40 -13.74
N ILE K 103 2.19 -29.21 -13.33
CA ILE K 103 2.65 -29.19 -11.95
C ILE K 103 3.20 -27.81 -11.54
N PHE K 104 2.70 -27.31 -10.42
CA PHE K 104 3.21 -26.07 -9.82
C PHE K 104 4.07 -26.39 -8.60
N GLY K 105 4.99 -25.50 -8.28
CA GLY K 105 5.83 -25.68 -7.12
C GLY K 105 5.04 -25.60 -5.83
N GLN K 106 5.69 -25.90 -4.72
CA GLN K 106 5.07 -25.75 -3.41
C GLN K 106 4.91 -24.28 -3.07
N GLY K 107 5.74 -23.44 -3.68
CA GLY K 107 5.62 -22.01 -3.50
C GLY K 107 6.59 -21.40 -2.51
N THR K 108 7.34 -20.40 -2.96
CA THR K 108 8.18 -19.59 -2.08
C THR K 108 7.51 -18.25 -1.79
N THR K 109 6.93 -18.14 -0.61
CA THR K 109 6.30 -16.89 -0.18
C THR K 109 7.37 -15.95 0.38
N LEU K 110 7.27 -14.67 0.04
CA LEU K 110 8.33 -13.71 0.37
C LEU K 110 7.78 -12.34 0.75
N GLN K 111 8.46 -11.68 1.68
CA GLN K 111 8.11 -10.31 2.07
C GLN K 111 9.40 -9.52 2.35
N VAL K 112 9.39 -8.25 1.99
CA VAL K 112 10.60 -7.42 2.03
C VAL K 112 10.55 -6.31 3.08
N LYS K 113 11.35 -6.40 4.14
CA LYS K 113 11.29 -5.41 5.22
C LYS K 113 11.90 -4.06 4.82
N PRO K 114 11.07 -3.01 4.88
CA PRO K 114 11.10 -1.76 4.11
C PRO K 114 12.28 -0.85 4.36
N ASP K 115 12.40 0.15 3.47
CA ASP K 115 13.38 1.20 3.61
C ASP K 115 13.08 2.06 4.83
N ILE K 116 13.95 2.05 5.83
CA ILE K 116 13.65 2.85 7.00
C ILE K 116 14.68 3.96 7.21
N GLN K 117 14.15 5.13 7.59
CA GLN K 117 14.94 6.36 7.64
C GLN K 117 15.03 6.95 9.04
N ASN K 118 13.94 7.46 9.58
CA ASN K 118 13.97 8.07 10.90
C ASN K 118 12.93 7.52 11.86
N PRO K 119 13.30 6.46 12.59
CA PRO K 119 12.37 5.72 13.45
C PRO K 119 12.32 6.28 14.87
N ASP K 120 11.15 6.77 15.28
CA ASP K 120 10.97 7.26 16.64
C ASP K 120 10.00 6.33 17.36
N PRO K 121 10.49 5.19 17.85
CA PRO K 121 9.63 4.21 18.51
C PRO K 121 8.98 4.76 19.76
N ALA K 122 7.69 4.49 19.91
CA ALA K 122 6.95 4.85 21.10
C ALA K 122 5.74 3.92 21.18
N VAL K 123 4.97 4.05 22.25
CA VAL K 123 3.76 3.26 22.38
C VAL K 123 2.59 4.18 22.71
N TYR K 124 1.54 4.10 21.90
CA TYR K 124 0.42 5.00 22.06
C TYR K 124 -0.85 4.26 22.47
N GLN K 125 -1.79 5.01 23.04
CA GLN K 125 -3.06 4.47 23.50
C GLN K 125 -4.19 5.11 22.72
N LEU K 126 -5.20 4.32 22.38
CA LEU K 126 -6.32 4.87 21.62
C LEU K 126 -7.64 4.72 22.35
N ARG K 127 -8.61 5.54 21.93
CA ARG K 127 -9.86 5.68 22.67
C ARG K 127 -11.01 5.68 21.64
N ASP K 128 -11.98 4.79 21.89
CA ASP K 128 -13.00 4.22 20.99
C ASP K 128 -14.32 5.00 20.79
N SER K 129 -15.13 4.50 19.87
CA SER K 129 -16.47 5.02 19.62
C SER K 129 -17.48 4.28 20.51
N LYS K 130 -17.07 3.11 21.00
CA LYS K 130 -17.84 2.31 21.96
C LYS K 130 -18.29 3.07 23.21
N SER K 131 -17.43 3.99 23.66
CA SER K 131 -17.42 4.59 25.00
C SER K 131 -17.21 3.66 26.26
N SER K 132 -16.95 2.35 26.11
CA SER K 132 -16.69 1.47 27.28
C SER K 132 -15.59 0.43 27.12
N ASP K 133 -14.41 0.71 27.70
CA ASP K 133 -13.16 -0.03 27.44
C ASP K 133 -13.18 -1.58 27.38
N VAL K 136 -7.22 -0.82 23.80
CA VAL K 136 -6.40 -0.83 22.59
C VAL K 136 -5.13 -0.01 22.79
N CYS K 137 -4.00 -0.56 22.32
CA CYS K 137 -2.70 0.07 22.50
C CYS K 137 -1.82 -0.16 21.29
N LEU K 138 -1.20 0.90 20.79
CA LEU K 138 -0.45 0.84 19.53
C LEU K 138 1.01 1.21 19.71
N PHE K 139 1.88 0.41 19.09
CA PHE K 139 3.33 0.62 19.13
C PHE K 139 3.88 0.76 17.72
N THR K 140 4.43 1.94 17.41
CA THR K 140 4.87 2.21 16.05
C THR K 140 6.16 3.04 15.96
N ASP K 141 6.58 3.31 14.73
CA ASP K 141 7.79 4.06 14.38
C ASP K 141 9.10 3.39 14.82
N PHE K 142 9.18 2.07 14.70
CA PHE K 142 10.41 1.35 15.02
C PHE K 142 11.05 0.86 13.74
N ASP K 143 12.35 0.54 13.79
CA ASP K 143 13.05 0.13 12.59
C ASP K 143 12.72 -1.32 12.23
N SER K 144 13.09 -1.73 11.03
CA SER K 144 12.78 -3.08 10.54
C SER K 144 13.53 -4.14 11.36
N GLN K 145 14.53 -3.66 12.10
CA GLN K 145 15.34 -4.45 13.04
C GLN K 145 14.56 -5.37 13.97
N THR K 146 13.30 -5.03 14.22
CA THR K 146 12.56 -5.55 15.37
C THR K 146 11.56 -6.66 14.99
N ASN K 147 11.42 -7.63 15.90
CA ASN K 147 10.37 -8.64 15.79
C ASN K 147 9.47 -8.56 17.03
N VAL K 148 8.25 -9.10 16.95
CA VAL K 148 7.35 -9.13 18.10
C VAL K 148 6.71 -10.51 18.27
N SER K 149 6.71 -11.02 19.50
CA SER K 149 6.25 -12.37 19.79
C SER K 149 4.74 -12.42 19.93
N GLN K 150 4.16 -13.61 19.88
CA GLN K 150 2.72 -13.77 20.08
C GLN K 150 2.47 -13.69 21.57
N SER K 151 2.51 -12.47 22.08
CA SER K 151 2.83 -12.24 23.47
C SER K 151 1.95 -12.89 24.51
N LYS K 152 2.62 -13.43 25.51
CA LYS K 152 2.13 -13.60 26.85
C LYS K 152 0.82 -14.34 26.95
N ASP K 153 -0.05 -13.75 27.76
CA ASP K 153 -1.31 -14.36 28.14
C ASP K 153 -2.24 -14.57 26.94
N SER K 154 -3.15 -15.53 27.05
CA SER K 154 -4.11 -15.82 26.00
C SER K 154 -5.26 -14.82 26.01
N ASP K 155 -5.31 -13.99 27.05
CA ASP K 155 -6.34 -12.97 27.17
C ASP K 155 -6.08 -11.78 26.25
N VAL K 156 -4.82 -11.34 26.20
CA VAL K 156 -4.42 -10.22 25.34
C VAL K 156 -4.27 -10.63 23.87
N TYR K 157 -4.88 -9.85 22.98
CA TYR K 157 -4.94 -10.19 21.56
C TYR K 157 -3.93 -9.39 20.75
N ILE K 158 -2.94 -10.06 20.19
CA ILE K 158 -1.78 -9.38 19.61
C ILE K 158 -1.68 -9.51 18.10
N THR K 159 -1.47 -8.40 17.41
CA THR K 159 -1.24 -8.42 15.97
C THR K 159 0.25 -8.52 15.68
N ASP K 160 0.60 -9.18 14.57
CA ASP K 160 1.98 -9.12 14.09
C ASP K 160 2.17 -7.86 13.28
N LYS K 161 3.32 -7.72 12.65
CA LYS K 161 3.75 -6.42 12.16
C LYS K 161 3.08 -6.15 10.82
N CYS K 162 2.84 -4.88 10.54
CA CYS K 162 2.21 -4.47 9.29
C CYS K 162 2.57 -3.02 9.05
N VAL K 163 2.84 -2.67 7.80
CA VAL K 163 3.43 -1.37 7.51
C VAL K 163 2.63 -0.55 6.49
N LEU K 164 2.79 0.75 6.57
CA LEU K 164 1.95 1.67 5.80
C LEU K 164 2.73 2.89 5.33
N ASP K 165 2.27 3.51 4.25
CA ASP K 165 2.87 4.74 3.76
C ASP K 165 1.81 5.75 3.31
N MET K 166 2.14 7.04 3.41
CA MET K 166 1.32 8.06 2.77
C MET K 166 2.11 8.70 1.63
N ARG K 167 1.75 8.35 0.40
CA ARG K 167 2.48 8.74 -0.81
C ARG K 167 3.04 10.18 -0.83
N SER K 168 2.16 11.16 -0.69
CA SER K 168 2.48 12.59 -0.81
C SER K 168 3.36 13.19 0.31
N MET K 169 3.88 12.34 1.19
CA MET K 169 4.79 12.80 2.21
C MET K 169 6.07 11.97 2.25
N ASP K 170 6.10 10.90 1.47
CA ASP K 170 7.28 10.06 1.42
C ASP K 170 7.67 9.55 2.79
N PHE K 171 6.68 9.19 3.60
CA PHE K 171 6.91 8.68 4.94
C PHE K 171 6.27 7.31 5.08
N LYS K 172 7.02 6.37 5.63
CA LYS K 172 6.50 5.03 5.89
C LYS K 172 6.36 4.80 7.40
N SER K 173 5.75 3.68 7.78
CA SER K 173 5.49 3.42 9.21
C SER K 173 5.36 1.93 9.54
N ASN K 174 6.23 1.45 10.43
CA ASN K 174 6.11 0.10 10.99
C ASN K 174 5.14 0.09 12.15
N SER K 175 4.13 -0.79 12.10
CA SER K 175 3.07 -0.78 13.10
C SER K 175 2.77 -2.16 13.69
N ALA K 176 2.40 -2.17 14.97
CA ALA K 176 2.02 -3.39 15.67
C ALA K 176 1.20 -3.05 16.92
N VAL K 177 -0.06 -3.47 16.96
CA VAL K 177 -0.95 -3.09 18.06
C VAL K 177 -1.52 -4.31 18.76
N ALA K 178 -1.98 -4.09 19.99
CA ALA K 178 -2.75 -5.10 20.71
C ALA K 178 -3.56 -4.53 21.87
N TRP K 179 -4.41 -5.38 22.43
CA TRP K 179 -5.50 -4.97 23.32
C TRP K 179 -5.95 -6.13 24.19
N SER K 180 -6.92 -5.87 25.05
CA SER K 180 -7.64 -6.93 25.76
C SER K 180 -8.92 -6.38 26.37
N ASN K 181 -10.05 -6.76 25.79
CA ASN K 181 -11.35 -6.36 26.31
C ASN K 181 -11.61 -7.06 27.63
N LYS K 182 -10.93 -8.17 27.84
CA LYS K 182 -11.06 -8.94 29.07
C LYS K 182 -10.03 -8.50 30.09
N SER K 183 -8.94 -7.91 29.60
CA SER K 183 -7.87 -7.49 30.49
C SER K 183 -8.21 -6.20 31.23
N ASP K 184 -7.58 -5.99 32.38
CA ASP K 184 -7.62 -4.70 33.05
C ASP K 184 -6.19 -4.28 33.40
N PHE K 185 -5.23 -4.76 32.62
CA PHE K 185 -3.83 -4.38 32.76
C PHE K 185 -3.40 -3.63 31.49
N ALA K 186 -2.66 -2.53 31.66
CA ALA K 186 -2.52 -1.49 30.63
C ALA K 186 -1.51 -1.74 29.50
N CYS K 187 -0.93 -0.65 29.00
CA CYS K 187 -0.16 -0.68 27.75
C CYS K 187 1.27 -1.17 27.92
N ALA K 188 2.04 -0.55 28.82
CA ALA K 188 3.41 -0.98 29.08
C ALA K 188 3.48 -2.47 29.41
N ASN K 189 2.46 -2.93 30.14
CA ASN K 189 2.18 -4.34 30.32
C ASN K 189 2.25 -5.21 29.04
N ALA K 190 1.60 -4.75 27.96
CA ALA K 190 1.25 -5.63 26.84
C ALA K 190 2.38 -6.30 26.04
N PHE K 191 3.39 -5.53 25.62
CA PHE K 191 4.44 -6.08 24.73
C PHE K 191 5.82 -6.09 25.39
N ASN K 192 5.88 -6.22 26.71
CA ASN K 192 7.19 -6.32 27.37
C ASN K 192 7.84 -7.67 27.04
N ASN K 193 7.16 -8.44 26.18
CA ASN K 193 7.47 -9.82 25.89
C ASN K 193 8.14 -9.97 24.52
N SER K 194 8.33 -8.84 23.84
CA SER K 194 9.14 -8.81 22.65
C SER K 194 10.22 -7.77 22.88
N ILE K 195 11.18 -7.64 21.99
CA ILE K 195 12.27 -6.71 22.22
C ILE K 195 12.06 -5.41 21.50
N ILE K 196 12.00 -4.31 22.23
CA ILE K 196 11.86 -3.00 21.61
C ILE K 196 12.82 -1.99 22.19
N PRO K 197 13.33 -1.13 21.33
CA PRO K 197 14.31 -0.15 21.73
C PRO K 197 13.68 0.90 22.63
N GLU K 198 14.49 1.72 23.26
CA GLU K 198 13.97 2.71 24.19
C GLU K 198 12.97 3.63 23.47
N ASP K 199 11.89 3.99 24.16
CA ASP K 199 10.72 4.66 23.61
C ASP K 199 10.15 5.80 24.46
N THR K 200 9.03 6.35 24.00
CA THR K 200 8.48 7.57 24.55
C THR K 200 7.08 7.37 25.13
N PHE K 201 7.01 7.14 26.43
CA PHE K 201 5.72 6.93 27.08
C PHE K 201 5.37 8.12 27.98
N PHE K 202 4.15 8.64 27.84
CA PHE K 202 3.71 9.83 28.57
C PHE K 202 2.75 9.50 29.71
N PRO K 203 3.13 9.82 30.96
CA PRO K 203 2.12 9.66 32.01
C PRO K 203 0.95 10.63 31.84
N GLU L 2 -16.57 -9.07 -23.52
CA GLU L 2 -15.99 -10.12 -22.69
C GLU L 2 -15.80 -9.60 -21.26
N ALA L 3 -15.10 -10.37 -20.41
CA ALA L 3 -14.99 -10.02 -19.00
C ALA L 3 -13.89 -10.76 -18.23
N GLN L 4 -12.85 -11.21 -18.93
CA GLN L 4 -11.80 -12.07 -18.37
C GLN L 4 -12.41 -13.33 -17.73
N VAL L 5 -11.64 -14.05 -16.93
CA VAL L 5 -12.11 -15.34 -16.39
C VAL L 5 -12.94 -15.19 -15.11
N THR L 6 -14.17 -15.70 -15.17
CA THR L 6 -15.13 -15.55 -14.08
C THR L 6 -15.37 -16.84 -13.30
N GLN L 7 -15.51 -16.74 -11.98
CA GLN L 7 -15.99 -17.85 -11.17
C GLN L 7 -16.96 -17.38 -10.11
N ASN L 8 -18.15 -17.97 -10.11
CA ASN L 8 -19.17 -17.67 -9.10
C ASN L 8 -19.65 -18.96 -8.42
N PRO L 9 -19.89 -18.89 -7.09
CA PRO L 9 -19.74 -17.69 -6.26
C PRO L 9 -18.29 -17.47 -5.88
N ARG L 10 -17.97 -16.28 -5.39
CA ARG L 10 -16.60 -16.00 -4.97
C ARG L 10 -16.39 -16.42 -3.52
N TYR L 11 -17.45 -16.33 -2.73
CA TYR L 11 -17.39 -16.76 -1.34
C TYR L 11 -18.58 -17.65 -1.02
N LEU L 12 -18.31 -18.92 -0.77
CA LEU L 12 -19.39 -19.83 -0.42
C LEU L 12 -19.12 -20.58 0.89
N ILE L 13 -20.20 -20.77 1.66
CA ILE L 13 -20.17 -21.57 2.88
C ILE L 13 -21.19 -22.69 2.76
N THR L 14 -20.73 -23.93 2.82
CA THR L 14 -21.61 -25.08 2.66
C THR L 14 -21.28 -26.15 3.70
N VAL L 15 -22.31 -26.89 4.13
CA VAL L 15 -22.18 -27.94 5.12
C VAL L 15 -22.01 -29.30 4.46
N THR L 16 -21.29 -30.20 5.12
CA THR L 16 -21.00 -31.52 4.60
C THR L 16 -22.22 -32.30 4.16
N GLY L 17 -22.22 -32.73 2.90
CA GLY L 17 -23.33 -33.50 2.37
C GLY L 17 -24.12 -32.70 1.37
N LYS L 18 -23.94 -31.38 1.39
CA LYS L 18 -24.67 -30.50 0.50
C LYS L 18 -23.92 -30.26 -0.81
N GLU L 19 -24.53 -30.70 -1.91
CA GLU L 19 -23.97 -30.58 -3.25
C GLU L 19 -23.96 -29.13 -3.75
N LEU L 20 -22.88 -28.75 -4.44
CA LEU L 20 -22.67 -27.37 -4.88
C LEU L 20 -21.96 -27.26 -6.24
N THR L 21 -22.32 -26.25 -7.03
CA THR L 21 -21.74 -26.05 -8.35
C THR L 21 -20.82 -24.84 -8.40
N VAL L 22 -19.80 -24.90 -9.24
CA VAL L 22 -18.90 -23.76 -9.42
C VAL L 22 -18.86 -23.24 -10.87
N THR L 23 -19.40 -22.04 -11.06
CA THR L 23 -19.40 -21.35 -12.34
C THR L 23 -17.96 -21.18 -12.84
N CYS L 24 -17.75 -21.41 -14.13
CA CYS L 24 -16.47 -21.14 -14.76
C CYS L 24 -16.69 -20.98 -16.25
N SER L 25 -16.65 -19.74 -16.72
CA SER L 25 -16.84 -19.47 -18.13
C SER L 25 -16.12 -18.22 -18.60
N GLN L 26 -15.49 -18.32 -19.76
CA GLN L 26 -15.00 -17.11 -20.41
C GLN L 26 -14.86 -17.26 -21.92
N ASN L 27 -15.41 -16.34 -22.67
CA ASN L 27 -15.30 -16.47 -24.11
C ASN L 27 -13.97 -15.95 -24.62
N MET L 28 -12.89 -16.63 -24.29
CA MET L 28 -11.60 -16.29 -24.88
C MET L 28 -11.33 -17.12 -26.12
N ASN L 29 -12.23 -18.03 -26.45
CA ASN L 29 -12.01 -18.90 -27.59
C ASN L 29 -10.90 -19.90 -27.30
N HIS L 30 -10.62 -20.11 -26.01
CA HIS L 30 -9.65 -21.07 -25.47
C HIS L 30 -10.22 -22.48 -25.34
N GLU L 31 -9.36 -23.48 -25.22
CA GLU L 31 -9.86 -24.87 -25.24
C GLU L 31 -9.33 -25.76 -24.12
N TYR L 32 -8.37 -25.28 -23.34
CA TYR L 32 -7.89 -26.01 -22.16
C TYR L 32 -8.36 -25.34 -20.86
N MET L 33 -8.92 -26.14 -19.94
CA MET L 33 -9.41 -25.62 -18.67
C MET L 33 -9.16 -26.60 -17.50
N SER L 34 -8.67 -26.08 -16.37
CA SER L 34 -8.32 -26.94 -15.24
C SER L 34 -8.64 -26.30 -13.91
N TRP L 35 -8.77 -27.12 -12.88
CA TRP L 35 -9.13 -26.63 -11.55
C TRP L 35 -8.04 -26.84 -10.51
N TYR L 36 -7.72 -25.77 -9.78
CA TYR L 36 -6.65 -25.82 -8.80
C TYR L 36 -7.17 -25.68 -7.37
N ARG L 37 -6.25 -25.88 -6.42
CA ARG L 37 -6.58 -25.86 -5.01
C ARG L 37 -5.44 -25.25 -4.20
N GLN L 38 -5.43 -23.94 -4.02
CA GLN L 38 -4.33 -23.35 -3.25
C GLN L 38 -4.54 -23.57 -1.76
N ASP L 39 -3.52 -24.17 -1.15
CA ASP L 39 -3.51 -24.45 0.26
C ASP L 39 -2.19 -24.04 0.86
N PRO L 40 -2.23 -23.25 1.93
CA PRO L 40 -1.04 -22.76 2.63
C PRO L 40 0.01 -23.85 2.85
N GLY L 41 1.27 -23.46 2.75
CA GLY L 41 2.36 -24.39 3.00
C GLY L 41 2.66 -25.28 1.82
N LEU L 42 1.63 -25.90 1.27
CA LEU L 42 1.85 -26.78 0.14
C LEU L 42 1.56 -26.09 -1.19
N GLY L 43 1.08 -24.83 -1.11
CA GLY L 43 0.89 -24.01 -2.30
C GLY L 43 -0.03 -24.60 -3.36
N LEU L 44 -0.08 -23.95 -4.52
CA LEU L 44 -1.03 -24.29 -5.58
C LEU L 44 -0.90 -25.75 -5.98
N ARG L 45 -2.01 -26.32 -6.43
CA ARG L 45 -2.07 -27.75 -6.69
C ARG L 45 -3.19 -28.03 -7.68
N GLN L 46 -3.00 -29.04 -8.55
CA GLN L 46 -4.04 -29.35 -9.53
C GLN L 46 -4.97 -30.48 -9.10
N ILE L 47 -6.27 -30.24 -9.30
CA ILE L 47 -7.31 -31.19 -8.93
C ILE L 47 -7.82 -31.96 -10.13
N TYR L 48 -8.10 -31.23 -11.21
CA TYR L 48 -8.57 -31.85 -12.44
C TYR L 48 -8.46 -30.90 -13.64
N TYR L 49 -7.82 -31.40 -14.69
CA TYR L 49 -7.66 -30.66 -15.93
C TYR L 49 -8.40 -31.37 -17.05
N SER L 50 -8.72 -30.65 -18.12
CA SER L 50 -9.05 -31.27 -19.40
C SER L 50 -9.19 -30.31 -20.57
N MET L 51 -8.74 -30.82 -21.70
CA MET L 51 -8.53 -30.08 -22.92
C MET L 51 -9.77 -30.15 -23.80
N ASN L 52 -9.79 -29.37 -24.87
CA ASN L 52 -10.90 -29.38 -25.83
C ASN L 52 -12.27 -29.32 -25.18
N VAL L 53 -13.24 -29.98 -25.81
CA VAL L 53 -14.51 -30.27 -25.17
C VAL L 53 -14.71 -31.78 -25.24
N GLU L 54 -15.50 -32.32 -24.33
CA GLU L 54 -15.82 -33.76 -24.25
C GLU L 54 -14.60 -34.62 -23.85
N VAL L 55 -13.42 -34.02 -23.79
CA VAL L 55 -12.22 -34.75 -23.41
C VAL L 55 -11.95 -34.63 -21.92
N THR L 56 -11.71 -35.77 -21.28
CA THR L 56 -11.52 -35.81 -19.85
C THR L 56 -10.23 -36.53 -19.47
N ASP L 57 -9.57 -36.06 -18.42
CA ASP L 57 -8.36 -36.69 -17.88
C ASP L 57 -8.28 -36.44 -16.36
N LYS L 58 -8.15 -37.50 -15.57
CA LYS L 58 -8.05 -37.36 -14.12
C LYS L 58 -6.83 -36.52 -13.72
N GLY L 59 -6.91 -35.85 -12.57
CA GLY L 59 -5.86 -34.92 -12.14
C GLY L 59 -4.75 -35.52 -11.29
N ASP L 60 -4.68 -35.08 -10.03
CA ASP L 60 -3.69 -35.60 -9.08
C ASP L 60 -4.30 -35.79 -7.69
N VAL L 61 -5.36 -35.05 -7.40
CA VAL L 61 -6.12 -35.24 -6.18
C VAL L 61 -7.63 -35.08 -6.47
N PRO L 62 -8.18 -35.99 -7.30
CA PRO L 62 -9.50 -35.78 -7.89
C PRO L 62 -10.68 -36.35 -7.10
N GLU L 63 -10.44 -37.34 -6.24
CA GLU L 63 -11.54 -38.02 -5.58
C GLU L 63 -12.08 -37.21 -4.41
N GLY L 64 -13.25 -36.62 -4.66
CA GLY L 64 -13.86 -35.60 -3.82
C GLY L 64 -14.43 -34.56 -4.77
N TYR L 65 -14.19 -34.78 -6.07
CA TYR L 65 -14.56 -33.84 -7.12
C TYR L 65 -15.04 -34.54 -8.39
N LYS L 66 -16.32 -34.40 -8.73
CA LYS L 66 -16.80 -34.81 -10.05
C LYS L 66 -16.57 -33.65 -11.02
N VAL L 67 -16.78 -33.86 -12.32
CA VAL L 67 -16.50 -32.82 -13.31
C VAL L 67 -16.94 -33.19 -14.74
N SER L 68 -17.35 -32.20 -15.52
CA SER L 68 -17.57 -32.38 -16.95
C SER L 68 -17.73 -31.07 -17.72
N ARG L 69 -17.62 -31.19 -19.03
CA ARG L 69 -17.84 -30.07 -19.94
C ARG L 69 -17.99 -30.64 -21.32
N LYS L 70 -19.22 -30.68 -21.81
CA LYS L 70 -19.48 -31.24 -23.12
C LYS L 70 -19.71 -30.15 -24.15
N GLU L 71 -19.54 -28.90 -23.72
CA GLU L 71 -19.62 -27.80 -24.66
C GLU L 71 -18.88 -26.52 -24.25
N LYS L 72 -18.14 -25.97 -25.23
CA LYS L 72 -17.72 -24.58 -25.35
C LYS L 72 -16.80 -24.11 -24.24
N ARG L 73 -17.32 -23.20 -23.43
CA ARG L 73 -16.50 -22.37 -22.57
C ARG L 73 -16.93 -22.49 -21.12
N ASN L 74 -17.75 -23.49 -20.84
CA ASN L 74 -18.20 -23.73 -19.48
C ASN L 74 -17.48 -24.94 -18.91
N PHE L 75 -17.19 -24.90 -17.61
CA PHE L 75 -16.44 -25.98 -16.97
C PHE L 75 -16.62 -26.02 -15.46
N PRO L 76 -17.70 -26.68 -15.00
CA PRO L 76 -18.02 -26.83 -13.57
C PRO L 76 -17.16 -27.84 -12.83
N LEU L 77 -16.98 -27.62 -11.52
CA LEU L 77 -16.25 -28.52 -10.62
C LEU L 77 -17.11 -28.87 -9.40
N ILE L 78 -17.71 -30.06 -9.35
CA ILE L 78 -18.77 -30.25 -8.35
C ILE L 78 -18.72 -31.56 -7.54
N LEU L 79 -19.31 -31.48 -6.34
CA LEU L 79 -18.97 -32.36 -5.22
C LEU L 79 -20.18 -33.03 -4.56
N GLU L 80 -20.30 -34.34 -4.71
CA GLU L 80 -21.47 -35.08 -4.22
C GLU L 80 -21.42 -35.42 -2.73
N SER L 81 -20.35 -35.00 -2.05
CA SER L 81 -20.21 -35.19 -0.60
C SER L 81 -19.07 -34.36 -0.01
N PRO L 82 -19.19 -33.02 -0.04
CA PRO L 82 -18.15 -32.12 0.51
C PRO L 82 -17.72 -32.48 1.93
N SER L 83 -16.43 -32.46 2.16
CA SER L 83 -15.86 -32.79 3.45
C SER L 83 -15.12 -31.58 3.98
N PRO L 84 -14.96 -31.47 5.31
CA PRO L 84 -14.31 -30.27 5.85
C PRO L 84 -12.85 -30.15 5.43
N ASN L 85 -12.29 -31.23 4.90
CA ASN L 85 -10.94 -31.25 4.34
C ASN L 85 -10.95 -30.76 2.89
N GLN L 86 -12.06 -30.15 2.51
CA GLN L 86 -12.21 -29.59 1.18
C GLN L 86 -12.35 -28.07 1.27
N THR L 87 -12.16 -27.56 2.48
CA THR L 87 -12.15 -26.12 2.73
C THR L 87 -10.89 -25.50 2.13
N SER L 88 -11.04 -24.83 0.99
CA SER L 88 -9.86 -24.29 0.31
C SER L 88 -10.15 -23.31 -0.83
N LEU L 89 -9.12 -22.52 -1.16
CA LEU L 89 -9.21 -21.49 -2.18
C LEU L 89 -9.00 -22.06 -3.58
N TYR L 90 -10.05 -22.03 -4.40
CA TYR L 90 -10.00 -22.68 -5.72
C TYR L 90 -9.87 -21.70 -6.89
N PHE L 91 -9.01 -22.04 -7.84
CA PHE L 91 -8.73 -21.16 -8.98
C PHE L 91 -9.13 -21.80 -10.30
N CYS L 92 -9.61 -20.99 -11.24
CA CYS L 92 -9.96 -21.48 -12.56
C CYS L 92 -9.03 -20.95 -13.65
N ALA L 93 -8.53 -21.87 -14.48
CA ALA L 93 -7.49 -21.54 -15.45
C ALA L 93 -7.84 -21.90 -16.90
N SER L 94 -7.39 -21.04 -17.81
CA SER L 94 -7.62 -21.18 -19.24
C SER L 94 -6.42 -20.75 -20.07
N SER L 95 -6.20 -21.46 -21.18
CA SER L 95 -5.31 -21.02 -22.24
C SER L 95 -5.82 -21.77 -23.47
N LEU L 96 -5.60 -21.16 -24.62
CA LEU L 96 -6.15 -21.59 -25.89
C LEU L 96 -5.72 -22.98 -26.32
N ILE L 97 -4.46 -23.35 -26.15
CA ILE L 97 -4.05 -24.72 -26.49
C ILE L 97 -3.02 -25.28 -25.53
N TYR L 98 -3.04 -26.57 -25.36
CA TYR L 98 -2.09 -27.24 -24.45
C TYR L 98 -0.70 -27.25 -25.04
N PRO L 99 0.29 -26.69 -24.33
CA PRO L 99 0.16 -25.85 -23.14
C PRO L 99 0.35 -24.37 -23.48
N GLY L 100 0.42 -23.50 -22.50
CA GLY L 100 0.63 -22.09 -22.79
C GLY L 100 0.58 -21.25 -21.54
N GLU L 101 0.36 -19.95 -21.73
CA GLU L 101 0.15 -19.02 -20.62
C GLU L 101 -1.09 -19.43 -19.85
N LEU L 102 -1.01 -19.57 -18.53
CA LEU L 102 -2.23 -19.85 -17.79
C LEU L 102 -2.83 -18.58 -17.18
N PHE L 103 -4.09 -18.32 -17.50
CA PHE L 103 -4.81 -17.18 -16.93
C PHE L 103 -5.67 -17.75 -15.80
N PHE L 104 -5.49 -17.23 -14.59
CA PHE L 104 -6.23 -17.76 -13.46
C PHE L 104 -7.47 -16.90 -13.17
N GLY L 105 -8.53 -17.56 -12.71
CA GLY L 105 -9.72 -16.85 -12.27
C GLY L 105 -9.45 -15.99 -11.05
N GLU L 106 -10.46 -15.26 -10.62
CA GLU L 106 -10.36 -14.39 -9.45
C GLU L 106 -10.02 -15.17 -8.19
N GLY L 107 -10.52 -16.39 -8.13
CA GLY L 107 -10.37 -17.25 -6.97
C GLY L 107 -11.68 -17.27 -6.20
N SER L 108 -12.07 -18.43 -5.70
CA SER L 108 -13.29 -18.51 -4.92
C SER L 108 -13.12 -19.34 -3.65
N ARG L 109 -13.25 -18.65 -2.52
CA ARG L 109 -13.07 -19.23 -1.19
C ARG L 109 -14.19 -20.20 -0.85
N LEU L 110 -13.86 -21.28 -0.14
CA LEU L 110 -14.87 -22.26 0.24
C LEU L 110 -14.54 -22.90 1.59
N THR L 111 -15.39 -22.63 2.58
CA THR L 111 -15.24 -23.25 3.88
C THR L 111 -16.36 -24.25 4.11
N VAL L 112 -16.00 -25.53 4.17
CA VAL L 112 -16.95 -26.61 4.39
C VAL L 112 -16.99 -26.96 5.87
N LEU L 113 -18.20 -27.08 6.41
CA LEU L 113 -18.38 -27.33 7.83
C LEU L 113 -19.29 -28.52 8.11
N GLU L 114 -19.09 -29.15 9.26
CA GLU L 114 -19.93 -30.24 9.71
C GLU L 114 -21.16 -29.71 10.42
N ASP L 115 -21.22 -28.39 10.56
CA ASP L 115 -22.32 -27.72 11.26
C ASP L 115 -22.26 -26.21 11.04
N LEU L 116 -23.36 -25.50 11.24
CA LEU L 116 -23.44 -24.10 10.81
C LEU L 116 -23.66 -23.05 11.88
N LYS L 117 -23.68 -23.44 13.16
CA LYS L 117 -24.00 -22.50 14.25
C LYS L 117 -22.78 -21.88 14.93
N ASN L 118 -21.60 -22.36 14.60
CA ASN L 118 -20.40 -21.67 15.07
C ASN L 118 -19.94 -20.66 14.03
N VAL L 119 -20.73 -20.50 12.99
CA VAL L 119 -20.58 -19.31 12.19
C VAL L 119 -21.30 -18.17 12.93
N PHE L 120 -20.55 -17.09 13.19
CA PHE L 120 -21.14 -15.88 13.75
C PHE L 120 -20.27 -14.66 13.35
N PRO L 121 -20.94 -13.52 13.07
CA PRO L 121 -20.48 -12.35 12.29
C PRO L 121 -19.48 -11.43 12.99
N PRO L 122 -18.95 -10.42 12.28
CA PRO L 122 -17.93 -9.49 12.80
C PRO L 122 -18.42 -8.45 13.79
N GLU L 123 -17.62 -8.20 14.82
CA GLU L 123 -17.86 -7.09 15.75
C GLU L 123 -16.90 -5.93 15.44
N VAL L 124 -17.44 -4.85 14.90
CA VAL L 124 -16.61 -3.78 14.34
C VAL L 124 -16.61 -2.50 15.18
N ALA L 125 -15.42 -1.98 15.48
CA ALA L 125 -15.27 -0.73 16.24
C ALA L 125 -14.02 0.05 15.84
N VAL L 126 -14.10 1.39 15.91
CA VAL L 126 -12.98 2.26 15.55
C VAL L 126 -12.43 2.96 16.78
N PHE L 127 -11.16 3.38 16.71
CA PHE L 127 -10.48 3.94 17.87
C PHE L 127 -9.70 5.19 17.50
N GLU L 128 -9.99 6.30 18.18
CA GLU L 128 -9.35 7.58 17.88
C GLU L 128 -7.86 7.58 18.20
N PRO L 129 -7.05 8.19 17.32
CA PRO L 129 -5.60 8.29 17.49
C PRO L 129 -5.20 9.12 18.70
N SER L 130 -4.11 8.74 19.35
CA SER L 130 -3.64 9.44 20.54
C SER L 130 -3.20 10.86 20.24
N GLU L 131 -3.36 11.75 21.22
CA GLU L 131 -2.91 13.12 21.08
C GLU L 131 -1.42 13.22 21.38
N ALA L 132 -0.92 12.28 22.17
CA ALA L 132 0.50 12.17 22.45
C ALA L 132 1.24 11.97 21.13
N GLU L 133 0.68 11.13 20.26
CA GLU L 133 1.24 10.92 18.93
C GLU L 133 1.17 12.18 18.10
N ILE L 134 0.03 12.88 18.19
CA ILE L 134 -0.16 14.15 17.48
C ILE L 134 0.92 15.14 17.85
N SER L 135 1.30 15.17 19.12
CA SER L 135 2.33 16.09 19.58
C SER L 135 3.73 15.58 19.24
N HIS L 136 3.92 14.27 19.35
CA HIS L 136 5.24 13.68 19.21
C HIS L 136 5.61 13.39 17.76
N THR L 137 4.62 13.02 16.95
CA THR L 137 4.88 12.57 15.57
C THR L 137 4.23 13.48 14.52
N GLN L 138 3.27 14.29 14.95
CA GLN L 138 2.48 15.14 14.05
C GLN L 138 1.79 14.31 12.97
N LYS L 139 1.13 13.25 13.42
CA LYS L 139 0.33 12.39 12.55
C LYS L 139 -0.74 11.70 13.37
N ALA L 140 -1.72 11.11 12.70
CA ALA L 140 -2.82 10.45 13.40
C ALA L 140 -3.01 9.03 12.88
N THR L 141 -2.88 8.05 13.78
CA THR L 141 -3.10 6.67 13.39
C THR L 141 -4.37 6.12 14.01
N LEU L 142 -5.37 5.87 13.17
CA LEU L 142 -6.63 5.29 13.61
C LEU L 142 -6.58 3.79 13.53
N VAL L 143 -7.30 3.12 14.44
CA VAL L 143 -7.32 1.67 14.43
C VAL L 143 -8.74 1.12 14.46
N CYS L 144 -9.16 0.54 13.34
CA CYS L 144 -10.44 -0.14 13.27
C CYS L 144 -10.24 -1.59 13.65
N LEU L 145 -11.18 -2.18 14.36
CA LEU L 145 -10.96 -3.54 14.85
C LEU L 145 -12.17 -4.45 14.70
N ALA L 146 -11.91 -5.73 14.46
CA ALA L 146 -12.98 -6.72 14.33
C ALA L 146 -12.70 -7.85 15.29
N THR L 147 -13.68 -8.27 16.06
CA THR L 147 -13.33 -9.10 17.21
C THR L 147 -13.60 -10.60 17.06
N GLY L 148 -14.73 -10.98 16.48
CA GLY L 148 -15.08 -12.39 16.42
C GLY L 148 -15.57 -12.91 15.08
N PHE L 149 -14.76 -13.75 14.43
CA PHE L 149 -15.11 -14.27 13.11
C PHE L 149 -15.22 -15.77 13.03
N TYR L 150 -16.00 -16.19 12.06
CA TYR L 150 -15.82 -17.46 11.39
C TYR L 150 -16.80 -17.55 10.23
N PRO L 151 -16.30 -17.89 9.03
CA PRO L 151 -14.89 -18.13 8.70
C PRO L 151 -14.18 -16.93 8.06
N ASP L 152 -13.08 -17.20 7.36
CA ASP L 152 -12.38 -16.14 6.65
C ASP L 152 -13.10 -15.92 5.33
N HIS L 153 -14.06 -14.99 5.37
CA HIS L 153 -14.75 -14.55 4.17
C HIS L 153 -14.90 -13.04 4.22
N VAL L 154 -13.83 -12.33 4.59
CA VAL L 154 -13.97 -10.90 4.87
C VAL L 154 -12.90 -10.03 4.24
N GLU L 155 -13.30 -8.82 3.88
CA GLU L 155 -12.40 -7.81 3.31
C GLU L 155 -12.71 -6.43 3.89
N LEU L 156 -11.75 -5.89 4.63
CA LEU L 156 -11.88 -4.61 5.34
C LEU L 156 -11.30 -3.46 4.52
N SER L 157 -11.76 -2.25 4.80
CA SER L 157 -11.19 -1.05 4.19
C SER L 157 -11.45 0.18 5.05
N TRP L 158 -11.22 1.35 4.46
CA TRP L 158 -11.43 2.61 5.15
C TRP L 158 -12.10 3.57 4.21
N TRP L 159 -12.87 4.50 4.75
CA TRP L 159 -13.59 5.45 3.93
C TRP L 159 -13.45 6.88 4.45
N VAL L 160 -12.91 7.75 3.61
CA VAL L 160 -12.64 9.14 3.99
C VAL L 160 -13.58 10.10 3.26
N ASN L 161 -14.44 10.78 4.02
CA ASN L 161 -15.44 11.70 3.48
C ASN L 161 -16.39 11.02 2.48
N GLY L 162 -16.91 9.86 2.85
CA GLY L 162 -17.91 9.17 2.05
C GLY L 162 -17.35 8.31 0.94
N LYS L 163 -16.06 8.45 0.66
CA LYS L 163 -15.37 7.66 -0.37
C LYS L 163 -14.05 7.13 0.22
N GLU L 164 -13.48 6.10 -0.38
CA GLU L 164 -12.41 5.40 0.30
C GLU L 164 -11.01 5.70 -0.22
N VAL L 165 -10.05 5.76 0.72
CA VAL L 165 -8.66 6.04 0.41
C VAL L 165 -7.84 4.76 0.52
N HIS L 166 -6.79 4.66 -0.30
CA HIS L 166 -5.83 3.57 -0.20
C HIS L 166 -4.55 4.06 0.45
N SER L 167 -4.18 5.29 0.12
CA SER L 167 -2.95 5.89 0.60
C SER L 167 -3.00 6.10 2.10
N GLY L 168 -2.26 5.28 2.83
CA GLY L 168 -2.15 5.39 4.27
C GLY L 168 -2.62 4.14 4.99
N VAL L 169 -3.26 3.23 4.27
CA VAL L 169 -3.95 2.12 4.90
C VAL L 169 -3.07 0.88 5.09
N CYS L 170 -3.32 0.17 6.19
CA CYS L 170 -2.58 -1.03 6.51
C CYS L 170 -3.49 -2.10 7.11
N THR L 171 -3.43 -3.30 6.55
CA THR L 171 -4.32 -4.39 6.97
C THR L 171 -3.50 -5.65 7.21
N ASP L 172 -3.87 -6.41 8.24
CA ASP L 172 -3.24 -7.70 8.48
C ASP L 172 -3.54 -8.67 7.34
N PRO L 173 -2.50 -9.33 6.80
CA PRO L 173 -2.62 -10.25 5.66
C PRO L 173 -3.50 -11.47 5.95
N GLN L 174 -3.31 -12.08 7.11
CA GLN L 174 -4.19 -13.18 7.53
C GLN L 174 -4.64 -13.01 8.97
N PRO L 175 -5.94 -13.18 9.20
CA PRO L 175 -6.61 -13.04 10.50
C PRO L 175 -5.97 -13.90 11.58
N LEU L 176 -5.96 -13.41 12.82
CA LEU L 176 -5.46 -14.21 13.92
C LEU L 176 -6.62 -14.66 14.80
N LYS L 177 -6.70 -15.97 15.01
CA LYS L 177 -7.79 -16.59 15.75
C LYS L 177 -7.85 -16.10 17.19
N GLU L 178 -9.07 -16.06 17.70
CA GLU L 178 -9.30 -15.70 19.09
C GLU L 178 -9.32 -16.98 19.93
N GLN L 179 -9.20 -18.12 19.24
CA GLN L 179 -8.99 -19.44 19.88
C GLN L 179 -7.56 -20.01 19.86
N PRO L 180 -7.23 -20.83 20.88
CA PRO L 180 -5.90 -21.43 20.97
C PRO L 180 -5.70 -22.62 20.02
N ALA L 181 -6.73 -23.43 19.82
CA ALA L 181 -6.60 -24.63 19.01
C ALA L 181 -7.46 -24.56 17.76
N LEU L 182 -6.79 -24.64 16.61
CA LEU L 182 -7.46 -24.84 15.32
C LEU L 182 -8.50 -25.94 15.41
N ASN L 183 -9.58 -25.80 14.66
CA ASN L 183 -10.61 -26.83 14.56
C ASN L 183 -11.30 -27.08 15.90
N ASP L 184 -12.23 -26.19 16.28
CA ASP L 184 -12.60 -25.06 15.43
C ASP L 184 -12.15 -23.72 16.00
N SER L 185 -12.18 -22.70 15.15
CA SER L 185 -11.52 -21.44 15.42
C SER L 185 -12.47 -20.25 15.53
N ARG L 186 -11.93 -19.14 16.02
CA ARG L 186 -12.64 -17.88 16.05
C ARG L 186 -11.75 -16.78 15.48
N TYR L 187 -11.85 -16.52 14.19
CA TYR L 187 -10.98 -15.55 13.53
C TYR L 187 -11.19 -14.14 14.07
N ALA L 188 -10.18 -13.30 13.90
CA ALA L 188 -10.23 -11.90 14.31
C ALA L 188 -9.14 -11.13 13.57
N LEU L 189 -9.52 -10.02 12.95
CA LEU L 189 -8.61 -9.26 12.07
C LEU L 189 -8.56 -7.80 12.47
N SER L 190 -7.50 -7.09 12.09
CA SER L 190 -7.39 -5.67 12.43
C SER L 190 -6.52 -4.85 11.50
N SER L 191 -6.74 -3.54 11.53
CA SER L 191 -6.15 -2.62 10.58
C SER L 191 -5.89 -1.25 11.18
N ARG L 192 -5.08 -0.44 10.49
CA ARG L 192 -4.81 0.92 10.92
C ARG L 192 -4.88 1.87 9.74
N LEU L 193 -5.43 3.05 9.95
CA LEU L 193 -5.36 4.11 8.96
C LEU L 193 -4.63 5.30 9.57
N ARG L 194 -3.62 5.80 8.89
CA ARG L 194 -2.79 6.86 9.45
C ARG L 194 -2.58 7.99 8.47
N VAL L 195 -3.17 9.15 8.77
CA VAL L 195 -2.98 10.34 7.95
C VAL L 195 -2.65 11.55 8.82
N SER L 196 -2.32 12.65 8.16
CA SER L 196 -1.71 13.81 8.82
C SER L 196 -2.45 14.30 10.05
N ALA L 197 -1.68 14.83 11.00
CA ALA L 197 -2.20 15.35 12.27
C ALA L 197 -3.34 16.34 12.04
N THR L 198 -3.19 17.16 11.02
CA THR L 198 -4.17 18.18 10.71
C THR L 198 -5.46 17.58 10.17
N PHE L 199 -5.34 16.47 9.46
CA PHE L 199 -6.52 15.80 8.92
C PHE L 199 -7.43 15.28 10.01
N TRP L 200 -6.86 15.04 11.19
CA TRP L 200 -7.64 14.53 12.32
C TRP L 200 -8.36 15.63 13.08
N GLN L 201 -7.62 16.66 13.45
CA GLN L 201 -8.13 17.72 14.32
C GLN L 201 -9.33 18.48 13.73
N ASN L 202 -9.58 18.28 12.44
CA ASN L 202 -10.78 18.82 11.82
C ASN L 202 -12.01 18.07 12.29
N PRO L 203 -12.97 18.79 12.88
CA PRO L 203 -14.21 18.14 13.27
C PRO L 203 -15.01 17.61 12.07
N ARG L 204 -14.97 18.35 10.97
CA ARG L 204 -15.87 18.10 9.85
C ARG L 204 -15.35 17.05 8.87
N ASN L 205 -14.29 16.34 9.27
CA ASN L 205 -13.78 15.21 8.52
C ASN L 205 -14.45 13.91 8.92
N HIS L 206 -14.42 12.93 8.03
CA HIS L 206 -15.21 11.72 8.21
C HIS L 206 -14.41 10.44 8.00
N PHE L 207 -14.59 9.49 8.92
CA PHE L 207 -13.91 8.20 8.85
C PHE L 207 -14.86 7.06 9.20
N ARG L 208 -14.91 6.03 8.35
CA ARG L 208 -15.67 4.84 8.69
C ARG L 208 -14.91 3.61 8.22
N CYS L 209 -14.69 2.69 9.15
CA CYS L 209 -14.14 1.38 8.80
C CYS L 209 -15.28 0.54 8.29
N GLN L 210 -14.99 -0.47 7.47
CA GLN L 210 -16.04 -1.25 6.83
C GLN L 210 -15.62 -2.67 6.51
N VAL L 211 -16.37 -3.65 7.01
CA VAL L 211 -16.06 -5.05 6.80
C VAL L 211 -17.20 -5.82 6.17
N GLN L 212 -16.96 -6.39 5.00
CA GLN L 212 -17.97 -7.18 4.31
C GLN L 212 -17.84 -8.65 4.71
N PHE L 213 -18.86 -9.19 5.37
CA PHE L 213 -18.83 -10.59 5.80
C PHE L 213 -19.67 -11.46 4.86
N TYR L 214 -19.03 -12.42 4.23
CA TYR L 214 -19.72 -13.31 3.30
C TYR L 214 -20.22 -14.55 4.02
N GLY L 215 -21.49 -14.54 4.40
CA GLY L 215 -22.08 -15.65 5.11
C GLY L 215 -22.94 -16.54 4.23
N LEU L 216 -24.13 -16.83 4.73
CA LEU L 216 -25.02 -17.81 4.10
C LEU L 216 -25.90 -17.27 2.98
N SER L 217 -26.10 -18.13 1.99
CA SER L 217 -27.20 -18.04 1.06
C SER L 217 -28.51 -17.80 1.82
N GLU L 218 -29.45 -17.08 1.23
CA GLU L 218 -30.67 -16.72 1.95
C GLU L 218 -31.81 -17.71 1.70
N ASN L 219 -31.49 -19.00 1.63
CA ASN L 219 -32.53 -20.01 1.54
C ASN L 219 -32.21 -21.23 2.41
N ASP L 220 -31.42 -21.02 3.46
CA ASP L 220 -31.14 -22.09 4.41
C ASP L 220 -31.88 -21.89 5.73
N GLU L 221 -32.55 -22.94 6.18
CA GLU L 221 -33.33 -22.94 7.42
C GLU L 221 -32.53 -22.46 8.63
N TRP L 222 -33.19 -21.72 9.51
CA TRP L 222 -32.64 -21.41 10.82
C TRP L 222 -33.60 -21.83 11.90
N THR L 223 -33.09 -21.86 13.13
CA THR L 223 -33.81 -22.42 14.25
C THR L 223 -33.45 -21.71 15.54
N GLN L 224 -32.19 -21.39 15.69
CA GLN L 224 -31.67 -20.96 16.96
C GLN L 224 -32.23 -19.63 17.40
N ASP L 225 -32.26 -19.45 18.71
CA ASP L 225 -32.81 -18.25 19.29
C ASP L 225 -31.67 -17.29 19.12
N ARG L 226 -31.48 -16.86 17.88
CA ARG L 226 -30.31 -16.08 17.56
C ARG L 226 -30.47 -15.38 16.23
N ALA L 227 -29.51 -14.53 15.88
CA ALA L 227 -29.51 -13.92 14.56
C ALA L 227 -29.04 -14.92 13.51
N LYS L 228 -29.35 -14.65 12.24
CA LYS L 228 -28.85 -15.46 11.14
C LYS L 228 -27.65 -14.81 10.46
N PRO L 229 -26.48 -15.38 10.61
CA PRO L 229 -25.30 -14.75 10.04
C PRO L 229 -25.56 -14.69 8.58
N VAL L 230 -25.31 -13.55 7.93
CA VAL L 230 -25.67 -13.43 6.53
C VAL L 230 -24.78 -12.52 5.73
N THR L 231 -24.61 -12.80 4.45
CA THR L 231 -23.74 -11.89 3.70
C THR L 231 -24.00 -10.45 4.13
N GLN L 232 -23.01 -9.85 4.77
CA GLN L 232 -23.25 -8.69 5.62
C GLN L 232 -22.31 -7.51 5.37
N ILE L 233 -22.68 -6.37 5.93
CA ILE L 233 -21.81 -5.20 6.02
C ILE L 233 -21.96 -4.58 7.40
N VAL L 234 -20.87 -4.58 8.16
CA VAL L 234 -20.89 -4.01 9.49
C VAL L 234 -19.79 -2.96 9.64
N SER L 235 -20.21 -1.71 9.71
CA SER L 235 -19.30 -0.58 9.77
C SER L 235 -19.32 0.11 11.13
N ALA L 236 -18.17 0.65 11.53
CA ALA L 236 -18.10 1.44 12.75
C ALA L 236 -17.65 2.86 12.44
N GLU L 237 -18.03 3.79 13.32
CA GLU L 237 -17.87 5.23 13.07
C GLU L 237 -16.69 5.83 13.83
N ALA L 238 -16.31 7.03 13.42
CA ALA L 238 -15.27 7.81 14.09
C ALA L 238 -15.15 9.20 13.47
N TRP L 239 -15.26 10.23 14.30
CA TRP L 239 -15.11 11.62 13.84
C TRP L 239 -14.03 12.38 14.61
N GLY L 240 -13.44 13.39 13.99
CA GLY L 240 -12.32 14.11 14.56
C GLY L 240 -12.71 15.26 15.46
N ARG L 241 -11.77 15.69 16.31
CA ARG L 241 -12.02 16.68 17.35
C ARG L 241 -10.86 17.66 17.51
N ALA L 242 -11.15 18.89 17.92
CA ALA L 242 -10.10 19.86 18.22
C ALA L 242 -9.63 19.73 19.67
N ASP L 243 -8.45 20.23 19.97
CA ASP L 243 -7.90 20.09 21.31
C ASP L 243 -8.25 21.31 22.16
N SER M 3 16.99 -53.10 -35.50
CA SER M 3 16.48 -51.74 -35.62
C SER M 3 14.96 -51.73 -35.85
N HIS M 4 14.25 -50.83 -35.17
CA HIS M 4 12.80 -50.82 -35.23
C HIS M 4 12.21 -49.40 -35.23
N SER M 5 10.89 -49.31 -35.32
CA SER M 5 10.20 -48.03 -35.37
C SER M 5 8.70 -48.13 -35.12
N MET M 6 8.30 -48.13 -33.84
CA MET M 6 6.89 -48.15 -33.46
C MET M 6 6.15 -46.92 -33.98
N ARG M 7 4.94 -47.11 -34.48
CA ARG M 7 4.18 -45.98 -35.02
C ARG M 7 2.68 -46.16 -35.05
N TYR M 8 1.94 -45.16 -34.57
CA TYR M 8 0.50 -45.18 -34.64
C TYR M 8 -0.05 -44.28 -35.78
N PHE M 9 -0.79 -44.87 -36.73
CA PHE M 9 -1.38 -44.11 -37.83
C PHE M 9 -2.79 -43.63 -37.50
N PHE M 10 -3.20 -42.51 -38.11
CA PHE M 10 -4.56 -42.01 -37.90
C PHE M 10 -5.20 -41.58 -39.21
N THR M 11 -6.47 -41.95 -39.38
CA THR M 11 -7.20 -41.60 -40.59
C THR M 11 -8.57 -41.03 -40.26
N SER M 12 -8.74 -39.75 -40.56
CA SER M 12 -10.02 -39.09 -40.31
C SER M 12 -10.58 -38.54 -41.62
N VAL M 13 -11.73 -39.08 -42.02
CA VAL M 13 -12.44 -38.57 -43.19
C VAL M 13 -13.65 -37.77 -42.75
N SER M 14 -14.11 -36.88 -43.62
CA SER M 14 -15.31 -36.10 -43.34
C SER M 14 -16.54 -36.91 -43.70
N ARG M 15 -17.71 -36.41 -43.28
CA ARG M 15 -18.97 -36.96 -43.75
C ARG M 15 -20.03 -35.88 -43.71
N PRO M 16 -20.48 -35.43 -44.89
CA PRO M 16 -21.50 -34.39 -45.04
C PRO M 16 -22.79 -34.79 -44.35
N GLY M 17 -23.61 -33.86 -43.90
CA GLY M 17 -24.77 -34.29 -43.13
C GLY M 17 -25.57 -35.22 -44.02
N ARG M 18 -25.96 -36.37 -43.50
CA ARG M 18 -25.69 -36.69 -42.11
C ARG M 18 -24.79 -37.90 -41.92
N GLY M 19 -23.78 -37.79 -41.05
CA GLY M 19 -23.41 -36.53 -40.42
C GLY M 19 -22.13 -36.44 -39.62
N GLU M 20 -21.79 -37.46 -38.84
CA GLU M 20 -20.64 -37.35 -37.95
C GLU M 20 -19.45 -38.14 -38.47
N PRO M 21 -18.37 -37.42 -38.77
CA PRO M 21 -17.20 -38.06 -39.36
C PRO M 21 -16.63 -39.16 -38.47
N ARG M 22 -15.84 -40.05 -39.04
CA ARG M 22 -15.33 -41.19 -38.28
C ARG M 22 -13.80 -41.21 -38.21
N PHE M 23 -13.27 -42.21 -37.51
CA PHE M 23 -11.88 -42.15 -37.07
C PHE M 23 -11.28 -43.55 -36.86
N ILE M 24 -10.43 -43.98 -37.79
CA ILE M 24 -9.81 -45.30 -37.73
C ILE M 24 -8.39 -45.25 -37.15
N ALA M 25 -8.20 -45.81 -35.95
CA ALA M 25 -6.97 -45.64 -35.16
C ALA M 25 -6.17 -46.96 -35.05
N VAL M 26 -4.84 -46.86 -35.06
CA VAL M 26 -3.92 -47.96 -35.46
C VAL M 26 -2.44 -47.69 -35.11
N GLY M 27 -1.71 -48.73 -34.68
CA GLY M 27 -0.30 -48.60 -34.36
C GLY M 27 0.55 -49.66 -35.01
N TYR M 28 1.80 -49.36 -35.32
CA TYR M 28 2.67 -50.35 -35.94
C TYR M 28 3.95 -50.64 -35.18
N VAL M 29 4.42 -51.88 -35.27
CA VAL M 29 5.76 -52.26 -34.83
C VAL M 29 6.46 -52.94 -35.98
N ASP M 30 7.20 -52.14 -36.75
CA ASP M 30 8.07 -52.64 -37.79
C ASP M 30 7.26 -53.46 -38.79
N ASP M 31 6.24 -52.83 -39.37
CA ASP M 31 5.34 -53.48 -40.32
C ASP M 31 4.65 -54.67 -39.68
N THR M 32 4.21 -54.47 -38.44
CA THR M 32 3.39 -55.42 -37.74
C THR M 32 2.47 -54.65 -36.79
N GLN M 33 1.17 -54.97 -36.87
CA GLN M 33 0.10 -54.40 -36.05
C GLN M 33 -0.17 -55.11 -34.75
N PHE M 34 -0.14 -54.36 -33.65
CA PHE M 34 -0.61 -54.87 -32.38
C PHE M 34 -1.83 -54.14 -31.75
N VAL M 35 -2.33 -53.07 -32.38
CA VAL M 35 -3.38 -52.21 -31.80
C VAL M 35 -4.22 -51.49 -32.87
N ARG M 36 -5.49 -51.86 -33.00
CA ARG M 36 -6.39 -51.14 -33.92
C ARG M 36 -7.76 -50.87 -33.31
N PHE M 37 -8.37 -49.75 -33.69
CA PHE M 37 -9.77 -49.45 -33.34
C PHE M 37 -10.34 -48.21 -34.04
N ASP M 38 -11.52 -48.35 -34.62
CA ASP M 38 -12.29 -47.17 -35.00
C ASP M 38 -13.59 -47.12 -34.18
N SER M 39 -14.25 -45.96 -34.19
CA SER M 39 -15.40 -45.73 -33.33
C SER M 39 -16.66 -46.42 -33.80
N ASP M 40 -16.89 -46.42 -35.12
CA ASP M 40 -18.11 -46.99 -35.67
C ASP M 40 -18.23 -48.50 -35.44
N ALA M 41 -17.20 -49.09 -34.83
CA ALA M 41 -17.19 -50.51 -34.49
C ALA M 41 -18.18 -50.82 -33.37
N ALA M 42 -18.29 -52.09 -33.04
CA ALA M 42 -19.27 -52.53 -32.05
C ALA M 42 -18.91 -52.15 -30.63
N SER M 43 -17.61 -52.06 -30.34
CA SER M 43 -17.14 -52.07 -28.95
C SER M 43 -16.89 -50.70 -28.32
N GLN M 44 -16.35 -49.76 -29.09
CA GLN M 44 -15.90 -48.47 -28.58
C GLN M 44 -14.83 -48.63 -27.49
N ARG M 45 -13.87 -49.52 -27.76
CA ARG M 45 -12.75 -49.82 -26.89
C ARG M 45 -11.55 -50.09 -27.82
N MET M 46 -10.39 -50.42 -27.28
CA MET M 46 -9.23 -50.68 -28.13
C MET M 46 -8.99 -52.18 -28.34
N GLU M 47 -8.88 -52.58 -29.60
CA GLU M 47 -8.68 -53.98 -29.98
C GLU M 47 -7.21 -54.30 -30.13
N PRO M 48 -6.80 -55.54 -29.79
CA PRO M 48 -5.47 -56.00 -30.19
C PRO M 48 -5.53 -56.88 -31.44
N ARG M 49 -4.40 -57.04 -32.13
CA ARG M 49 -4.32 -57.97 -33.25
C ARG M 49 -3.19 -58.96 -32.99
N ALA M 50 -2.10 -58.46 -32.44
CA ALA M 50 -0.93 -59.28 -32.15
C ALA M 50 -1.10 -60.02 -30.82
N PRO M 51 -0.77 -61.33 -30.83
CA PRO M 51 -0.96 -62.23 -29.69
C PRO M 51 -0.19 -61.89 -28.41
N TRP M 52 0.83 -61.04 -28.48
CA TRP M 52 1.69 -60.83 -27.32
C TRP M 52 1.22 -59.70 -26.40
N ILE M 53 0.46 -58.76 -26.94
CA ILE M 53 0.05 -57.57 -26.18
C ILE M 53 -1.09 -57.90 -25.23
N GLU M 54 -1.59 -59.12 -25.30
CA GLU M 54 -2.68 -59.58 -24.45
C GLU M 54 -2.29 -59.69 -22.98
N GLN M 55 -1.00 -59.60 -22.70
CA GLN M 55 -0.51 -59.69 -21.33
C GLN M 55 -1.20 -58.69 -20.45
N GLU M 56 -1.09 -57.43 -20.86
CA GLU M 56 -1.61 -56.32 -20.09
C GLU M 56 -3.15 -56.35 -19.96
N GLY M 57 -3.64 -56.21 -18.72
CA GLY M 57 -5.07 -56.24 -18.40
C GLY M 57 -5.87 -54.93 -18.45
N PRO M 58 -6.46 -54.49 -17.33
CA PRO M 58 -7.22 -53.23 -17.36
C PRO M 58 -6.30 -52.04 -17.62
N GLU M 59 -5.15 -52.04 -16.97
CA GLU M 59 -3.99 -51.37 -17.52
C GLU M 59 -4.04 -49.89 -17.87
N TYR M 60 -4.13 -49.76 -19.18
CA TYR M 60 -3.85 -48.62 -20.00
C TYR M 60 -4.61 -49.00 -21.25
N TRP M 61 -5.22 -50.18 -21.18
CA TRP M 61 -6.03 -50.68 -22.28
C TRP M 61 -7.16 -49.70 -22.51
N ASP M 62 -7.85 -49.37 -21.43
CA ASP M 62 -8.85 -48.32 -21.50
C ASP M 62 -8.21 -47.00 -21.16
N GLY M 63 -7.06 -47.05 -20.48
CA GLY M 63 -6.27 -45.87 -20.21
C GLY M 63 -5.68 -45.28 -21.48
N GLU M 64 -5.77 -46.04 -22.57
CA GLU M 64 -5.45 -45.57 -23.92
C GLU M 64 -6.76 -45.39 -24.69
N THR M 65 -7.75 -46.17 -24.31
CA THR M 65 -9.05 -45.93 -24.86
C THR M 65 -9.33 -44.53 -24.43
N ARG M 66 -9.03 -44.21 -23.18
CA ARG M 66 -9.29 -42.88 -22.70
C ARG M 66 -8.47 -41.91 -23.51
N LYS M 67 -7.17 -42.19 -23.66
CA LYS M 67 -6.37 -41.35 -24.60
C LYS M 67 -6.88 -41.24 -26.06
N VAL M 68 -7.23 -42.36 -26.70
CA VAL M 68 -7.66 -42.29 -28.11
C VAL M 68 -9.02 -41.56 -28.24
N LYS M 69 -9.76 -41.41 -27.14
CA LYS M 69 -11.05 -40.68 -27.08
C LYS M 69 -10.89 -39.34 -27.83
N ALA M 70 -9.75 -38.72 -27.65
CA ALA M 70 -9.58 -37.27 -27.74
C ALA M 70 -9.07 -36.88 -29.08
N HIS M 71 -8.19 -37.72 -29.61
CA HIS M 71 -7.75 -37.67 -30.99
C HIS M 71 -9.00 -37.59 -31.86
N SER M 72 -9.92 -38.52 -31.62
CA SER M 72 -11.20 -38.54 -32.34
C SER M 72 -11.83 -37.17 -32.30
N GLN M 73 -12.20 -36.74 -31.08
CA GLN M 73 -12.86 -35.47 -30.88
C GLN M 73 -12.04 -34.30 -31.42
N THR M 74 -10.71 -34.38 -31.34
CA THR M 74 -9.88 -33.26 -31.75
C THR M 74 -9.84 -33.10 -33.26
N HIS M 75 -9.84 -34.23 -33.98
CA HIS M 75 -9.89 -34.18 -35.44
C HIS M 75 -11.29 -33.92 -35.98
N ARG M 76 -12.32 -34.10 -35.16
CA ARG M 76 -13.66 -33.66 -35.56
C ARG M 76 -13.62 -32.16 -35.74
N VAL M 77 -13.04 -31.49 -34.75
CA VAL M 77 -12.84 -30.05 -34.77
C VAL M 77 -11.85 -29.63 -35.86
N ASP M 78 -10.78 -30.41 -36.00
CA ASP M 78 -9.73 -30.13 -36.98
C ASP M 78 -10.27 -30.15 -38.41
N LEU M 79 -10.98 -31.23 -38.75
CA LEU M 79 -11.75 -31.29 -39.99
C LEU M 79 -12.55 -30.00 -40.12
N GLY M 80 -13.31 -29.70 -39.08
CA GLY M 80 -14.19 -28.54 -39.05
C GLY M 80 -13.49 -27.20 -39.00
N THR M 81 -12.29 -27.14 -38.46
CA THR M 81 -11.61 -25.87 -38.34
C THR M 81 -10.74 -25.54 -39.55
N LEU M 82 -10.44 -26.54 -40.36
CA LEU M 82 -9.58 -26.29 -41.52
C LEU M 82 -10.36 -25.64 -42.66
N ARG M 83 -11.63 -26.00 -42.78
CA ARG M 83 -12.49 -25.54 -43.87
C ARG M 83 -12.58 -24.02 -43.93
N GLY M 84 -12.28 -23.39 -42.79
CA GLY M 84 -12.48 -21.96 -42.62
C GLY M 84 -11.68 -21.07 -43.55
N TYR M 85 -10.36 -21.31 -43.60
CA TYR M 85 -9.47 -20.50 -44.43
C TYR M 85 -9.85 -20.66 -45.91
N TYR M 86 -10.42 -21.82 -46.24
CA TYR M 86 -10.67 -22.20 -47.62
C TYR M 86 -12.11 -21.90 -48.11
N ASN M 87 -13.05 -21.65 -47.19
CA ASN M 87 -14.47 -21.43 -47.52
C ASN M 87 -15.00 -22.50 -48.47
N GLN M 88 -14.83 -23.77 -48.11
CA GLN M 88 -15.60 -24.84 -48.74
C GLN M 88 -16.97 -24.80 -48.11
N SER M 89 -17.88 -25.65 -48.57
CA SER M 89 -19.11 -25.82 -47.81
C SER M 89 -19.52 -27.30 -47.92
N GLU M 90 -20.40 -27.69 -47.00
CA GLU M 90 -20.37 -29.01 -46.38
C GLU M 90 -21.01 -30.17 -47.16
N ALA M 91 -20.82 -30.18 -48.48
CA ALA M 91 -21.46 -31.20 -49.32
C ALA M 91 -20.56 -32.39 -49.65
N GLY M 92 -19.25 -32.21 -49.46
CA GLY M 92 -18.28 -33.18 -49.94
C GLY M 92 -17.53 -34.00 -48.91
N SER M 93 -16.70 -34.91 -49.42
CA SER M 93 -15.91 -35.82 -48.58
C SER M 93 -14.40 -35.56 -48.73
N HIS M 94 -13.74 -35.23 -47.62
CA HIS M 94 -12.27 -35.09 -47.62
C HIS M 94 -11.63 -35.57 -46.33
N THR M 95 -10.40 -36.03 -46.48
CA THR M 95 -9.73 -36.81 -45.45
C THR M 95 -8.62 -36.02 -44.77
N VAL M 96 -8.36 -36.34 -43.51
CA VAL M 96 -7.18 -35.86 -42.82
C VAL M 96 -6.40 -37.06 -42.30
N GLN M 97 -5.12 -37.14 -42.66
CA GLN M 97 -4.27 -38.26 -42.26
C GLN M 97 -3.19 -37.80 -41.26
N ARG M 98 -2.64 -38.76 -40.53
CA ARG M 98 -1.87 -38.44 -39.34
C ARG M 98 -0.88 -39.53 -38.95
N MET M 99 0.41 -39.20 -38.92
CA MET M 99 1.43 -40.22 -38.64
C MET M 99 2.66 -39.73 -37.88
N TYR M 100 2.77 -40.14 -36.62
CA TYR M 100 3.95 -39.85 -35.81
C TYR M 100 4.52 -41.11 -35.18
N GLY M 101 5.81 -41.09 -34.87
CA GLY M 101 6.46 -42.24 -34.27
C GLY M 101 7.89 -41.99 -33.87
N CYS M 102 8.57 -43.07 -33.50
CA CYS M 102 9.95 -42.99 -33.03
C CYS M 102 10.80 -44.06 -33.68
N ASP M 103 12.04 -43.72 -34.01
CA ASP M 103 12.97 -44.69 -34.57
C ASP M 103 14.15 -44.89 -33.62
N VAL M 104 14.61 -46.15 -33.53
CA VAL M 104 15.67 -46.54 -32.61
C VAL M 104 16.58 -47.57 -33.26
N GLY M 105 17.89 -47.31 -33.23
CA GLY M 105 18.85 -48.20 -33.88
C GLY M 105 18.85 -49.59 -33.26
N SER M 106 19.38 -50.57 -33.98
CA SER M 106 19.45 -51.95 -33.48
C SER M 106 20.24 -52.06 -32.19
N ASP M 107 20.66 -50.91 -31.67
CA ASP M 107 21.43 -50.82 -30.45
C ASP M 107 20.51 -50.40 -29.28
N TRP M 108 19.25 -50.09 -29.60
CA TRP M 108 18.20 -49.76 -28.62
C TRP M 108 18.44 -48.38 -27.98
N ARG M 109 18.84 -47.43 -28.80
CA ARG M 109 18.98 -46.04 -28.39
C ARG M 109 18.30 -45.14 -29.44
N PHE M 110 17.75 -44.01 -28.98
CA PHE M 110 17.04 -43.06 -29.85
C PHE M 110 17.80 -42.74 -31.14
N LEU M 111 17.06 -42.40 -32.19
CA LEU M 111 17.67 -42.14 -33.49
C LEU M 111 17.11 -40.86 -34.11
N ARG M 112 15.83 -40.95 -34.49
CA ARG M 112 15.03 -39.93 -35.22
C ARG M 112 13.60 -39.95 -34.66
N GLY M 113 12.91 -38.82 -34.66
CA GLY M 113 11.54 -38.66 -34.16
C GLY M 113 10.73 -38.21 -35.39
N TYR M 114 9.52 -38.72 -35.61
CA TYR M 114 8.65 -38.27 -36.72
C TYR M 114 7.26 -37.85 -36.14
N HIS M 115 6.63 -36.77 -36.64
CA HIS M 115 5.28 -36.34 -36.23
C HIS M 115 4.55 -35.47 -37.26
N GLN M 116 3.82 -36.09 -38.19
CA GLN M 116 3.23 -35.34 -39.30
C GLN M 116 1.71 -35.53 -39.48
N TYR M 117 1.05 -34.45 -39.91
CA TYR M 117 -0.37 -34.45 -40.28
C TYR M 117 -0.51 -33.95 -41.72
N ALA M 118 -1.58 -34.34 -42.41
CA ALA M 118 -1.86 -33.78 -43.73
C ALA M 118 -3.35 -33.86 -44.11
N TYR M 119 -3.69 -33.31 -45.27
CA TYR M 119 -5.08 -33.05 -45.63
C TYR M 119 -5.31 -33.19 -47.14
N ASP M 120 -6.40 -33.85 -47.51
CA ASP M 120 -6.69 -34.18 -48.92
C ASP M 120 -5.55 -34.97 -49.56
N GLY M 121 -4.72 -35.60 -48.73
CA GLY M 121 -3.69 -36.48 -49.22
C GLY M 121 -2.40 -35.85 -49.69
N LYS M 122 -2.25 -34.55 -49.44
CA LYS M 122 -1.00 -33.87 -49.72
C LYS M 122 -0.45 -33.33 -48.41
N ASP M 123 0.86 -33.44 -48.23
CA ASP M 123 1.54 -32.94 -47.02
C ASP M 123 0.98 -31.60 -46.58
N TYR M 124 0.76 -31.44 -45.28
CA TYR M 124 0.21 -30.19 -44.76
C TYR M 124 1.19 -29.53 -43.80
N ILE M 125 1.39 -30.14 -42.64
CA ILE M 125 2.34 -29.62 -41.66
C ILE M 125 3.31 -30.71 -41.23
N ALA M 126 4.52 -30.31 -40.83
CA ALA M 126 5.53 -31.28 -40.47
C ALA M 126 6.60 -30.76 -39.50
N LEU M 127 7.28 -31.70 -38.83
CA LEU M 127 8.33 -31.39 -37.87
C LEU M 127 9.68 -31.90 -38.39
N LYS M 128 10.69 -31.05 -38.33
CA LYS M 128 11.97 -31.30 -39.01
C LYS M 128 12.84 -32.38 -38.35
N GLU M 129 14.13 -32.41 -38.72
CA GLU M 129 15.06 -33.46 -38.28
C GLU M 129 15.54 -33.32 -36.85
N ASP M 130 15.40 -32.13 -36.28
CA ASP M 130 15.98 -31.83 -34.97
C ASP M 130 14.93 -31.56 -33.89
N LEU M 131 13.69 -31.94 -34.15
CA LEU M 131 12.60 -31.80 -33.19
C LEU M 131 12.46 -30.38 -32.63
N ARG M 132 12.78 -29.38 -33.45
CA ARG M 132 12.84 -28.01 -32.99
C ARG M 132 11.72 -27.13 -33.57
N SER M 133 11.46 -27.25 -34.86
CA SER M 133 10.37 -26.47 -35.48
C SER M 133 9.75 -27.10 -36.74
N TRP M 134 8.79 -26.37 -37.31
CA TRP M 134 7.81 -26.94 -38.23
C TRP M 134 7.91 -26.48 -39.69
N THR M 135 7.37 -27.29 -40.60
CA THR M 135 7.37 -26.99 -42.02
C THR M 135 5.96 -26.65 -42.52
N ALA M 136 5.81 -26.50 -43.84
CA ALA M 136 4.52 -26.15 -44.41
C ALA M 136 4.44 -26.36 -45.93
N ALA M 137 3.32 -26.94 -46.39
CA ALA M 137 3.00 -27.07 -47.81
C ALA M 137 2.45 -25.75 -48.34
N ASP M 138 1.23 -25.40 -47.93
CA ASP M 138 0.69 -24.07 -48.19
C ASP M 138 0.79 -23.27 -46.90
N MET M 139 0.27 -22.04 -46.92
CA MET M 139 0.39 -21.19 -45.74
C MET M 139 -0.93 -21.09 -44.98
N ALA M 140 -1.88 -21.93 -45.38
CA ALA M 140 -2.99 -22.29 -44.53
C ALA M 140 -2.50 -23.43 -43.64
N ALA M 141 -1.21 -23.73 -43.75
CA ALA M 141 -0.53 -24.65 -42.86
C ALA M 141 0.44 -23.86 -41.98
N GLN M 142 0.34 -22.54 -42.06
CA GLN M 142 1.03 -21.64 -41.13
C GLN M 142 0.08 -21.08 -40.09
N THR M 143 -1.21 -21.16 -40.37
CA THR M 143 -2.20 -20.70 -39.41
C THR M 143 -2.11 -21.64 -38.19
N THR M 144 -1.51 -22.81 -38.43
CA THR M 144 -1.15 -23.78 -37.41
C THR M 144 0.14 -23.40 -36.68
N LYS M 145 1.19 -23.12 -37.43
CA LYS M 145 2.45 -23.00 -36.77
C LYS M 145 2.36 -21.91 -35.75
N HIS M 146 1.73 -20.81 -36.12
CA HIS M 146 1.96 -19.52 -35.52
C HIS M 146 1.71 -19.68 -34.05
N LYS M 147 0.79 -20.58 -33.77
CA LYS M 147 0.30 -20.85 -32.42
C LYS M 147 0.92 -22.13 -31.89
N TRP M 148 1.44 -22.97 -32.79
CA TRP M 148 1.98 -24.23 -32.36
C TRP M 148 3.36 -24.12 -31.72
N GLU M 149 3.81 -22.89 -31.46
CA GLU M 149 4.81 -22.72 -30.42
C GLU M 149 4.75 -21.28 -29.91
N ALA M 150 3.73 -20.54 -30.32
CA ALA M 150 3.33 -19.39 -29.52
C ALA M 150 2.71 -19.93 -28.24
N ALA M 151 2.40 -21.23 -28.28
CA ALA M 151 1.90 -21.97 -27.14
C ALA M 151 2.92 -23.03 -26.68
N HIS M 152 3.94 -23.27 -27.51
CA HIS M 152 5.03 -24.25 -27.29
C HIS M 152 4.58 -25.72 -27.39
N VAL M 153 4.01 -26.08 -28.54
CA VAL M 153 3.55 -27.45 -28.81
C VAL M 153 4.71 -28.42 -28.98
N ALA M 154 5.62 -28.10 -29.89
CA ALA M 154 6.62 -29.04 -30.38
C ALA M 154 7.52 -29.64 -29.30
N GLU M 155 7.86 -28.83 -28.31
CA GLU M 155 8.95 -29.18 -27.41
C GLU M 155 8.56 -30.30 -26.47
N GLN M 156 7.27 -30.52 -26.35
CA GLN M 156 6.80 -31.42 -25.33
C GLN M 156 6.65 -32.83 -25.90
N LEU M 157 6.56 -32.88 -27.22
CA LEU M 157 6.76 -34.09 -27.98
C LEU M 157 8.18 -34.62 -27.81
N ARG M 158 9.14 -33.71 -27.62
CA ARG M 158 10.56 -34.10 -27.42
C ARG M 158 10.69 -35.05 -26.24
N ALA M 159 10.12 -34.65 -25.11
CA ALA M 159 10.16 -35.47 -23.91
C ALA M 159 9.28 -36.70 -24.07
N TYR M 160 8.34 -36.64 -25.01
CA TYR M 160 7.51 -37.79 -25.31
C TYR M 160 8.25 -38.73 -26.24
N LEU M 161 8.60 -38.23 -27.42
CA LEU M 161 9.22 -39.04 -28.45
C LEU M 161 10.51 -39.69 -27.96
N GLU M 162 11.52 -38.88 -27.66
CA GLU M 162 12.76 -39.41 -27.12
C GLU M 162 12.51 -40.14 -25.81
N GLY M 163 11.55 -39.64 -25.04
CA GLY M 163 11.26 -40.15 -23.72
C GLY M 163 10.34 -41.36 -23.67
N THR M 164 9.11 -41.17 -23.22
CA THR M 164 8.20 -42.27 -22.96
C THR M 164 7.95 -43.16 -24.19
N CYS M 165 7.92 -42.57 -25.38
CA CYS M 165 7.68 -43.35 -26.60
C CYS M 165 8.66 -44.49 -26.77
N VAL M 166 9.94 -44.15 -26.79
CA VAL M 166 11.01 -45.14 -26.91
C VAL M 166 10.84 -46.22 -25.85
N GLU M 167 10.57 -45.78 -24.62
CA GLU M 167 10.41 -46.69 -23.50
C GLU M 167 9.26 -47.65 -23.76
N TRP M 168 8.26 -47.19 -24.51
CA TRP M 168 7.12 -48.04 -24.82
C TRP M 168 7.53 -49.15 -25.77
N LEU M 169 8.45 -48.86 -26.68
CA LEU M 169 8.93 -49.89 -27.59
C LEU M 169 9.96 -50.79 -26.92
N ARG M 170 10.61 -50.27 -25.90
CA ARG M 170 11.64 -51.01 -25.18
C ARG M 170 11.08 -52.15 -24.33
N ARG M 171 9.78 -52.12 -24.06
CA ARG M 171 9.16 -53.22 -23.35
C ARG M 171 8.41 -54.07 -24.36
N TYR M 172 7.98 -53.45 -25.46
CA TYR M 172 7.30 -54.19 -26.52
C TYR M 172 8.25 -55.18 -27.19
N LEU M 173 9.51 -54.78 -27.32
CA LEU M 173 10.50 -55.61 -27.99
C LEU M 173 10.78 -56.91 -27.24
N GLU M 174 11.21 -56.79 -25.99
CA GLU M 174 11.50 -57.94 -25.15
C GLU M 174 10.30 -58.87 -24.99
N ASN M 175 9.10 -58.28 -24.91
CA ASN M 175 7.89 -59.05 -24.66
C ASN M 175 7.51 -59.97 -25.82
N GLY M 176 7.50 -59.42 -27.02
CA GLY M 176 7.16 -60.19 -28.20
C GLY M 176 8.39 -60.51 -29.02
N LYS M 177 9.44 -60.97 -28.36
CA LYS M 177 10.68 -61.33 -29.03
C LYS M 177 10.45 -62.44 -30.05
N GLU M 178 9.66 -63.42 -29.66
CA GLU M 178 9.39 -64.59 -30.48
C GLU M 178 8.57 -64.27 -31.73
N THR M 179 7.98 -63.08 -31.78
CA THR M 179 7.05 -62.72 -32.83
C THR M 179 7.51 -61.47 -33.58
N LEU M 180 8.27 -60.61 -32.90
CA LEU M 180 8.68 -59.33 -33.49
C LEU M 180 10.09 -59.33 -34.08
N GLN M 181 11.09 -59.67 -33.28
CA GLN M 181 12.47 -59.63 -33.78
C GLN M 181 12.90 -61.00 -34.31
N ARG M 182 11.95 -61.74 -34.84
CA ARG M 182 12.23 -62.94 -35.61
C ARG M 182 12.72 -62.50 -37.00
N THR M 183 13.25 -63.43 -37.78
CA THR M 183 13.68 -63.15 -39.14
C THR M 183 13.67 -64.46 -39.92
N ASP M 184 13.58 -64.38 -41.24
CA ASP M 184 13.50 -65.58 -42.07
C ASP M 184 14.20 -65.40 -43.41
N ALA M 185 14.77 -66.50 -43.93
CA ALA M 185 15.40 -66.49 -45.24
C ALA M 185 14.38 -66.82 -46.32
N PRO M 186 13.97 -65.80 -47.09
CA PRO M 186 12.93 -65.93 -48.13
C PRO M 186 13.24 -67.07 -49.11
N LYS M 187 12.44 -68.14 -49.08
CA LYS M 187 12.60 -69.21 -50.07
C LYS M 187 12.31 -68.64 -51.45
N THR M 188 13.06 -69.07 -52.46
CA THR M 188 12.96 -68.44 -53.79
C THR M 188 13.18 -69.41 -54.97
N HIS M 189 12.54 -69.11 -56.10
CA HIS M 189 12.87 -69.72 -57.38
C HIS M 189 12.31 -68.87 -58.55
N MET M 190 12.04 -69.53 -59.67
CA MET M 190 12.04 -68.92 -60.99
C MET M 190 11.36 -69.85 -62.01
N THR M 191 10.78 -69.29 -63.07
CA THR M 191 10.17 -70.14 -64.10
C THR M 191 10.62 -69.74 -65.50
N HIS M 192 10.43 -70.63 -66.47
CA HIS M 192 10.93 -70.43 -67.84
C HIS M 192 9.81 -70.14 -68.85
N HIS M 193 10.12 -69.36 -69.90
CA HIS M 193 9.41 -69.38 -71.18
C HIS M 193 7.89 -69.25 -71.42
N ALA M 194 7.28 -68.14 -71.05
CA ALA M 194 5.80 -68.03 -71.10
C ALA M 194 5.13 -68.19 -72.47
N VAL M 195 5.62 -67.54 -73.52
CA VAL M 195 5.11 -67.78 -74.87
C VAL M 195 6.29 -68.09 -75.80
N SER M 196 6.06 -69.04 -76.68
CA SER M 196 7.11 -69.58 -77.50
C SER M 196 8.00 -68.50 -78.08
N ASP M 197 7.38 -67.48 -78.65
CA ASP M 197 8.14 -66.51 -79.39
C ASP M 197 7.14 -65.62 -80.07
N GLU M 199 8.51 -62.60 -77.76
CA GLU M 199 8.62 -62.51 -76.31
C GLU M 199 9.30 -63.72 -75.70
N ALA M 200 9.49 -63.61 -74.40
CA ALA M 200 9.61 -64.69 -73.46
C ALA M 200 9.34 -63.90 -72.20
N THR M 201 8.78 -64.52 -71.17
CA THR M 201 8.59 -63.80 -69.94
C THR M 201 9.32 -64.54 -68.87
N LEU M 202 10.27 -63.89 -68.24
CA LEU M 202 10.85 -64.47 -67.03
C LEU M 202 10.23 -63.83 -65.83
N ARG M 203 10.50 -64.40 -64.65
CA ARG M 203 10.43 -63.63 -63.40
C ARG M 203 10.96 -64.42 -62.21
N CYS M 204 11.38 -63.68 -61.19
CA CYS M 204 12.00 -64.23 -59.98
C CYS M 204 11.02 -64.04 -58.82
N TRP M 205 10.58 -65.15 -58.23
CA TRP M 205 9.74 -65.08 -57.04
C TRP M 205 10.48 -65.39 -55.75
N ALA M 206 9.94 -64.89 -54.64
CA ALA M 206 10.39 -65.26 -53.31
C ALA M 206 9.29 -66.03 -52.56
N LEU M 207 9.64 -66.58 -51.42
CA LEU M 207 8.61 -67.14 -50.58
C LEU M 207 8.88 -66.65 -49.19
N SER M 208 7.82 -66.13 -48.57
CA SER M 208 7.67 -65.93 -47.12
C SER M 208 8.53 -65.07 -46.20
N PHE M 209 9.05 -63.93 -46.66
CA PHE M 209 9.91 -63.20 -45.72
C PHE M 209 9.40 -62.13 -44.75
N TYR M 210 10.32 -61.58 -43.97
CA TYR M 210 9.99 -60.52 -43.02
C TYR M 210 11.29 -59.82 -42.63
N PRO M 211 11.30 -58.48 -42.56
CA PRO M 211 10.20 -57.52 -42.79
C PRO M 211 9.92 -57.24 -44.26
N ALA M 212 8.99 -56.33 -44.52
CA ALA M 212 8.44 -56.07 -45.85
C ALA M 212 9.48 -55.63 -46.87
N GLU M 213 10.31 -54.68 -46.50
CA GLU M 213 11.31 -54.14 -47.41
C GLU M 213 12.27 -55.24 -47.88
N ILE M 214 12.59 -55.19 -49.17
CA ILE M 214 13.62 -56.06 -49.74
C ILE M 214 13.98 -55.50 -51.11
N THR M 215 15.27 -55.44 -51.41
CA THR M 215 15.73 -54.93 -52.69
C THR M 215 16.20 -56.06 -53.56
N LEU M 216 15.95 -55.97 -54.87
CA LEU M 216 16.64 -56.75 -55.96
C LEU M 216 16.80 -55.86 -57.21
N THR M 217 17.92 -56.02 -57.96
CA THR M 217 18.38 -55.18 -59.10
C THR M 217 18.44 -56.25 -60.22
N TRP M 218 18.08 -55.98 -61.48
CA TRP M 218 18.33 -56.92 -62.60
C TRP M 218 18.65 -56.09 -63.88
N GLN M 219 19.46 -56.64 -64.77
CA GLN M 219 20.52 -57.55 -64.37
C GLN M 219 21.12 -58.60 -65.31
N ARG M 220 22.33 -59.02 -64.94
CA ARG M 220 22.98 -60.27 -65.31
C ARG M 220 23.68 -60.43 -66.64
N ASP M 221 23.65 -59.43 -67.51
CA ASP M 221 24.21 -59.64 -68.84
C ASP M 221 25.70 -59.93 -68.75
N GLY M 222 26.43 -59.11 -68.02
CA GLY M 222 26.05 -57.73 -67.79
C GLY M 222 25.53 -57.40 -66.43
N GLU M 223 24.98 -56.20 -66.32
CA GLU M 223 24.70 -55.64 -65.01
C GLU M 223 23.53 -54.66 -65.08
N ASP M 224 23.01 -54.27 -63.90
CA ASP M 224 21.88 -53.35 -63.78
C ASP M 224 20.66 -53.85 -64.56
N THR M 226 17.22 -52.16 -63.95
CA THR M 226 16.70 -50.85 -63.53
C THR M 226 15.91 -50.22 -64.66
N GLN M 227 15.95 -50.84 -65.83
CA GLN M 227 15.12 -50.45 -66.97
C GLN M 227 14.56 -51.68 -67.66
N ASP M 228 13.55 -51.48 -68.50
CA ASP M 228 12.83 -52.56 -69.20
C ASP M 228 12.22 -53.58 -68.23
N THR M 229 11.85 -53.13 -67.04
CA THR M 229 11.43 -54.02 -65.95
C THR M 229 9.94 -53.93 -65.62
N GLU M 230 9.46 -54.93 -64.89
CA GLU M 230 8.07 -55.00 -64.45
C GLU M 230 7.97 -55.56 -63.01
N LEU M 231 7.90 -54.66 -62.04
CA LEU M 231 7.85 -55.02 -60.62
C LEU M 231 6.70 -54.30 -59.92
N VAL M 232 6.06 -54.93 -58.93
CA VAL M 232 5.06 -54.21 -58.13
C VAL M 232 5.16 -54.51 -56.62
N GLU M 233 4.67 -53.56 -55.83
CA GLU M 233 4.71 -53.56 -54.35
C GLU M 233 4.54 -54.91 -53.65
N THR M 234 5.38 -55.13 -52.64
CA THR M 234 5.35 -56.33 -51.80
C THR M 234 3.97 -56.62 -51.25
N ARG M 235 3.39 -57.73 -51.70
CA ARG M 235 2.04 -58.12 -51.30
C ARG M 235 2.00 -58.70 -49.89
N PRO M 236 1.08 -58.21 -49.07
CA PRO M 236 0.83 -58.75 -47.72
C PRO M 236 0.13 -60.12 -47.77
N ALA M 237 0.36 -60.96 -46.76
CA ALA M 237 -0.32 -62.25 -46.66
C ALA M 237 -0.29 -62.81 -45.24
N GLY M 238 -1.39 -62.63 -44.51
CA GLY M 238 -1.47 -63.09 -43.13
C GLY M 238 -0.59 -62.29 -42.20
N THR M 241 3.14 -62.72 -43.18
CA THR M 241 3.98 -63.46 -44.11
C THR M 241 4.03 -62.78 -45.48
N PHE M 242 4.49 -61.53 -45.50
CA PHE M 242 4.31 -60.61 -46.64
C PHE M 242 5.39 -60.84 -47.71
N GLN M 243 5.13 -60.43 -48.95
CA GLN M 243 6.04 -60.77 -50.06
C GLN M 243 5.82 -60.12 -51.44
N LYS M 244 6.88 -60.04 -52.25
CA LYS M 244 6.83 -59.59 -53.65
C LYS M 244 7.48 -60.57 -54.66
N TRP M 245 7.34 -60.25 -55.96
CA TRP M 245 8.01 -60.96 -57.06
C TRP M 245 8.52 -59.96 -58.12
N ALA M 246 9.40 -60.41 -59.03
CA ALA M 246 10.01 -59.50 -60.00
C ALA M 246 10.07 -60.05 -61.44
N ALA M 247 9.36 -59.38 -62.34
CA ALA M 247 9.30 -59.78 -63.74
C ALA M 247 9.95 -58.74 -64.64
N VAL M 248 10.53 -59.22 -65.74
CA VAL M 248 11.22 -58.37 -66.71
C VAL M 248 11.07 -58.97 -68.08
N VAL M 249 10.83 -58.10 -69.06
CA VAL M 249 10.59 -58.51 -70.44
C VAL M 249 11.92 -58.74 -71.17
N VAL M 250 11.96 -59.82 -71.98
CA VAL M 250 13.22 -60.28 -72.56
C VAL M 250 13.09 -60.89 -73.98
N PRO M 251 14.16 -60.79 -74.75
CA PRO M 251 14.30 -61.52 -76.02
C PRO M 251 14.44 -63.03 -75.80
N SER M 252 13.73 -63.80 -76.60
CA SER M 252 13.66 -65.24 -76.45
C SER M 252 14.91 -65.96 -76.95
N GLY M 253 15.05 -67.20 -76.51
CA GLY M 253 16.16 -68.07 -76.86
C GLY M 253 17.35 -67.81 -75.99
N GLN M 254 17.21 -66.84 -75.10
CA GLN M 254 18.30 -66.48 -74.20
C GLN M 254 18.56 -67.59 -73.19
N GLU M 255 19.81 -67.79 -72.83
CA GLU M 255 20.15 -68.74 -71.77
C GLU M 255 21.09 -68.14 -70.73
N GLN M 256 20.75 -68.29 -69.46
CA GLN M 256 21.71 -67.94 -68.39
C GLN M 256 22.06 -66.45 -68.32
N ARG M 257 21.39 -65.64 -69.13
CA ARG M 257 21.65 -64.20 -69.16
C ARG M 257 21.24 -63.51 -67.86
N TYR M 258 20.03 -63.78 -67.38
CA TYR M 258 19.55 -63.20 -66.11
C TYR M 258 20.07 -63.96 -64.88
N THR M 259 20.11 -63.29 -63.71
CA THR M 259 20.79 -63.78 -62.50
C THR M 259 20.27 -63.13 -61.18
N CYS M 260 19.87 -63.93 -60.18
CA CYS M 260 18.93 -63.41 -59.14
C CYS M 260 19.49 -62.76 -57.86
N HIS M 261 19.74 -61.47 -58.00
CA HIS M 261 20.28 -60.70 -56.92
C HIS M 261 19.13 -60.25 -56.06
N VAL M 262 19.09 -60.73 -54.85
CA VAL M 262 18.21 -60.19 -53.85
C VAL M 262 18.94 -60.26 -52.53
N GLN M 263 18.68 -59.30 -51.67
CA GLN M 263 19.27 -59.29 -50.33
C GLN M 263 18.23 -58.91 -49.33
N HIS M 264 18.28 -59.58 -48.19
CA HIS M 264 17.30 -59.41 -47.15
C HIS M 264 18.03 -59.37 -45.82
N GLU M 265 17.36 -58.90 -44.78
CA GLU M 265 17.92 -58.93 -43.45
C GLU M 265 18.01 -60.38 -42.98
N GLY M 266 17.33 -61.27 -43.70
CA GLY M 266 17.46 -62.69 -43.50
C GLY M 266 18.43 -63.29 -44.51
N LEU M 267 19.12 -62.43 -45.25
CA LEU M 267 20.12 -62.88 -46.19
C LEU M 267 21.49 -62.34 -45.82
N PRO M 268 22.39 -63.24 -45.38
CA PRO M 268 23.74 -62.86 -44.94
C PRO M 268 24.52 -62.19 -46.07
N LYS M 269 24.63 -62.91 -47.17
CA LYS M 269 25.27 -62.42 -48.36
C LYS M 269 24.21 -62.51 -49.41
N PRO M 270 23.92 -61.40 -50.06
CA PRO M 270 22.93 -61.50 -51.09
C PRO M 270 23.68 -62.40 -52.00
N LEU M 271 23.06 -63.51 -52.34
CA LEU M 271 23.74 -64.46 -53.18
C LEU M 271 22.71 -64.63 -54.22
N THR M 272 23.15 -65.03 -55.38
CA THR M 272 22.22 -64.94 -56.49
C THR M 272 21.83 -66.27 -57.15
N LEU M 273 20.88 -66.22 -58.06
CA LEU M 273 20.29 -67.46 -58.56
C LEU M 273 20.34 -67.59 -60.07
N ARG M 274 20.15 -68.83 -60.52
CA ARG M 274 20.46 -69.23 -61.88
C ARG M 274 19.35 -68.89 -62.85
N GLN N 3 -6.40 -36.49 -56.12
CA GLN N 3 -6.77 -37.87 -56.36
C GLN N 3 -5.67 -38.60 -57.16
N ARG N 4 -5.38 -39.84 -56.74
CA ARG N 4 -4.53 -40.77 -57.51
C ARG N 4 -5.43 -41.90 -58.05
N THR N 5 -4.97 -43.15 -57.96
CA THR N 5 -5.73 -44.34 -58.40
C THR N 5 -5.27 -45.65 -57.75
N PRO N 6 -6.19 -46.62 -57.54
CA PRO N 6 -5.75 -47.79 -56.77
C PRO N 6 -4.98 -48.81 -57.61
N LYS N 7 -4.02 -49.51 -56.99
CA LYS N 7 -3.34 -50.62 -57.65
C LYS N 7 -3.70 -51.92 -56.95
N ILE N 8 -3.73 -53.00 -57.70
CA ILE N 8 -4.42 -54.21 -57.26
C ILE N 8 -3.67 -55.50 -57.63
N GLN N 9 -3.60 -56.42 -56.67
CA GLN N 9 -2.89 -57.68 -56.85
C GLN N 9 -3.65 -58.86 -56.28
N VAL N 10 -3.93 -59.84 -57.12
CA VAL N 10 -4.57 -61.07 -56.68
C VAL N 10 -3.52 -62.17 -56.49
N TYR N 11 -3.61 -62.89 -55.37
CA TYR N 11 -2.64 -63.93 -55.02
C TYR N 11 -3.02 -64.61 -53.72
N SER N 12 -2.50 -65.81 -53.51
CA SER N 12 -2.86 -66.60 -52.34
C SER N 12 -1.87 -66.42 -51.20
N ARG N 13 -2.35 -66.69 -49.98
CA ARG N 13 -1.51 -66.61 -48.80
C ARG N 13 -0.34 -67.57 -48.97
N HIS N 14 -0.65 -68.79 -49.39
CA HIS N 14 0.39 -69.78 -49.62
C HIS N 14 0.22 -70.42 -51.00
N GLY N 19 -6.05 -80.57 -54.35
CA GLY N 19 -6.92 -80.06 -53.31
C GLY N 19 -6.11 -80.04 -52.01
N LYS N 20 -6.14 -78.94 -51.26
CA LYS N 20 -5.42 -78.82 -49.98
C LYS N 20 -6.28 -77.59 -49.67
N SER N 21 -5.95 -76.91 -48.56
CA SER N 21 -6.51 -75.57 -48.22
C SER N 21 -5.53 -74.39 -48.51
N ASN N 22 -5.91 -73.56 -49.49
CA ASN N 22 -5.20 -72.33 -49.84
C ASN N 22 -6.26 -71.22 -49.75
N PHE N 23 -5.86 -70.07 -49.21
CA PHE N 23 -6.76 -68.94 -48.98
C PHE N 23 -6.23 -67.71 -49.75
N LEU N 24 -7.12 -66.80 -50.13
CA LEU N 24 -6.93 -65.84 -51.20
C LEU N 24 -7.30 -64.43 -50.75
N ASN N 25 -6.48 -63.44 -51.12
CA ASN N 25 -6.80 -62.03 -50.85
C ASN N 25 -6.35 -61.11 -51.96
N CYS N 26 -6.91 -59.91 -52.01
CA CYS N 26 -6.48 -58.91 -52.99
C CYS N 26 -6.90 -57.50 -52.59
N TYR N 27 -6.00 -56.56 -52.76
CA TYR N 27 -6.19 -55.20 -52.28
C TYR N 27 -4.82 -54.67 -51.95
N VAL N 28 -4.76 -53.76 -51.01
CA VAL N 28 -3.47 -53.26 -50.57
C VAL N 28 -2.49 -52.58 -51.54
N SER N 29 -2.95 -51.60 -52.30
CA SER N 29 -2.00 -50.64 -52.83
C SER N 29 -2.43 -49.21 -53.18
N GLY N 30 -2.08 -48.27 -52.31
CA GLY N 30 -1.84 -46.88 -52.63
C GLY N 30 -2.81 -45.90 -53.26
N PHE N 31 -3.82 -45.46 -52.51
CA PHE N 31 -4.64 -44.34 -52.97
C PHE N 31 -5.65 -43.76 -51.92
N HIS N 32 -6.09 -42.50 -52.10
CA HIS N 32 -7.13 -41.84 -51.25
C HIS N 32 -7.98 -40.74 -51.95
N PRO N 33 -9.20 -40.42 -51.44
CA PRO N 33 -9.88 -40.83 -50.20
C PRO N 33 -10.29 -42.31 -50.10
N SER N 34 -10.76 -42.68 -48.91
CA SER N 34 -10.84 -44.06 -48.47
C SER N 34 -12.23 -44.70 -48.56
N ASP N 35 -13.21 -43.92 -49.00
CA ASP N 35 -14.58 -44.41 -49.18
C ASP N 35 -14.73 -45.45 -50.29
N ILE N 36 -14.41 -46.72 -50.05
CA ILE N 36 -14.26 -47.64 -51.20
C ILE N 36 -14.82 -49.08 -51.13
N GLU N 37 -15.44 -49.47 -52.26
CA GLU N 37 -15.95 -50.81 -52.55
C GLU N 37 -14.81 -51.83 -52.76
N VAL N 38 -14.82 -53.00 -52.11
CA VAL N 38 -13.98 -54.11 -52.56
C VAL N 38 -14.68 -55.46 -52.46
N ASP N 39 -14.83 -56.15 -53.60
CA ASP N 39 -15.49 -57.46 -53.63
C ASP N 39 -14.55 -58.58 -54.07
N LEU N 40 -14.76 -59.77 -53.50
CA LEU N 40 -13.95 -60.94 -53.83
C LEU N 40 -14.87 -62.11 -54.18
N LEU N 41 -15.01 -62.37 -55.49
CA LEU N 41 -16.08 -63.23 -56.00
C LEU N 41 -15.71 -64.63 -56.49
N LYS N 42 -16.71 -65.50 -56.59
CA LYS N 42 -16.52 -66.90 -56.99
C LYS N 42 -16.53 -67.07 -58.51
N ASN N 43 -17.72 -67.24 -59.08
CA ASN N 43 -17.85 -67.39 -60.52
C ASN N 43 -18.67 -66.25 -61.11
N GLY N 44 -19.30 -65.49 -60.22
CA GLY N 44 -20.18 -64.40 -60.62
C GLY N 44 -21.46 -64.37 -59.81
N GLU N 45 -21.78 -63.20 -59.29
CA GLU N 45 -20.94 -62.02 -59.45
C GLU N 45 -20.37 -61.58 -58.11
N ARG N 46 -20.78 -62.25 -57.05
CA ARG N 46 -20.18 -62.06 -55.73
C ARG N 46 -19.70 -63.42 -55.23
N ILE N 47 -18.99 -63.44 -54.11
CA ILE N 47 -18.28 -64.64 -53.71
C ILE N 47 -18.41 -65.09 -52.26
N GLU N 48 -18.07 -64.22 -51.32
CA GLU N 48 -17.98 -64.66 -49.94
C GLU N 48 -18.28 -63.58 -48.91
N LYS N 49 -18.57 -64.02 -47.70
CA LYS N 49 -18.56 -63.11 -46.56
C LYS N 49 -17.10 -62.70 -46.40
N VAL N 50 -16.85 -61.39 -46.45
CA VAL N 50 -15.49 -60.90 -46.52
C VAL N 50 -14.94 -60.55 -45.14
N GLU N 51 -13.69 -60.10 -45.11
CA GLU N 51 -13.10 -59.59 -43.88
C GLU N 51 -11.90 -58.70 -44.18
N HIS N 52 -11.94 -57.48 -43.65
CA HIS N 52 -10.93 -56.47 -43.93
C HIS N 52 -9.81 -56.51 -42.90
N SER N 53 -8.67 -55.97 -43.27
CA SER N 53 -7.68 -55.60 -42.26
C SER N 53 -8.00 -54.17 -41.91
N ASP N 54 -7.30 -53.59 -40.96
CA ASP N 54 -7.64 -52.23 -40.64
C ASP N 54 -6.97 -51.31 -41.64
N LEU N 55 -7.71 -50.31 -42.07
CA LEU N 55 -7.23 -49.40 -43.08
C LEU N 55 -5.99 -48.66 -42.60
N SER N 56 -4.92 -48.72 -43.39
CA SER N 56 -3.70 -48.00 -43.09
C SER N 56 -3.30 -47.11 -44.25
N PHE N 57 -2.20 -46.39 -44.09
CA PHE N 57 -1.62 -45.68 -45.21
C PHE N 57 -0.10 -45.75 -45.15
N SER N 58 0.49 -45.20 -46.21
CA SER N 58 1.83 -45.48 -46.70
C SER N 58 2.62 -44.22 -46.97
N LYS N 59 3.89 -44.38 -47.30
CA LYS N 59 4.80 -43.26 -47.38
C LYS N 59 4.22 -42.28 -48.35
N ASP N 60 3.60 -42.79 -49.40
CA ASP N 60 3.12 -41.95 -50.48
C ASP N 60 2.02 -41.02 -49.96
N TRP N 61 1.55 -41.31 -48.76
CA TRP N 61 0.29 -40.77 -48.25
C TRP N 61 -0.81 -41.54 -48.97
N SER N 62 -0.74 -42.86 -48.77
CA SER N 62 -1.47 -43.86 -49.53
C SER N 62 -2.19 -44.95 -48.76
N PHE N 63 -3.50 -45.00 -48.86
CA PHE N 63 -4.25 -46.04 -48.19
C PHE N 63 -4.03 -47.40 -48.84
N TYR N 64 -4.00 -48.43 -47.99
CA TYR N 64 -3.89 -49.82 -48.46
C TYR N 64 -4.63 -50.78 -47.54
N LEU N 65 -5.30 -51.75 -48.14
CA LEU N 65 -6.13 -52.70 -47.41
C LEU N 65 -6.21 -54.04 -48.11
N LEU N 66 -6.28 -55.14 -47.36
CA LEU N 66 -6.40 -56.46 -47.98
C LEU N 66 -7.64 -57.25 -47.52
N TYR N 67 -8.35 -57.80 -48.50
CA TYR N 67 -9.58 -58.58 -48.27
C TYR N 67 -9.33 -60.06 -48.52
N TYR N 68 -9.45 -60.89 -47.48
CA TYR N 68 -9.17 -62.32 -47.65
C TYR N 68 -10.30 -63.28 -47.27
N THR N 69 -10.18 -64.51 -47.76
CA THR N 69 -11.11 -65.58 -47.42
C THR N 69 -10.43 -66.94 -47.55
N GLU N 70 -10.92 -67.94 -46.82
CA GLU N 70 -10.35 -69.27 -46.89
C GLU N 70 -11.08 -70.13 -47.93
N PHE N 71 -10.33 -71.02 -48.59
CA PHE N 71 -10.79 -71.81 -49.75
C PHE N 71 -9.98 -73.10 -49.98
N THR N 72 -10.50 -73.96 -50.84
CA THR N 72 -9.81 -75.17 -51.32
C THR N 72 -10.25 -75.21 -52.78
N PRO N 73 -9.62 -75.98 -53.67
CA PRO N 73 -8.73 -77.10 -53.33
C PRO N 73 -7.98 -77.62 -54.58
N THR N 74 -8.60 -77.43 -55.75
CA THR N 74 -7.97 -77.72 -57.02
C THR N 74 -8.63 -76.93 -58.13
N GLU N 75 -7.91 -76.69 -59.23
CA GLU N 75 -8.44 -75.98 -60.39
C GLU N 75 -9.38 -76.92 -61.13
N LYS N 76 -10.24 -76.44 -62.03
CA LYS N 76 -10.30 -75.09 -62.57
C LYS N 76 -11.63 -74.37 -62.35
N ASP N 77 -11.58 -73.22 -61.68
CA ASP N 77 -12.71 -72.29 -61.60
C ASP N 77 -12.29 -70.91 -62.10
N GLU N 78 -13.26 -70.06 -62.45
CA GLU N 78 -12.95 -68.72 -62.95
C GLU N 78 -13.08 -67.69 -61.83
N TYR N 79 -12.00 -67.49 -61.09
CA TYR N 79 -11.98 -66.56 -59.96
C TYR N 79 -11.60 -65.15 -60.38
N ALA N 80 -12.20 -64.16 -59.72
CA ALA N 80 -11.96 -62.77 -60.10
C ALA N 80 -12.26 -61.80 -58.96
N CYS N 81 -11.63 -60.63 -59.04
CA CYS N 81 -11.70 -59.64 -57.96
C CYS N 81 -12.07 -58.27 -58.51
N ARG N 82 -13.05 -57.63 -57.86
CA ARG N 82 -13.49 -56.32 -58.31
C ARG N 82 -13.62 -55.34 -57.16
N VAL N 83 -13.08 -54.16 -57.40
CA VAL N 83 -13.02 -53.05 -56.49
C VAL N 83 -13.69 -51.90 -57.17
N ASN N 84 -14.29 -50.98 -56.44
CA ASN N 84 -14.34 -49.65 -57.02
C ASN N 84 -14.58 -48.55 -56.05
N HIS N 85 -14.77 -47.38 -56.69
CA HIS N 85 -14.21 -46.05 -56.40
C HIS N 85 -15.01 -44.85 -56.98
N VAL N 86 -14.62 -43.66 -56.52
CA VAL N 86 -15.08 -42.35 -57.00
C VAL N 86 -14.24 -41.65 -58.08
N THR N 87 -13.05 -42.18 -58.34
CA THR N 87 -12.16 -41.54 -59.30
C THR N 87 -12.53 -41.49 -60.79
N LEU N 88 -12.87 -42.62 -61.40
CA LEU N 88 -13.12 -42.61 -62.84
C LEU N 88 -13.97 -43.74 -63.35
N SER N 89 -14.86 -43.44 -64.29
CA SER N 89 -15.54 -44.47 -65.07
C SER N 89 -16.31 -45.51 -64.25
N GLN N 90 -16.05 -46.76 -64.60
CA GLN N 90 -16.65 -47.94 -63.99
C GLN N 90 -15.61 -49.02 -63.67
N PRO N 91 -15.92 -49.88 -62.67
CA PRO N 91 -15.06 -50.96 -62.18
C PRO N 91 -14.72 -51.95 -63.29
N LYS N 92 -13.50 -52.44 -63.38
CA LYS N 92 -13.21 -53.50 -64.33
C LYS N 92 -12.63 -54.69 -63.59
N ILE N 93 -12.84 -55.87 -64.15
CA ILE N 93 -12.56 -57.11 -63.45
C ILE N 93 -11.13 -57.59 -63.72
N VAL N 94 -10.42 -57.95 -62.66
CA VAL N 94 -9.07 -58.46 -62.81
C VAL N 94 -9.04 -59.96 -62.51
N LYS N 95 -8.49 -60.72 -63.44
CA LYS N 95 -8.50 -62.16 -63.38
C LYS N 95 -7.46 -62.61 -62.35
N TRP N 96 -7.35 -63.91 -62.11
CA TRP N 96 -6.26 -64.44 -61.29
C TRP N 96 -5.61 -65.63 -62.01
N ASP N 97 -4.29 -65.59 -62.10
CA ASP N 97 -3.55 -66.49 -62.98
C ASP N 97 -2.16 -66.84 -62.39
N ARG N 98 -1.75 -68.11 -62.59
CA ARG N 98 -0.37 -68.58 -62.36
C ARG N 98 0.09 -68.56 -60.89
N GLY O 1 0.47 -46.45 -25.75
CA GLY O 1 1.64 -45.59 -25.73
C GLY O 1 1.39 -44.32 -26.53
N ILE O 2 0.13 -44.09 -26.87
CA ILE O 2 -0.28 -42.92 -27.63
C ILE O 2 -0.08 -41.68 -26.79
N LEU O 3 0.09 -40.53 -27.45
CA LEU O 3 0.20 -39.23 -26.78
C LEU O 3 -0.85 -39.06 -25.69
N GLY O 4 -0.46 -38.41 -24.59
CA GLY O 4 -1.37 -38.17 -23.49
C GLY O 4 -2.07 -36.82 -23.62
N PHE O 5 -1.73 -36.10 -24.68
CA PHE O 5 -2.28 -34.77 -24.92
C PHE O 5 -2.49 -34.58 -26.41
N VAL O 6 -3.32 -33.61 -26.78
CA VAL O 6 -3.69 -33.42 -28.18
C VAL O 6 -4.03 -31.94 -28.42
N PHE O 7 -4.09 -31.52 -29.67
CA PHE O 7 -4.17 -30.08 -29.92
C PHE O 7 -4.80 -29.70 -31.26
N THR O 8 -5.69 -28.71 -31.19
CA THR O 8 -6.44 -28.24 -32.33
C THR O 8 -5.52 -27.84 -33.49
N LEU O 9 -5.88 -28.26 -34.70
CA LEU O 9 -5.17 -27.79 -35.88
C LEU O 9 -5.63 -26.39 -36.26
N GLN P 4 33.09 -25.31 2.94
CA GLN P 4 32.75 -26.72 2.74
C GLN P 4 31.79 -26.87 1.55
N LEU P 5 31.79 -28.04 0.94
CA LEU P 5 31.06 -28.26 -0.31
C LEU P 5 30.41 -29.64 -0.40
N ASN P 6 29.27 -29.73 -1.10
CA ASN P 6 28.59 -31.01 -1.35
C ASN P 6 28.52 -31.35 -2.84
N GLN P 7 28.10 -32.58 -3.15
CA GLN P 7 28.18 -33.11 -4.51
C GLN P 7 27.34 -34.38 -4.68
N SER P 8 26.29 -34.30 -5.50
CA SER P 8 25.34 -35.39 -5.61
C SER P 8 25.03 -35.72 -7.09
N PRO P 9 24.47 -36.91 -7.36
CA PRO P 9 24.33 -38.05 -6.45
C PRO P 9 25.70 -38.59 -6.12
N GLN P 10 25.81 -39.40 -5.06
CA GLN P 10 27.13 -39.84 -4.62
C GLN P 10 27.75 -40.89 -5.56
N SER P 11 26.96 -41.88 -5.97
CA SER P 11 27.44 -42.90 -6.91
C SER P 11 26.36 -43.24 -7.94
N MET P 12 26.77 -43.37 -9.21
CA MET P 12 25.81 -43.58 -10.29
C MET P 12 26.21 -44.75 -11.19
N PHE P 13 25.21 -45.49 -11.67
CA PHE P 13 25.41 -46.67 -12.51
C PHE P 13 24.65 -46.60 -13.84
N ILE P 14 25.28 -46.03 -14.87
CA ILE P 14 24.65 -45.88 -16.18
C ILE P 14 25.10 -46.93 -17.19
N GLN P 15 24.51 -46.89 -18.38
CA GLN P 15 24.92 -47.76 -19.49
C GLN P 15 25.48 -46.95 -20.64
N GLU P 16 25.31 -47.45 -21.86
CA GLU P 16 25.94 -46.84 -23.03
C GLU P 16 24.99 -45.99 -23.86
N GLY P 17 25.41 -44.77 -24.15
CA GLY P 17 24.67 -43.88 -25.04
C GLY P 17 23.66 -43.01 -24.32
N GLU P 18 23.82 -42.85 -23.01
CA GLU P 18 22.88 -42.07 -22.23
C GLU P 18 23.48 -40.77 -21.74
N ASP P 19 22.64 -39.73 -21.71
CA ASP P 19 22.97 -38.48 -21.06
C ASP P 19 23.36 -38.73 -19.60
N VAL P 20 24.18 -37.87 -19.02
CA VAL P 20 24.56 -38.02 -17.61
C VAL P 20 24.59 -36.68 -16.89
N SER P 21 24.04 -36.67 -15.68
CA SER P 21 23.85 -35.44 -14.95
C SER P 21 24.43 -35.53 -13.54
N MET P 22 25.18 -34.51 -13.15
CA MET P 22 25.64 -34.35 -11.77
C MET P 22 25.28 -32.96 -11.30
N ASN P 23 25.49 -32.66 -10.03
CA ASN P 23 25.33 -31.29 -9.57
C ASN P 23 26.12 -30.96 -8.31
N CYS P 24 26.24 -29.66 -8.04
CA CYS P 24 26.84 -29.17 -6.81
C CYS P 24 25.99 -28.07 -6.17
N THR P 25 26.14 -27.89 -4.87
CA THR P 25 25.87 -26.60 -4.28
C THR P 25 26.56 -26.45 -2.92
N SER P 26 26.57 -25.22 -2.43
CA SER P 26 27.30 -24.91 -1.22
C SER P 26 26.54 -23.88 -0.38
N SER P 27 27.30 -23.07 0.35
CA SER P 27 26.71 -21.96 1.05
C SER P 27 27.63 -20.75 0.96
N SER P 28 28.71 -20.89 0.18
CA SER P 28 29.60 -19.76 -0.07
C SER P 28 29.53 -19.29 -1.52
N ILE P 29 30.06 -18.10 -1.76
CA ILE P 29 30.00 -17.49 -3.08
C ILE P 29 31.31 -17.70 -3.85
N PHE P 30 31.27 -18.52 -4.89
CA PHE P 30 32.47 -18.72 -5.71
C PHE P 30 32.26 -18.10 -7.08
N ASN P 31 33.33 -18.00 -7.84
CA ASN P 31 33.23 -17.40 -9.16
C ASN P 31 34.00 -18.22 -10.17
N THR P 32 34.89 -19.09 -9.67
CA THR P 32 35.59 -20.02 -10.53
C THR P 32 35.25 -21.43 -10.09
N TRP P 33 34.68 -22.21 -11.00
CA TRP P 33 34.17 -23.51 -10.64
C TRP P 33 34.80 -24.59 -11.50
N LEU P 34 35.58 -25.47 -10.87
CA LEU P 34 36.38 -26.43 -11.62
C LEU P 34 35.82 -27.84 -11.62
N TRP P 35 36.41 -28.68 -12.49
CA TRP P 35 36.03 -30.07 -12.63
C TRP P 35 37.24 -30.95 -12.94
N TYR P 36 37.37 -32.04 -12.19
CA TYR P 36 38.48 -32.97 -12.35
C TYR P 36 37.98 -34.40 -12.50
N LYS P 37 38.57 -35.17 -13.40
CA LYS P 37 38.32 -36.60 -13.46
C LYS P 37 39.56 -37.37 -13.02
N GLN P 38 39.41 -38.17 -11.96
CA GLN P 38 40.47 -39.08 -11.56
C GLN P 38 40.05 -40.52 -11.82
N GLU P 39 40.94 -41.26 -12.47
CA GLU P 39 40.80 -42.70 -12.63
C GLU P 39 41.60 -43.30 -11.48
N PRO P 40 41.20 -44.50 -11.01
CA PRO P 40 41.70 -44.99 -9.71
C PRO P 40 43.23 -44.93 -9.54
N GLY P 41 43.68 -44.26 -8.48
CA GLY P 41 45.11 -44.14 -8.19
C GLY P 41 45.79 -42.99 -8.91
N GLU P 42 45.20 -42.57 -10.02
CA GLU P 42 45.72 -41.48 -10.81
C GLU P 42 45.54 -40.14 -10.09
N GLY P 43 46.40 -39.17 -10.42
CA GLY P 43 46.23 -37.82 -9.93
C GLY P 43 45.18 -37.06 -10.74
N PRO P 44 44.25 -36.38 -10.06
CA PRO P 44 43.15 -35.63 -10.68
C PRO P 44 43.60 -34.67 -11.77
N VAL P 45 42.97 -34.75 -12.93
CA VAL P 45 43.30 -33.86 -14.03
C VAL P 45 42.16 -32.89 -14.32
N LEU P 46 42.48 -31.61 -14.41
CA LEU P 46 41.47 -30.58 -14.67
C LEU P 46 40.72 -30.86 -15.96
N LEU P 47 39.41 -30.68 -15.94
CA LEU P 47 38.62 -30.76 -17.15
C LEU P 47 38.18 -29.37 -17.58
N ILE P 48 37.07 -28.88 -17.02
CA ILE P 48 36.53 -27.60 -17.43
C ILE P 48 36.59 -26.61 -16.27
N ALA P 49 36.66 -25.32 -16.58
CA ALA P 49 36.72 -24.31 -15.55
C ALA P 49 35.77 -23.16 -15.84
N LEU P 50 34.55 -23.28 -15.32
CA LEU P 50 33.55 -22.23 -15.44
C LEU P 50 34.05 -20.98 -14.74
N TYR P 51 34.18 -19.88 -15.47
CA TYR P 51 34.75 -18.68 -14.87
C TYR P 51 33.69 -17.66 -14.43
N LYS P 52 32.48 -17.76 -15.00
CA LYS P 52 31.23 -17.19 -14.41
C LYS P 52 30.02 -17.33 -15.35
N ALA P 53 28.85 -16.96 -14.91
CA ALA P 53 27.62 -17.50 -15.45
C ALA P 53 27.50 -17.48 -16.98
N GLY P 54 27.07 -18.64 -17.49
CA GLY P 54 26.95 -18.97 -18.90
C GLY P 54 27.40 -20.45 -18.84
N GLU P 55 27.46 -21.08 -20.00
CA GLU P 55 28.01 -22.43 -20.10
C GLU P 55 29.16 -22.33 -21.10
N LEU P 56 30.24 -23.03 -20.76
CA LEU P 56 31.48 -23.03 -21.52
C LEU P 56 31.36 -24.31 -22.35
N THR P 57 31.81 -24.33 -23.61
CA THR P 57 31.92 -25.60 -24.31
C THR P 57 33.28 -26.03 -23.92
N SER P 58 33.41 -27.15 -23.21
CA SER P 58 34.64 -27.46 -22.48
C SER P 58 35.66 -28.47 -22.99
N ASN P 59 35.20 -29.62 -23.44
CA ASN P 59 36.13 -30.60 -23.99
C ASN P 59 35.66 -31.03 -25.33
N GLY P 60 34.37 -31.32 -25.40
CA GLY P 60 33.75 -31.60 -26.67
C GLY P 60 32.56 -32.51 -26.53
N ARG P 61 32.60 -33.38 -25.52
CA ARG P 61 31.46 -34.20 -25.18
C ARG P 61 30.74 -33.59 -24.00
N LEU P 62 31.53 -33.01 -23.11
CA LEU P 62 31.03 -32.48 -21.85
C LEU P 62 30.43 -31.09 -22.00
N THR P 63 29.74 -30.64 -20.96
CA THR P 63 29.03 -29.36 -20.96
C THR P 63 28.77 -28.95 -19.52
N ALA P 64 29.30 -27.81 -19.08
CA ALA P 64 29.13 -27.39 -17.69
C ALA P 64 28.59 -25.98 -17.56
N GLN P 65 27.79 -25.75 -16.52
CA GLN P 65 27.01 -24.50 -16.37
C GLN P 65 27.25 -23.81 -15.03
N PHE P 66 27.06 -22.49 -15.01
CA PHE P 66 27.38 -21.65 -13.86
C PHE P 66 26.13 -21.02 -13.25
N GLY P 67 25.75 -21.48 -12.07
CA GLY P 67 24.50 -21.06 -11.44
C GLY P 67 24.47 -19.63 -10.96
N ILE P 68 23.45 -18.88 -11.39
CA ILE P 68 23.35 -17.44 -11.12
C ILE P 68 23.36 -17.09 -9.63
N THR P 69 23.27 -18.12 -8.80
CA THR P 69 23.33 -17.94 -7.36
C THR P 69 24.78 -17.95 -6.88
N ARG P 70 25.69 -18.22 -7.82
CA ARG P 70 27.12 -18.24 -7.53
C ARG P 70 27.45 -19.25 -6.44
N LYS P 71 26.72 -20.37 -6.45
CA LYS P 71 26.75 -21.35 -5.37
C LYS P 71 26.39 -22.76 -5.86
N ASP P 72 26.06 -22.86 -7.15
CA ASP P 72 25.56 -24.08 -7.80
C ASP P 72 26.24 -24.31 -9.16
N SER P 73 26.59 -25.56 -9.47
CA SER P 73 27.11 -25.90 -10.80
C SER P 73 26.70 -27.29 -11.23
N PHE P 74 26.78 -27.56 -12.53
CA PHE P 74 26.36 -28.85 -13.07
C PHE P 74 27.40 -29.52 -13.95
N LEU P 75 27.05 -30.69 -14.49
CA LEU P 75 27.94 -31.42 -15.38
C LEU P 75 27.16 -32.40 -16.27
N ASN P 76 27.36 -32.26 -17.57
CA ASN P 76 26.66 -33.08 -18.53
C ASN P 76 27.65 -33.86 -19.41
N ILE P 77 27.35 -35.13 -19.66
CA ILE P 77 28.10 -35.92 -20.63
C ILE P 77 27.18 -36.27 -21.79
N SER P 78 27.66 -36.04 -23.01
CA SER P 78 26.85 -36.31 -24.19
C SER P 78 26.78 -37.80 -24.50
N ALA P 79 27.80 -38.31 -25.17
CA ALA P 79 27.89 -39.72 -25.49
C ALA P 79 28.68 -40.44 -24.41
N SER P 80 28.09 -41.49 -23.84
CA SER P 80 28.74 -42.21 -22.76
C SER P 80 29.68 -43.29 -23.27
N ILE P 81 30.98 -43.00 -23.22
CA ILE P 81 32.01 -43.95 -23.64
C ILE P 81 32.69 -44.56 -22.42
N PRO P 82 32.84 -45.89 -22.40
CA PRO P 82 33.40 -46.67 -21.28
C PRO P 82 34.69 -46.11 -20.72
N SER P 83 35.40 -45.29 -21.50
CA SER P 83 36.67 -44.75 -21.05
C SER P 83 36.51 -43.62 -20.03
N ASP P 84 35.27 -43.16 -19.83
CA ASP P 84 35.01 -42.08 -18.88
C ASP P 84 34.65 -42.58 -17.49
N VAL P 85 34.71 -43.89 -17.30
CA VAL P 85 34.43 -44.46 -16.00
C VAL P 85 35.47 -43.99 -15.01
N GLY P 86 35.01 -43.43 -13.90
CA GLY P 86 35.89 -42.89 -12.88
C GLY P 86 35.15 -41.92 -12.00
N ILE P 87 35.82 -41.41 -10.99
CA ILE P 87 35.20 -40.42 -10.11
C ILE P 87 35.27 -39.04 -10.78
N TYR P 88 34.40 -38.13 -10.35
CA TYR P 88 34.43 -36.76 -10.85
C TYR P 88 34.43 -35.82 -9.68
N PHE P 89 34.97 -34.62 -9.83
CA PHE P 89 35.13 -33.75 -8.68
C PHE P 89 34.66 -32.30 -8.88
N CYS P 90 34.01 -31.78 -7.84
CA CYS P 90 33.55 -30.40 -7.79
C CYS P 90 34.59 -29.57 -7.03
N ALA P 91 35.04 -28.46 -7.58
CA ALA P 91 36.16 -27.73 -6.97
C ALA P 91 36.18 -26.23 -7.22
N GLY P 92 36.61 -25.50 -6.19
CA GLY P 92 36.70 -24.05 -6.22
C GLY P 92 37.61 -23.54 -5.11
N PRO P 93 38.03 -22.26 -5.19
CA PRO P 93 39.11 -21.69 -4.38
C PRO P 93 38.69 -21.05 -3.05
N GLY P 94 37.45 -20.59 -2.95
CA GLY P 94 37.01 -19.99 -1.71
C GLY P 94 36.96 -18.47 -1.77
N GLY P 95 38.02 -17.82 -1.29
CA GLY P 95 38.10 -16.37 -1.32
C GLY P 95 37.16 -15.71 -0.34
N SER P 96 35.90 -16.12 -0.35
CA SER P 96 34.94 -15.68 0.64
C SER P 96 35.28 -16.30 1.98
N SER P 97 36.16 -17.28 1.95
CA SER P 97 36.73 -17.84 3.17
C SER P 97 38.01 -17.09 3.53
N ASN P 98 38.34 -16.10 2.69
CA ASN P 98 39.49 -15.21 2.92
C ASN P 98 40.81 -15.97 3.13
N THR P 99 40.87 -17.20 2.63
CA THR P 99 42.08 -18.00 2.76
C THR P 99 42.61 -18.39 1.38
N GLY P 100 43.66 -19.19 1.38
CA GLY P 100 44.26 -19.63 0.14
C GLY P 100 43.97 -21.11 -0.02
N LYS P 101 42.86 -21.53 0.55
CA LYS P 101 42.54 -22.94 0.59
C LYS P 101 41.98 -23.31 -0.78
N LEU P 102 41.97 -24.59 -1.13
CA LEU P 102 41.41 -25.00 -2.42
C LEU P 102 40.46 -26.19 -2.23
N ILE P 103 39.16 -25.87 -2.13
CA ILE P 103 38.07 -26.81 -1.77
C ILE P 103 37.69 -27.84 -2.87
N PHE P 104 37.53 -29.10 -2.48
CA PHE P 104 36.94 -30.11 -3.35
C PHE P 104 35.64 -30.73 -2.81
N GLY P 105 34.92 -31.41 -3.69
CA GLY P 105 33.73 -32.14 -3.29
C GLY P 105 34.12 -33.41 -2.57
N GLN P 106 33.49 -34.51 -2.96
CA GLN P 106 33.73 -35.79 -2.32
C GLN P 106 33.69 -36.90 -3.36
N GLY P 107 33.36 -36.52 -4.60
CA GLY P 107 33.45 -37.43 -5.73
C GLY P 107 32.19 -38.18 -6.05
N THR P 108 31.68 -37.98 -7.27
CA THR P 108 30.62 -38.81 -7.82
C THR P 108 31.21 -40.00 -8.55
N THR P 109 31.28 -41.14 -7.89
CA THR P 109 31.89 -42.32 -8.50
C THR P 109 30.99 -42.87 -9.60
N LEU P 110 31.36 -42.60 -10.85
CA LEU P 110 30.57 -43.01 -12.00
C LEU P 110 31.06 -44.32 -12.61
N GLN P 111 30.21 -45.34 -12.60
CA GLN P 111 30.55 -46.63 -13.20
C GLN P 111 29.59 -46.97 -14.34
N VAL P 112 30.13 -47.26 -15.52
CA VAL P 112 29.32 -47.51 -16.70
C VAL P 112 29.29 -48.99 -17.09
N LYS P 113 28.09 -49.53 -17.28
CA LYS P 113 27.91 -50.91 -17.72
C LYS P 113 27.97 -51.01 -19.24
N PRO P 114 28.80 -51.93 -19.76
CA PRO P 114 29.08 -52.04 -21.19
C PRO P 114 28.09 -52.93 -21.92
N ASP P 115 27.73 -52.54 -23.13
CA ASP P 115 26.77 -53.32 -23.89
C ASP P 115 27.37 -54.63 -24.35
N ILE P 116 26.64 -55.72 -24.10
CA ILE P 116 27.00 -57.01 -24.64
C ILE P 116 25.89 -57.44 -25.58
N GLN P 117 26.18 -57.23 -26.85
CA GLN P 117 25.29 -57.56 -27.94
C GLN P 117 25.09 -59.05 -27.96
N ASN P 118 26.17 -59.80 -27.78
CA ASN P 118 26.07 -61.24 -27.83
C ASN P 118 26.42 -61.88 -26.51
N PRO P 119 25.40 -62.65 -25.93
CA PRO P 119 25.84 -63.41 -24.77
C PRO P 119 25.53 -64.88 -24.91
N ASP P 120 26.27 -65.71 -24.20
CA ASP P 120 25.89 -67.10 -23.98
C ASP P 120 26.35 -67.56 -22.61
N PRO P 121 25.77 -66.96 -21.58
CA PRO P 121 26.19 -67.15 -20.19
C PRO P 121 26.58 -68.61 -19.93
N ALA P 122 27.51 -68.83 -19.00
CA ALA P 122 27.97 -70.18 -18.70
C ALA P 122 28.89 -70.24 -17.47
N VAL P 123 28.70 -71.28 -16.66
CA VAL P 123 29.49 -71.49 -15.45
C VAL P 123 30.52 -72.62 -15.63
N TYR P 124 31.79 -72.27 -15.51
CA TYR P 124 32.88 -73.21 -15.79
C TYR P 124 33.71 -73.57 -14.57
N GLN P 125 34.20 -74.80 -14.57
CA GLN P 125 35.02 -75.34 -13.50
C GLN P 125 36.50 -75.39 -13.93
N LEU P 126 37.43 -75.51 -12.98
CA LEU P 126 38.86 -75.38 -13.28
C LEU P 126 39.85 -75.80 -12.16
N ARG P 127 41.00 -76.36 -12.55
CA ARG P 127 42.04 -76.81 -11.58
C ARG P 127 43.39 -76.07 -11.75
N ASP P 128 44.21 -76.06 -10.68
CA ASP P 128 45.49 -75.34 -10.69
C ASP P 128 46.65 -76.20 -11.23
N SER P 129 47.76 -75.55 -11.55
CA SER P 129 48.93 -76.24 -12.08
C SER P 129 50.09 -76.21 -11.10
N SER P 135 40.85 -75.76 -6.61
CA SER P 135 39.39 -75.64 -6.47
C SER P 135 38.92 -74.22 -6.76
N VAL P 136 38.20 -74.04 -7.87
CA VAL P 136 37.65 -72.75 -8.27
C VAL P 136 36.80 -72.91 -9.53
N CYS P 137 35.71 -72.17 -9.63
CA CYS P 137 34.90 -72.22 -10.85
C CYS P 137 34.28 -70.85 -11.22
N LEU P 138 34.13 -70.64 -12.53
CA LEU P 138 33.97 -69.31 -13.12
C LEU P 138 32.63 -69.10 -13.83
N PHE P 139 32.25 -67.83 -13.98
CA PHE P 139 30.99 -67.44 -14.63
C PHE P 139 31.22 -66.25 -15.56
N THR P 140 30.80 -66.35 -16.82
CA THR P 140 31.10 -65.31 -17.80
C THR P 140 30.10 -65.23 -18.96
N ASP P 141 30.24 -64.15 -19.74
CA ASP P 141 29.46 -63.90 -20.97
C ASP P 141 27.96 -63.74 -20.74
N PHE P 142 27.60 -63.33 -19.53
CA PHE P 142 26.23 -62.97 -19.21
C PHE P 142 25.93 -61.59 -19.74
N ASP P 143 24.66 -61.29 -19.97
CA ASP P 143 24.29 -59.93 -20.36
C ASP P 143 24.46 -59.00 -19.16
N SER P 144 24.24 -57.71 -19.38
CA SER P 144 24.50 -56.70 -18.34
C SER P 144 23.46 -56.71 -17.23
N GLN P 145 22.22 -57.10 -17.54
CA GLN P 145 21.11 -57.03 -16.58
C GLN P 145 21.32 -57.91 -15.34
N THR P 146 22.49 -58.54 -15.24
CA THR P 146 22.85 -59.39 -14.12
C THR P 146 23.29 -58.61 -12.89
N ASN P 147 23.22 -59.29 -11.74
CA ASN P 147 23.64 -58.72 -10.46
C ASN P 147 23.80 -59.86 -9.46
N VAL P 148 25.05 -60.09 -9.05
CA VAL P 148 25.40 -61.21 -8.18
C VAL P 148 25.44 -60.83 -6.71
N SER P 149 24.99 -61.74 -5.86
CA SER P 149 25.01 -61.51 -4.41
C SER P 149 26.43 -61.62 -3.87
N GLN P 150 26.54 -61.68 -2.55
CA GLN P 150 27.83 -61.81 -1.90
C GLN P 150 28.00 -63.21 -1.34
N SER P 151 29.04 -63.36 -0.52
CA SER P 151 29.34 -64.63 0.16
C SER P 151 28.14 -65.38 0.67
N LYS P 152 28.16 -66.69 0.45
CA LYS P 152 27.23 -67.55 1.15
C LYS P 152 27.68 -67.57 2.62
N ASP P 153 28.71 -68.35 2.90
CA ASP P 153 29.22 -68.47 4.26
C ASP P 153 30.74 -68.25 4.38
N SER P 154 31.29 -68.68 5.51
CA SER P 154 32.65 -68.36 5.90
C SER P 154 33.73 -69.09 5.10
N ASP P 155 33.35 -70.18 4.45
CA ASP P 155 34.33 -70.98 3.71
C ASP P 155 34.08 -70.91 2.21
N VAL P 156 33.33 -69.90 1.80
CA VAL P 156 33.04 -69.67 0.39
C VAL P 156 33.23 -68.20 0.03
N TYR P 157 34.18 -67.93 -0.85
CA TYR P 157 34.51 -66.57 -1.27
C TYR P 157 34.10 -66.30 -2.73
N ILE P 158 33.46 -65.16 -2.98
CA ILE P 158 33.03 -64.79 -4.33
C ILE P 158 33.46 -63.35 -4.68
N THR P 159 33.43 -63.01 -5.97
CA THR P 159 34.08 -61.83 -6.52
C THR P 159 33.17 -60.62 -6.80
N ASP P 160 33.57 -59.84 -7.80
CA ASP P 160 32.82 -58.72 -8.33
C ASP P 160 32.67 -58.93 -9.85
N LYS P 161 31.85 -58.10 -10.50
CA LYS P 161 31.71 -58.11 -11.96
C LYS P 161 32.62 -57.05 -12.65
N CYS P 162 33.42 -57.49 -13.62
CA CYS P 162 34.37 -56.63 -14.33
C CYS P 162 34.45 -56.93 -15.84
N VAL P 163 34.47 -55.88 -16.66
CA VAL P 163 34.53 -56.01 -18.12
C VAL P 163 35.95 -56.24 -18.65
N LEU P 164 36.14 -57.34 -19.37
CA LEU P 164 37.41 -57.59 -20.04
C LEU P 164 37.26 -57.31 -21.53
N ASP P 165 38.38 -57.04 -22.22
CA ASP P 165 38.31 -56.70 -23.64
C ASP P 165 39.66 -56.76 -24.34
N MET P 166 39.69 -57.38 -25.51
CA MET P 166 40.89 -57.41 -26.35
C MET P 166 40.52 -57.27 -27.82
N ARG P 167 40.97 -56.17 -28.44
CA ARG P 167 40.68 -55.79 -29.83
C ARG P 167 39.95 -56.80 -30.73
N PHE P 171 36.25 -58.10 -29.36
CA PHE P 171 34.97 -58.06 -28.64
C PHE P 171 35.20 -57.80 -27.15
N LYS P 172 34.11 -57.58 -26.42
CA LYS P 172 34.19 -57.33 -24.97
C LYS P 172 33.34 -58.32 -24.19
N SER P 173 33.80 -58.67 -22.98
CA SER P 173 33.08 -59.64 -22.15
C SER P 173 33.22 -59.33 -20.65
N ASN P 174 32.37 -59.97 -19.84
CA ASN P 174 32.34 -59.74 -18.40
C ASN P 174 32.95 -60.90 -17.61
N SER P 175 32.91 -60.82 -16.27
CA SER P 175 33.59 -61.82 -15.46
C SER P 175 32.97 -62.03 -14.06
N ALA P 176 33.07 -63.27 -13.58
CA ALA P 176 32.63 -63.66 -12.25
C ALA P 176 33.29 -64.98 -11.83
N VAL P 177 33.84 -65.03 -10.62
CA VAL P 177 34.63 -66.15 -10.15
C VAL P 177 34.37 -66.46 -8.67
N ALA P 178 34.26 -67.74 -8.36
CA ALA P 178 34.14 -68.18 -6.97
C ALA P 178 35.15 -69.28 -6.65
N TRP P 179 35.82 -69.16 -5.51
CA TRP P 179 36.74 -70.20 -5.04
C TRP P 179 36.37 -70.62 -3.62
N SER P 180 36.51 -71.91 -3.33
CA SER P 180 36.20 -72.46 -2.03
C SER P 180 37.44 -73.00 -1.36
N ASN P 181 37.72 -72.54 -0.15
CA ASN P 181 38.86 -73.05 0.57
C ASN P 181 38.51 -74.42 1.16
N LYS P 182 38.73 -75.46 0.34
CA LYS P 182 38.63 -76.86 0.76
C LYS P 182 37.17 -77.34 0.86
N SER P 183 36.23 -76.44 0.61
CA SER P 183 34.81 -76.70 0.85
C SER P 183 34.10 -77.50 -0.26
N ASP P 184 34.60 -78.71 -0.54
CA ASP P 184 33.93 -79.67 -1.41
C ASP P 184 33.47 -79.15 -2.78
N PHE P 185 34.42 -78.62 -3.54
CA PHE P 185 34.36 -78.60 -5.01
C PHE P 185 33.01 -78.25 -5.65
N ALA P 186 32.29 -77.30 -5.07
CA ALA P 186 30.91 -77.02 -5.49
C ALA P 186 30.76 -75.73 -6.28
N CYS P 187 29.88 -75.75 -7.28
CA CYS P 187 29.74 -74.64 -8.21
C CYS P 187 28.29 -74.17 -8.34
N ALA P 188 27.46 -75.04 -8.91
CA ALA P 188 26.14 -74.69 -9.41
C ALA P 188 25.20 -73.99 -8.42
N ASN P 189 25.43 -74.15 -7.12
CA ASN P 189 24.47 -73.62 -6.17
C ASN P 189 24.91 -72.34 -5.48
N ALA P 190 26.21 -72.20 -5.22
CA ALA P 190 26.74 -71.01 -4.57
C ALA P 190 26.45 -69.80 -5.43
N PHE P 191 26.42 -70.02 -6.74
CA PHE P 191 26.04 -68.99 -7.69
C PHE P 191 24.53 -68.81 -7.70
N ASN P 192 23.80 -69.89 -7.47
CA ASN P 192 22.36 -69.83 -7.31
C ASN P 192 22.00 -69.15 -6.00
N ASN P 193 22.51 -67.94 -5.81
CA ASN P 193 22.29 -67.17 -4.60
C ASN P 193 21.58 -65.86 -4.91
N SER P 194 21.61 -65.48 -6.18
CA SER P 194 20.79 -64.38 -6.70
C SER P 194 20.73 -64.48 -8.22
N ILE P 195 19.89 -63.64 -8.83
CA ILE P 195 19.45 -63.81 -10.22
C ILE P 195 20.54 -64.20 -11.22
N ILE P 196 20.42 -65.42 -11.76
CA ILE P 196 21.31 -65.93 -12.78
C ILE P 196 20.49 -66.32 -14.00
N PRO P 197 20.72 -65.62 -15.13
CA PRO P 197 20.03 -65.94 -16.39
C PRO P 197 20.15 -67.42 -16.72
N GLU P 198 19.08 -68.01 -17.24
CA GLU P 198 19.08 -69.46 -17.46
C GLU P 198 20.11 -69.86 -18.49
N ASP P 199 20.91 -70.83 -18.10
CA ASP P 199 22.29 -70.93 -18.51
C ASP P 199 22.62 -72.37 -18.94
N THR P 200 23.90 -72.66 -19.11
CA THR P 200 24.38 -74.00 -19.36
C THR P 200 25.51 -74.38 -18.41
N PHE P 201 25.49 -75.61 -17.93
CA PHE P 201 26.57 -76.12 -17.10
C PHE P 201 26.95 -77.52 -17.57
N PHE P 202 28.20 -77.90 -17.37
CA PHE P 202 28.66 -79.22 -17.81
C PHE P 202 29.64 -79.82 -16.81
N ALA Q 3 58.78 -33.71 -16.29
CA ALA Q 3 58.28 -32.45 -15.75
C ALA Q 3 56.89 -32.60 -15.15
N GLN Q 4 56.79 -33.43 -14.11
CA GLN Q 4 55.60 -33.44 -13.26
C GLN Q 4 56.03 -33.79 -11.83
N VAL Q 5 55.10 -33.70 -10.89
CA VAL Q 5 55.41 -33.77 -9.47
C VAL Q 5 55.40 -35.19 -8.87
N THR Q 6 56.52 -35.57 -8.27
CA THR Q 6 56.66 -36.89 -7.65
C THR Q 6 56.51 -36.81 -6.13
N GLN Q 7 55.98 -37.87 -5.53
CA GLN Q 7 55.73 -37.89 -4.09
C GLN Q 7 56.16 -39.22 -3.45
N ASN Q 8 57.23 -39.19 -2.67
CA ASN Q 8 57.69 -40.39 -1.96
C ASN Q 8 57.75 -40.16 -0.45
N PRO Q 9 57.76 -41.23 0.36
CA PRO Q 9 57.70 -42.67 0.07
C PRO Q 9 56.43 -43.09 -0.63
N ARG Q 10 56.55 -43.76 -1.76
CA ARG Q 10 55.39 -44.17 -2.55
C ARG Q 10 54.46 -45.05 -1.73
N TYR Q 11 54.96 -46.20 -1.28
CA TYR Q 11 54.17 -47.05 -0.40
C TYR Q 11 54.88 -47.19 0.95
N LEU Q 12 54.17 -46.87 2.03
CA LEU Q 12 54.78 -46.85 3.36
C LEU Q 12 53.88 -47.45 4.45
N ILE Q 13 54.51 -48.15 5.39
CA ILE Q 13 53.85 -48.72 6.57
C ILE Q 13 54.47 -48.07 7.82
N THR Q 14 53.79 -48.10 8.96
CA THR Q 14 54.31 -47.42 10.16
C THR Q 14 53.60 -47.82 11.47
N VAL Q 15 54.39 -48.03 12.53
CA VAL Q 15 53.83 -48.29 13.85
C VAL Q 15 53.58 -46.98 14.61
N THR Q 16 52.72 -47.02 15.62
CA THR Q 16 52.43 -45.84 16.44
C THR Q 16 53.69 -45.22 17.06
N GLY Q 17 53.64 -43.91 17.29
CA GLY Q 17 54.69 -43.23 18.04
C GLY Q 17 55.90 -42.82 17.22
N LYS Q 18 56.33 -43.67 16.29
CA LYS Q 18 57.53 -43.34 15.51
C LYS Q 18 57.18 -42.38 14.39
N GLU Q 19 57.73 -41.18 14.53
CA GLU Q 19 57.55 -40.05 13.64
C GLU Q 19 57.86 -40.37 12.17
N LEU Q 20 57.22 -39.63 11.27
CA LEU Q 20 57.41 -39.80 9.83
C LEU Q 20 57.81 -38.51 9.12
N THR Q 21 58.22 -38.64 7.86
CA THR Q 21 58.60 -37.50 7.03
C THR Q 21 58.37 -37.85 5.55
N VAL Q 22 57.17 -37.59 5.03
CA VAL Q 22 56.88 -37.88 3.63
C VAL Q 22 57.05 -36.64 2.76
N THR Q 23 57.86 -36.75 1.71
CA THR Q 23 58.26 -35.57 0.95
C THR Q 23 57.79 -35.53 -0.51
N CYS Q 24 58.00 -34.38 -1.12
CA CYS Q 24 57.51 -34.08 -2.45
C CYS Q 24 58.36 -33.04 -3.17
N SER Q 25 58.59 -33.27 -4.47
CA SER Q 25 59.44 -32.40 -5.26
C SER Q 25 58.73 -31.89 -6.52
N GLN Q 26 58.84 -30.59 -6.77
CA GLN Q 26 58.32 -29.96 -7.97
C GLN Q 26 59.46 -29.38 -8.82
N ASN Q 27 59.42 -29.55 -10.13
CA ASN Q 27 60.43 -28.91 -10.97
C ASN Q 27 59.82 -27.80 -11.83
N MET Q 28 58.50 -27.62 -11.72
CA MET Q 28 57.91 -26.37 -12.14
C MET Q 28 58.42 -25.30 -11.17
N ASN Q 29 58.51 -24.06 -11.61
CA ASN Q 29 58.91 -22.99 -10.69
C ASN Q 29 57.70 -22.48 -9.92
N HIS Q 30 56.75 -23.38 -9.68
CA HIS Q 30 55.47 -23.05 -9.04
C HIS Q 30 55.61 -22.76 -7.55
N GLU Q 31 54.88 -21.76 -7.07
CA GLU Q 31 55.03 -21.32 -5.69
C GLU Q 31 54.08 -21.96 -4.69
N TYR Q 32 52.91 -22.40 -5.16
CA TYR Q 32 51.85 -22.89 -4.27
C TYR Q 32 51.78 -24.41 -4.22
N MET Q 33 52.07 -24.96 -3.05
CA MET Q 33 51.99 -26.39 -2.84
C MET Q 33 51.02 -26.70 -1.71
N SER Q 34 50.42 -27.89 -1.75
CA SER Q 34 49.48 -28.29 -0.71
C SER Q 34 49.36 -29.80 -0.57
N TRP Q 35 48.71 -30.21 0.50
CA TRP Q 35 48.46 -31.63 0.78
C TRP Q 35 46.98 -31.94 0.94
N TYR Q 36 46.56 -33.01 0.30
CA TYR Q 36 45.21 -33.50 0.48
C TYR Q 36 45.26 -34.87 1.13
N ARG Q 37 44.13 -35.56 1.08
CA ARG Q 37 44.00 -36.87 1.67
C ARG Q 37 42.68 -37.46 1.24
N GLN Q 38 42.73 -38.56 0.50
CA GLN Q 38 41.51 -39.16 0.02
C GLN Q 38 41.14 -40.36 0.86
N ASP Q 39 39.92 -40.34 1.39
CA ASP Q 39 39.43 -41.46 2.18
C ASP Q 39 38.25 -42.07 1.45
N PRO Q 40 37.91 -43.33 1.78
CA PRO Q 40 36.74 -43.95 1.16
C PRO Q 40 35.43 -43.20 1.48
N GLY Q 41 34.63 -42.94 0.45
CA GLY Q 41 33.33 -42.33 0.63
C GLY Q 41 33.34 -40.81 0.63
N LEU Q 42 33.99 -40.23 1.63
CA LEU Q 42 33.89 -38.79 1.89
C LEU Q 42 34.87 -37.91 1.09
N GLY Q 43 35.52 -38.49 0.09
CA GLY Q 43 36.38 -37.74 -0.82
C GLY Q 43 37.60 -37.09 -0.21
N LEU Q 44 38.45 -36.54 -1.09
CA LEU Q 44 39.70 -35.91 -0.66
C LEU Q 44 39.45 -34.59 0.07
N ARG Q 45 40.10 -34.42 1.20
CA ARG Q 45 40.01 -33.19 1.98
C ARG Q 45 41.42 -32.65 2.24
N GLN Q 46 41.53 -31.34 2.38
CA GLN Q 46 42.85 -30.70 2.43
C GLN Q 46 43.43 -30.55 3.82
N ILE Q 47 44.49 -31.30 4.09
CA ILE Q 47 45.19 -31.19 5.36
C ILE Q 47 45.86 -29.85 5.48
N TYR Q 48 46.81 -29.59 4.59
CA TYR Q 48 47.61 -28.37 4.66
C TYR Q 48 47.92 -27.74 3.31
N TYR Q 49 48.25 -26.46 3.34
CA TYR Q 49 48.69 -25.74 2.14
C TYR Q 49 49.67 -24.63 2.51
N SER Q 50 50.54 -24.28 1.58
CA SER Q 50 51.55 -23.27 1.85
C SER Q 50 51.72 -22.28 0.70
N MET Q 51 51.93 -21.02 1.04
CA MET Q 51 52.08 -19.97 0.06
C MET Q 51 53.51 -19.47 0.01
N ASN Q 52 54.04 -19.31 -1.21
CA ASN Q 52 55.37 -18.79 -1.43
C ASN Q 52 56.37 -19.46 -0.49
N VAL Q 53 57.24 -18.68 0.13
CA VAL Q 53 58.14 -19.23 1.14
C VAL Q 53 57.67 -18.85 2.54
N GLU Q 54 57.53 -19.87 3.39
CA GLU Q 54 57.22 -19.70 4.81
C GLU Q 54 55.83 -19.12 5.10
N VAL Q 55 54.80 -19.60 4.42
CA VAL Q 55 53.43 -19.20 4.73
C VAL Q 55 52.49 -20.41 4.83
N THR Q 56 52.38 -20.97 6.03
CA THR Q 56 51.61 -22.18 6.28
C THR Q 56 50.27 -21.86 6.97
N ASP Q 57 49.15 -22.17 6.31
CA ASP Q 57 47.87 -21.55 6.68
C ASP Q 57 46.59 -22.40 6.65
N LYS Q 58 46.69 -23.72 6.77
CA LYS Q 58 45.49 -24.56 6.53
C LYS Q 58 44.79 -25.12 7.76
N GLY Q 59 43.53 -25.49 7.60
CA GLY Q 59 42.78 -26.00 8.72
C GLY Q 59 41.51 -26.81 8.46
N ASP Q 60 41.39 -27.45 7.30
CA ASP Q 60 40.17 -28.20 7.06
C ASP Q 60 40.10 -29.45 7.93
N VAL Q 61 41.12 -30.30 7.91
CA VAL Q 61 41.28 -31.27 9.00
C VAL Q 61 42.76 -31.37 9.36
N PRO Q 62 43.27 -30.36 10.09
CA PRO Q 62 44.71 -30.14 10.28
C PRO Q 62 45.36 -30.98 11.37
N GLU Q 63 44.68 -31.20 12.50
CA GLU Q 63 45.35 -31.73 13.69
C GLU Q 63 45.90 -33.13 13.49
N GLY Q 64 47.16 -33.30 13.86
CA GLY Q 64 47.86 -34.58 13.76
C GLY Q 64 48.96 -34.46 12.73
N TYR Q 65 49.17 -33.23 12.27
CA TYR Q 65 50.07 -32.95 11.16
C TYR Q 65 50.85 -31.67 11.43
N LYS Q 66 51.89 -31.44 10.64
CA LYS Q 66 52.61 -30.19 10.63
C LYS Q 66 53.55 -30.21 9.43
N VAL Q 67 53.90 -29.04 8.90
CA VAL Q 67 54.80 -28.98 7.75
C VAL Q 67 55.83 -27.85 7.84
N SER Q 68 56.61 -27.72 6.77
CA SER Q 68 57.70 -26.75 6.72
C SER Q 68 58.09 -26.44 5.27
N ARG Q 69 58.32 -25.16 4.99
CA ARG Q 69 58.65 -24.73 3.65
C ARG Q 69 59.69 -23.61 3.67
N LYS Q 70 60.95 -24.00 3.47
CA LYS Q 70 62.07 -23.07 3.48
C LYS Q 70 62.64 -22.93 2.07
N GLU Q 71 62.85 -24.06 1.39
CA GLU Q 71 63.19 -24.05 -0.03
C GLU Q 71 61.89 -23.91 -0.80
N LYS Q 72 61.95 -23.98 -2.13
CA LYS Q 72 60.73 -23.83 -2.92
C LYS Q 72 60.44 -25.07 -3.77
N ARG Q 73 61.46 -25.89 -3.98
CA ARG Q 73 61.28 -27.16 -4.66
C ARG Q 73 60.75 -28.19 -3.68
N ASN Q 74 60.88 -27.87 -2.39
CA ASN Q 74 60.54 -28.81 -1.33
C ASN Q 74 59.19 -28.54 -0.66
N PHE Q 75 58.57 -29.59 -0.15
CA PHE Q 75 57.45 -29.46 0.79
C PHE Q 75 57.22 -30.74 1.58
N PRO Q 76 58.08 -30.99 2.59
CA PRO Q 76 57.95 -32.19 3.42
C PRO Q 76 56.76 -32.10 4.37
N LEU Q 77 56.07 -33.22 4.56
CA LEU Q 77 55.00 -33.32 5.55
C LEU Q 77 55.43 -34.28 6.66
N ILE Q 78 55.40 -33.80 7.90
CA ILE Q 78 55.88 -34.59 9.03
C ILE Q 78 54.77 -34.90 10.03
N LEU Q 79 54.73 -36.15 10.48
CA LEU Q 79 53.71 -36.58 11.43
C LEU Q 79 54.33 -36.89 12.78
N GLU Q 80 54.34 -35.90 13.66
CA GLU Q 80 54.83 -36.11 15.02
C GLU Q 80 54.01 -37.21 15.69
N SER Q 81 52.71 -37.18 15.44
CA SER Q 81 51.78 -38.14 16.03
C SER Q 81 51.24 -39.12 14.99
N PRO Q 82 51.79 -40.34 14.97
CA PRO Q 82 51.30 -41.42 14.10
C PRO Q 82 50.04 -42.07 14.62
N SER Q 83 48.94 -41.72 13.98
CA SER Q 83 47.60 -42.12 14.39
C SER Q 83 46.87 -43.13 13.49
N PRO Q 84 46.02 -43.99 14.09
CA PRO Q 84 45.22 -44.81 13.17
C PRO Q 84 44.19 -43.98 12.39
N ASN Q 85 43.83 -42.82 12.91
CA ASN Q 85 43.01 -41.84 12.18
C ASN Q 85 43.67 -41.41 10.87
N GLN Q 86 45.00 -41.43 10.83
CA GLN Q 86 45.73 -40.91 9.68
C GLN Q 86 45.93 -41.92 8.54
N THR Q 87 45.43 -43.15 8.72
CA THR Q 87 45.53 -44.16 7.66
C THR Q 87 44.68 -43.80 6.45
N SER Q 88 45.33 -43.50 5.33
CA SER Q 88 44.60 -43.11 4.12
C SER Q 88 45.46 -43.13 2.86
N LEU Q 89 45.18 -42.21 1.95
CA LEU Q 89 45.89 -42.09 0.69
C LEU Q 89 46.10 -40.62 0.39
N TYR Q 90 47.34 -40.22 0.15
CA TYR Q 90 47.68 -38.81 0.07
C TYR Q 90 48.05 -38.37 -1.34
N PHE Q 91 48.35 -37.08 -1.50
CA PHE Q 91 48.63 -36.50 -2.81
C PHE Q 91 49.42 -35.20 -2.69
N CYS Q 92 50.51 -35.07 -3.44
CA CYS Q 92 51.21 -33.80 -3.50
C CYS Q 92 50.80 -33.03 -4.77
N ALA Q 93 50.10 -31.91 -4.58
CA ALA Q 93 49.64 -31.11 -5.72
C ALA Q 93 50.17 -29.67 -5.68
N SER Q 94 50.38 -29.08 -6.85
CA SER Q 94 51.10 -27.80 -6.96
C SER Q 94 50.42 -26.76 -7.86
N SER Q 95 50.74 -25.48 -7.61
CA SER Q 95 50.16 -24.36 -8.34
C SER Q 95 51.16 -23.22 -8.60
N LEU Q 96 51.05 -22.57 -9.76
CA LEU Q 96 51.86 -21.39 -10.08
C LEU Q 96 51.57 -20.27 -9.08
N ILE Q 97 50.29 -19.91 -8.99
CA ILE Q 97 49.76 -18.89 -8.08
C ILE Q 97 48.32 -19.25 -7.67
N TYR Q 98 47.94 -18.98 -6.44
CA TYR Q 98 46.52 -18.99 -6.10
C TYR Q 98 45.85 -17.81 -6.80
N PRO Q 99 44.83 -18.05 -7.64
CA PRO Q 99 44.20 -19.31 -8.05
C PRO Q 99 44.68 -19.81 -9.40
N GLY Q 100 44.38 -21.06 -9.74
CA GLY Q 100 44.75 -21.59 -11.04
C GLY Q 100 44.93 -23.10 -11.07
N GLU Q 101 45.23 -23.62 -12.26
CA GLU Q 101 45.39 -25.05 -12.50
C GLU Q 101 46.30 -25.75 -11.49
N LEU Q 102 46.02 -27.03 -11.27
CA LEU Q 102 46.87 -27.88 -10.44
C LEU Q 102 47.32 -29.14 -11.16
N PHE Q 103 48.51 -29.60 -10.82
CA PHE Q 103 49.03 -30.85 -11.33
C PHE Q 103 49.37 -31.74 -10.13
N PHE Q 104 48.68 -32.88 -10.03
CA PHE Q 104 48.77 -33.73 -8.85
C PHE Q 104 49.90 -34.75 -8.93
N GLY Q 105 50.23 -35.32 -7.79
CA GLY Q 105 51.24 -36.36 -7.71
C GLY Q 105 50.68 -37.69 -8.13
N GLU Q 106 51.51 -38.72 -8.08
CA GLU Q 106 51.08 -40.08 -8.40
C GLU Q 106 50.34 -40.66 -7.20
N GLY Q 107 50.40 -39.96 -6.08
CA GLY Q 107 49.67 -40.36 -4.90
C GLY Q 107 50.29 -41.50 -4.13
N SER Q 108 50.98 -41.16 -3.05
CA SER Q 108 51.71 -42.13 -2.23
C SER Q 108 50.87 -42.64 -1.07
N ARG Q 109 50.68 -43.95 -1.01
CA ARG Q 109 49.77 -44.59 -0.05
C ARG Q 109 50.40 -44.85 1.32
N LEU Q 110 49.63 -44.61 2.38
CA LEU Q 110 50.11 -44.76 3.75
C LEU Q 110 49.14 -45.50 4.66
N THR Q 111 49.68 -46.44 5.44
CA THR Q 111 48.91 -47.11 6.48
C THR Q 111 49.76 -47.21 7.74
N VAL Q 112 49.14 -46.89 8.86
CA VAL Q 112 49.77 -46.96 10.17
C VAL Q 112 49.10 -48.01 11.04
N LEU Q 113 49.89 -48.95 11.55
CA LEU Q 113 49.34 -50.03 12.35
C LEU Q 113 49.93 -50.03 13.76
N GLU Q 114 49.09 -50.29 14.74
CA GLU Q 114 49.47 -50.44 16.14
C GLU Q 114 50.30 -51.66 16.53
N ASP Q 115 49.92 -52.82 16.02
CA ASP Q 115 50.61 -54.04 16.36
C ASP Q 115 51.24 -54.69 15.16
N LEU Q 116 52.46 -55.15 15.37
CA LEU Q 116 53.31 -55.59 14.30
C LEU Q 116 52.83 -56.82 13.50
N LYS Q 117 52.32 -57.84 14.16
CA LYS Q 117 52.16 -59.12 13.50
C LYS Q 117 51.19 -59.23 12.35
N ASN Q 118 50.35 -58.22 12.17
CA ASN Q 118 49.22 -58.31 11.24
C ASN Q 118 49.67 -58.55 9.79
N VAL Q 119 50.57 -57.70 9.30
CA VAL Q 119 50.87 -57.71 7.90
C VAL Q 119 51.38 -59.04 7.54
N PHE Q 120 50.91 -59.55 6.42
CA PHE Q 120 51.66 -60.60 5.80
C PHE Q 120 51.39 -60.75 4.33
N PRO Q 121 52.33 -61.41 3.71
CA PRO Q 121 52.58 -61.35 2.25
C PRO Q 121 51.62 -62.18 1.40
N PRO Q 122 51.26 -61.68 0.20
CA PRO Q 122 50.34 -62.34 -0.73
C PRO Q 122 50.90 -63.61 -1.38
N GLU Q 123 50.36 -64.77 -1.00
CA GLU Q 123 50.70 -66.00 -1.70
C GLU Q 123 49.85 -66.08 -2.95
N VAL Q 124 50.43 -66.61 -4.03
CA VAL Q 124 49.85 -66.47 -5.36
C VAL Q 124 49.68 -67.82 -6.05
N ALA Q 125 48.59 -67.96 -6.80
CA ALA Q 125 48.34 -69.19 -7.55
C ALA Q 125 47.54 -68.92 -8.82
N VAL Q 126 47.92 -69.57 -9.91
CA VAL Q 126 47.19 -69.45 -11.17
C VAL Q 126 46.50 -70.76 -11.54
N PHE Q 127 45.22 -70.67 -11.93
CA PHE Q 127 44.44 -71.84 -12.34
C PHE Q 127 44.25 -71.86 -13.84
N GLU Q 128 44.69 -72.94 -14.49
CA GLU Q 128 44.68 -73.02 -15.95
C GLU Q 128 43.30 -73.33 -16.53
N PRO Q 129 42.96 -72.71 -17.68
CA PRO Q 129 41.68 -72.55 -18.40
C PRO Q 129 40.87 -73.82 -18.72
N SER Q 130 39.59 -73.59 -19.07
CA SER Q 130 38.59 -74.64 -19.27
C SER Q 130 38.57 -75.23 -20.68
N GLU Q 131 38.62 -76.56 -20.74
CA GLU Q 131 38.54 -77.26 -22.02
C GLU Q 131 37.11 -77.30 -22.50
N ALA Q 132 36.20 -76.77 -21.69
CA ALA Q 132 34.80 -76.69 -22.07
C ALA Q 132 34.56 -75.41 -22.85
N GLU Q 133 35.28 -74.36 -22.47
CA GLU Q 133 35.05 -73.06 -23.05
C GLU Q 133 35.75 -72.91 -24.41
N ILE Q 134 36.71 -73.76 -24.70
CA ILE Q 134 37.30 -73.75 -26.04
C ILE Q 134 36.32 -74.40 -27.00
N SER Q 135 35.32 -75.07 -26.45
CA SER Q 135 34.29 -75.72 -27.25
C SER Q 135 33.06 -74.82 -27.37
N HIS Q 136 32.56 -74.35 -26.23
CA HIS Q 136 31.33 -73.57 -26.21
C HIS Q 136 31.58 -72.07 -26.35
N THR Q 137 32.85 -71.71 -26.12
CA THR Q 137 33.98 -71.58 -27.02
C THR Q 137 34.26 -70.09 -27.15
N GLN Q 138 34.99 -69.64 -28.16
CA GLN Q 138 36.02 -70.35 -28.86
C GLN Q 138 37.35 -70.00 -28.20
N LYS Q 139 37.31 -69.25 -27.11
CA LYS Q 139 38.49 -68.67 -26.54
C LYS Q 139 38.66 -69.02 -25.08
N ALA Q 140 39.88 -68.81 -24.62
CA ALA Q 140 40.39 -69.28 -23.35
C ALA Q 140 40.45 -68.17 -22.32
N THR Q 141 40.39 -68.53 -21.04
CA THR Q 141 40.35 -67.57 -19.96
C THR Q 141 41.24 -68.03 -18.80
N LEU Q 142 42.08 -67.14 -18.27
CA LEU Q 142 42.95 -67.52 -17.16
C LEU Q 142 42.57 -66.80 -15.86
N VAL Q 143 42.88 -67.42 -14.72
CA VAL Q 143 42.54 -66.85 -13.43
C VAL Q 143 43.73 -66.78 -12.47
N CYS Q 144 44.03 -65.58 -12.01
CA CYS Q 144 45.08 -65.36 -11.03
C CYS Q 144 44.40 -64.85 -9.78
N LEU Q 145 44.98 -65.10 -8.61
CA LEU Q 145 44.42 -64.56 -7.38
C LEU Q 145 45.42 -64.53 -6.23
N ALA Q 146 45.44 -63.42 -5.51
CA ALA Q 146 46.26 -63.33 -4.32
C ALA Q 146 45.37 -63.50 -3.13
N THR Q 147 45.72 -64.45 -2.27
CA THR Q 147 44.99 -64.66 -1.03
C THR Q 147 45.92 -64.43 0.16
N GLY Q 148 45.43 -63.74 1.17
CA GLY Q 148 46.21 -63.48 2.36
C GLY Q 148 47.28 -62.42 2.15
N PHE Q 149 46.88 -61.16 2.15
CA PHE Q 149 47.84 -60.06 2.12
C PHE Q 149 47.30 -58.82 2.82
N TYR Q 150 48.10 -58.25 3.69
CA TYR Q 150 47.70 -57.04 4.38
C TYR Q 150 48.77 -55.97 4.36
N PRO Q 151 48.43 -54.62 4.09
CA PRO Q 151 47.09 -54.39 3.55
C PRO Q 151 47.13 -53.72 2.18
N ASP Q 152 46.51 -54.35 1.20
CA ASP Q 152 46.05 -53.69 0.00
C ASP Q 152 47.23 -53.02 -0.61
N HIS Q 153 48.40 -53.53 -0.32
CA HIS Q 153 49.59 -52.97 -0.93
C HIS Q 153 49.98 -53.78 -2.14
N VAL Q 154 49.13 -53.75 -3.17
CA VAL Q 154 49.37 -54.56 -4.34
C VAL Q 154 48.99 -53.90 -5.65
N GLU Q 155 49.80 -54.17 -6.67
CA GLU Q 155 49.40 -54.01 -8.05
C GLU Q 155 49.98 -55.23 -8.78
N LEU Q 156 49.15 -55.94 -9.53
CA LEU Q 156 49.68 -57.11 -10.23
C LEU Q 156 49.37 -57.04 -11.70
N SER Q 157 50.31 -57.50 -12.51
CA SER Q 157 50.15 -57.46 -13.95
C SER Q 157 50.17 -58.84 -14.56
N TRP Q 158 49.90 -58.87 -15.86
CA TRP Q 158 49.99 -60.11 -16.61
C TRP Q 158 51.26 -60.07 -17.44
N TRP Q 159 51.94 -61.21 -17.51
CA TRP Q 159 53.16 -61.31 -18.30
C TRP Q 159 53.00 -62.48 -19.27
N VAL Q 160 52.86 -62.15 -20.55
CA VAL Q 160 52.50 -63.11 -21.59
C VAL Q 160 53.57 -63.23 -22.66
N ASN Q 161 54.22 -64.39 -22.72
CA ASN Q 161 55.35 -64.63 -23.63
C ASN Q 161 56.42 -63.57 -23.40
N GLY Q 162 56.69 -63.31 -22.12
CA GLY Q 162 57.66 -62.30 -21.72
C GLY Q 162 57.17 -60.88 -21.96
N LYS Q 163 55.92 -60.74 -22.37
CA LYS Q 163 55.34 -59.43 -22.67
C LYS Q 163 54.15 -59.13 -21.77
N GLU Q 164 54.14 -57.93 -21.19
CA GLU Q 164 53.10 -57.56 -20.25
C GLU Q 164 51.90 -56.99 -20.98
N VAL Q 165 50.82 -57.78 -21.04
CA VAL Q 165 49.62 -57.39 -21.78
C VAL Q 165 48.54 -56.84 -20.85
N HIS Q 166 47.85 -55.80 -21.32
CA HIS Q 166 46.77 -55.20 -20.57
C HIS Q 166 45.52 -55.16 -21.46
N SER Q 167 45.47 -56.10 -22.40
CA SER Q 167 44.33 -56.24 -23.31
C SER Q 167 43.71 -57.63 -23.17
N GLY Q 168 42.41 -57.67 -22.92
CA GLY Q 168 41.74 -58.90 -22.55
C GLY Q 168 41.91 -59.12 -21.07
N VAL Q 169 42.51 -58.14 -20.41
CA VAL Q 169 42.78 -58.19 -18.98
C VAL Q 169 41.91 -57.22 -18.19
N CYS Q 170 41.17 -57.75 -17.23
CA CYS Q 170 40.58 -56.89 -16.21
C CYS Q 170 40.65 -57.58 -14.86
N THR Q 171 40.76 -56.76 -13.82
CA THR Q 171 40.87 -57.23 -12.45
C THR Q 171 39.82 -56.52 -11.59
N ASP Q 172 39.91 -56.64 -10.27
CA ASP Q 172 38.99 -55.94 -9.37
C ASP Q 172 39.24 -54.44 -9.29
N PRO Q 173 38.16 -53.65 -9.24
CA PRO Q 173 38.28 -52.23 -8.96
C PRO Q 173 38.59 -52.04 -7.49
N GLN Q 174 38.53 -53.13 -6.71
CA GLN Q 174 38.75 -52.96 -5.28
C GLN Q 174 39.10 -54.30 -4.57
N PRO Q 175 39.91 -54.22 -3.50
CA PRO Q 175 40.27 -55.45 -2.81
C PRO Q 175 39.09 -56.15 -2.16
N LEU Q 176 39.13 -57.46 -2.15
CA LEU Q 176 38.11 -58.24 -1.46
C LEU Q 176 38.53 -58.45 -0.02
N LYS Q 177 37.55 -58.49 0.88
CA LYS Q 177 37.84 -58.73 2.29
C LYS Q 177 37.93 -60.23 2.54
N GLU Q 178 38.40 -60.60 3.72
CA GLU Q 178 38.48 -62.00 4.10
C GLU Q 178 37.31 -62.36 5.01
N GLN Q 179 37.12 -61.59 6.07
CA GLN Q 179 36.05 -61.85 7.03
C GLN Q 179 35.26 -60.57 7.29
N PRO Q 180 33.95 -60.69 7.57
CA PRO Q 180 33.09 -59.51 7.60
C PRO Q 180 33.29 -58.57 8.78
N ALA Q 181 33.22 -59.10 10.00
CA ALA Q 181 33.27 -58.29 11.21
C ALA Q 181 34.58 -57.53 11.36
N LEU Q 182 35.65 -58.10 10.80
CA LEU Q 182 36.99 -57.60 11.07
C LEU Q 182 37.37 -56.36 10.23
N ASN Q 183 38.09 -55.45 10.86
CA ASN Q 183 38.66 -54.28 10.20
C ASN Q 183 40.06 -54.65 9.75
N ASP Q 184 40.79 -55.34 10.63
CA ASP Q 184 42.17 -55.74 10.38
C ASP Q 184 42.26 -57.24 10.18
N SER Q 185 42.06 -57.67 8.94
CA SER Q 185 42.16 -59.08 8.60
C SER Q 185 42.68 -59.31 7.19
N ARG Q 186 42.76 -60.59 6.84
CA ARG Q 186 43.18 -61.12 5.53
C ARG Q 186 42.38 -60.51 4.36
N TYR Q 187 43.03 -60.10 3.28
CA TYR Q 187 42.28 -59.67 2.06
C TYR Q 187 42.37 -60.72 0.95
N ALA Q 188 41.84 -60.42 -0.23
CA ALA Q 188 42.04 -61.26 -1.43
C ALA Q 188 41.77 -60.46 -2.69
N LEU Q 189 42.13 -61.02 -3.85
CA LEU Q 189 42.00 -60.23 -5.08
C LEU Q 189 41.73 -61.07 -6.35
N SER Q 190 41.01 -60.45 -7.29
CA SER Q 190 40.64 -61.04 -8.58
C SER Q 190 41.33 -60.44 -9.79
N SER Q 191 41.41 -61.21 -10.88
CA SER Q 191 41.96 -60.73 -12.15
C SER Q 191 41.62 -61.70 -13.27
N ARG Q 192 41.40 -61.17 -14.48
CA ARG Q 192 40.98 -61.99 -15.61
C ARG Q 192 41.81 -61.71 -16.85
N LEU Q 193 42.08 -62.76 -17.61
CA LEU Q 193 42.81 -62.66 -18.88
C LEU Q 193 42.23 -63.64 -19.89
N ARG Q 194 41.79 -63.16 -21.06
CA ARG Q 194 41.30 -64.09 -22.06
C ARG Q 194 41.87 -63.81 -23.43
N VAL Q 195 42.18 -64.91 -24.11
CA VAL Q 195 42.96 -64.89 -25.35
C VAL Q 195 42.40 -65.94 -26.30
N SER Q 196 42.54 -65.72 -27.61
CA SER Q 196 41.99 -66.63 -28.60
C SER Q 196 42.48 -68.05 -28.35
N ALA Q 197 41.57 -69.02 -28.46
CA ALA Q 197 41.88 -70.40 -28.08
C ALA Q 197 43.02 -70.94 -28.91
N THR Q 198 43.01 -70.65 -30.21
CA THR Q 198 44.05 -71.13 -31.11
C THR Q 198 45.44 -70.63 -30.69
N PHE Q 199 45.47 -69.64 -29.80
CA PHE Q 199 46.72 -69.16 -29.25
C PHE Q 199 47.05 -69.79 -27.90
N TRP Q 200 46.02 -70.18 -27.16
CA TRP Q 200 46.22 -70.73 -25.82
C TRP Q 200 46.72 -72.16 -25.83
N GLN Q 201 46.22 -72.98 -26.74
CA GLN Q 201 46.60 -74.39 -26.75
C GLN Q 201 48.09 -74.57 -27.09
N ASN Q 202 48.73 -73.53 -27.60
CA ASN Q 202 50.15 -73.58 -27.95
C ASN Q 202 51.03 -73.68 -26.71
N PRO Q 203 51.73 -74.83 -26.56
CA PRO Q 203 52.53 -75.11 -25.36
C PRO Q 203 53.77 -74.24 -25.26
N ARG Q 204 54.22 -73.68 -26.38
CA ARG Q 204 55.43 -72.89 -26.40
C ARG Q 204 55.21 -71.46 -25.87
N ASN Q 205 53.96 -71.10 -25.62
CA ASN Q 205 53.64 -69.80 -25.04
C ASN Q 205 53.80 -69.82 -23.52
N HIS Q 206 53.86 -68.64 -22.91
CA HIS Q 206 54.17 -68.52 -21.50
C HIS Q 206 53.31 -67.47 -20.79
N PHE Q 207 52.52 -67.90 -19.81
CA PHE Q 207 51.60 -67.00 -19.12
C PHE Q 207 51.98 -66.79 -17.65
N ARG Q 208 51.98 -65.54 -17.21
CA ARG Q 208 52.43 -65.18 -15.86
C ARG Q 208 51.60 -64.07 -15.24
N CYS Q 209 51.23 -64.22 -13.96
CA CYS Q 209 50.74 -63.08 -13.22
C CYS Q 209 51.74 -62.76 -12.12
N GLN Q 210 51.88 -61.48 -11.81
CA GLN Q 210 52.92 -61.03 -10.91
C GLN Q 210 52.44 -60.01 -9.90
N VAL Q 211 52.50 -60.38 -8.63
CA VAL Q 211 52.11 -59.50 -7.54
C VAL Q 211 53.25 -58.61 -7.03
N GLN Q 212 53.06 -57.30 -7.13
CA GLN Q 212 53.96 -56.37 -6.46
C GLN Q 212 53.47 -56.17 -5.03
N PHE Q 213 54.23 -56.67 -4.06
CA PHE Q 213 53.86 -56.52 -2.65
C PHE Q 213 54.80 -55.56 -1.93
N TYR Q 214 54.23 -54.59 -1.24
CA TYR Q 214 55.00 -53.50 -0.62
C TYR Q 214 55.03 -53.60 0.91
N GLY Q 215 56.21 -53.83 1.47
CA GLY Q 215 56.40 -53.94 2.92
C GLY Q 215 57.32 -52.86 3.48
N LEU Q 216 58.30 -53.27 4.27
CA LEU Q 216 59.34 -52.36 4.79
C LEU Q 216 60.75 -52.97 4.67
N SER Q 217 61.58 -52.40 3.81
CA SER Q 217 62.81 -53.06 3.38
C SER Q 217 63.93 -53.15 4.44
N GLU Q 218 64.16 -54.35 4.99
CA GLU Q 218 65.40 -54.71 5.72
C GLU Q 218 65.60 -53.97 7.05
N ASN Q 219 65.03 -52.77 7.09
CA ASN Q 219 65.46 -51.61 7.88
C ASN Q 219 64.71 -51.43 9.18
N ASP Q 220 63.81 -52.38 9.43
CA ASP Q 220 62.85 -52.26 10.51
C ASP Q 220 62.70 -53.47 11.43
N GLU Q 221 61.83 -53.35 12.42
CA GLU Q 221 61.57 -54.40 13.41
C GLU Q 221 60.56 -55.52 13.06
N TRP Q 222 60.93 -56.80 13.24
CA TRP Q 222 59.97 -57.92 13.29
C TRP Q 222 60.47 -59.02 14.28
N THR Q 223 59.55 -59.72 14.96
CA THR Q 223 59.93 -60.61 16.05
C THR Q 223 60.07 -62.12 15.76
N GLN Q 224 59.01 -62.75 15.25
CA GLN Q 224 59.01 -64.20 15.04
C GLN Q 224 59.50 -64.60 13.64
N LYS Q 228 59.74 -63.40 7.24
CA LYS Q 228 60.14 -62.00 7.07
C LYS Q 228 59.39 -61.33 5.93
N PRO Q 229 58.15 -60.87 6.21
CA PRO Q 229 57.30 -60.24 5.19
C PRO Q 229 57.79 -58.86 4.74
N VAL Q 230 59.02 -58.81 4.22
CA VAL Q 230 59.55 -57.60 3.62
C VAL Q 230 58.98 -57.44 2.21
N THR Q 231 59.03 -56.23 1.65
CA THR Q 231 58.52 -56.01 0.29
C THR Q 231 59.15 -56.96 -0.71
N GLN Q 232 58.31 -57.76 -1.35
CA GLN Q 232 58.80 -58.75 -2.29
C GLN Q 232 57.91 -58.82 -3.50
N ILE Q 233 58.14 -59.83 -4.34
CA ILE Q 233 57.24 -60.14 -5.44
C ILE Q 233 57.03 -61.64 -5.50
N VAL Q 234 55.87 -62.11 -5.05
CA VAL Q 234 55.54 -63.52 -5.18
C VAL Q 234 54.59 -63.65 -6.37
N SER Q 235 54.72 -64.73 -7.13
CA SER Q 235 53.92 -64.90 -8.33
C SER Q 235 53.75 -66.36 -8.71
N ALA Q 236 53.05 -66.62 -9.80
CA ALA Q 236 52.82 -67.99 -10.26
C ALA Q 236 52.97 -68.12 -11.78
N GLU Q 237 53.45 -69.29 -12.21
CA GLU Q 237 53.71 -69.55 -13.62
C GLU Q 237 52.65 -70.44 -14.25
N ALA Q 238 52.49 -70.34 -15.56
CA ALA Q 238 51.50 -71.14 -16.28
C ALA Q 238 51.88 -71.38 -17.73
N TRP Q 239 52.13 -72.64 -18.08
CA TRP Q 239 52.53 -73.00 -19.44
C TRP Q 239 51.46 -73.87 -20.11
N GLY Q 240 51.02 -73.43 -21.29
CA GLY Q 240 49.87 -74.01 -21.98
C GLY Q 240 49.86 -75.51 -22.18
N ARG Q 241 48.67 -76.05 -22.40
CA ARG Q 241 48.48 -77.48 -22.64
C ARG Q 241 47.72 -77.68 -23.94
N ALA Q 242 47.95 -78.81 -24.61
CA ALA Q 242 47.37 -79.06 -25.94
C ALA Q 242 46.43 -80.27 -25.96
N ASP Q 243 46.13 -80.75 -27.17
CA ASP Q 243 45.25 -81.90 -27.37
C ASP Q 243 46.05 -83.19 -27.39
N GLY R 2 27.24 8.50 6.44
CA GLY R 2 27.93 9.23 5.38
C GLY R 2 28.77 8.28 4.56
N SER R 3 29.38 8.77 3.50
CA SER R 3 30.45 8.03 2.80
C SER R 3 31.57 7.48 3.68
N HIS R 4 31.80 6.16 3.74
CA HIS R 4 33.12 5.81 4.30
C HIS R 4 33.86 4.81 3.40
N SER R 5 34.90 4.20 3.99
CA SER R 5 35.92 3.42 3.26
C SER R 5 37.00 2.82 4.17
N MET R 6 37.52 1.65 3.78
CA MET R 6 38.68 1.03 4.45
C MET R 6 39.81 0.80 3.45
N ARG R 7 41.02 1.23 3.78
CA ARG R 7 42.16 1.15 2.86
C ARG R 7 43.45 0.69 3.54
N TYR R 8 44.27 -0.05 2.79
CA TYR R 8 45.56 -0.55 3.27
C TYR R 8 46.73 -0.18 2.33
N PHE R 9 47.83 0.27 2.92
CA PHE R 9 48.95 0.83 2.15
C PHE R 9 50.26 0.16 2.50
N PHE R 10 50.73 -0.65 1.58
CA PHE R 10 51.96 -1.41 1.77
C PHE R 10 53.10 -0.69 1.06
N THR R 11 54.24 -0.60 1.75
CA THR R 11 55.45 -0.06 1.14
C THR R 11 56.64 -0.94 1.46
N SER R 12 57.29 -1.43 0.41
CA SER R 12 58.48 -2.25 0.54
C SER R 12 59.63 -1.61 -0.23
N VAL R 13 60.76 -1.41 0.44
CA VAL R 13 61.88 -0.71 -0.17
C VAL R 13 63.18 -1.52 -0.12
N SER R 14 63.66 -1.89 -1.30
CA SER R 14 64.89 -2.66 -1.44
C SER R 14 66.09 -1.88 -0.92
N ARG R 15 66.97 -2.58 -0.23
CA ARG R 15 68.23 -1.99 0.22
C ARG R 15 69.35 -3.02 0.08
N PRO R 16 70.28 -2.78 -0.85
CA PRO R 16 71.47 -3.62 -1.01
C PRO R 16 72.35 -3.60 0.23
N GLY R 17 72.14 -4.57 1.12
CA GLY R 17 72.86 -4.66 2.37
C GLY R 17 72.10 -5.40 3.46
N GLU R 20 68.60 -7.01 3.73
CA GLU R 20 67.19 -7.18 3.43
C GLU R 20 66.47 -5.84 3.39
N PRO R 21 65.55 -5.69 2.43
CA PRO R 21 64.68 -4.51 2.28
C PRO R 21 63.83 -4.22 3.51
N ARG R 22 63.34 -2.98 3.63
CA ARG R 22 62.42 -2.61 4.70
C ARG R 22 60.97 -2.73 4.25
N PHE R 23 60.14 -3.35 5.09
CA PHE R 23 58.75 -3.58 4.75
C PHE R 23 57.82 -2.92 5.76
N ILE R 24 56.97 -2.02 5.29
CA ILE R 24 56.03 -1.32 6.18
C ILE R 24 54.61 -1.37 5.61
N ALA R 25 53.62 -1.52 6.48
CA ALA R 25 52.23 -1.69 6.04
C ALA R 25 51.24 -1.05 6.98
N VAL R 26 50.44 -0.14 6.45
CA VAL R 26 49.74 0.84 7.28
C VAL R 26 48.24 0.73 6.99
N GLY R 27 47.41 0.93 8.01
CA GLY R 27 45.99 0.67 7.83
C GLY R 27 45.08 1.82 8.18
N TYR R 28 44.25 2.24 7.23
CA TYR R 28 43.27 3.28 7.54
C TYR R 28 41.83 2.80 7.56
N VAL R 29 41.04 3.50 8.37
CA VAL R 29 39.59 3.53 8.25
C VAL R 29 39.21 5.00 8.24
N ASP R 30 38.68 5.47 7.12
CA ASP R 30 38.55 6.90 6.83
C ASP R 30 39.91 7.57 6.85
N ASP R 31 40.11 8.47 7.80
CA ASP R 31 41.34 9.26 7.86
C ASP R 31 42.06 9.02 9.19
N THR R 32 41.72 7.90 9.82
CA THR R 32 42.32 7.53 11.10
C THR R 32 43.01 6.16 10.96
N GLN R 33 44.30 6.11 11.28
CA GLN R 33 45.05 4.86 11.24
C GLN R 33 44.57 3.96 12.37
N PHE R 34 44.66 2.63 12.22
CA PHE R 34 44.23 1.78 13.32
C PHE R 34 45.12 0.59 13.67
N VAL R 35 45.82 0.00 12.70
CA VAL R 35 46.81 -1.02 13.02
C VAL R 35 48.02 -0.97 12.09
N ARG R 36 49.14 -1.49 12.60
CA ARG R 36 50.46 -1.40 11.98
C ARG R 36 51.31 -2.67 12.09
N PHE R 37 52.24 -2.86 11.15
CA PHE R 37 53.45 -3.62 11.47
C PHE R 37 54.63 -3.40 10.47
N ASP R 38 55.84 -3.36 11.02
CA ASP R 38 57.13 -3.19 10.31
C ASP R 38 58.10 -4.18 10.98
N SER R 39 58.83 -4.95 10.19
CA SER R 39 59.65 -6.01 10.78
C SER R 39 60.93 -5.51 11.44
N ASP R 40 61.16 -4.19 11.47
CA ASP R 40 62.33 -3.64 12.14
C ASP R 40 62.13 -3.49 13.64
N ALA R 41 60.87 -3.28 14.03
CA ALA R 41 60.48 -3.18 15.43
C ALA R 41 60.47 -4.56 16.07
N ALA R 42 60.97 -4.64 17.30
CA ALA R 42 61.20 -5.92 17.98
C ALA R 42 59.89 -6.67 18.26
N SER R 43 58.77 -5.96 18.27
CA SER R 43 57.47 -6.59 18.49
C SER R 43 56.81 -6.97 17.17
N GLN R 44 56.92 -8.24 16.78
CA GLN R 44 56.34 -8.70 15.51
C GLN R 44 55.08 -9.55 15.64
N ARG R 45 54.19 -9.18 16.54
CA ARG R 45 52.79 -9.46 16.30
C ARG R 45 52.32 -8.17 15.66
N MET R 46 51.36 -8.23 14.74
CA MET R 46 50.91 -7.00 14.12
C MET R 46 50.21 -6.16 15.18
N GLU R 47 50.81 -5.02 15.50
CA GLU R 47 50.45 -4.23 16.66
C GLU R 47 49.37 -3.19 16.41
N PRO R 48 48.34 -3.18 17.27
CA PRO R 48 47.29 -2.15 17.26
C PRO R 48 47.81 -0.76 17.62
N ARG R 49 47.04 0.27 17.29
CA ARG R 49 47.29 1.64 17.75
C ARG R 49 45.99 2.46 17.84
N ALA R 50 44.85 1.76 17.91
CA ALA R 50 43.54 2.40 17.99
C ALA R 50 42.71 1.87 19.17
N PRO R 51 42.08 2.76 19.90
CA PRO R 51 41.43 2.41 21.16
C PRO R 51 40.31 1.42 20.93
N TRP R 52 39.88 1.27 19.69
CA TRP R 52 38.75 0.43 19.37
C TRP R 52 39.09 -0.79 18.56
N ILE R 53 40.25 -1.37 18.80
CA ILE R 53 40.57 -2.64 18.17
C ILE R 53 41.03 -3.61 19.25
N GLU R 54 41.53 -3.04 20.34
CA GLU R 54 42.04 -3.82 21.47
C GLU R 54 41.07 -4.88 21.95
N GLN R 55 39.78 -4.66 21.74
CA GLN R 55 38.75 -5.58 22.19
C GLN R 55 38.83 -6.92 21.49
N GLU R 56 39.40 -6.91 20.29
CA GLU R 56 39.65 -8.14 19.56
C GLU R 56 40.54 -9.07 20.37
N GLY R 57 40.14 -10.33 20.48
CA GLY R 57 40.96 -11.31 21.16
C GLY R 57 42.20 -11.63 20.35
N PRO R 58 42.97 -12.63 20.78
CA PRO R 58 44.17 -13.08 20.07
C PRO R 58 43.84 -13.63 18.68
N GLU R 59 42.72 -14.35 18.59
CA GLU R 59 42.24 -14.96 17.34
C GLU R 59 42.20 -13.96 16.20
N TYR R 60 42.15 -12.68 16.55
CA TYR R 60 42.29 -11.63 15.58
C TYR R 60 43.76 -11.33 15.36
N TRP R 61 44.47 -11.02 16.44
CA TRP R 61 45.85 -10.56 16.33
C TRP R 61 46.77 -11.63 15.79
N ASP R 62 46.84 -12.75 16.51
CA ASP R 62 47.73 -13.85 16.13
C ASP R 62 47.49 -14.28 14.69
N GLY R 63 46.21 -14.28 14.31
CA GLY R 63 45.86 -14.57 12.94
C GLY R 63 46.35 -13.49 11.99
N GLU R 64 46.16 -12.23 12.38
CA GLU R 64 46.45 -11.11 11.49
C GLU R 64 47.94 -10.91 11.21
N THR R 65 48.77 -11.26 12.18
CA THR R 65 50.20 -11.10 12.01
C THR R 65 50.73 -12.08 10.98
N ARG R 66 50.15 -13.27 10.96
CA ARG R 66 50.53 -14.31 10.02
C ARG R 66 50.26 -13.88 8.59
N LYS R 67 49.14 -13.21 8.38
CA LYS R 67 48.76 -12.77 7.04
C LYS R 67 49.60 -11.60 6.56
N VAL R 68 50.20 -10.86 7.49
CA VAL R 68 51.10 -9.79 7.10
C VAL R 68 52.54 -10.32 7.06
N LYS R 69 52.79 -11.37 7.83
CA LYS R 69 54.05 -12.09 7.74
C LYS R 69 54.13 -12.78 6.39
N ALA R 70 52.99 -12.90 5.72
CA ALA R 70 52.95 -13.45 4.38
C ALA R 70 53.34 -12.38 3.37
N HIS R 71 52.85 -11.17 3.59
CA HIS R 71 53.06 -10.08 2.64
C HIS R 71 54.50 -9.61 2.63
N SER R 72 55.20 -9.81 3.74
CA SER R 72 56.58 -9.36 3.87
C SER R 72 57.48 -10.02 2.81
N GLN R 73 57.43 -11.35 2.75
CA GLN R 73 58.20 -12.10 1.74
C GLN R 73 57.48 -12.11 0.41
N THR R 74 56.25 -11.61 0.39
CA THR R 74 55.48 -11.56 -0.84
C THR R 74 56.03 -10.48 -1.76
N HIS R 75 56.43 -9.35 -1.17
CA HIS R 75 56.99 -8.26 -1.97
C HIS R 75 58.51 -8.35 -2.05
N ARG R 76 59.09 -9.16 -1.17
CA ARG R 76 60.52 -9.43 -1.22
C ARG R 76 60.88 -10.03 -2.57
N VAL R 77 60.21 -11.14 -2.89
CA VAL R 77 60.43 -11.85 -4.16
C VAL R 77 60.19 -10.94 -5.35
N ASP R 78 59.31 -9.96 -5.16
CA ASP R 78 58.95 -9.01 -6.21
C ASP R 78 60.03 -7.97 -6.47
N LEU R 79 60.93 -7.79 -5.51
CA LEU R 79 62.07 -6.89 -5.70
C LEU R 79 63.15 -7.56 -6.53
N GLY R 80 63.07 -8.88 -6.63
CA GLY R 80 64.01 -9.66 -7.42
C GLY R 80 63.39 -10.17 -8.71
N THR R 81 62.06 -10.04 -8.83
CA THR R 81 61.37 -10.40 -10.05
C THR R 81 61.19 -9.13 -10.88
N LEU R 82 61.17 -7.99 -10.21
CA LEU R 82 61.21 -6.71 -10.89
C LEU R 82 62.61 -6.40 -11.39
N ARG R 83 63.61 -6.93 -10.68
CA ARG R 83 65.00 -6.71 -11.05
C ARG R 83 65.26 -7.21 -12.46
N GLY R 84 64.98 -8.49 -12.71
CA GLY R 84 65.12 -9.04 -14.04
C GLY R 84 64.18 -8.37 -15.02
N TYR R 85 63.04 -7.90 -14.53
CA TYR R 85 62.02 -7.28 -15.37
C TYR R 85 62.49 -5.96 -15.97
N TYR R 86 63.53 -5.37 -15.40
CA TYR R 86 64.09 -4.11 -15.90
C TYR R 86 65.63 -4.14 -15.94
N ASN R 87 66.21 -5.16 -15.33
CA ASN R 87 67.65 -5.43 -15.32
C ASN R 87 68.52 -4.45 -14.53
N GLN R 88 68.24 -4.29 -13.23
CA GLN R 88 69.13 -3.50 -12.39
C GLN R 88 70.14 -4.38 -11.66
N SER R 89 71.35 -3.88 -11.50
CA SER R 89 72.32 -4.59 -10.70
C SER R 89 71.99 -4.35 -9.22
N GLU R 90 72.51 -5.23 -8.37
CA GLU R 90 72.17 -5.29 -6.94
C GLU R 90 72.16 -3.96 -6.20
N ALA R 91 72.80 -2.95 -6.78
CA ALA R 91 72.74 -1.60 -6.23
C ALA R 91 71.53 -0.87 -6.79
N GLY R 92 70.40 -1.00 -6.09
CA GLY R 92 69.16 -0.42 -6.57
C GLY R 92 68.07 -0.37 -5.52
N SER R 93 68.15 0.62 -4.64
CA SER R 93 67.10 0.86 -3.67
C SER R 93 65.88 1.45 -4.36
N HIS R 94 64.90 0.60 -4.69
CA HIS R 94 63.70 1.06 -5.37
C HIS R 94 62.50 1.04 -4.42
N THR R 95 61.29 1.21 -4.97
CA THR R 95 60.08 1.28 -4.15
C THR R 95 58.97 0.36 -4.68
N VAL R 96 58.41 -0.45 -3.78
CA VAL R 96 57.19 -1.21 -4.09
C VAL R 96 56.05 -0.75 -3.20
N GLN R 97 55.05 -0.11 -3.80
CA GLN R 97 53.91 0.44 -3.07
C GLN R 97 52.61 -0.27 -3.43
N ARG R 98 51.90 -0.78 -2.43
CA ARG R 98 50.70 -1.56 -2.67
C ARG R 98 49.48 -1.04 -1.89
N MET R 99 48.36 -0.90 -2.60
CA MET R 99 47.10 -0.44 -2.01
C MET R 99 45.91 -1.25 -2.49
N TYR R 100 45.06 -1.66 -1.55
CA TYR R 100 43.73 -2.17 -1.90
C TYR R 100 42.70 -1.58 -0.95
N GLY R 101 41.47 -1.38 -1.44
CA GLY R 101 40.43 -0.72 -0.68
C GLY R 101 39.00 -0.95 -1.13
N CYS R 102 38.05 -0.29 -0.45
CA CYS R 102 36.63 -0.45 -0.73
C CYS R 102 35.77 0.70 -0.17
N ASP R 103 34.75 1.12 -0.93
CA ASP R 103 33.90 2.26 -0.56
C ASP R 103 32.44 1.86 -0.26
N VAL R 104 31.76 2.65 0.58
CA VAL R 104 30.35 2.45 0.89
C VAL R 104 29.54 3.74 0.89
N GLY R 105 28.25 3.62 0.57
CA GLY R 105 27.33 4.75 0.67
C GLY R 105 26.87 4.96 2.10
N SER R 106 25.80 5.74 2.29
CA SER R 106 25.27 6.03 3.62
C SER R 106 24.35 4.92 4.10
N ASP R 107 24.07 3.97 3.20
CA ASP R 107 23.21 2.84 3.52
C ASP R 107 24.01 1.66 4.08
N TRP R 108 25.32 1.86 4.20
CA TRP R 108 26.26 0.83 4.63
C TRP R 108 26.22 -0.42 3.76
N ARG R 109 26.03 -0.23 2.46
CA ARG R 109 26.23 -1.29 1.51
C ARG R 109 27.38 -0.88 0.58
N PHE R 110 27.97 -1.86 -0.10
CA PHE R 110 29.14 -1.65 -0.95
C PHE R 110 28.93 -0.54 -1.99
N LEU R 111 29.97 0.27 -2.24
CA LEU R 111 29.92 1.32 -3.25
C LEU R 111 30.99 1.14 -4.34
N ARG R 112 32.27 1.03 -3.94
CA ARG R 112 33.36 0.81 -4.89
C ARG R 112 34.54 0.11 -4.23
N GLY R 113 35.36 -0.58 -5.02
CA GLY R 113 36.51 -1.31 -4.49
C GLY R 113 37.79 -1.19 -5.32
N TYR R 114 38.91 -0.92 -4.66
CA TYR R 114 40.15 -0.60 -5.36
C TYR R 114 41.31 -1.51 -4.95
N HIS R 115 42.30 -1.65 -5.85
CA HIS R 115 43.45 -2.54 -5.66
C HIS R 115 44.55 -2.32 -6.70
N GLN R 116 45.67 -1.70 -6.32
CA GLN R 116 46.71 -1.40 -7.30
C GLN R 116 48.11 -1.22 -6.72
N TYR R 117 49.11 -1.25 -7.60
CA TYR R 117 50.52 -1.18 -7.22
C TYR R 117 51.25 -0.03 -7.89
N ALA R 118 52.50 0.19 -7.50
CA ALA R 118 53.36 1.18 -8.12
C ALA R 118 54.84 0.91 -7.85
N TYR R 119 55.66 0.99 -8.89
CA TYR R 119 57.10 0.80 -8.75
C TYR R 119 57.86 2.08 -9.11
N ASP R 120 58.85 2.41 -8.27
CA ASP R 120 59.69 3.59 -8.44
C ASP R 120 58.89 4.88 -8.52
N GLY R 121 57.79 4.95 -7.78
CA GLY R 121 57.07 6.19 -7.66
C GLY R 121 55.77 6.29 -8.43
N LYS R 122 55.78 5.93 -9.71
CA LYS R 122 54.59 6.08 -10.56
C LYS R 122 54.06 4.72 -11.02
N ASP R 123 52.74 4.63 -11.15
CA ASP R 123 51.99 3.37 -11.22
C ASP R 123 52.52 2.29 -12.16
N TYR R 124 52.25 1.05 -11.80
CA TYR R 124 52.66 -0.14 -12.56
C TYR R 124 51.42 -0.85 -13.08
N ILE R 125 50.62 -1.36 -12.15
CA ILE R 125 49.31 -1.94 -12.48
C ILE R 125 48.19 -1.23 -11.75
N ALA R 126 46.97 -1.61 -12.11
CA ALA R 126 45.78 -1.07 -11.48
C ALA R 126 44.59 -1.97 -11.77
N LEU R 127 43.79 -2.24 -10.75
CA LEU R 127 42.57 -3.01 -10.94
C LEU R 127 41.45 -2.07 -11.37
N LYS R 128 40.88 -2.35 -12.54
CA LYS R 128 39.90 -1.45 -13.14
C LYS R 128 38.67 -1.32 -12.27
N GLU R 129 37.76 -0.45 -12.68
CA GLU R 129 36.45 -0.32 -12.02
C GLU R 129 35.71 -1.67 -12.00
N ASP R 130 36.09 -2.54 -12.93
CA ASP R 130 35.47 -3.83 -13.17
C ASP R 130 35.55 -4.79 -11.98
N LEU R 131 36.73 -4.89 -11.37
CA LEU R 131 37.04 -5.95 -10.41
C LEU R 131 36.88 -7.33 -11.03
N ARG R 132 37.16 -7.42 -12.33
CA ARG R 132 37.28 -8.68 -13.04
C ARG R 132 38.30 -8.55 -14.17
N SER R 133 38.63 -7.30 -14.51
CA SER R 133 39.56 -7.02 -15.60
C SER R 133 40.67 -6.05 -15.19
N TRP R 134 41.82 -6.17 -15.85
CA TRP R 134 43.01 -5.46 -15.46
C TRP R 134 43.32 -4.24 -16.32
N THR R 135 44.33 -3.49 -15.89
CA THR R 135 44.83 -2.31 -16.60
C THR R 135 46.29 -2.11 -16.27
N ALA R 136 47.13 -1.92 -17.29
CA ALA R 136 48.57 -1.72 -17.09
C ALA R 136 49.22 -0.87 -18.19
N ALA R 137 50.41 -0.36 -17.90
CA ALA R 137 51.04 0.66 -18.74
C ALA R 137 52.26 0.14 -19.51
N ASP R 138 53.34 -0.12 -18.80
CA ASP R 138 54.58 -0.60 -19.40
C ASP R 138 54.38 -2.00 -20.00
N MET R 139 55.30 -2.43 -20.86
CA MET R 139 55.22 -3.75 -21.49
C MET R 139 55.67 -4.84 -20.52
N ALA R 140 56.61 -4.50 -19.64
CA ALA R 140 57.12 -5.45 -18.65
C ALA R 140 56.16 -5.58 -17.48
N ALA R 141 55.04 -4.88 -17.57
CA ALA R 141 53.99 -4.92 -16.56
C ALA R 141 52.90 -5.94 -16.95
N GLN R 142 52.74 -6.13 -18.25
CA GLN R 142 51.72 -7.02 -18.78
C GLN R 142 52.22 -8.46 -18.87
N THR R 143 53.39 -8.71 -18.29
CA THR R 143 53.83 -10.09 -18.05
C THR R 143 53.03 -10.67 -16.89
N THR R 144 52.83 -9.84 -15.87
CA THR R 144 52.05 -10.26 -14.71
C THR R 144 50.58 -10.35 -15.06
N LYS R 145 50.11 -9.43 -15.91
CA LYS R 145 48.71 -9.41 -16.31
C LYS R 145 48.30 -10.76 -16.87
N HIS R 146 49.07 -11.27 -17.83
CA HIS R 146 48.73 -12.53 -18.45
C HIS R 146 48.97 -13.67 -17.48
N LYS R 147 49.81 -13.43 -16.49
CA LYS R 147 49.96 -14.36 -15.40
C LYS R 147 48.68 -14.38 -14.57
N TRP R 148 48.21 -13.19 -14.19
CA TRP R 148 46.99 -13.06 -13.40
C TRP R 148 45.75 -13.33 -14.23
N GLU R 149 45.86 -13.19 -15.54
CA GLU R 149 44.69 -13.39 -16.39
C GLU R 149 44.57 -14.82 -16.84
N ALA R 150 45.65 -15.59 -16.66
CA ALA R 150 45.60 -17.03 -16.96
C ALA R 150 45.53 -17.82 -15.66
N ALA R 151 45.64 -17.12 -14.55
CA ALA R 151 45.42 -17.71 -13.24
C ALA R 151 44.02 -17.32 -12.75
N HIS R 152 43.61 -16.13 -13.18
CA HIS R 152 42.34 -15.51 -12.80
C HIS R 152 42.32 -15.12 -11.33
N VAL R 153 43.31 -14.32 -10.96
CA VAL R 153 43.43 -13.70 -9.64
C VAL R 153 42.33 -12.67 -9.45
N ALA R 154 41.86 -12.09 -10.55
CA ALA R 154 40.78 -11.10 -10.51
C ALA R 154 39.49 -11.70 -9.95
N GLU R 155 39.33 -13.00 -10.14
CA GLU R 155 38.15 -13.71 -9.68
C GLU R 155 38.11 -13.82 -8.15
N GLN R 156 39.25 -14.06 -7.52
CA GLN R 156 39.30 -14.17 -6.07
C GLN R 156 39.33 -12.80 -5.40
N LEU R 157 40.08 -11.88 -5.97
CA LEU R 157 40.05 -10.50 -5.52
C LEU R 157 38.62 -9.99 -5.54
N ARG R 158 37.90 -10.36 -6.59
CA ARG R 158 36.50 -9.99 -6.73
C ARG R 158 35.65 -10.47 -5.56
N ALA R 159 35.97 -11.66 -5.06
CA ALA R 159 35.20 -12.27 -3.98
C ALA R 159 35.55 -11.69 -2.61
N TYR R 160 36.68 -10.98 -2.55
CA TYR R 160 37.13 -10.40 -1.30
C TYR R 160 36.60 -8.98 -1.14
N LEU R 161 36.89 -8.13 -2.11
CA LEU R 161 36.45 -6.74 -2.04
C LEU R 161 34.94 -6.65 -1.97
N GLU R 162 34.25 -7.41 -2.82
CA GLU R 162 32.79 -7.46 -2.78
C GLU R 162 32.32 -8.21 -1.53
N GLY R 163 33.23 -8.91 -0.88
CA GLY R 163 32.89 -9.70 0.28
C GLY R 163 33.49 -9.20 1.59
N THR R 164 34.41 -9.98 2.14
CA THR R 164 34.90 -9.83 3.52
C THR R 164 35.47 -8.44 3.80
N CYS R 165 35.86 -7.71 2.77
CA CYS R 165 36.43 -6.37 2.95
C CYS R 165 35.42 -5.46 3.62
N VAL R 166 34.17 -5.56 3.21
CA VAL R 166 33.14 -4.66 3.72
C VAL R 166 32.60 -5.11 5.07
N GLU R 167 32.46 -6.40 5.25
CA GLU R 167 31.81 -6.87 6.42
C GLU R 167 32.61 -6.32 7.56
N TRP R 168 33.92 -6.37 7.45
CA TRP R 168 34.75 -6.00 8.58
C TRP R 168 34.42 -4.58 8.91
N LEU R 169 34.41 -3.76 7.89
CA LEU R 169 34.16 -2.34 8.10
C LEU R 169 32.96 -2.10 9.01
N ARG R 170 31.91 -2.90 8.82
CA ARG R 170 30.69 -2.77 9.62
C ARG R 170 31.01 -2.90 11.11
N ARG R 171 31.66 -3.98 11.49
CA ARG R 171 32.07 -4.17 12.87
C ARG R 171 33.08 -3.10 13.27
N TYR R 172 33.96 -2.77 12.33
CA TYR R 172 34.94 -1.73 12.57
C TYR R 172 34.25 -0.38 12.77
N LEU R 173 33.09 -0.21 12.17
CA LEU R 173 32.38 1.05 12.33
C LEU R 173 31.47 1.05 13.55
N GLU R 174 30.97 -0.12 13.93
CA GLU R 174 30.13 -0.18 15.11
C GLU R 174 30.99 -0.21 16.37
N ASN R 175 31.84 -1.22 16.51
CA ASN R 175 32.66 -1.34 17.72
C ASN R 175 33.75 -0.27 17.81
N GLY R 176 33.70 0.69 16.89
CA GLY R 176 34.44 1.94 17.04
C GLY R 176 33.44 3.04 17.39
N LYS R 177 33.20 3.23 18.68
CA LYS R 177 32.05 4.02 19.14
C LYS R 177 32.17 5.51 18.88
N GLU R 178 31.56 5.93 17.77
CA GLU R 178 31.48 7.32 17.36
C GLU R 178 32.84 7.94 17.06
N THR R 179 33.94 7.21 17.31
CA THR R 179 35.29 7.69 16.99
C THR R 179 35.45 7.90 15.48
N LEU R 180 34.64 7.18 14.71
CA LEU R 180 34.62 7.31 13.25
C LEU R 180 33.36 8.03 12.81
N GLN R 181 32.33 7.90 13.63
CA GLN R 181 31.04 8.55 13.42
C GLN R 181 31.14 10.01 13.81
N ARG R 182 32.25 10.35 14.47
CA ARG R 182 32.54 11.72 14.92
C ARG R 182 32.49 12.76 13.82
N THR R 183 32.01 13.94 14.20
CA THR R 183 32.16 15.13 13.39
C THR R 183 32.41 16.31 14.31
N ASP R 184 33.67 16.71 14.46
CA ASP R 184 33.93 17.92 15.21
C ASP R 184 33.99 19.08 14.24
N ALA R 185 33.19 20.11 14.51
CA ALA R 185 33.14 21.31 13.67
C ALA R 185 34.46 22.08 13.73
N PRO R 186 34.91 22.63 12.59
CA PRO R 186 36.20 23.30 12.43
C PRO R 186 36.24 24.64 13.13
N LYS R 187 37.27 24.83 13.96
CA LYS R 187 37.50 26.11 14.58
C LYS R 187 37.85 27.12 13.50
N THR R 188 36.95 28.05 13.24
CA THR R 188 37.17 29.04 12.19
C THR R 188 37.34 30.44 12.79
N HIS R 189 38.22 31.22 12.16
CA HIS R 189 38.54 32.58 12.61
C HIS R 189 39.40 33.28 11.58
N MET R 190 39.38 34.61 11.58
CA MET R 190 40.14 35.38 10.60
C MET R 190 41.34 36.11 11.17
N THR R 191 42.38 36.26 10.34
CA THR R 191 43.55 37.02 10.75
C THR R 191 44.31 37.77 9.65
N HIS R 192 44.09 39.08 9.72
CA HIS R 192 44.91 40.15 9.16
C HIS R 192 46.40 40.02 9.51
N HIS R 193 47.28 40.53 8.66
CA HIS R 193 48.70 40.72 9.03
C HIS R 193 49.25 42.00 8.43
N ALA R 194 50.25 42.59 9.10
CA ALA R 194 50.91 43.79 8.60
C ALA R 194 51.54 43.53 7.22
N VAL R 195 51.05 44.23 6.21
CA VAL R 195 51.62 44.15 4.87
C VAL R 195 51.94 45.55 4.37
N SER R 196 53.21 45.76 4.00
CA SER R 196 53.74 47.09 3.72
C SER R 196 53.11 47.77 2.51
N ASP R 197 52.40 48.88 2.73
CA ASP R 197 52.13 49.42 4.06
C ASP R 197 50.68 49.90 4.16
N LEU R 202 45.05 39.32 5.17
CA LEU R 202 43.81 38.66 5.54
C LEU R 202 43.72 37.24 4.96
N ARG R 203 43.19 36.34 5.78
CA ARG R 203 43.14 34.94 5.45
C ARG R 203 42.02 34.10 6.07
N CYS R 204 41.64 33.04 5.37
CA CYS R 204 40.64 32.06 5.81
C CYS R 204 41.18 30.90 6.60
N TRP R 205 40.95 30.90 7.91
CA TRP R 205 41.53 29.83 8.73
C TRP R 205 40.57 28.77 9.32
N ALA R 206 41.04 27.53 9.48
CA ALA R 206 40.17 26.47 10.01
C ALA R 206 40.87 25.28 10.71
N LEU R 207 40.74 25.21 12.04
CA LEU R 207 41.35 24.13 12.84
C LEU R 207 40.31 23.15 13.40
N SER R 208 40.78 21.97 13.81
CA SER R 208 39.95 20.95 14.46
C SER R 208 38.88 20.43 13.52
N PHE R 209 39.27 20.28 12.25
CA PHE R 209 38.39 19.76 11.23
C PHE R 209 38.48 18.24 11.14
N TYR R 210 37.37 17.60 10.75
CA TYR R 210 37.31 16.17 10.53
C TYR R 210 35.94 15.80 9.95
N PRO R 211 35.91 14.96 8.90
CA PRO R 211 37.03 14.31 8.24
C PRO R 211 37.82 15.27 7.34
N ALA R 212 38.89 14.75 6.73
CA ALA R 212 39.94 15.58 6.13
C ALA R 212 39.47 16.58 5.06
N GLU R 213 38.41 16.26 4.32
CA GLU R 213 38.05 17.13 3.20
C GLU R 213 37.33 18.41 3.61
N ILE R 214 37.98 19.53 3.35
CA ILE R 214 37.45 20.87 3.61
C ILE R 214 37.86 21.80 2.46
N THR R 215 36.93 22.60 1.94
CA THR R 215 37.24 23.44 0.77
C THR R 215 37.00 24.94 1.03
N LEU R 216 38.05 25.74 0.85
CA LEU R 216 38.03 27.17 1.17
C LEU R 216 38.55 28.02 0.01
N THR R 217 37.72 28.91 -0.54
CA THR R 217 38.18 29.87 -1.55
C THR R 217 37.20 31.05 -1.68
N TRP R 218 37.75 32.24 -1.90
CA TRP R 218 36.98 33.49 -1.95
C TRP R 218 36.23 33.67 -3.27
N ASP R 228 43.36 33.71 -6.97
CA ASP R 228 44.02 34.99 -6.72
C ASP R 228 45.41 34.72 -6.14
N THR R 229 45.55 33.60 -5.43
CA THR R 229 46.67 33.35 -4.54
C THR R 229 46.75 31.89 -4.10
N GLU R 230 47.35 31.70 -2.93
CA GLU R 230 47.71 30.38 -2.42
C GLU R 230 46.68 29.67 -1.54
N LEU R 231 46.35 28.44 -1.95
CA LEU R 231 45.52 27.54 -1.15
C LEU R 231 46.33 26.28 -0.84
N VAL R 232 46.47 25.98 0.44
CA VAL R 232 47.29 24.87 0.91
C VAL R 232 46.45 23.63 1.18
N GLU R 233 47.04 22.45 1.07
CA GLU R 233 46.36 21.22 1.46
C GLU R 233 46.72 20.83 2.88
N THR R 234 45.83 20.07 3.52
CA THR R 234 45.78 19.94 4.96
C THR R 234 46.99 19.27 5.62
N ARG R 235 47.10 19.50 6.92
CA ARG R 235 48.18 18.99 7.76
C ARG R 235 47.58 18.20 8.92
N PRO R 236 47.88 16.89 9.01
CA PRO R 236 47.39 16.15 10.18
C PRO R 236 47.95 16.74 11.47
N ALA R 237 47.17 16.73 12.54
CA ALA R 237 47.62 17.29 13.80
C ALA R 237 47.79 16.19 14.83
N GLY R 238 48.12 16.56 16.06
CA GLY R 238 48.24 15.60 17.14
C GLY R 238 46.91 14.90 17.40
N ASP R 239 45.86 15.69 17.56
CA ASP R 239 44.56 15.23 18.03
C ASP R 239 43.88 14.19 17.13
N GLY R 240 44.11 14.28 15.82
CA GLY R 240 43.29 13.57 14.86
C GLY R 240 42.35 14.61 14.29
N THR R 241 42.45 15.81 14.84
CA THR R 241 41.79 16.99 14.27
C THR R 241 42.58 17.44 13.05
N PHE R 242 41.91 18.05 12.08
CA PHE R 242 42.58 18.52 10.87
C PHE R 242 42.44 20.03 10.67
N GLN R 243 43.22 20.58 9.76
CA GLN R 243 43.39 22.04 9.68
C GLN R 243 44.09 22.51 8.40
N LYS R 244 43.69 23.67 7.87
CA LYS R 244 44.22 24.15 6.58
C LYS R 244 44.10 25.69 6.39
N TRP R 245 45.03 26.27 5.63
CA TRP R 245 45.15 27.74 5.47
C TRP R 245 45.00 28.19 4.01
N ALA R 246 44.40 29.36 3.81
CA ALA R 246 44.30 29.99 2.50
C ALA R 246 44.30 31.50 2.67
N ALA R 247 45.01 32.21 1.80
CA ALA R 247 45.18 33.66 1.98
C ALA R 247 45.26 34.44 0.69
N VAL R 248 44.83 35.70 0.76
CA VAL R 248 45.13 36.73 -0.23
C VAL R 248 44.97 38.08 0.44
N VAL R 249 45.93 38.98 0.23
CA VAL R 249 45.84 40.33 0.77
C VAL R 249 46.00 41.39 -0.33
N ARG R 257 36.26 42.79 0.23
CA ARG R 257 34.85 43.15 0.16
C ARG R 257 34.07 41.88 -0.10
N TYR R 258 34.82 40.82 -0.31
CA TYR R 258 34.26 39.49 -0.43
C TYR R 258 34.96 38.58 0.56
N THR R 259 34.30 37.48 0.93
CA THR R 259 34.99 36.45 1.70
C THR R 259 34.72 35.02 1.18
N CYS R 260 34.74 34.05 2.09
CA CYS R 260 35.14 32.68 1.79
C CYS R 260 34.35 31.60 2.56
N HIS R 261 34.14 30.45 1.91
CA HIS R 261 33.20 29.42 2.37
C HIS R 261 33.94 28.24 2.98
N VAL R 262 33.35 27.61 3.99
CA VAL R 262 33.98 26.47 4.64
C VAL R 262 33.15 25.19 4.45
N GLN R 263 33.73 24.21 3.74
CA GLN R 263 33.03 22.98 3.45
C GLN R 263 33.25 21.93 4.56
N HIS R 264 32.13 21.55 5.20
CA HIS R 264 32.06 20.56 6.28
C HIS R 264 30.92 19.54 6.07
N GLU R 265 31.05 18.37 6.69
CA GLU R 265 29.90 17.49 6.96
C GLU R 265 29.28 17.68 8.36
N GLY R 266 29.92 18.42 9.25
CA GLY R 266 29.47 18.59 10.63
C GLY R 266 28.96 19.99 10.95
N LEU R 267 29.13 20.89 10.00
CA LEU R 267 28.49 22.19 10.04
C LEU R 267 27.29 22.13 9.09
N PRO R 268 26.07 22.31 9.64
CA PRO R 268 24.85 22.24 8.83
C PRO R 268 24.90 23.17 7.64
N LYS R 269 25.00 24.48 7.91
CA LYS R 269 25.03 25.47 6.85
C LYS R 269 26.38 26.18 6.79
N PRO R 270 27.09 26.03 5.67
CA PRO R 270 28.32 26.78 5.44
C PRO R 270 27.99 28.26 5.29
N LEU R 271 28.41 29.09 6.24
CA LEU R 271 28.12 30.52 6.11
C LEU R 271 29.35 31.42 5.97
N THR R 272 29.03 32.69 5.71
CA THR R 272 29.98 33.73 5.38
C THR R 272 30.59 34.39 6.64
N LEU R 273 31.85 34.79 6.54
CA LEU R 273 32.61 35.32 7.69
C LEU R 273 33.68 36.33 7.28
N ARG R 274 34.08 37.22 8.20
CA ARG R 274 35.22 38.14 7.99
C ARG R 274 35.51 38.89 9.27
N ILE S 2 61.60 9.14 -12.05
CA ILE S 2 62.02 10.51 -11.86
C ILE S 2 61.76 10.98 -10.43
N GLN S 3 62.82 11.44 -9.78
CA GLN S 3 62.79 11.83 -8.37
C GLN S 3 62.01 13.13 -8.20
N ARG S 4 61.70 13.52 -6.96
CA ARG S 4 61.10 14.83 -6.69
C ARG S 4 61.17 15.25 -5.22
N THR S 5 60.85 16.51 -4.96
CA THR S 5 61.24 17.17 -3.71
C THR S 5 60.07 17.58 -2.80
N PRO S 6 60.29 17.54 -1.47
CA PRO S 6 59.27 17.70 -0.43
C PRO S 6 58.74 19.12 -0.25
N LYS S 7 57.50 19.20 0.23
CA LYS S 7 56.86 20.45 0.59
C LYS S 7 56.77 20.52 2.11
N ILE S 8 57.49 21.48 2.69
CA ILE S 8 57.67 21.57 4.13
C ILE S 8 56.97 22.76 4.74
N GLN S 9 56.08 22.53 5.70
CA GLN S 9 55.56 23.66 6.47
C GLN S 9 55.34 23.31 7.93
N VAL S 10 55.59 24.30 8.78
CA VAL S 10 55.69 24.11 10.21
C VAL S 10 54.66 24.93 10.97
N TYR S 11 53.98 24.30 11.93
CA TYR S 11 53.10 25.02 12.83
C TYR S 11 52.96 24.23 14.12
N SER S 12 51.82 24.37 14.78
CA SER S 12 51.54 23.60 16.00
C SER S 12 50.04 23.35 16.15
N ARG S 13 49.70 22.17 16.66
CA ARG S 13 48.32 21.70 16.73
C ARG S 13 47.35 22.59 17.48
N HIS S 14 47.83 23.28 18.51
CA HIS S 14 46.98 24.12 19.36
C HIS S 14 47.26 25.62 19.11
N PRO S 15 46.46 26.49 19.70
CA PRO S 15 46.62 27.94 19.48
C PRO S 15 47.82 28.42 20.25
N ALA S 16 48.50 29.47 19.80
CA ALA S 16 49.70 29.89 20.50
C ALA S 16 49.58 31.16 21.31
N GLU S 17 49.62 30.99 22.63
CA GLU S 17 49.94 32.06 23.56
C GLU S 17 50.95 31.46 24.52
N ASN S 18 52.08 32.14 24.69
CA ASN S 18 53.09 31.67 25.63
C ASN S 18 52.61 31.69 27.08
N GLY S 19 52.42 30.51 27.67
CA GLY S 19 52.62 29.24 27.00
C GLY S 19 52.18 28.07 27.85
N LYS S 20 51.14 27.37 27.41
CA LYS S 20 50.72 26.13 28.05
C LYS S 20 50.93 24.96 27.06
N SER S 21 51.37 23.82 27.59
CA SER S 21 51.93 22.71 26.79
C SER S 21 51.13 22.33 25.53
N ASN S 22 51.86 22.22 24.42
CA ASN S 22 51.32 22.17 23.07
C ASN S 22 52.09 21.12 22.24
N PHE S 23 51.64 20.84 21.01
CA PHE S 23 52.32 19.87 20.14
C PHE S 23 53.04 20.57 18.98
N LEU S 24 54.37 20.46 18.89
CA LEU S 24 55.11 21.03 17.75
C LEU S 24 54.97 20.13 16.53
N ASN S 25 55.03 20.73 15.34
CA ASN S 25 54.75 20.00 14.13
C ASN S 25 55.62 20.43 12.95
N CYS S 26 55.97 19.46 12.11
CA CYS S 26 56.73 19.75 10.88
C CYS S 26 56.43 18.71 9.79
N TYR S 27 55.58 19.09 8.83
CA TYR S 27 54.95 18.16 7.91
C TYR S 27 55.64 18.06 6.55
N VAL S 28 55.94 16.82 6.15
CA VAL S 28 56.65 16.55 4.92
C VAL S 28 55.82 15.69 3.94
N SER S 29 55.61 16.20 2.72
CA SER S 29 55.01 15.41 1.63
C SER S 29 54.87 16.03 0.23
N GLY S 30 54.57 15.14 -0.71
CA GLY S 30 54.53 15.43 -2.12
C GLY S 30 55.85 14.96 -2.70
N PHE S 31 56.53 14.08 -1.97
CA PHE S 31 57.92 13.75 -2.28
C PHE S 31 58.15 12.29 -2.67
N HIS S 32 59.33 12.06 -3.23
CA HIS S 32 59.81 10.73 -3.58
C HIS S 32 61.31 10.80 -3.82
N PRO S 33 62.06 9.78 -3.36
CA PRO S 33 61.54 8.60 -2.68
C PRO S 33 61.60 8.64 -1.16
N SER S 34 61.46 7.46 -0.56
CA SER S 34 61.22 7.28 0.87
C SER S 34 62.24 7.91 1.78
N ASP S 35 63.48 7.43 1.71
CA ASP S 35 64.53 7.81 2.65
C ASP S 35 64.73 9.33 2.78
N ILE S 36 64.28 9.90 3.89
CA ILE S 36 64.48 11.33 4.16
C ILE S 36 64.77 11.62 5.63
N GLU S 37 65.60 12.63 5.86
CA GLU S 37 65.94 13.07 7.21
C GLU S 37 65.44 14.49 7.49
N VAL S 38 64.33 14.58 8.20
CA VAL S 38 63.80 15.86 8.63
C VAL S 38 63.68 15.87 10.14
N ASP S 39 64.37 16.79 10.83
CA ASP S 39 64.06 17.02 12.24
C ASP S 39 63.95 18.53 12.45
N LEU S 40 64.08 18.96 13.70
CA LEU S 40 63.84 20.36 14.02
C LEU S 40 65.00 21.00 14.78
N LEU S 41 65.01 22.32 14.83
CA LEU S 41 66.00 23.03 15.63
C LEU S 41 65.34 24.12 16.48
N LYS S 42 65.83 24.26 17.70
CA LYS S 42 65.27 25.20 18.66
C LYS S 42 66.40 26.12 19.14
N ASN S 43 66.48 27.30 18.52
CA ASN S 43 67.58 28.27 18.65
C ASN S 43 68.81 27.86 17.85
N GLY S 44 69.00 26.56 17.67
CA GLY S 44 70.14 26.02 16.96
C GLY S 44 70.57 24.68 17.54
N GLU S 45 69.76 24.18 18.47
CA GLU S 45 70.02 22.94 19.17
C GLU S 45 69.21 21.79 18.57
N ARG S 46 69.88 20.68 18.24
CA ARG S 46 69.17 19.45 17.87
C ARG S 46 68.31 19.04 19.05
N ILE S 47 67.20 18.39 18.78
CA ILE S 47 66.22 18.19 19.83
C ILE S 47 66.28 16.88 20.59
N GLU S 48 65.82 17.00 21.81
CA GLU S 48 65.48 15.95 22.76
C GLU S 48 64.78 14.71 22.18
N LYS S 49 63.53 14.91 21.77
CA LYS S 49 62.55 13.82 21.75
C LYS S 49 61.60 13.74 20.53
N VAL S 50 62.12 13.57 19.33
CA VAL S 50 61.17 13.40 18.24
C VAL S 50 60.75 11.96 18.10
N GLU S 51 59.44 11.80 17.93
CA GLU S 51 58.89 10.56 17.49
C GLU S 51 58.01 10.87 16.29
N HIS S 52 58.12 9.99 15.31
CA HIS S 52 57.76 10.24 13.93
C HIS S 52 56.42 9.64 13.56
N SER S 53 55.77 10.21 12.54
CA SER S 53 54.61 9.53 11.98
C SER S 53 55.09 8.27 11.30
N ASP S 54 54.13 7.38 11.07
CA ASP S 54 54.41 6.10 10.47
C ASP S 54 53.92 6.12 9.01
N LEU S 55 54.75 5.59 8.11
CA LEU S 55 54.75 5.99 6.69
C LEU S 55 53.42 5.79 5.95
N SER S 56 53.13 6.67 4.99
CA SER S 56 51.89 6.51 4.23
C SER S 56 52.01 6.91 2.76
N PHE S 57 51.25 6.23 1.92
CA PHE S 57 51.00 6.66 0.55
C PHE S 57 49.69 7.44 0.49
N SER S 58 49.74 8.64 -0.04
CA SER S 58 48.53 9.25 -0.62
C SER S 58 48.62 8.89 -2.09
N LYS S 59 47.63 9.25 -2.89
CA LYS S 59 47.79 9.05 -4.31
C LYS S 59 47.21 10.12 -5.22
N ASP S 60 48.02 11.08 -5.64
CA ASP S 60 49.36 11.30 -5.17
C ASP S 60 50.45 10.35 -5.63
N TRP S 61 50.35 9.06 -5.32
CA TRP S 61 51.43 8.14 -5.64
C TRP S 61 52.70 8.71 -5.05
N SER S 62 52.55 9.19 -3.82
CA SER S 62 53.40 10.16 -3.16
C SER S 62 53.42 9.87 -1.67
N PHE S 63 54.58 10.06 -1.05
CA PHE S 63 54.69 9.83 0.38
C PHE S 63 54.24 11.05 1.15
N TYR S 64 53.47 10.83 2.20
CA TYR S 64 53.21 11.88 3.17
C TYR S 64 53.53 11.36 4.55
N LEU S 65 54.25 12.17 5.33
CA LEU S 65 54.58 11.83 6.70
C LEU S 65 54.78 13.04 7.61
N LEU S 66 54.80 12.78 8.92
CA LEU S 66 54.71 13.87 9.89
C LEU S 66 55.58 13.70 11.14
N TYR S 67 56.35 14.74 11.46
CA TYR S 67 57.17 14.76 12.67
C TYR S 67 56.59 15.71 13.71
N TYR S 68 56.71 15.34 14.98
CA TYR S 68 56.09 16.11 16.05
C TYR S 68 56.80 15.98 17.39
N THR S 69 56.71 17.04 18.19
CA THR S 69 57.23 17.05 19.55
C THR S 69 56.44 18.04 20.39
N GLU S 70 56.63 18.03 21.70
CA GLU S 70 55.92 18.94 22.60
C GLU S 70 56.81 20.11 23.03
N PHE S 71 56.21 21.25 23.35
CA PHE S 71 57.02 22.41 23.76
C PHE S 71 56.22 23.50 24.49
N THR S 72 56.95 24.33 25.23
CA THR S 72 56.41 25.52 25.87
C THR S 72 56.98 26.74 25.15
N PRO S 73 56.19 27.40 24.29
CA PRO S 73 56.69 28.44 23.39
C PRO S 73 57.29 29.63 24.12
N THR S 74 58.04 30.46 23.40
CA THR S 74 58.66 31.65 23.99
C THR S 74 58.93 32.71 22.92
N GLU S 75 58.76 33.97 23.29
CA GLU S 75 59.00 35.05 22.35
C GLU S 75 60.45 35.02 21.95
N LYS S 76 61.30 34.82 22.94
CA LYS S 76 62.74 34.94 22.74
C LYS S 76 63.16 33.91 21.74
N ASP S 77 62.55 32.76 21.87
CA ASP S 77 62.96 31.55 21.20
C ASP S 77 62.53 31.44 19.73
N GLU S 78 63.50 31.19 18.87
CA GLU S 78 63.28 30.94 17.45
C GLU S 78 63.20 29.43 17.20
N TYR S 79 62.30 29.01 16.30
CA TYR S 79 62.05 27.58 16.08
C TYR S 79 61.83 27.27 14.58
N ALA S 80 62.20 26.05 14.13
CA ALA S 80 62.19 25.69 12.68
C ALA S 80 62.21 24.18 12.37
N CYS S 81 62.48 23.83 11.10
CA CYS S 81 62.84 22.44 10.72
C CYS S 81 64.05 22.22 9.77
N ARG S 82 64.79 21.14 10.06
CA ARG S 82 65.86 20.62 9.19
C ARG S 82 65.24 19.70 8.16
N VAL S 83 65.47 19.95 6.88
CA VAL S 83 64.97 19.07 5.84
C VAL S 83 66.08 18.66 4.91
N ASN S 84 66.55 17.43 5.09
CA ASN S 84 67.69 16.93 4.33
C ASN S 84 67.47 15.55 3.75
N HIS S 85 67.80 15.39 2.48
CA HIS S 85 67.82 14.09 1.81
C HIS S 85 68.47 14.20 0.44
N VAL S 86 68.15 13.26 -0.44
CA VAL S 86 68.90 13.03 -1.68
C VAL S 86 68.78 14.15 -2.72
N THR S 87 67.66 14.86 -2.76
CA THR S 87 67.47 15.87 -3.80
C THR S 87 67.24 17.25 -3.20
N LEU S 88 67.73 18.25 -3.91
CA LEU S 88 67.85 19.59 -3.34
C LEU S 88 69.24 19.79 -2.72
N SER S 89 69.43 20.91 -2.03
CA SER S 89 70.73 21.32 -1.52
C SER S 89 71.01 20.66 -0.19
N GLN S 90 71.94 21.22 0.54
CA GLN S 90 72.22 20.76 1.88
C GLN S 90 70.96 21.13 2.61
N PRO S 91 70.76 20.51 3.85
CA PRO S 91 69.35 20.52 4.27
C PRO S 91 68.74 21.88 4.37
N LYS S 92 67.52 21.97 3.88
CA LYS S 92 66.79 23.23 3.75
C LYS S 92 65.87 23.42 4.95
N ILE S 93 65.66 24.68 5.29
CA ILE S 93 65.02 25.04 6.54
C ILE S 93 63.73 25.81 6.33
N VAL S 94 62.80 25.60 7.25
CA VAL S 94 61.60 26.40 7.31
C VAL S 94 61.43 26.88 8.74
N LYS S 95 61.60 28.19 8.93
CA LYS S 95 61.43 28.79 10.25
C LYS S 95 59.95 28.82 10.61
N TRP S 96 59.65 28.73 11.90
CA TRP S 96 58.26 28.84 12.35
C TRP S 96 57.92 30.28 12.72
N ASP S 97 56.96 30.86 12.00
CA ASP S 97 56.44 32.15 12.40
C ASP S 97 55.09 31.93 13.08
N ARG S 98 54.89 32.61 14.20
CA ARG S 98 53.72 32.35 15.05
C ARG S 98 52.40 32.80 14.42
N ASP S 99 52.47 33.57 13.34
CA ASP S 99 51.28 34.04 12.65
C ASP S 99 50.78 32.99 11.67
N MET S 100 51.46 31.85 11.67
CA MET S 100 51.04 30.70 10.88
C MET S 100 51.45 29.37 11.52
N GLY T 1 41.87 -6.22 8.54
CA GLY T 1 41.17 -6.99 7.53
C GLY T 1 42.03 -7.22 6.30
N ILE T 2 43.26 -7.67 6.52
CA ILE T 2 44.21 -7.94 5.45
C ILE T 2 43.75 -9.13 4.60
N LEU T 3 44.02 -9.08 3.30
CA LEU T 3 43.77 -10.24 2.43
C LEU T 3 44.52 -11.47 2.93
N GLY T 4 43.90 -12.64 2.76
CA GLY T 4 44.51 -13.87 3.22
C GLY T 4 45.00 -14.78 2.10
N PHE T 5 45.40 -14.18 0.98
CA PHE T 5 45.91 -14.93 -0.16
C PHE T 5 46.84 -14.07 -1.03
N VAL T 6 47.93 -14.64 -1.52
CA VAL T 6 48.90 -13.83 -2.24
C VAL T 6 49.18 -14.33 -3.65
N PHE T 7 50.30 -13.86 -4.19
CA PHE T 7 50.55 -13.83 -5.63
C PHE T 7 51.99 -13.38 -5.89
N THR T 8 52.71 -14.08 -6.74
CA THR T 8 54.03 -13.61 -7.14
C THR T 8 53.82 -12.57 -8.24
N LEU T 9 54.45 -11.41 -8.10
CA LEU T 9 54.21 -10.28 -9.01
C LEU T 9 54.43 -10.64 -10.47
#